data_7TAP
#
_entry.id   7TAP
#
_cell.length_a   1.00
_cell.length_b   1.00
_cell.length_c   1.00
_cell.angle_alpha   90.00
_cell.angle_beta   90.00
_cell.angle_gamma   90.00
#
_symmetry.space_group_name_H-M   'P 1'
#
loop_
_entity.id
_entity.type
_entity.pdbx_description
1 polymer "V-type proton ATPase subunit c'"
2 polymer "V-type proton ATPase subunit c''"
3 polymer 'V0 assembly protein 1'
4 polymer 'V-type proton ATPase subunit e'
5 polymer 'V-type proton ATPase subunit c'
6 polymer 'Yeast V-ATPase subunit f'
7 polymer 'V-type proton ATPase subunit d'
8 polymer 'V-type proton ATPase subunit a, vacuolar isoform'
9 non-polymer 'Archazolid A'
#
loop_
_entity_poly.entity_id
_entity_poly.type
_entity_poly.pdbx_seq_one_letter_code
_entity_poly.pdbx_strand_id
1 'polypeptide(L)'
;MSTQLASNIYAPLYAPFFGFAGCAAAMVLSCLGAAIGTAKSGIGIAGIGTFKPELIMKSLIPVVMSGILAIYGLVVAVLI
AGNLSPTEDYTLFNGFMHLSCGLCVGFACLSSGYAIGMVGDVGVRKYMHQPRLFVGIVLILIFSEVLGLYGMIVALILNT
RGSE
;
D
2 'polypeptide(L)'
;MNKESKDDDMSLGKFSFSHFLYYLVLIVVIVYGLYKLFTGHGSDINFGKFLLRTSPYMWANLGIALCVGLSVVGAAWGIF
ITGSSMIGAGVRAPRITTKNLISIIFCEVVAIYGLIIAIVFSSKLTVATAENMYSKSNLYTGYSLFWAGITVGASNLICG
IAVGITGATAAISDAADSALFVKILVIEIFGSILGLLGLIVGLLMAGKASEFQ
;
C
3 'polypeptide(L)'
;MVFGQLYALFIFTLSCCISKTVQADSSKESSSFISFDKESNWDTISTISSTADVISSVDSAIAVFEFDNFSLLDNLMIDE
EYPFFNRFFANDVSLTVHDDSPLNISQSLSPIMEQFTVDELPESASDLLYEYSLDDKSIVLFKFTSDAYDLKKLDEFIDS
CLSFLEDKSGDNLTVVINSLGWAFEDEDGDDEYATEETLSHHDNNKGKEGDDDILSSIWTEGLLMCLIVSALLLFILIVA
LSWISNLDITYGALEKSTNPIKKNN
;
N
4 'polypeptide(L)' MSSFYTVVGVFIVVSAMSVLFWIMAPKNNQAVWRSTVILTLAMMFLMWAITFLCQLHPLVAPRRSDLRPEFAE M
5 'polypeptide(L)'
;MTELCPVYAPFFGAIGCASAIIFTSLGAAYGTAKSGVGICATCVLRPDLLFKNIVPVIMAGIIAIYGLVVSVLVCYSLGQ
KQALYTGFIQLGAGLSVGLSGLAAGFAIGIVGDAGVRGSSQQPRLFVGMILILIFAEVLGLYGLIVALLLNSRATQDVVC
;
E,F,G,H,I,J,K,L
6 'polypeptide(L)'
;MRPVVSTGKAWCCTVLSAFGVVILSVIAHLFNTNHESFVGSINDPEDGPAVAHTVYLAALVYLVFFVFCGFQVYLARRKP
SIELR
;
O
7 'polypeptide(L)'
;MEGVYFNIDNGFIEGVVRGYRNGLLSNNQYINLTQCDTLEDLKLQLSSTDYGNFLSSVSSESLTTSLIQEYASSKLYHEF
NYIRDQSSGSTRKFMDYITYGYMIDNVALMITGTIHDRDKGEILQRCHPLGWFDTLPTLSVATDLESLYETVLVDTPLAP
YFKNCFDTAEELDDMNIEIIRNKLYKAYLEDFYNFVTEEIPEPAKECMQTLLGFEADRRSINIALNSLQSSDIDPDLKSD
LLPNIGKLYPLATFHLAQAQDFEGVRAALANVYEYRGFLETGNLEDHFYQLEMELCRDAFTQQFAISTVWAWMKSKEQEV
RNITWIAECIAQNQRERINNYISVY
;
B
8 'polypeptide(L)'
;MAEKEEAIFRSAEMALVQFYIPQEISRDSAYTLGQLGLVQFRDLNSKVRAFQRTFVNEIRRLDNVERQYRYFYSLLKKHD
IKLYEGDTDKYLDGSGELYVPPSGSVIDDYVRNASYLEERLIQMEDATDQIEVQKNDLEQYRFILQSGDEFFLKGDNTDS
TSYMDEDMIDANGENIAAAIGASVNYVTGVIARDKVATLEQILWRVLRGNLFFKTVEIEQPVYDVKTREYKHKNAFIVFS
HGDLIIKRIRKIAESLDANLYDVDSSNEGRSQQLAKVNKNLSDLYTVLKTTSTTLESELYAIAKELDSWFQDVTREKAIF
EILNKSNYDTNRKILIAEGWIPRDELATLQARLGEMIARLGIDVPSIIQVLDTNHTPPTFHRTNKFTAGFQSICDCYGIA
QYREINAGLPTIVTFPFMFAIMFGDMGHGFLMTLAALSLVLNEKKINKMKRGEIFDMAFTGRYIILLMGVFSMYTGFLYN
DIFSKTMTIFKSGWKWPDHWKKGESITATSVGTYPIGLDWAWHGTENALLFSNSYKMKLSILMGFIHMTYSYFFSLANHL
YFNSMIDIIGNFIPGLLFMQGIFGYLSVCIVYKWAVDWVKDGKPAPGLLNMLINMFLSPGTIDDELYPHQAKVQVFLLLM
ALVCIPWLLLVKPLHFKFTHKKKSHEPLPSTEADASSEDLEAQQLISAMDADDAEEEEVGSGSHGEDFGDIMIHQVIHTI
EFCLNCVSHTASYLRLWALSLAHAQLSSVLWTMTIQIAFGFRGFVGVFMTVALFAMWFALTCAVLVLMEGTSAMLHSLRL
HWVESMSKFFVGEGLPYEPFAFEYKDMEVAVASASSSASS
;
A
#
# COMPACT_ATOMS: atom_id res chain seq x y z
N SER A 7 34.63 35.58 -7.45
CA SER A 7 34.56 36.83 -8.21
C SER A 7 33.50 37.75 -7.64
N ASN A 8 32.25 37.55 -8.05
CA ASN A 8 31.12 38.32 -7.56
C ASN A 8 30.53 37.62 -6.34
N ILE A 9 30.62 38.29 -5.19
CA ILE A 9 30.10 37.71 -3.95
C ILE A 9 28.59 37.57 -4.00
N TYR A 10 27.93 38.48 -4.71
CA TYR A 10 26.45 38.52 -4.85
C TYR A 10 25.94 37.51 -5.85
N ALA A 11 26.82 36.82 -6.56
CA ALA A 11 26.53 35.75 -7.52
C ALA A 11 27.40 34.59 -7.12
N PRO A 12 27.08 33.85 -6.04
CA PRO A 12 27.85 32.69 -5.67
C PRO A 12 27.51 31.49 -6.55
N LEU A 13 28.38 30.50 -6.72
CA LEU A 13 28.18 29.42 -7.66
C LEU A 13 27.06 28.46 -7.25
N TYR A 14 26.49 28.62 -6.06
CA TYR A 14 25.39 27.78 -5.61
C TYR A 14 24.01 28.38 -5.88
N ALA A 15 23.99 29.61 -6.37
CA ALA A 15 22.77 30.31 -6.71
C ALA A 15 22.02 29.59 -7.81
N PRO A 16 22.65 28.80 -8.72
CA PRO A 16 21.87 28.09 -9.69
C PRO A 16 21.13 26.94 -8.99
N PHE A 17 21.62 26.33 -7.92
CA PHE A 17 20.89 25.31 -7.17
C PHE A 17 19.49 25.78 -6.83
N PHE A 18 19.31 27.03 -6.41
CA PHE A 18 18.05 27.66 -5.98
C PHE A 18 17.17 27.97 -7.16
N GLY A 19 17.74 28.37 -8.28
CA GLY A 19 17.02 28.63 -9.52
C GLY A 19 16.48 27.37 -10.12
N PHE A 20 17.19 26.27 -10.00
CA PHE A 20 16.82 24.95 -10.54
C PHE A 20 15.86 24.30 -9.56
N ALA A 21 15.96 24.59 -8.28
CA ALA A 21 14.96 24.18 -7.30
C ALA A 21 13.63 24.86 -7.58
N GLY A 22 13.66 26.14 -7.95
CA GLY A 22 12.43 26.80 -8.37
C GLY A 22 11.84 26.19 -9.63
N CYS A 23 12.69 25.89 -10.61
CA CYS A 23 12.21 25.20 -11.80
C CYS A 23 11.49 23.90 -11.44
N ALA A 24 12.14 23.07 -10.63
CA ALA A 24 11.58 21.79 -10.25
C ALA A 24 10.30 21.97 -9.45
N ALA A 25 10.28 22.91 -8.51
CA ALA A 25 9.06 23.16 -7.76
C ALA A 25 7.91 23.53 -8.69
N ALA A 26 8.14 24.53 -9.55
CA ALA A 26 7.13 24.91 -10.53
C ALA A 26 6.58 23.68 -11.25
N MET A 27 7.45 22.97 -11.97
CA MET A 27 6.96 21.91 -12.83
C MET A 27 6.31 20.79 -12.03
N VAL A 28 6.99 20.30 -10.99
CA VAL A 28 6.50 19.14 -10.26
C VAL A 28 5.19 19.45 -9.55
N LEU A 29 5.11 20.60 -8.89
CA LEU A 29 3.91 20.92 -8.12
C LEU A 29 2.75 21.27 -9.03
N SER A 30 3.01 21.97 -10.14
CA SER A 30 1.94 22.22 -11.10
C SER A 30 1.44 20.91 -11.70
N CYS A 31 2.35 19.99 -12.02
CA CYS A 31 1.93 18.68 -12.50
C CYS A 31 1.14 17.94 -11.44
N LEU A 32 1.53 18.07 -10.17
CA LEU A 32 0.78 17.43 -9.10
C LEU A 32 -0.64 17.96 -9.02
N GLY A 33 -0.84 19.26 -9.18
CA GLY A 33 -2.16 19.89 -9.20
C GLY A 33 -2.96 19.46 -10.38
N ALA A 34 -2.42 19.53 -11.57
CA ALA A 34 -3.05 19.09 -12.83
C ALA A 34 -3.41 17.61 -12.77
N ALA A 35 -2.70 16.79 -12.03
CA ALA A 35 -2.90 15.33 -11.94
C ALA A 35 -3.91 15.03 -10.86
N ILE A 36 -4.00 15.83 -9.81
CA ILE A 36 -5.02 15.73 -8.75
C ILE A 36 -6.33 16.19 -9.37
N GLY A 37 -6.31 17.21 -10.20
CA GLY A 37 -7.49 17.72 -10.89
C GLY A 37 -8.00 16.78 -11.93
N THR A 38 -7.16 16.20 -12.77
CA THR A 38 -7.56 15.37 -13.93
C THR A 38 -7.94 13.98 -13.44
N ALA A 39 -7.29 13.45 -12.42
CA ALA A 39 -7.57 12.15 -11.80
C ALA A 39 -8.83 12.19 -10.97
N LYS A 40 -9.00 13.18 -10.10
CA LYS A 40 -10.17 13.26 -9.21
C LYS A 40 -11.36 13.69 -10.02
N SER A 41 -11.23 14.59 -10.97
CA SER A 41 -12.33 15.03 -11.84
C SER A 41 -12.70 13.88 -12.78
N GLY A 42 -11.75 13.08 -13.26
CA GLY A 42 -11.94 11.93 -14.13
C GLY A 42 -12.63 10.79 -13.46
N ILE A 43 -12.49 10.62 -12.15
CA ILE A 43 -13.15 9.54 -11.36
C ILE A 43 -14.61 9.92 -11.27
N GLY A 44 -14.94 11.20 -11.42
CA GLY A 44 -16.31 11.70 -11.39
C GLY A 44 -16.95 11.51 -12.72
N ILE A 45 -16.22 11.65 -13.81
CA ILE A 45 -16.70 11.42 -15.20
C ILE A 45 -16.90 9.93 -15.50
N ALA A 46 -16.11 8.99 -14.98
CA ALA A 46 -16.29 7.55 -15.18
C ALA A 46 -17.43 7.03 -14.31
N GLY A 47 -17.56 7.59 -13.11
CA GLY A 47 -18.63 7.17 -12.21
C GLY A 47 -19.95 7.44 -12.86
N ILE A 48 -20.13 8.61 -13.47
CA ILE A 48 -21.37 8.94 -14.15
C ILE A 48 -21.53 8.19 -15.46
N GLY A 49 -20.42 7.71 -16.03
CA GLY A 49 -20.50 7.01 -17.30
C GLY A 49 -21.45 5.82 -17.26
N THR A 50 -21.46 5.10 -16.14
CA THR A 50 -22.36 3.97 -16.00
C THR A 50 -23.83 4.37 -16.06
N PHE A 51 -24.17 5.65 -15.94
CA PHE A 51 -25.55 6.15 -15.79
C PHE A 51 -25.90 7.11 -16.91
N LYS A 52 -25.11 8.16 -17.06
CA LYS A 52 -25.26 9.20 -18.08
C LYS A 52 -23.97 9.18 -18.88
N PRO A 53 -23.78 8.22 -19.82
CA PRO A 53 -22.62 8.24 -20.66
C PRO A 53 -22.66 9.53 -21.47
N GLU A 54 -23.84 9.98 -21.87
CA GLU A 54 -24.03 11.19 -22.72
C GLU A 54 -23.45 12.44 -22.05
N LEU A 55 -23.36 12.49 -20.73
CA LEU A 55 -22.85 13.65 -19.98
C LEU A 55 -21.31 13.68 -19.92
N ILE A 56 -20.60 12.63 -20.34
CA ILE A 56 -19.10 12.55 -20.23
C ILE A 56 -18.37 13.59 -21.09
N MET A 57 -18.74 13.81 -22.33
CA MET A 57 -17.97 14.72 -23.24
C MET A 57 -18.07 16.16 -22.76
N LYS A 58 -19.21 16.60 -22.25
CA LYS A 58 -19.40 17.98 -21.70
C LYS A 58 -18.69 18.10 -20.35
N SER A 59 -18.44 16.97 -19.67
CA SER A 59 -17.82 16.97 -18.35
C SER A 59 -16.31 16.94 -18.41
N LEU A 60 -15.72 17.26 -19.56
CA LEU A 60 -14.27 17.29 -19.71
C LEU A 60 -13.68 18.67 -19.45
N ILE A 61 -14.52 19.65 -19.09
CA ILE A 61 -14.11 21.03 -18.67
C ILE A 61 -13.16 20.90 -17.47
N PRO A 62 -13.48 20.13 -16.41
CA PRO A 62 -12.58 19.96 -15.30
C PRO A 62 -11.18 19.43 -15.66
N VAL A 63 -11.03 18.43 -16.54
CA VAL A 63 -9.72 17.88 -16.99
C VAL A 63 -9.00 18.91 -17.87
N VAL A 64 -9.73 19.65 -18.70
CA VAL A 64 -9.14 20.70 -19.58
C VAL A 64 -8.54 21.76 -18.69
N MET A 65 -9.24 22.16 -17.63
CA MET A 65 -8.81 23.21 -16.70
C MET A 65 -7.64 22.75 -15.86
N SER A 66 -7.60 21.50 -15.44
CA SER A 66 -6.48 20.92 -14.68
C SER A 66 -5.22 20.94 -15.52
N GLY A 67 -5.31 20.63 -16.80
CA GLY A 67 -4.18 20.66 -17.72
C GLY A 67 -3.60 22.04 -17.85
N ILE A 68 -4.43 23.07 -17.86
CA ILE A 68 -3.98 24.48 -17.95
C ILE A 68 -3.13 24.81 -16.73
N LEU A 69 -3.30 24.15 -15.60
CA LEU A 69 -2.46 24.29 -14.37
C LEU A 69 -1.04 23.78 -14.62
N ALA A 70 -0.82 22.78 -15.44
CA ALA A 70 0.50 22.19 -15.77
C ALA A 70 1.11 22.99 -16.90
N ILE A 71 0.34 23.75 -17.64
CA ILE A 71 0.80 24.77 -18.62
C ILE A 71 1.26 26.00 -17.86
N TYR A 72 0.63 26.41 -16.76
CA TYR A 72 1.03 27.56 -15.91
C TYR A 72 2.39 27.26 -15.32
N GLY A 73 2.62 26.06 -14.82
CA GLY A 73 3.92 25.59 -14.33
C GLY A 73 4.91 25.29 -15.40
N LEU A 74 4.54 24.82 -16.62
CA LEU A 74 5.49 24.68 -17.70
C LEU A 74 5.99 26.06 -18.15
N VAL A 75 5.09 27.03 -18.26
CA VAL A 75 5.51 28.37 -18.67
C VAL A 75 6.49 28.95 -17.67
N VAL A 76 6.17 28.84 -16.38
CA VAL A 76 7.05 29.40 -15.37
C VAL A 76 8.40 28.70 -15.36
N ALA A 77 8.39 27.37 -15.45
CA ALA A 77 9.63 26.61 -15.45
C ALA A 77 10.48 26.94 -16.67
N VAL A 78 9.85 27.10 -17.84
CA VAL A 78 10.58 27.45 -19.05
C VAL A 78 11.21 28.83 -18.88
N LEU A 79 10.46 29.77 -18.33
CA LEU A 79 11.01 31.12 -18.13
C LEU A 79 12.20 31.08 -17.18
N ILE A 80 12.12 30.34 -16.08
CA ILE A 80 13.21 30.20 -15.08
C ILE A 80 14.39 29.53 -15.76
N ALA A 81 14.20 28.47 -16.53
CA ALA A 81 15.32 27.75 -17.14
C ALA A 81 16.01 28.57 -18.21
N GLY A 82 15.25 29.41 -18.92
CA GLY A 82 15.87 30.28 -19.91
C GLY A 82 16.82 31.30 -19.31
N ASN A 83 16.72 31.52 -18.00
CA ASN A 83 17.51 32.55 -17.28
C ASN A 83 18.65 31.90 -16.53
N LEU A 84 18.83 30.59 -16.64
CA LEU A 84 19.88 29.83 -15.92
C LEU A 84 20.85 29.33 -16.98
N SER A 85 22.16 29.60 -16.86
CA SER A 85 23.21 29.22 -17.84
C SER A 85 24.53 29.08 -17.08
N PRO A 86 25.43 28.11 -17.41
CA PRO A 86 26.70 27.98 -16.68
C PRO A 86 27.69 29.10 -16.97
N THR A 87 27.48 29.88 -18.03
CA THR A 87 28.39 30.94 -18.42
C THR A 87 27.76 32.32 -18.23
N GLU A 88 26.85 32.43 -17.27
CA GLU A 88 26.12 33.67 -17.01
C GLU A 88 26.22 33.90 -15.53
N ASP A 89 26.22 35.14 -15.06
CA ASP A 89 26.38 35.43 -13.62
C ASP A 89 24.98 35.42 -13.06
N TYR A 90 24.63 34.39 -12.31
CA TYR A 90 23.30 34.22 -11.72
C TYR A 90 23.51 34.71 -10.31
N THR A 91 22.74 35.70 -9.90
CA THR A 91 22.88 36.30 -8.57
C THR A 91 22.23 35.31 -7.64
N LEU A 92 22.55 35.35 -6.34
CA LEU A 92 21.85 34.51 -5.36
C LEU A 92 20.52 35.18 -5.17
N PHE A 93 20.39 36.46 -5.50
CA PHE A 93 19.07 37.07 -5.49
C PHE A 93 18.20 36.49 -6.60
N ASN A 94 18.69 36.32 -7.81
CA ASN A 94 17.97 35.79 -8.99
C ASN A 94 17.55 34.38 -8.67
N GLY A 95 18.30 33.66 -7.85
CA GLY A 95 18.06 32.25 -7.53
C GLY A 95 17.03 32.15 -6.48
N PHE A 96 17.06 33.03 -5.49
CA PHE A 96 15.95 33.09 -4.54
C PHE A 96 14.66 33.50 -5.23
N MET A 97 14.73 34.44 -6.15
CA MET A 97 13.55 34.95 -6.89
C MET A 97 13.01 33.85 -7.79
N HIS A 98 13.81 32.93 -8.28
CA HIS A 98 13.37 31.81 -9.14
C HIS A 98 12.94 30.66 -8.26
N LEU A 99 13.35 30.59 -7.01
CA LEU A 99 12.88 29.58 -6.04
C LEU A 99 11.49 29.98 -5.63
N SER A 100 11.21 31.25 -5.38
CA SER A 100 9.85 31.74 -5.07
C SER A 100 9.00 31.61 -6.31
N CYS A 101 9.47 31.92 -7.52
CA CYS A 101 8.65 31.67 -8.70
C CYS A 101 8.12 30.25 -8.68
N GLY A 102 9.02 29.29 -8.48
CA GLY A 102 8.61 27.91 -8.46
C GLY A 102 7.61 27.61 -7.36
N LEU A 103 7.90 28.07 -6.15
CA LEU A 103 6.98 27.82 -5.05
C LEU A 103 5.61 28.44 -5.32
N CYS A 104 5.59 29.71 -5.68
CA CYS A 104 4.39 30.47 -6.04
C CYS A 104 3.55 29.75 -7.08
N VAL A 105 4.09 29.37 -8.23
CA VAL A 105 3.29 28.76 -9.29
C VAL A 105 2.93 27.33 -8.93
N GLY A 106 3.88 26.56 -8.40
CA GLY A 106 3.62 25.17 -8.10
C GLY A 106 2.56 24.98 -7.04
N PHE A 107 2.66 25.71 -5.94
CA PHE A 107 1.69 25.53 -4.87
C PHE A 107 0.34 26.16 -5.20
N ALA A 108 0.33 27.28 -5.92
CA ALA A 108 -0.94 27.83 -6.39
C ALA A 108 -1.64 26.85 -7.32
N CYS A 109 -0.89 26.24 -8.23
CA CYS A 109 -1.48 25.27 -9.14
C CYS A 109 -1.87 23.98 -8.42
N LEU A 110 -1.14 23.61 -7.37
CA LEU A 110 -1.54 22.47 -6.56
C LEU A 110 -2.86 22.72 -5.87
N SER A 111 -3.02 23.91 -5.29
CA SER A 111 -4.28 24.28 -4.66
C SER A 111 -5.40 24.35 -5.69
N SER A 112 -5.13 24.94 -6.85
CA SER A 112 -6.14 25.02 -7.91
C SER A 112 -6.53 23.64 -8.38
N GLY A 113 -5.60 22.72 -8.48
CA GLY A 113 -5.85 21.36 -8.94
C GLY A 113 -6.61 20.57 -7.94
N TYR A 114 -6.34 20.71 -6.66
CA TYR A 114 -7.15 20.10 -5.59
C TYR A 114 -8.55 20.65 -5.63
N ALA A 115 -8.77 21.95 -5.73
CA ALA A 115 -10.11 22.51 -5.79
C ALA A 115 -10.83 22.04 -7.04
N ILE A 116 -10.19 22.00 -8.21
CA ILE A 116 -10.78 21.60 -9.52
C ILE A 116 -11.13 20.12 -9.50
N GLY A 117 -10.36 19.28 -8.84
CA GLY A 117 -10.63 17.85 -8.70
C GLY A 117 -11.77 17.60 -7.79
N MET A 118 -11.92 18.40 -6.77
CA MET A 118 -12.96 18.26 -5.75
C MET A 118 -14.28 18.77 -6.28
N VAL A 119 -14.31 19.89 -6.97
CA VAL A 119 -15.52 20.47 -7.53
C VAL A 119 -15.96 19.70 -8.77
N GLY A 120 -15.03 19.37 -9.65
CA GLY A 120 -15.40 18.66 -10.87
C GLY A 120 -15.98 17.29 -10.58
N ASP A 121 -15.27 16.52 -9.78
CA ASP A 121 -15.73 15.19 -9.36
C ASP A 121 -17.14 15.25 -8.84
N VAL A 122 -17.43 16.03 -7.81
CA VAL A 122 -18.73 16.05 -7.12
C VAL A 122 -19.73 16.65 -8.07
N GLY A 123 -19.48 17.75 -8.78
CA GLY A 123 -20.49 18.25 -9.69
C GLY A 123 -20.86 17.27 -10.78
N VAL A 124 -19.85 16.64 -11.40
CA VAL A 124 -20.12 15.68 -12.46
C VAL A 124 -20.95 14.53 -11.92
N ARG A 125 -20.60 14.02 -10.75
CA ARG A 125 -21.35 12.93 -10.11
C ARG A 125 -22.69 13.46 -9.61
N LYS A 126 -22.91 14.78 -9.56
CA LYS A 126 -24.14 15.35 -9.01
C LYS A 126 -25.10 15.86 -10.06
N TYR A 127 -24.62 16.48 -11.14
CA TYR A 127 -25.52 17.05 -12.12
C TYR A 127 -26.04 16.01 -13.12
N MET A 128 -25.79 14.73 -12.85
CA MET A 128 -26.55 13.68 -13.54
C MET A 128 -28.04 13.87 -13.32
N HIS A 129 -28.44 14.09 -12.07
CA HIS A 129 -29.85 14.25 -11.74
C HIS A 129 -30.37 15.63 -12.13
N GLN A 130 -29.52 16.65 -11.99
CA GLN A 130 -29.90 18.05 -12.23
C GLN A 130 -29.01 18.61 -13.32
N PRO A 131 -29.43 18.60 -14.58
CA PRO A 131 -28.59 19.13 -15.65
C PRO A 131 -28.30 20.62 -15.52
N ARG A 132 -29.11 21.37 -14.76
CA ARG A 132 -28.91 22.80 -14.64
C ARG A 132 -27.71 23.16 -13.77
N LEU A 133 -27.23 22.23 -12.95
CA LEU A 133 -26.10 22.53 -12.07
C LEU A 133 -24.81 22.75 -12.85
N PHE A 134 -24.70 22.17 -14.04
CA PHE A 134 -23.43 22.16 -14.77
C PHE A 134 -22.83 23.55 -14.89
N VAL A 135 -23.65 24.54 -15.26
CA VAL A 135 -23.13 25.88 -15.48
C VAL A 135 -22.40 26.36 -14.24
N GLY A 136 -23.01 26.17 -13.08
CA GLY A 136 -22.37 26.59 -11.85
C GLY A 136 -21.00 25.97 -11.67
N ILE A 137 -20.88 24.69 -12.02
CA ILE A 137 -19.58 24.03 -11.91
C ILE A 137 -18.55 24.82 -12.69
N VAL A 138 -18.88 25.19 -13.93
CA VAL A 138 -17.94 25.92 -14.76
C VAL A 138 -17.54 27.21 -14.09
N LEU A 139 -18.46 27.85 -13.37
CA LEU A 139 -18.11 29.06 -12.63
C LEU A 139 -17.14 28.73 -11.51
N ILE A 140 -17.47 27.74 -10.68
CA ILE A 140 -16.60 27.41 -9.56
C ILE A 140 -15.25 26.94 -10.09
N LEU A 141 -15.27 26.08 -11.10
CA LEU A 141 -14.02 25.63 -11.71
C LEU A 141 -13.19 26.81 -12.21
N ILE A 142 -13.85 27.89 -12.67
CA ILE A 142 -13.10 29.07 -13.04
C ILE A 142 -12.39 29.66 -11.83
N PHE A 143 -13.14 29.93 -10.78
CA PHE A 143 -12.61 30.48 -9.51
C PHE A 143 -11.38 29.68 -9.08
N SER A 144 -11.44 28.36 -8.95
CA SER A 144 -10.29 27.54 -8.60
C SER A 144 -9.14 27.79 -9.56
N GLU A 145 -9.37 27.68 -10.86
CA GLU A 145 -8.33 27.91 -11.90
C GLU A 145 -7.68 29.27 -11.69
N VAL A 146 -8.40 30.31 -11.29
CA VAL A 146 -7.79 31.62 -11.11
C VAL A 146 -6.68 31.55 -10.07
N LEU A 147 -6.88 30.74 -9.03
CA LEU A 147 -5.91 30.55 -7.93
C LEU A 147 -4.55 30.21 -8.50
N GLY A 148 -4.46 29.27 -9.46
CA GLY A 148 -3.21 28.94 -10.12
C GLY A 148 -2.69 30.10 -10.94
N LEU A 149 -3.58 30.74 -11.70
CA LEU A 149 -3.18 31.89 -12.51
C LEU A 149 -2.46 32.91 -11.65
N TYR A 150 -3.00 33.21 -10.48
CA TYR A 150 -2.40 34.20 -9.55
C TYR A 150 -1.01 33.78 -9.16
N GLY A 151 -0.75 32.50 -8.90
CA GLY A 151 0.59 32.02 -8.64
C GLY A 151 1.49 32.14 -9.85
N MET A 152 0.93 31.92 -11.04
CA MET A 152 1.69 32.18 -12.26
C MET A 152 2.06 33.65 -12.37
N ILE A 153 1.07 34.53 -12.22
CA ILE A 153 1.32 35.96 -12.43
C ILE A 153 2.42 36.43 -11.50
N VAL A 154 2.29 36.15 -10.21
CA VAL A 154 3.29 36.49 -9.15
C VAL A 154 4.63 35.92 -9.55
N ALA A 155 4.69 34.71 -10.06
CA ALA A 155 5.93 34.11 -10.53
C ALA A 155 6.52 34.94 -11.67
N LEU A 156 5.70 35.27 -12.66
CA LEU A 156 6.19 36.09 -13.76
C LEU A 156 6.83 37.36 -13.22
N ILE A 157 6.11 38.10 -12.39
CA ILE A 157 6.60 39.36 -11.73
C ILE A 157 7.91 39.08 -10.99
N LEU A 158 8.06 37.95 -10.32
CA LEU A 158 9.29 37.56 -9.58
C LEU A 158 10.40 37.22 -10.57
N ASN A 159 10.13 36.67 -11.75
CA ASN A 159 11.13 36.51 -12.79
C ASN A 159 11.60 37.86 -13.30
N THR A 160 10.65 38.74 -13.64
CA THR A 160 11.02 40.03 -14.19
C THR A 160 11.92 40.80 -13.25
N ARG A 161 11.84 40.52 -11.96
CA ARG A 161 12.62 41.21 -10.91
C ARG A 161 13.87 40.40 -10.58
N GLY A 162 13.94 39.08 -10.81
CA GLY A 162 15.15 38.32 -10.57
C GLY A 162 16.23 38.63 -11.59
N SER A 163 15.86 38.65 -12.87
CA SER A 163 16.83 38.99 -13.92
C SER A 163 17.26 40.45 -13.81
N GLU A 164 16.33 41.35 -13.53
CA GLU A 164 16.64 42.76 -13.40
C GLU A 164 17.36 43.05 -12.09
N SER B 16 1.52 9.14 17.22
CA SER B 16 2.22 8.38 16.18
C SER B 16 3.72 8.48 16.36
N PHE B 17 4.42 7.36 16.16
CA PHE B 17 5.87 7.36 16.26
C PHE B 17 6.50 8.23 15.18
N SER B 18 5.97 8.16 13.96
CA SER B 18 6.51 8.98 12.88
C SER B 18 6.30 10.47 13.15
N HIS B 19 5.11 10.85 13.60
CA HIS B 19 4.86 12.25 13.91
C HIS B 19 5.71 12.72 15.08
N PHE B 20 5.88 11.87 16.09
CA PHE B 20 6.74 12.21 17.21
C PHE B 20 8.17 12.43 16.75
N LEU B 21 8.66 11.55 15.87
CA LEU B 21 10.01 11.71 15.33
C LEU B 21 10.14 13.01 14.54
N TYR B 22 9.13 13.33 13.72
CA TYR B 22 9.17 14.57 12.96
C TYR B 22 9.23 15.78 13.90
N TYR B 23 8.39 15.78 14.94
CA TYR B 23 8.38 16.89 15.88
C TYR B 23 9.70 16.99 16.62
N LEU B 24 10.27 15.85 17.02
CA LEU B 24 11.55 15.88 17.72
C LEU B 24 12.66 16.41 16.81
N VAL B 25 12.66 16.00 15.55
CA VAL B 25 13.67 16.49 14.61
C VAL B 25 13.51 18.00 14.42
N LEU B 26 12.26 18.46 14.28
CA LEU B 26 12.04 19.89 14.10
C LEU B 26 12.51 20.67 15.32
N ILE B 27 12.20 20.18 16.53
CA ILE B 27 12.62 20.87 17.74
C ILE B 27 14.14 20.88 17.86
N VAL B 28 14.78 19.75 17.54
CA VAL B 28 16.23 19.69 17.61
C VAL B 28 16.85 20.67 16.63
N VAL B 29 16.32 20.72 15.41
CA VAL B 29 16.84 21.65 14.41
C VAL B 29 16.67 23.09 14.87
N ILE B 30 15.50 23.41 15.42
CA ILE B 30 15.26 24.78 15.88
C ILE B 30 16.21 25.13 17.02
N VAL B 31 16.40 24.21 17.96
CA VAL B 31 17.27 24.48 19.09
C VAL B 31 18.72 24.66 18.63
N TYR B 32 19.18 23.80 17.72
CA TYR B 32 20.54 23.93 17.19
C TYR B 32 20.71 25.24 16.46
N GLY B 33 19.75 25.62 15.62
CA GLY B 33 19.84 26.88 14.91
C GLY B 33 19.87 28.07 15.86
N LEU B 34 19.02 28.04 16.89
CA LEU B 34 18.99 29.13 17.85
C LEU B 34 20.30 29.19 18.65
N TYR B 35 20.86 28.03 18.98
CA TYR B 35 22.13 28.01 19.70
C TYR B 35 23.25 28.60 18.86
N LYS B 36 23.33 28.21 17.58
CA LYS B 36 24.35 28.76 16.71
C LYS B 36 24.15 30.24 16.48
N LEU B 37 22.89 30.66 16.29
CA LEU B 37 22.60 32.07 16.02
C LEU B 37 22.92 32.93 17.22
N PHE B 38 22.45 32.54 18.40
CA PHE B 38 22.65 33.35 19.60
C PHE B 38 24.14 33.44 19.95
N THR B 39 24.86 32.33 19.83
CA THR B 39 26.28 32.31 20.14
C THR B 39 27.13 33.00 19.08
N GLY B 40 26.53 33.67 18.11
CA GLY B 40 27.28 34.35 17.08
C GLY B 40 27.74 33.49 15.93
N HIS B 41 27.36 32.22 15.90
CA HIS B 41 27.79 31.28 14.88
C HIS B 41 26.66 30.87 13.95
N GLY B 42 25.73 31.79 13.66
CA GLY B 42 24.65 31.48 12.75
C GLY B 42 25.15 31.12 11.37
N SER B 43 26.22 31.78 10.93
CA SER B 43 26.81 31.51 9.63
C SER B 43 27.46 30.14 9.56
N ASP B 44 27.71 29.49 10.70
CA ASP B 44 28.31 28.16 10.68
C ASP B 44 27.39 27.15 9.98
N ILE B 45 26.09 27.39 10.03
CA ILE B 45 25.14 26.59 9.25
C ILE B 45 25.06 27.21 7.88
N ASN B 46 25.99 26.86 7.01
CA ASN B 46 26.18 27.49 5.71
C ASN B 46 25.75 26.50 4.64
N PHE B 47 24.49 26.63 4.19
CA PHE B 47 24.02 25.82 3.07
C PHE B 47 24.81 26.13 1.81
N GLY B 48 25.28 27.36 1.66
CA GLY B 48 26.09 27.70 0.50
C GLY B 48 27.39 26.92 0.45
N LYS B 49 28.09 26.83 1.58
CA LYS B 49 29.30 26.03 1.64
C LYS B 49 29.00 24.56 1.37
N PHE B 50 27.88 24.07 1.91
CA PHE B 50 27.49 22.69 1.65
C PHE B 50 27.31 22.44 0.16
N LEU B 51 26.61 23.35 -0.53
CA LEU B 51 26.39 23.17 -1.96
C LEU B 51 27.70 23.29 -2.74
N LEU B 52 28.54 24.26 -2.37
CA LEU B 52 29.80 24.47 -3.09
C LEU B 52 30.76 23.31 -2.91
N ARG B 53 30.81 22.72 -1.72
CA ARG B 53 31.80 21.70 -1.40
C ARG B 53 31.30 20.28 -1.65
N THR B 54 29.99 20.05 -1.58
CA THR B 54 29.47 18.75 -1.99
C THR B 54 29.77 18.53 -3.47
N SER B 55 30.20 17.32 -3.79
CA SER B 55 30.64 17.03 -5.14
C SER B 55 29.48 17.16 -6.11
N PRO B 56 29.65 17.88 -7.22
CA PRO B 56 28.58 17.90 -8.24
C PRO B 56 28.30 16.53 -8.81
N TYR B 57 29.25 15.61 -8.72
CA TYR B 57 29.00 14.23 -9.14
C TYR B 57 27.85 13.63 -8.34
N MET B 58 27.81 13.88 -7.03
CA MET B 58 26.72 13.36 -6.22
C MET B 58 25.38 13.90 -6.69
N TRP B 59 25.32 15.21 -6.94
CA TRP B 59 24.06 15.81 -7.38
C TRP B 59 23.63 15.21 -8.72
N ALA B 60 24.56 15.10 -9.67
CA ALA B 60 24.22 14.58 -10.99
C ALA B 60 23.75 13.14 -10.91
N ASN B 61 24.47 12.30 -10.17
CA ASN B 61 24.12 10.89 -10.09
C ASN B 61 22.82 10.68 -9.33
N LEU B 62 22.60 11.45 -8.26
CA LEU B 62 21.32 11.39 -7.57
C LEU B 62 20.19 11.81 -8.50
N GLY B 63 20.42 12.85 -9.32
CA GLY B 63 19.40 13.25 -10.25
C GLY B 63 19.06 12.16 -11.25
N ILE B 64 20.04 11.57 -11.89
CA ILE B 64 19.88 10.46 -12.88
C ILE B 64 19.23 9.25 -12.22
N ALA B 65 19.62 8.85 -11.02
CA ALA B 65 19.04 7.70 -10.35
C ALA B 65 17.60 7.98 -9.92
N LEU B 66 17.35 9.17 -9.37
CA LEU B 66 16.00 9.50 -8.93
C LEU B 66 15.08 9.70 -10.12
N CYS B 67 15.57 10.27 -11.22
CA CYS B 67 14.78 10.36 -12.43
C CYS B 67 14.28 8.99 -12.85
N VAL B 68 15.22 8.07 -13.10
CA VAL B 68 14.81 6.75 -13.56
C VAL B 68 13.94 6.05 -12.52
N GLY B 69 14.34 6.12 -11.25
CA GLY B 69 13.63 5.40 -10.22
C GLY B 69 12.22 5.91 -9.99
N LEU B 70 12.04 7.24 -9.97
CA LEU B 70 10.72 7.80 -9.73
C LEU B 70 9.82 7.66 -10.95
N SER B 71 10.38 7.80 -12.15
CA SER B 71 9.61 7.51 -13.36
C SER B 71 9.12 6.07 -13.33
N VAL B 72 10.01 5.15 -12.96
CA VAL B 72 9.63 3.74 -12.84
C VAL B 72 8.60 3.54 -11.74
N VAL B 73 8.75 4.27 -10.63
CA VAL B 73 7.83 4.09 -9.51
C VAL B 73 6.42 4.51 -9.92
N GLY B 74 6.31 5.65 -10.60
CA GLY B 74 5.00 6.06 -11.09
C GLY B 74 4.45 5.12 -12.15
N ALA B 75 5.26 4.68 -13.06
CA ALA B 75 4.84 3.71 -14.07
C ALA B 75 4.29 2.47 -13.38
N ALA B 76 5.01 1.89 -12.44
CA ALA B 76 4.63 0.68 -11.71
C ALA B 76 3.40 0.92 -10.88
N TRP B 77 3.32 2.06 -10.24
CA TRP B 77 2.16 2.45 -9.39
C TRP B 77 0.94 2.57 -10.26
N GLY B 78 1.03 3.17 -11.42
CA GLY B 78 -0.08 3.26 -12.36
C GLY B 78 -0.43 1.92 -12.92
N ILE B 79 0.54 1.08 -13.25
CA ILE B 79 0.35 -0.23 -13.90
C ILE B 79 -0.43 -1.11 -12.93
N PHE B 80 -0.14 -1.07 -11.65
CA PHE B 80 -0.86 -1.85 -10.64
C PHE B 80 -2.27 -1.31 -10.47
N ILE B 81 -2.49 -0.01 -10.47
CA ILE B 81 -3.84 0.58 -10.34
C ILE B 81 -4.66 0.22 -11.57
N THR B 82 -4.16 0.46 -12.77
CA THR B 82 -4.86 0.09 -14.01
C THR B 82 -4.94 -1.40 -14.10
N GLY B 83 -3.88 -2.16 -13.86
CA GLY B 83 -3.83 -3.60 -14.04
C GLY B 83 -4.74 -4.34 -13.14
N SER B 84 -4.84 -3.96 -11.88
CA SER B 84 -5.70 -4.59 -10.87
C SER B 84 -7.17 -4.34 -11.19
N SER B 85 -7.56 -3.16 -11.68
CA SER B 85 -8.94 -2.81 -12.07
C SER B 85 -9.33 -3.40 -13.42
N MET B 86 -8.41 -3.58 -14.39
CA MET B 86 -8.66 -4.34 -15.62
C MET B 86 -8.94 -5.79 -15.33
N ILE B 87 -8.16 -6.40 -14.45
CA ILE B 87 -8.33 -7.82 -14.15
C ILE B 87 -9.66 -8.05 -13.46
N GLY B 88 -10.01 -7.21 -12.49
CA GLY B 88 -11.30 -7.35 -11.83
C GLY B 88 -12.46 -7.17 -12.78
N ALA B 89 -12.36 -6.18 -13.67
CA ALA B 89 -13.43 -5.89 -14.62
C ALA B 89 -13.49 -6.88 -15.77
N GLY B 90 -12.40 -7.57 -16.06
CA GLY B 90 -12.34 -8.52 -17.15
C GLY B 90 -12.82 -9.90 -16.82
N VAL B 91 -13.12 -10.17 -15.54
CA VAL B 91 -13.73 -11.43 -15.17
C VAL B 91 -15.04 -11.62 -15.89
N ARG B 92 -15.86 -10.57 -15.93
CA ARG B 92 -17.14 -10.59 -16.63
C ARG B 92 -17.05 -10.03 -18.04
N ALA B 93 -16.08 -9.16 -18.30
CA ALA B 93 -15.91 -8.52 -19.60
C ALA B 93 -14.45 -8.64 -20.02
N PRO B 94 -13.99 -9.84 -20.37
CA PRO B 94 -12.60 -9.99 -20.81
C PRO B 94 -12.27 -9.22 -22.06
N ARG B 95 -13.26 -8.81 -22.84
CA ARG B 95 -13.01 -8.05 -24.06
C ARG B 95 -12.21 -6.79 -23.79
N ILE B 96 -12.29 -6.26 -22.57
CA ILE B 96 -11.60 -5.03 -22.25
C ILE B 96 -10.09 -5.25 -22.11
N THR B 97 -9.67 -6.49 -21.84
CA THR B 97 -8.28 -6.74 -21.46
C THR B 97 -7.32 -6.11 -22.45
N THR B 98 -7.55 -6.29 -23.74
CA THR B 98 -6.66 -5.77 -24.78
C THR B 98 -7.02 -4.33 -25.05
N LYS B 99 -8.30 -3.95 -24.97
CA LYS B 99 -8.70 -2.59 -25.31
C LYS B 99 -8.13 -1.57 -24.33
N ASN B 100 -8.19 -1.86 -23.03
CA ASN B 100 -7.66 -0.96 -22.01
C ASN B 100 -6.17 -1.12 -21.82
N LEU B 101 -5.51 -2.08 -22.45
CA LEU B 101 -4.02 -2.20 -22.42
C LEU B 101 -3.34 -0.92 -22.91
N ILE B 102 -3.99 -0.05 -23.69
CA ILE B 102 -3.37 1.23 -24.02
C ILE B 102 -3.15 2.05 -22.75
N SER B 103 -4.06 1.92 -21.79
CA SER B 103 -3.86 2.58 -20.50
C SER B 103 -2.52 2.20 -19.90
N ILE B 104 -2.16 0.92 -19.94
CA ILE B 104 -0.92 0.37 -19.30
C ILE B 104 0.30 0.87 -20.07
N ILE B 105 0.16 1.23 -21.35
CA ILE B 105 1.22 1.81 -22.21
C ILE B 105 1.34 3.28 -21.82
N PHE B 106 0.29 4.03 -21.44
CA PHE B 106 0.49 5.38 -20.94
C PHE B 106 1.20 5.36 -19.60
N CYS B 107 1.03 4.30 -18.82
CA CYS B 107 1.75 4.19 -17.56
C CYS B 107 3.21 3.79 -17.77
N GLU B 108 3.55 3.00 -18.73
CA GLU B 108 4.92 2.51 -18.91
C GLU B 108 5.72 3.51 -19.73
N VAL B 109 5.12 4.53 -20.32
CA VAL B 109 5.79 5.44 -21.27
C VAL B 109 6.52 6.47 -20.46
N VAL B 110 6.02 6.88 -19.32
CA VAL B 110 6.71 7.80 -18.43
C VAL B 110 8.05 7.22 -18.00
N ALA B 111 8.05 5.94 -17.60
CA ALA B 111 9.30 5.28 -17.27
C ALA B 111 10.31 5.42 -18.40
N ILE B 112 9.91 5.14 -19.64
CA ILE B 112 10.78 5.22 -20.85
C ILE B 112 11.23 6.67 -20.98
N TYR B 113 10.45 7.67 -20.67
CA TYR B 113 10.90 9.05 -20.66
C TYR B 113 12.03 9.21 -19.65
N GLY B 114 11.80 8.76 -18.40
CA GLY B 114 12.85 8.84 -17.42
C GLY B 114 14.12 8.15 -17.89
N LEU B 115 13.98 6.92 -18.37
CA LEU B 115 15.13 6.22 -18.92
C LEU B 115 15.82 7.09 -19.95
N ILE B 116 15.05 7.63 -20.90
CA ILE B 116 15.63 8.46 -21.94
C ILE B 116 16.42 9.59 -21.30
N ILE B 117 15.81 10.29 -20.36
CA ILE B 117 16.49 11.41 -19.72
C ILE B 117 17.77 10.92 -19.06
N ALA B 118 17.69 9.81 -18.34
CA ALA B 118 18.90 9.25 -17.73
C ALA B 118 19.99 9.10 -18.78
N ILE B 119 19.65 8.49 -19.92
CA ILE B 119 20.64 8.31 -20.98
C ILE B 119 21.26 9.66 -21.34
N VAL B 120 20.43 10.64 -21.64
CA VAL B 120 20.85 12.00 -22.10
C VAL B 120 21.70 12.66 -21.02
N PHE B 121 21.30 12.58 -19.75
CA PHE B 121 21.97 13.21 -18.58
C PHE B 121 23.25 12.46 -18.25
N SER B 122 23.31 11.16 -18.45
CA SER B 122 24.49 10.28 -18.21
C SER B 122 25.60 10.66 -19.17
N SER B 123 25.29 11.22 -20.32
CA SER B 123 26.29 11.70 -21.30
C SER B 123 27.10 12.83 -20.70
N LYS B 124 26.54 13.56 -19.75
CA LYS B 124 27.20 14.71 -19.09
C LYS B 124 27.96 14.24 -17.86
N LEU B 125 27.90 12.95 -17.51
CA LEU B 125 28.64 12.39 -16.35
C LEU B 125 30.05 12.06 -16.84
N THR B 126 30.82 13.09 -17.19
CA THR B 126 32.22 12.95 -17.60
C THR B 126 33.03 13.11 -16.33
N VAL B 127 34.34 12.93 -16.37
CA VAL B 127 35.23 13.08 -15.23
C VAL B 127 35.91 14.43 -15.32
N ALA B 128 35.69 15.27 -14.31
CA ALA B 128 36.33 16.57 -14.23
C ALA B 128 37.71 16.46 -13.61
N THR B 129 38.57 17.41 -13.95
CA THR B 129 39.90 17.47 -13.35
C THR B 129 39.80 17.94 -11.91
N ALA B 130 40.88 17.71 -11.16
CA ALA B 130 40.89 18.05 -9.74
C ALA B 130 40.70 19.54 -9.53
N GLU B 131 41.39 20.37 -10.31
CA GLU B 131 41.30 21.81 -10.12
C GLU B 131 39.97 22.37 -10.61
N ASN B 132 39.48 21.87 -11.74
CA ASN B 132 38.19 22.31 -12.29
C ASN B 132 37.06 21.38 -11.85
N MET B 133 36.96 21.17 -10.53
CA MET B 133 35.95 20.28 -9.96
C MET B 133 34.74 21.03 -9.41
N TYR B 134 34.98 22.04 -8.58
CA TYR B 134 33.91 22.84 -7.98
C TYR B 134 33.81 24.20 -8.65
N SER B 135 34.01 24.24 -9.96
CA SER B 135 33.95 25.48 -10.72
C SER B 135 32.48 25.86 -10.97
N LYS B 136 32.26 27.01 -11.60
CA LYS B 136 30.92 27.52 -11.94
C LYS B 136 30.25 26.54 -12.86
N SER B 137 30.91 26.03 -13.90
CA SER B 137 30.28 25.13 -14.86
C SER B 137 29.97 23.78 -14.22
N ASN B 138 30.90 23.24 -13.44
CA ASN B 138 30.70 21.90 -12.88
C ASN B 138 29.62 21.91 -11.79
N LEU B 139 29.64 22.91 -10.92
CA LEU B 139 28.57 23.03 -9.93
C LEU B 139 27.23 23.25 -10.59
N TYR B 140 27.20 24.08 -11.64
CA TYR B 140 25.95 24.28 -12.38
C TYR B 140 25.46 22.99 -12.98
N THR B 141 26.33 22.17 -13.56
CA THR B 141 25.98 20.87 -14.19
C THR B 141 25.47 19.94 -13.11
N GLY B 142 26.08 19.93 -11.94
CA GLY B 142 25.58 19.08 -10.87
C GLY B 142 24.19 19.48 -10.42
N TYR B 143 23.97 20.76 -10.17
CA TYR B 143 22.66 21.23 -9.77
C TYR B 143 21.63 20.98 -10.86
N SER B 144 21.98 21.26 -12.11
CA SER B 144 21.06 21.11 -13.22
C SER B 144 20.64 19.66 -13.37
N LEU B 145 21.57 18.71 -13.32
CA LEU B 145 21.24 17.28 -13.51
C LEU B 145 20.58 16.73 -12.26
N PHE B 146 20.84 17.24 -11.06
CA PHE B 146 20.08 16.83 -9.89
C PHE B 146 18.63 17.27 -10.00
N TRP B 147 18.40 18.55 -10.27
CA TRP B 147 17.05 19.08 -10.25
C TRP B 147 16.26 18.68 -11.48
N ALA B 148 16.89 18.55 -12.65
CA ALA B 148 16.20 18.04 -13.82
C ALA B 148 15.78 16.59 -13.62
N GLY B 149 16.66 15.78 -13.03
CA GLY B 149 16.26 14.42 -12.71
C GLY B 149 15.14 14.37 -11.70
N ILE B 150 15.21 15.23 -10.68
CA ILE B 150 14.13 15.30 -9.70
C ILE B 150 12.82 15.68 -10.38
N THR B 151 12.87 16.69 -11.25
CA THR B 151 11.66 17.14 -11.93
C THR B 151 11.10 16.05 -12.82
N VAL B 152 11.93 15.43 -13.66
CA VAL B 152 11.45 14.40 -14.56
C VAL B 152 10.90 13.22 -13.76
N GLY B 153 11.63 12.80 -12.73
CA GLY B 153 11.18 11.66 -11.95
C GLY B 153 9.88 11.92 -11.22
N ALA B 154 9.75 13.08 -10.58
CA ALA B 154 8.53 13.39 -9.85
C ALA B 154 7.35 13.63 -10.79
N SER B 155 7.60 14.32 -11.91
CA SER B 155 6.53 14.52 -12.89
C SER B 155 6.07 13.20 -13.48
N ASN B 156 7.00 12.29 -13.77
CA ASN B 156 6.62 10.98 -14.29
C ASN B 156 5.95 10.15 -13.21
N LEU B 157 6.38 10.29 -11.96
CA LEU B 157 5.69 9.64 -10.86
C LEU B 157 4.23 10.07 -10.80
N ILE B 158 4.00 11.38 -10.78
CA ILE B 158 2.65 11.92 -10.71
C ILE B 158 1.85 11.49 -11.93
N CYS B 159 2.45 11.61 -13.11
CA CYS B 159 1.75 11.28 -14.34
C CYS B 159 1.37 9.80 -14.38
N GLY B 160 2.29 8.92 -14.02
CA GLY B 160 1.97 7.50 -13.97
C GLY B 160 0.87 7.20 -12.98
N ILE B 161 0.99 7.65 -11.74
CA ILE B 161 -0.02 7.32 -10.70
C ILE B 161 -1.35 7.89 -11.18
N ALA B 162 -1.39 9.03 -11.83
CA ALA B 162 -2.63 9.71 -12.22
C ALA B 162 -3.22 9.03 -13.41
N VAL B 163 -2.45 8.66 -14.40
CA VAL B 163 -2.85 7.92 -15.59
C VAL B 163 -3.30 6.53 -15.23
N GLY B 164 -2.70 5.91 -14.22
CA GLY B 164 -3.17 4.61 -13.77
C GLY B 164 -4.53 4.69 -13.11
N ILE B 165 -4.74 5.71 -12.30
CA ILE B 165 -6.06 5.98 -11.66
C ILE B 165 -7.09 6.23 -12.75
N THR B 166 -6.79 6.92 -13.84
CA THR B 166 -7.69 7.12 -14.97
C THR B 166 -7.88 5.84 -15.77
N GLY B 167 -6.82 5.04 -15.90
CA GLY B 167 -6.93 3.77 -16.61
C GLY B 167 -7.79 2.75 -15.88
N ALA B 168 -7.72 2.72 -14.56
CA ALA B 168 -8.62 1.89 -13.78
C ALA B 168 -10.06 2.30 -13.99
N THR B 169 -10.32 3.61 -13.92
CA THR B 169 -11.67 4.09 -14.19
C THR B 169 -12.11 3.73 -15.61
N ALA B 170 -11.20 3.86 -16.58
CA ALA B 170 -11.50 3.54 -17.96
C ALA B 170 -11.80 2.07 -18.15
N ALA B 171 -11.04 1.20 -17.47
CA ALA B 171 -11.29 -0.24 -17.58
C ALA B 171 -12.64 -0.59 -17.01
N ILE B 172 -12.98 -0.04 -15.85
CA ILE B 172 -14.28 -0.34 -15.26
C ILE B 172 -15.40 0.21 -16.14
N SER B 173 -15.23 1.40 -16.71
CA SER B 173 -16.23 1.95 -17.60
C SER B 173 -16.37 1.10 -18.86
N ASP B 174 -15.26 0.64 -19.43
CA ASP B 174 -15.30 -0.21 -20.61
C ASP B 174 -16.04 -1.50 -20.32
N ALA B 175 -15.79 -2.10 -19.16
CA ALA B 175 -16.54 -3.28 -18.76
C ALA B 175 -18.03 -2.95 -18.64
N ALA B 176 -18.35 -1.78 -18.05
CA ALA B 176 -19.74 -1.37 -17.96
C ALA B 176 -20.34 -1.14 -19.35
N ASP B 177 -19.65 -0.37 -20.19
CA ASP B 177 -20.11 -0.09 -21.54
C ASP B 177 -18.90 0.22 -22.41
N SER B 178 -18.83 -0.40 -23.58
CA SER B 178 -17.69 -0.21 -24.46
C SER B 178 -17.53 1.24 -24.88
N ALA B 179 -18.64 1.89 -25.26
CA ALA B 179 -18.59 3.25 -25.75
C ALA B 179 -17.97 4.20 -24.73
N LEU B 180 -18.03 3.86 -23.45
CA LEU B 180 -17.46 4.73 -22.43
C LEU B 180 -15.94 4.85 -22.57
N PHE B 181 -15.26 3.77 -22.99
CA PHE B 181 -13.81 3.75 -22.92
C PHE B 181 -13.19 4.93 -23.67
N VAL B 182 -13.61 5.14 -24.92
CA VAL B 182 -12.98 6.19 -25.72
C VAL B 182 -13.11 7.55 -25.04
N LYS B 183 -14.10 7.73 -24.18
CA LYS B 183 -14.34 9.02 -23.52
C LYS B 183 -13.42 9.14 -22.31
N ILE B 184 -13.10 8.02 -21.65
CA ILE B 184 -12.18 8.09 -20.51
C ILE B 184 -10.73 8.11 -20.99
N LEU B 185 -10.43 7.43 -22.09
CA LEU B 185 -9.08 7.46 -22.64
C LEU B 185 -8.62 8.89 -22.88
N VAL B 186 -9.54 9.76 -23.29
CA VAL B 186 -9.21 11.16 -23.49
C VAL B 186 -8.59 11.73 -22.22
N ILE B 187 -9.21 11.47 -21.07
CA ILE B 187 -8.66 11.93 -19.80
C ILE B 187 -7.25 11.41 -19.63
N GLU B 188 -7.01 10.14 -19.96
CA GLU B 188 -5.66 9.59 -19.89
C GLU B 188 -4.72 10.39 -20.79
N ILE B 189 -5.16 10.69 -22.01
CA ILE B 189 -4.34 11.49 -22.91
C ILE B 189 -4.05 12.85 -22.30
N PHE B 190 -4.98 13.38 -21.49
CA PHE B 190 -4.72 14.61 -20.78
C PHE B 190 -3.65 14.40 -19.71
N GLY B 191 -3.74 13.30 -18.97
CA GLY B 191 -2.76 13.03 -17.93
C GLY B 191 -1.40 12.62 -18.47
N SER B 192 -1.37 11.80 -19.52
CA SER B 192 -0.11 11.31 -20.07
C SER B 192 0.79 12.44 -20.55
N ILE B 193 0.23 13.60 -20.86
CA ILE B 193 1.04 14.73 -21.29
C ILE B 193 1.84 15.33 -20.15
N LEU B 194 1.37 15.21 -18.91
CA LEU B 194 2.02 15.83 -17.72
C LEU B 194 3.45 15.34 -17.58
N GLY B 195 3.75 14.06 -17.77
CA GLY B 195 5.12 13.57 -17.80
C GLY B 195 5.89 14.14 -18.98
N LEU B 196 5.27 14.15 -20.16
CA LEU B 196 5.91 14.77 -21.31
C LEU B 196 6.38 16.18 -20.97
N LEU B 197 5.49 17.00 -20.41
CA LEU B 197 5.90 18.34 -20.03
C LEU B 197 7.13 18.28 -19.12
N GLY B 198 7.06 17.47 -18.07
CA GLY B 198 8.23 17.31 -17.22
C GLY B 198 9.45 16.94 -18.03
N LEU B 199 9.33 15.90 -18.87
CA LEU B 199 10.42 15.56 -19.77
C LEU B 199 10.96 16.81 -20.46
N ILE B 200 10.08 17.55 -21.13
CA ILE B 200 10.53 18.73 -21.84
C ILE B 200 11.27 19.66 -20.90
N VAL B 201 10.66 19.94 -19.74
CA VAL B 201 11.28 20.88 -18.82
C VAL B 201 12.64 20.35 -18.38
N GLY B 202 12.73 19.05 -18.13
CA GLY B 202 14.03 18.49 -17.78
C GLY B 202 15.05 18.76 -18.85
N LEU B 203 14.68 18.52 -20.11
CA LEU B 203 15.62 18.76 -21.21
C LEU B 203 16.01 20.23 -21.26
N LEU B 204 15.12 21.12 -20.80
CA LEU B 204 15.44 22.53 -20.78
C LEU B 204 16.37 22.88 -19.62
N MET B 205 16.22 22.18 -18.48
CA MET B 205 17.08 22.47 -17.34
C MET B 205 18.52 22.10 -17.64
N ALA B 206 18.72 20.85 -18.03
CA ALA B 206 20.04 20.28 -18.32
C ALA B 206 20.44 20.62 -19.74
N GLY B 207 19.74 21.52 -20.39
CA GLY B 207 20.06 21.95 -21.75
C GLY B 207 21.36 22.68 -21.84
N LYS B 208 21.62 23.63 -20.95
CA LYS B 208 22.83 24.47 -21.00
C LYS B 208 23.88 23.84 -20.09
N ALA B 209 23.58 22.79 -19.36
CA ALA B 209 24.55 22.03 -18.55
C ALA B 209 25.52 21.39 -19.52
N SER B 210 26.76 21.17 -19.13
CA SER B 210 27.81 20.61 -19.99
C SER B 210 28.37 19.40 -19.30
N GLU B 211 29.11 18.57 -19.99
CA GLU B 211 29.76 17.41 -19.39
C GLU B 211 30.68 17.97 -18.32
N PHE B 212 30.91 17.25 -17.22
CA PHE B 212 31.85 17.70 -16.19
C PHE B 212 33.22 17.80 -16.85
N GLN B 213 33.95 18.89 -16.62
CA GLN B 213 35.28 19.12 -17.20
C GLN B 213 36.27 19.50 -16.11
N ASP C 212 40.23 26.43 7.34
CA ASP C 212 39.81 27.83 7.29
C ASP C 212 38.39 27.95 6.76
N ASP C 213 38.21 27.75 5.46
CA ASP C 213 36.90 27.82 4.82
C ASP C 213 36.22 26.46 4.75
N ILE C 214 36.56 25.54 5.65
CA ILE C 214 35.93 24.23 5.69
C ILE C 214 34.49 24.37 6.14
N LEU C 215 33.63 23.46 5.66
CA LEU C 215 32.25 23.43 6.11
C LEU C 215 32.17 23.14 7.60
N SER C 216 32.91 22.14 8.07
CA SER C 216 32.96 21.80 9.48
C SER C 216 34.02 20.73 9.68
N SER C 217 34.43 20.58 10.94
CA SER C 217 35.39 19.53 11.29
C SER C 217 34.68 18.20 11.53
N ILE C 218 33.50 18.23 12.12
CA ILE C 218 32.72 17.03 12.36
C ILE C 218 31.80 16.74 11.18
N TRP C 219 31.01 17.74 10.77
CA TRP C 219 30.07 17.59 9.66
C TRP C 219 30.71 17.97 8.33
N THR C 220 31.83 17.33 8.02
CA THR C 220 32.51 17.57 6.76
C THR C 220 31.57 17.30 5.58
N GLU C 221 31.93 17.84 4.43
CA GLU C 221 31.11 17.63 3.24
C GLU C 221 30.99 16.15 2.91
N GLY C 222 32.07 15.39 3.09
CA GLY C 222 32.00 13.96 2.81
C GLY C 222 31.05 13.24 3.76
N LEU C 223 31.15 13.54 5.06
CA LEU C 223 30.24 12.93 6.02
C LEU C 223 28.81 13.33 5.74
N LEU C 224 28.57 14.59 5.38
CA LEU C 224 27.20 15.01 5.08
C LEU C 224 26.66 14.33 3.84
N MET C 225 27.50 14.18 2.81
CA MET C 225 27.07 13.45 1.62
C MET C 225 26.71 12.02 1.96
N CYS C 226 27.58 11.35 2.73
CA CYS C 226 27.30 9.99 3.15
C CYS C 226 26.00 9.92 3.94
N LEU C 227 25.79 10.87 4.85
CA LEU C 227 24.61 10.83 5.71
C LEU C 227 23.33 11.09 4.92
N ILE C 228 23.35 12.02 3.97
CA ILE C 228 22.14 12.27 3.19
C ILE C 228 21.85 11.10 2.25
N VAL C 229 22.89 10.47 1.69
CA VAL C 229 22.68 9.28 0.89
C VAL C 229 22.05 8.18 1.74
N SER C 230 22.60 7.97 2.93
CA SER C 230 22.05 6.95 3.83
C SER C 230 20.64 7.29 4.26
N ALA C 231 20.33 8.59 4.41
CA ALA C 231 18.99 9.00 4.79
C ALA C 231 17.98 8.74 3.67
N LEU C 232 18.36 9.06 2.43
CA LEU C 232 17.52 8.71 1.29
C LEU C 232 17.27 7.21 1.24
N LEU C 233 18.33 6.43 1.42
CA LEU C 233 18.20 4.98 1.38
C LEU C 233 17.30 4.47 2.50
N LEU C 234 17.47 5.03 3.71
CA LEU C 234 16.68 4.58 4.85
C LEU C 234 15.22 4.98 4.68
N PHE C 235 14.96 6.14 4.08
CA PHE C 235 13.58 6.53 3.80
C PHE C 235 12.94 5.56 2.79
N ILE C 236 13.68 5.22 1.74
CA ILE C 236 13.17 4.25 0.77
C ILE C 236 12.91 2.92 1.45
N LEU C 237 13.86 2.47 2.28
CA LEU C 237 13.70 1.19 2.96
C LEU C 237 12.52 1.22 3.90
N ILE C 238 12.30 2.33 4.59
CA ILE C 238 11.16 2.45 5.49
C ILE C 238 9.86 2.38 4.70
N VAL C 239 9.79 3.05 3.56
CA VAL C 239 8.59 2.99 2.73
C VAL C 239 8.33 1.56 2.28
N ALA C 240 9.38 0.89 1.78
CA ALA C 240 9.22 -0.47 1.30
C ALA C 240 8.80 -1.42 2.41
N LEU C 241 9.42 -1.29 3.59
CA LEU C 241 9.07 -2.15 4.71
C LEU C 241 7.68 -1.86 5.22
N SER C 242 7.25 -0.60 5.23
CA SER C 242 5.87 -0.29 5.59
C SER C 242 4.91 -0.99 4.65
N TRP C 243 5.11 -0.85 3.35
CA TRP C 243 4.33 -1.52 2.27
C TRP C 243 4.32 -3.03 2.46
N ILE C 244 5.45 -3.66 2.78
CA ILE C 244 5.54 -5.10 2.95
C ILE C 244 4.83 -5.54 4.23
N SER C 245 4.97 -4.76 5.30
CA SER C 245 4.23 -5.03 6.53
C SER C 245 2.72 -4.90 6.33
N ASN C 246 2.29 -4.08 5.38
CA ASN C 246 0.88 -4.02 5.02
C ASN C 246 0.40 -5.27 4.29
N LEU C 247 1.30 -6.21 4.00
CA LEU C 247 0.90 -7.46 3.36
C LEU C 247 0.00 -8.27 4.28
N ASP C 248 -1.28 -8.36 3.94
CA ASP C 248 -2.25 -9.14 4.69
C ASP C 248 -2.67 -10.34 3.86
N ILE C 249 -2.56 -11.54 4.44
CA ILE C 249 -2.96 -12.74 3.74
C ILE C 249 -4.47 -12.75 3.59
N THR C 250 -4.94 -13.24 2.44
CA THR C 250 -6.36 -13.38 2.17
C THR C 250 -6.80 -14.75 2.68
N TYR C 251 -7.17 -14.80 3.95
CA TYR C 251 -7.42 -16.08 4.59
C TYR C 251 -8.70 -16.72 4.07
N GLY C 252 -9.73 -15.92 3.77
CA GLY C 252 -11.02 -16.49 3.45
C GLY C 252 -10.95 -17.58 2.40
N ALA C 253 -10.08 -17.41 1.40
CA ALA C 253 -9.87 -18.45 0.40
C ALA C 253 -9.00 -19.58 0.92
N LEU C 254 -8.40 -19.43 2.09
CA LEU C 254 -7.47 -20.42 2.64
C LEU C 254 -8.11 -21.35 3.66
N GLU C 255 -9.19 -20.93 4.33
CA GLU C 255 -9.91 -21.82 5.22
C GLU C 255 -11.16 -22.39 4.53
N LYS C 256 -11.64 -23.50 5.07
CA LYS C 256 -12.78 -24.21 4.53
C LYS C 256 -14.07 -23.70 5.15
N SER C 257 -15.13 -23.63 4.34
CA SER C 257 -16.42 -23.18 4.81
C SER C 257 -17.06 -24.26 5.69
N THR C 258 -17.96 -23.81 6.57
CA THR C 258 -18.65 -24.69 7.50
C THR C 258 -20.13 -24.33 7.62
N ASN C 259 -20.74 -23.84 6.54
CA ASN C 259 -22.11 -23.37 6.55
C ASN C 259 -23.03 -24.45 5.99
N PRO C 260 -24.01 -24.95 6.77
CA PRO C 260 -24.96 -25.92 6.20
C PRO C 260 -25.98 -25.28 5.29
N ILE C 261 -26.38 -24.04 5.59
CA ILE C 261 -27.41 -23.38 4.80
C ILE C 261 -26.96 -23.23 3.35
N LYS C 262 -25.65 -23.15 3.12
CA LYS C 262 -25.12 -22.81 1.81
C LYS C 262 -23.60 -22.97 1.91
N LYS C 263 -22.92 -22.98 0.76
CA LYS C 263 -21.48 -23.30 0.72
C LYS C 263 -21.24 -24.75 1.14
N MET D 1 38.07 -2.73 -48.02
CA MET D 1 37.64 -1.46 -48.66
C MET D 1 36.17 -1.52 -49.06
N SER D 2 35.29 -1.16 -48.11
CA SER D 2 33.85 -1.17 -48.32
C SER D 2 33.26 0.14 -47.82
N SER D 3 32.22 0.61 -48.50
CA SER D 3 31.61 1.90 -48.19
C SER D 3 30.09 1.75 -48.26
N PHE D 4 29.39 2.89 -48.21
CA PHE D 4 27.94 2.87 -48.30
C PHE D 4 27.47 2.27 -49.61
N TYR D 5 28.29 2.34 -50.65
CA TYR D 5 27.92 1.73 -51.93
C TYR D 5 27.82 0.22 -51.83
N THR D 6 28.53 -0.40 -50.89
CA THR D 6 28.30 -1.82 -50.62
C THR D 6 26.89 -2.05 -50.13
N VAL D 7 26.41 -1.20 -49.22
CA VAL D 7 25.03 -1.30 -48.76
C VAL D 7 24.07 -1.09 -49.93
N VAL D 8 24.37 -0.13 -50.80
CA VAL D 8 23.50 0.13 -51.94
C VAL D 8 23.43 -1.08 -52.87
N GLY D 9 24.58 -1.71 -53.12
CA GLY D 9 24.59 -2.89 -53.98
C GLY D 9 23.85 -4.07 -53.35
N VAL D 10 24.04 -4.27 -52.06
CA VAL D 10 23.30 -5.33 -51.38
C VAL D 10 21.80 -5.05 -51.42
N PHE D 11 21.43 -3.78 -51.28
CA PHE D 11 20.02 -3.40 -51.41
C PHE D 11 19.49 -3.72 -52.81
N ILE D 12 20.29 -3.41 -53.83
CA ILE D 12 19.88 -3.70 -55.20
C ILE D 12 19.65 -5.19 -55.38
N VAL D 13 20.58 -6.00 -54.88
CA VAL D 13 20.46 -7.45 -55.02
C VAL D 13 19.22 -7.95 -54.28
N VAL D 14 19.02 -7.46 -53.05
CA VAL D 14 17.89 -7.91 -52.25
C VAL D 14 16.56 -7.53 -52.90
N SER D 15 16.47 -6.29 -53.40
CA SER D 15 15.25 -5.87 -54.08
C SER D 15 15.01 -6.67 -55.35
N ALA D 16 16.07 -6.95 -56.10
CA ALA D 16 15.94 -7.74 -57.31
C ALA D 16 15.40 -9.13 -56.99
N MET D 17 15.96 -9.77 -55.97
CA MET D 17 15.49 -11.11 -55.62
C MET D 17 14.08 -11.08 -55.03
N SER D 18 13.73 -10.02 -54.30
CA SER D 18 12.37 -9.89 -53.79
C SER D 18 11.37 -9.76 -54.92
N VAL D 19 11.68 -8.93 -55.92
CA VAL D 19 10.81 -8.82 -57.08
C VAL D 19 10.74 -10.14 -57.83
N LEU D 20 11.88 -10.83 -57.94
CA LEU D 20 11.91 -12.13 -58.60
C LEU D 20 10.96 -13.11 -57.92
N PHE D 21 11.01 -13.15 -56.58
CA PHE D 21 10.13 -14.05 -55.84
C PHE D 21 8.67 -13.64 -55.98
N TRP D 22 8.38 -12.34 -55.94
CA TRP D 22 7.01 -11.88 -56.14
C TRP D 22 6.49 -12.35 -57.48
N ILE D 23 7.31 -12.26 -58.52
CA ILE D 23 6.89 -12.76 -59.83
C ILE D 23 6.73 -14.28 -59.80
N MET D 24 7.61 -14.98 -59.09
CA MET D 24 7.65 -16.44 -59.09
C MET D 24 7.13 -17.04 -57.79
N ALA D 25 6.36 -16.28 -57.01
CA ALA D 25 5.82 -16.82 -55.77
C ALA D 25 4.84 -17.96 -56.09
N PRO D 26 4.86 -19.03 -55.29
CA PRO D 26 3.92 -20.14 -55.55
C PRO D 26 2.48 -19.65 -55.49
N LYS D 27 1.65 -20.20 -56.40
CA LYS D 27 0.25 -19.80 -56.46
C LYS D 27 -0.48 -20.15 -55.17
N ASN D 28 -0.24 -21.35 -54.64
CA ASN D 28 -0.86 -21.73 -53.38
C ASN D 28 -0.26 -20.93 -52.24
N ASN D 29 -1.13 -20.31 -51.43
CA ASN D 29 -0.68 -19.43 -50.36
C ASN D 29 0.26 -18.35 -50.90
N GLN D 30 -0.11 -17.80 -52.06
CA GLN D 30 0.75 -16.82 -52.72
C GLN D 30 0.95 -15.59 -51.85
N ALA D 31 -0.11 -15.09 -51.22
CA ALA D 31 0.02 -13.93 -50.35
C ALA D 31 0.97 -14.21 -49.19
N VAL D 32 0.82 -15.38 -48.55
CA VAL D 32 1.69 -15.72 -47.44
C VAL D 32 3.13 -15.82 -47.90
N TRP D 33 3.36 -16.52 -49.01
CA TRP D 33 4.71 -16.65 -49.54
C TRP D 33 5.34 -15.29 -49.81
N ARG D 34 4.63 -14.45 -50.58
CA ARG D 34 5.18 -13.16 -50.95
C ARG D 34 5.47 -12.32 -49.71
N SER D 35 4.46 -12.15 -48.85
CA SER D 35 4.66 -11.31 -47.67
C SER D 35 5.80 -11.84 -46.81
N THR D 36 5.74 -13.12 -46.46
CA THR D 36 6.74 -13.67 -45.56
C THR D 36 8.15 -13.51 -46.14
N VAL D 37 8.36 -13.96 -47.37
CA VAL D 37 9.70 -13.98 -47.93
C VAL D 37 10.22 -12.55 -48.13
N ILE D 38 9.40 -11.69 -48.74
CA ILE D 38 9.87 -10.35 -49.05
C ILE D 38 10.11 -9.55 -47.79
N LEU D 39 9.21 -9.64 -46.81
CA LEU D 39 9.40 -8.92 -45.56
C LEU D 39 10.61 -9.44 -44.80
N THR D 40 10.80 -10.77 -44.79
CA THR D 40 11.98 -11.32 -44.14
C THR D 40 13.25 -10.80 -44.81
N LEU D 41 13.29 -10.80 -46.14
CA LEU D 41 14.45 -10.27 -46.84
C LEU D 41 14.67 -8.80 -46.49
N ALA D 42 13.60 -8.01 -46.52
CA ALA D 42 13.73 -6.59 -46.26
C ALA D 42 14.30 -6.33 -44.88
N MET D 43 13.78 -7.01 -43.86
CA MET D 43 14.19 -6.71 -42.49
C MET D 43 15.55 -7.31 -42.16
N MET D 44 15.86 -8.50 -42.70
CA MET D 44 17.21 -9.03 -42.56
C MET D 44 18.22 -8.08 -43.19
N PHE D 45 17.94 -7.61 -44.41
CA PHE D 45 18.85 -6.68 -45.07
C PHE D 45 18.96 -5.39 -44.28
N LEU D 46 17.84 -4.88 -43.76
CA LEU D 46 17.88 -3.62 -43.03
C LEU D 46 18.74 -3.74 -41.79
N MET D 47 18.58 -4.84 -41.05
CA MET D 47 19.40 -5.03 -39.85
C MET D 47 20.88 -5.18 -40.21
N TRP D 48 21.17 -5.94 -41.28
CA TRP D 48 22.56 -6.06 -41.70
C TRP D 48 23.14 -4.73 -42.11
N ALA D 49 22.37 -3.92 -42.85
CA ALA D 49 22.86 -2.62 -43.30
C ALA D 49 23.07 -1.69 -42.12
N ILE D 50 22.18 -1.73 -41.13
CA ILE D 50 22.38 -0.93 -39.93
C ILE D 50 23.65 -1.35 -39.20
N THR D 51 23.89 -2.65 -39.11
CA THR D 51 25.10 -3.15 -38.46
C THR D 51 26.36 -2.81 -39.25
N PHE D 52 26.26 -2.75 -40.58
CA PHE D 52 27.39 -2.44 -41.45
C PHE D 52 27.72 -0.95 -41.47
N LEU D 53 26.70 -0.11 -41.44
CA LEU D 53 26.91 1.34 -41.52
C LEU D 53 27.48 1.90 -40.23
N CYS D 54 27.08 1.35 -39.07
CA CYS D 54 27.67 1.78 -37.82
C CYS D 54 29.16 1.48 -37.76
N GLN D 55 29.62 0.46 -38.46
CA GLN D 55 31.02 0.08 -38.50
C GLN D 55 31.78 0.71 -39.66
N LEU D 56 31.10 1.45 -40.54
CA LEU D 56 31.77 2.06 -41.68
C LEU D 56 32.80 3.09 -41.22
N HIS D 57 32.34 4.13 -40.54
CA HIS D 57 33.19 5.21 -40.05
C HIS D 57 32.90 5.42 -38.57
N PRO D 58 33.24 4.45 -37.73
CA PRO D 58 32.91 4.56 -36.31
C PRO D 58 33.62 5.75 -35.67
N LEU D 59 32.92 6.40 -34.74
CA LEU D 59 33.46 7.53 -34.02
C LEU D 59 34.19 7.13 -32.74
N VAL D 60 34.12 5.86 -32.37
CA VAL D 60 34.82 5.33 -31.20
C VAL D 60 35.50 4.03 -31.59
N ALA D 61 36.75 3.80 -31.15
CA ALA D 61 37.55 2.62 -31.51
C ALA D 61 37.58 1.64 -30.36
N PRO D 62 37.72 0.32 -30.57
CA PRO D 62 37.77 -0.58 -29.46
C PRO D 62 38.97 -0.17 -28.57
N ARG D 63 38.80 -0.09 -27.25
CA ARG D 63 39.84 0.27 -26.27
C ARG D 63 39.72 -0.71 -25.10
N ARG D 64 40.81 -1.38 -24.75
CA ARG D 64 40.84 -2.37 -23.66
C ARG D 64 42.21 -2.30 -23.00
N SER D 65 42.34 -2.68 -21.73
CA SER D 65 43.63 -2.68 -20.99
C SER D 65 43.79 -4.05 -20.35
N ASP D 66 43.33 -5.12 -21.00
CA ASP D 66 43.35 -6.46 -20.46
C ASP D 66 43.91 -7.50 -21.42
N LEU D 67 44.21 -7.14 -22.66
CA LEU D 67 44.77 -8.10 -23.60
C LEU D 67 46.16 -8.52 -23.18
N ARG D 68 46.46 -9.81 -23.35
CA ARG D 68 47.82 -10.27 -23.17
C ARG D 68 48.70 -9.75 -24.31
N PRO D 69 49.95 -9.37 -24.04
CA PRO D 69 50.81 -8.86 -25.12
C PRO D 69 51.05 -9.87 -26.22
N GLU D 70 50.91 -11.17 -25.95
CA GLU D 70 51.18 -12.18 -26.96
C GLU D 70 50.23 -12.10 -28.14
N PHE D 71 49.09 -11.42 -27.98
CA PHE D 71 48.12 -11.29 -29.06
C PHE D 71 48.30 -9.99 -29.82
N MET E 1 28.40 42.22 0.08
CA MET E 1 27.43 41.93 1.19
C MET E 1 27.77 42.76 2.42
N THR E 2 26.86 43.65 2.78
CA THR E 2 27.03 44.51 3.94
C THR E 2 26.65 43.76 5.21
N GLU E 3 27.08 44.29 6.37
CA GLU E 3 26.65 43.72 7.64
C GLU E 3 25.13 43.64 7.70
N LEU E 4 24.47 44.75 7.40
CA LEU E 4 23.03 44.86 7.50
C LEU E 4 22.29 44.24 6.32
N CYS E 5 22.98 44.03 5.20
CA CYS E 5 22.36 43.56 3.96
C CYS E 5 23.15 42.37 3.42
N PRO E 6 23.01 41.20 4.04
CA PRO E 6 23.71 40.02 3.54
C PRO E 6 23.13 39.56 2.21
N VAL E 7 23.85 38.64 1.57
CA VAL E 7 23.41 38.11 0.30
C VAL E 7 22.16 37.25 0.46
N TYR E 8 21.92 36.75 1.67
CA TYR E 8 20.80 35.85 1.92
C TYR E 8 19.56 36.59 2.41
N ALA E 9 19.63 37.90 2.55
CA ALA E 9 18.45 38.68 2.92
C ALA E 9 17.31 38.52 1.92
N PRO E 10 17.54 38.55 0.61
CA PRO E 10 16.44 38.33 -0.33
C PRO E 10 15.78 36.98 -0.19
N PHE E 11 16.43 36.01 0.46
CA PHE E 11 15.79 34.72 0.66
C PHE E 11 14.47 34.87 1.38
N PHE E 12 14.50 35.51 2.56
CA PHE E 12 13.33 35.67 3.46
C PHE E 12 12.20 36.40 2.79
N GLY E 13 12.45 37.52 2.14
CA GLY E 13 11.42 38.25 1.42
C GLY E 13 10.83 37.43 0.33
N ALA E 14 11.61 36.65 -0.38
CA ALA E 14 11.16 35.72 -1.43
C ALA E 14 10.29 34.62 -0.82
N ILE E 15 10.63 34.11 0.35
CA ILE E 15 9.80 33.12 1.10
C ILE E 15 8.52 33.83 1.50
N GLY E 16 8.51 35.11 1.81
CA GLY E 16 7.30 35.92 2.04
C GLY E 16 6.47 36.11 0.81
N CYS E 17 7.02 36.32 -0.37
CA CYS E 17 6.24 36.40 -1.64
C CYS E 17 5.57 35.05 -1.81
N ALA E 18 6.29 33.96 -1.62
CA ALA E 18 5.75 32.60 -1.77
C ALA E 18 4.75 32.30 -0.68
N SER E 19 5.01 32.61 0.57
CA SER E 19 4.15 32.29 1.72
C SER E 19 2.82 33.02 1.53
N ALA E 20 2.84 34.24 1.03
CA ALA E 20 1.61 35.00 0.88
C ALA E 20 0.73 34.26 -0.07
N ILE E 21 1.21 33.84 -1.23
CA ILE E 21 0.42 33.19 -2.32
C ILE E 21 0.28 31.70 -2.08
N ILE E 22 1.14 31.06 -1.34
CA ILE E 22 1.12 29.59 -1.16
C ILE E 22 0.02 29.34 -0.19
N PHE E 23 -0.18 30.24 0.79
CA PHE E 23 -1.10 29.87 1.84
C PHE E 23 -2.48 30.48 1.61
N THR E 24 -2.56 31.64 1.02
CA THR E 24 -3.84 32.26 0.68
C THR E 24 -4.51 31.45 -0.42
N SER E 25 -3.77 30.81 -1.33
CA SER E 25 -4.33 29.92 -2.34
C SER E 25 -4.73 28.59 -1.73
N LEU E 26 -3.95 28.09 -0.76
CA LEU E 26 -4.34 26.86 -0.07
C LEU E 26 -5.67 27.04 0.64
N GLY E 27 -5.81 28.13 1.40
CA GLY E 27 -7.06 28.38 2.08
C GLY E 27 -8.22 28.61 1.12
N ALA E 28 -8.02 29.40 0.09
CA ALA E 28 -9.01 29.68 -0.96
C ALA E 28 -9.39 28.41 -1.70
N ALA E 29 -8.47 27.48 -1.93
CA ALA E 29 -8.79 26.22 -2.59
C ALA E 29 -9.60 25.33 -1.67
N TYR E 30 -9.22 25.26 -0.39
CA TYR E 30 -9.99 24.49 0.57
C TYR E 30 -11.42 25.01 0.65
N GLY E 31 -11.57 26.34 0.77
CA GLY E 31 -12.90 26.91 0.86
C GLY E 31 -13.71 26.69 -0.40
N THR E 32 -13.11 26.92 -1.55
CA THR E 32 -13.76 26.76 -2.87
C THR E 32 -14.13 25.30 -3.08
N ALA E 33 -13.31 24.34 -2.65
CA ALA E 33 -13.61 22.93 -2.81
C ALA E 33 -14.80 22.52 -1.94
N LYS E 34 -14.76 22.87 -0.65
CA LYS E 34 -15.83 22.43 0.24
C LYS E 34 -17.15 23.14 -0.09
N SER E 35 -17.09 24.44 -0.38
CA SER E 35 -18.29 25.15 -0.76
C SER E 35 -18.87 24.61 -2.05
N GLY E 36 -18.01 24.24 -3.00
CA GLY E 36 -18.49 23.65 -4.24
C GLY E 36 -19.10 22.27 -4.03
N VAL E 37 -18.51 21.48 -3.13
CA VAL E 37 -19.12 20.19 -2.79
C VAL E 37 -20.51 20.41 -2.21
N GLY E 38 -20.64 21.38 -1.31
CA GLY E 38 -21.96 21.68 -0.76
C GLY E 38 -22.93 22.17 -1.82
N ILE E 39 -22.44 23.02 -2.73
CA ILE E 39 -23.29 23.57 -3.78
C ILE E 39 -23.75 22.47 -4.72
N CYS E 40 -22.86 21.53 -5.04
CA CYS E 40 -23.22 20.42 -5.91
C CYS E 40 -24.18 19.47 -5.21
N ALA E 41 -24.04 19.30 -3.89
CA ALA E 41 -24.98 18.46 -3.15
C ALA E 41 -26.35 19.09 -3.06
N THR E 42 -26.42 20.42 -2.93
CA THR E 42 -27.69 21.10 -2.74
C THR E 42 -28.41 21.35 -4.05
N CYS E 43 -27.70 21.88 -5.05
CA CYS E 43 -28.30 22.29 -6.30
C CYS E 43 -28.86 21.12 -7.10
N VAL E 44 -28.51 19.88 -6.75
CA VAL E 44 -29.22 18.75 -7.31
C VAL E 44 -30.71 18.86 -7.00
N LEU E 45 -31.04 19.27 -5.78
CA LEU E 45 -32.41 19.54 -5.40
C LEU E 45 -32.84 20.97 -5.71
N ARG E 46 -31.94 21.93 -5.58
CA ARG E 46 -32.28 23.35 -5.62
C ARG E 46 -31.31 24.09 -6.55
N PRO E 47 -31.40 23.86 -7.86
CA PRO E 47 -30.55 24.60 -8.80
C PRO E 47 -30.78 26.11 -8.75
N ASP E 48 -32.00 26.56 -8.42
CA ASP E 48 -32.29 27.98 -8.43
C ASP E 48 -31.43 28.76 -7.44
N LEU E 49 -30.91 28.09 -6.42
CA LEU E 49 -30.06 28.75 -5.43
C LEU E 49 -28.60 28.84 -5.88
N LEU E 50 -28.23 28.22 -6.99
CA LEU E 50 -26.82 28.05 -7.32
C LEU E 50 -26.09 29.38 -7.38
N PHE E 51 -26.50 30.26 -8.30
CA PHE E 51 -25.81 31.53 -8.52
C PHE E 51 -25.73 32.35 -7.23
N LYS E 52 -26.45 31.91 -6.21
CA LYS E 52 -26.55 32.63 -4.95
C LYS E 52 -25.93 31.88 -3.78
N ASN E 53 -25.72 30.58 -3.91
CA ASN E 53 -24.84 29.84 -3.01
C ASN E 53 -23.38 29.86 -3.46
N ILE E 54 -23.06 30.63 -4.50
CA ILE E 54 -21.66 30.79 -4.93
C ILE E 54 -20.89 31.74 -4.02
N VAL E 55 -21.56 32.38 -3.07
CA VAL E 55 -20.90 33.41 -2.26
C VAL E 55 -19.68 32.88 -1.54
N PRO E 56 -19.75 31.73 -0.82
CA PRO E 56 -18.55 31.18 -0.21
C PRO E 56 -17.35 30.99 -1.15
N VAL E 57 -17.54 30.69 -2.44
CA VAL E 57 -16.48 30.55 -3.47
C VAL E 57 -15.94 31.94 -3.79
N ILE E 58 -16.78 32.95 -3.85
CA ILE E 58 -16.37 34.37 -4.07
C ILE E 58 -15.58 34.82 -2.84
N MET E 59 -16.00 34.46 -1.64
CA MET E 59 -15.36 34.82 -0.36
C MET E 59 -14.01 34.12 -0.23
N ALA E 60 -13.90 32.86 -0.59
CA ALA E 60 -12.65 32.09 -0.56
C ALA E 60 -11.69 32.69 -1.57
N GLY E 61 -12.18 33.17 -2.70
CA GLY E 61 -11.35 33.80 -3.73
C GLY E 61 -10.71 35.06 -3.30
N ILE E 62 -11.39 35.85 -2.48
CA ILE E 62 -10.85 37.15 -1.98
C ILE E 62 -9.72 36.84 -1.01
N ILE E 63 -9.67 35.65 -0.44
CA ILE E 63 -8.53 35.22 0.43
C ILE E 63 -7.29 35.11 -0.44
N ALA E 64 -7.37 34.54 -1.63
CA ALA E 64 -6.26 34.44 -2.61
C ALA E 64 -5.91 35.80 -3.20
N ILE E 65 -6.86 36.71 -3.37
CA ILE E 65 -6.64 38.10 -3.84
C ILE E 65 -5.82 38.83 -2.78
N TYR E 66 -5.98 38.50 -1.50
CA TYR E 66 -5.27 39.15 -0.38
C TYR E 66 -3.81 38.77 -0.41
N GLY E 67 -3.49 37.53 -0.78
CA GLY E 67 -2.11 37.05 -0.81
C GLY E 67 -1.48 37.43 -2.11
N LEU E 68 -2.22 37.68 -3.17
CA LEU E 68 -1.73 38.28 -4.43
C LEU E 68 -1.38 39.74 -4.18
N VAL E 69 -2.15 40.47 -3.40
CA VAL E 69 -1.91 41.90 -3.07
C VAL E 69 -0.62 42.01 -2.27
N VAL E 70 -0.33 41.07 -1.38
CA VAL E 70 0.87 41.09 -0.50
C VAL E 70 2.06 40.55 -1.29
N SER E 71 1.91 39.49 -2.04
CA SER E 71 2.97 38.89 -2.86
C SER E 71 3.46 39.92 -3.85
N VAL E 72 2.61 40.73 -4.43
CA VAL E 72 2.97 41.66 -5.53
C VAL E 72 3.59 42.89 -4.89
N LEU E 73 3.16 43.31 -3.72
CA LEU E 73 3.73 44.44 -2.95
C LEU E 73 5.08 44.05 -2.38
N VAL E 74 5.24 42.85 -1.87
CA VAL E 74 6.48 42.27 -1.28
C VAL E 74 7.47 42.06 -2.40
N CYS E 75 7.04 41.70 -3.60
CA CYS E 75 7.92 41.36 -4.74
C CYS E 75 8.46 42.64 -5.36
N TYR E 76 7.75 43.76 -5.33
CA TYR E 76 8.20 45.07 -5.86
C TYR E 76 9.08 45.79 -4.83
N SER E 77 9.24 45.28 -3.62
CA SER E 77 10.13 45.83 -2.56
C SER E 77 11.32 44.90 -2.37
N LEU E 78 11.44 43.84 -3.15
CA LEU E 78 12.57 42.91 -3.06
C LEU E 78 13.72 43.55 -3.80
N GLY E 79 14.96 43.13 -3.57
CA GLY E 79 16.18 43.68 -4.13
C GLY E 79 17.35 42.78 -3.82
N GLN E 80 18.37 42.90 -4.67
CA GLN E 80 19.58 42.11 -4.48
C GLN E 80 20.32 42.54 -3.22
N LYS E 81 20.33 43.84 -2.94
CA LYS E 81 21.05 44.40 -1.80
C LYS E 81 20.08 45.05 -0.81
N GLN E 82 18.95 44.39 -0.58
CA GLN E 82 17.96 44.86 0.38
C GLN E 82 18.23 44.26 1.76
N ALA E 83 18.03 45.09 2.78
CA ALA E 83 18.49 44.77 4.12
C ALA E 83 17.84 43.49 4.66
N LEU E 84 18.53 42.86 5.61
CA LEU E 84 17.97 41.70 6.28
C LEU E 84 16.71 42.06 7.06
N TYR E 85 16.65 43.28 7.60
CA TYR E 85 15.41 43.73 8.24
C TYR E 85 14.27 43.75 7.25
N THR E 86 14.51 44.26 6.05
CA THR E 86 13.48 44.27 5.02
C THR E 86 13.07 42.86 4.65
N GLY E 87 14.03 41.94 4.57
CA GLY E 87 13.69 40.56 4.27
C GLY E 87 12.84 39.92 5.35
N PHE E 88 13.19 40.15 6.61
CA PHE E 88 12.39 39.62 7.72
C PHE E 88 10.99 40.22 7.72
N ILE E 89 10.90 41.52 7.44
CA ILE E 89 9.59 42.17 7.38
C ILE E 89 8.75 41.57 6.27
N GLN E 90 9.34 41.30 5.12
CA GLN E 90 8.62 40.76 3.96
C GLN E 90 8.26 39.31 4.22
N LEU E 91 9.06 38.54 4.96
CA LEU E 91 8.69 37.20 5.37
C LEU E 91 7.53 37.24 6.37
N GLY E 92 7.59 38.10 7.36
CA GLY E 92 6.51 38.26 8.35
C GLY E 92 5.23 38.72 7.72
N ALA E 93 5.24 39.60 6.72
CA ALA E 93 4.02 40.00 6.03
C ALA E 93 3.44 38.85 5.24
N GLY E 94 4.25 38.13 4.50
CA GLY E 94 3.80 36.96 3.75
C GLY E 94 3.27 35.88 4.64
N LEU E 95 3.90 35.62 5.77
CA LEU E 95 3.39 34.65 6.72
C LEU E 95 2.05 35.09 7.29
N SER E 96 1.97 36.33 7.75
CA SER E 96 0.74 36.99 8.28
C SER E 96 -0.44 36.80 7.36
N VAL E 97 -0.37 37.25 6.13
CA VAL E 97 -1.48 37.22 5.13
C VAL E 97 -1.74 35.80 4.70
N GLY E 98 -0.75 34.93 4.71
CA GLY E 98 -0.85 33.59 4.15
C GLY E 98 -1.50 32.70 5.13
N LEU E 99 -1.12 32.78 6.38
CA LEU E 99 -1.67 32.00 7.47
C LEU E 99 -3.08 32.47 7.83
N SER E 100 -3.26 33.76 8.01
CA SER E 100 -4.58 34.33 8.26
C SER E 100 -5.54 34.01 7.10
N GLY E 101 -5.15 33.98 5.81
CA GLY E 101 -5.98 33.54 4.71
C GLY E 101 -6.26 32.06 4.72
N LEU E 102 -5.28 31.26 5.14
CA LEU E 102 -5.51 29.82 5.28
C LEU E 102 -6.60 29.55 6.30
N ALA E 103 -6.50 30.17 7.48
CA ALA E 103 -7.53 29.99 8.50
C ALA E 103 -8.88 30.51 8.02
N ALA E 104 -8.90 31.68 7.39
CA ALA E 104 -10.14 32.25 6.90
C ALA E 104 -10.76 31.37 5.82
N GLY E 105 -9.93 30.79 4.94
CA GLY E 105 -10.45 29.92 3.90
C GLY E 105 -11.00 28.63 4.47
N PHE E 106 -10.35 28.08 5.49
CA PHE E 106 -10.88 26.89 6.14
C PHE E 106 -12.23 27.18 6.78
N ALA E 107 -12.32 28.29 7.52
CA ALA E 107 -13.59 28.67 8.12
C ALA E 107 -14.64 28.93 7.05
N ILE E 108 -14.25 29.60 5.95
CA ILE E 108 -15.18 29.91 4.88
C ILE E 108 -15.70 28.62 4.26
N GLY E 109 -14.82 27.66 3.99
CA GLY E 109 -15.25 26.41 3.41
C GLY E 109 -16.22 25.67 4.30
N ILE E 110 -15.87 25.52 5.58
CA ILE E 110 -16.74 24.78 6.49
C ILE E 110 -18.09 25.47 6.62
N VAL E 111 -18.07 26.78 6.87
CA VAL E 111 -19.30 27.54 7.08
C VAL E 111 -20.14 27.55 5.81
N GLY E 112 -19.50 27.71 4.65
CA GLY E 112 -20.24 27.74 3.41
C GLY E 112 -20.87 26.41 3.07
N ASP E 113 -20.14 25.32 3.28
CA ASP E 113 -20.72 23.99 3.10
C ASP E 113 -21.94 23.83 3.99
N ALA E 114 -21.79 24.13 5.28
CA ALA E 114 -22.91 23.98 6.21
C ALA E 114 -24.09 24.87 5.79
N GLY E 115 -23.81 26.11 5.40
CA GLY E 115 -24.88 27.05 5.11
C GLY E 115 -25.58 26.81 3.80
N VAL E 116 -24.86 26.30 2.80
CA VAL E 116 -25.53 25.92 1.56
C VAL E 116 -26.35 24.66 1.78
N ARG E 117 -25.84 23.72 2.58
CA ARG E 117 -26.62 22.52 2.88
C ARG E 117 -27.88 22.86 3.66
N GLY E 118 -27.79 23.81 4.59
CA GLY E 118 -28.96 24.18 5.38
C GLY E 118 -29.88 25.17 4.70
N SER E 119 -29.36 25.94 3.74
CA SER E 119 -30.18 26.95 3.08
C SER E 119 -31.13 26.35 2.08
N SER E 120 -30.79 25.18 1.51
CA SER E 120 -31.72 24.48 0.65
C SER E 120 -32.97 24.08 1.40
N GLN E 121 -32.91 24.04 2.73
CA GLN E 121 -34.05 23.74 3.59
C GLN E 121 -34.64 24.98 4.25
N GLN E 122 -33.80 25.85 4.80
CA GLN E 122 -34.22 27.08 5.46
C GLN E 122 -33.60 28.26 4.72
N PRO E 123 -34.34 28.91 3.81
CA PRO E 123 -33.76 30.05 3.10
C PRO E 123 -33.32 31.16 4.02
N ARG E 124 -34.01 31.36 5.13
CA ARG E 124 -33.66 32.43 6.07
C ARG E 124 -32.25 32.23 6.61
N LEU E 125 -31.74 31.01 6.54
CA LEU E 125 -30.37 30.72 7.00
C LEU E 125 -29.33 31.35 6.09
N PHE E 126 -29.63 31.69 4.85
CA PHE E 126 -28.64 32.24 3.88
C PHE E 126 -27.97 33.51 4.41
N VAL E 127 -28.72 34.50 4.88
CA VAL E 127 -28.17 35.78 5.41
C VAL E 127 -27.28 35.43 6.60
N GLY E 128 -27.65 34.45 7.40
CA GLY E 128 -26.85 33.99 8.54
C GLY E 128 -25.57 33.37 8.11
N MET E 129 -25.56 32.58 7.05
CA MET E 129 -24.31 32.03 6.47
C MET E 129 -23.48 33.17 5.94
N ILE E 130 -24.05 34.14 5.25
CA ILE E 130 -23.28 35.23 4.63
C ILE E 130 -22.56 35.94 5.75
N LEU E 131 -23.22 36.21 6.87
CA LEU E 131 -22.64 36.95 8.01
C LEU E 131 -21.50 36.15 8.66
N ILE E 132 -21.68 34.87 8.90
CA ILE E 132 -20.64 34.00 9.51
C ILE E 132 -19.49 33.93 8.52
N LEU E 133 -19.72 33.92 7.21
CA LEU E 133 -18.67 33.94 6.13
C LEU E 133 -17.97 35.28 6.06
N ILE E 134 -18.64 36.39 6.30
CA ILE E 134 -18.04 37.76 6.38
C ILE E 134 -17.14 37.76 7.59
N PHE E 135 -17.49 37.16 8.70
CA PHE E 135 -16.67 37.06 9.93
C PHE E 135 -15.42 36.24 9.66
N ALA E 136 -15.49 35.13 8.95
CA ALA E 136 -14.36 34.28 8.54
C ALA E 136 -13.46 34.99 7.55
N GLU E 137 -14.00 35.72 6.60
CA GLU E 137 -13.32 36.52 5.57
C GLU E 137 -12.61 37.58 6.32
N VAL E 138 -13.21 38.11 7.36
CA VAL E 138 -12.59 39.22 8.06
C VAL E 138 -11.20 38.83 8.53
N LEU E 139 -11.01 37.59 8.97
CA LEU E 139 -9.74 37.07 9.54
C LEU E 139 -8.60 37.17 8.53
N GLY E 140 -8.87 36.96 7.24
CA GLY E 140 -7.91 37.17 6.15
C GLY E 140 -7.58 38.62 5.97
N LEU E 141 -8.53 39.52 6.09
CA LEU E 141 -8.34 40.96 5.99
C LEU E 141 -7.43 41.44 7.10
N TYR E 142 -7.56 40.91 8.32
CA TYR E 142 -6.71 41.29 9.46
C TYR E 142 -5.29 40.87 9.15
N GLY E 143 -5.08 39.71 8.56
CA GLY E 143 -3.76 39.26 8.10
C GLY E 143 -3.22 40.14 7.01
N LEU E 144 -4.06 40.58 6.07
CA LEU E 144 -3.67 41.53 4.99
C LEU E 144 -3.30 42.86 5.63
N ILE E 145 -4.02 43.36 6.61
CA ILE E 145 -3.74 44.67 7.29
C ILE E 145 -2.40 44.57 7.99
N VAL E 146 -2.09 43.49 8.67
CA VAL E 146 -0.81 43.29 9.41
C VAL E 146 0.29 43.14 8.37
N ALA E 147 0.08 42.43 7.28
CA ALA E 147 1.04 42.27 6.18
C ALA E 147 1.28 43.59 5.46
N LEU E 148 0.28 44.41 5.23
CA LEU E 148 0.38 45.73 4.56
C LEU E 148 1.05 46.73 5.48
N LEU E 149 0.90 46.60 6.80
CA LEU E 149 1.45 47.53 7.81
C LEU E 149 2.84 47.06 8.16
N LEU E 150 3.24 45.89 7.68
CA LEU E 150 4.60 45.36 7.82
C LEU E 150 5.38 45.82 6.60
N ASN E 151 4.81 45.87 5.38
CA ASN E 151 5.50 46.37 4.19
C ASN E 151 5.68 47.88 4.26
N SER E 152 4.82 48.58 5.02
CA SER E 152 5.02 50.01 5.18
C SER E 152 6.30 50.31 5.95
N ARG E 153 6.89 49.30 6.57
CA ARG E 153 8.10 49.42 7.37
C ARG E 153 9.22 48.61 6.75
N ALA E 154 9.00 47.85 5.70
CA ALA E 154 9.99 46.92 5.18
C ALA E 154 11.20 47.67 4.62
N THR E 155 10.97 48.61 3.71
CA THR E 155 12.04 49.33 3.04
C THR E 155 12.34 50.68 3.69
N GLN E 156 11.49 51.14 4.61
CA GLN E 156 11.60 52.48 5.16
C GLN E 156 12.58 52.56 6.32
N ASP E 157 13.32 53.67 6.37
CA ASP E 157 14.31 53.93 7.41
C ASP E 157 15.32 52.79 7.49
N VAL E 158 15.67 52.24 6.33
CA VAL E 158 16.53 51.07 6.22
C VAL E 158 17.80 51.48 5.49
N VAL E 159 18.94 51.11 6.06
CA VAL E 159 20.23 51.40 5.45
C VAL E 159 20.75 50.14 4.78
N THR F 7 10.91 -41.88 -17.57
CA THR F 7 11.74 -41.60 -18.74
C THR F 7 12.00 -40.10 -18.87
N GLY F 8 11.17 -39.29 -18.21
CA GLY F 8 11.36 -37.85 -18.26
C GLY F 8 12.71 -37.43 -17.72
N LYS F 9 13.13 -38.02 -16.60
CA LYS F 9 14.45 -37.71 -16.05
C LYS F 9 15.54 -38.10 -17.03
N ALA F 10 15.40 -39.28 -17.66
CA ALA F 10 16.40 -39.70 -18.64
C ALA F 10 16.44 -38.75 -19.83
N TRP F 11 15.27 -38.33 -20.32
CA TRP F 11 15.23 -37.40 -21.44
C TRP F 11 15.90 -36.07 -21.08
N CYS F 12 15.58 -35.53 -19.92
CA CYS F 12 16.19 -34.27 -19.50
C CYS F 12 17.69 -34.42 -19.36
N CYS F 13 18.14 -35.51 -18.75
CA CYS F 13 19.57 -35.69 -18.53
C CYS F 13 20.32 -35.88 -19.85
N THR F 14 19.74 -36.65 -20.79
CA THR F 14 20.43 -36.86 -22.06
C THR F 14 20.46 -35.57 -22.89
N VAL F 15 19.40 -34.77 -22.82
CA VAL F 15 19.42 -33.48 -23.51
C VAL F 15 20.49 -32.57 -22.90
N LEU F 16 20.51 -32.48 -21.56
CA LEU F 16 21.50 -31.68 -20.86
C LEU F 16 22.90 -32.22 -21.07
N SER F 17 23.04 -33.50 -21.42
CA SER F 17 24.35 -34.10 -21.64
C SER F 17 24.86 -33.87 -23.05
N ALA F 18 23.99 -33.98 -24.06
CA ALA F 18 24.40 -33.60 -25.41
C ALA F 18 24.71 -32.11 -25.47
N PHE F 19 23.82 -31.29 -24.90
CA PHE F 19 24.12 -29.88 -24.67
C PHE F 19 25.11 -29.81 -23.51
N GLY F 20 26.38 -29.80 -23.85
CA GLY F 20 27.43 -29.85 -22.87
C GLY F 20 28.53 -30.76 -23.34
N VAL F 21 28.19 -31.89 -23.96
CA VAL F 21 29.18 -32.59 -24.77
C VAL F 21 29.63 -31.69 -25.90
N VAL F 22 28.67 -31.22 -26.71
CA VAL F 22 29.00 -30.35 -27.82
C VAL F 22 29.65 -29.07 -27.32
N ILE F 23 29.05 -28.45 -26.31
CA ILE F 23 29.47 -27.11 -25.90
C ILE F 23 30.84 -27.16 -25.25
N LEU F 24 31.07 -28.11 -24.33
CA LEU F 24 32.36 -28.21 -23.68
C LEU F 24 33.44 -28.71 -24.62
N SER F 25 33.09 -29.57 -25.60
CA SER F 25 34.08 -29.93 -26.60
C SER F 25 34.52 -28.72 -27.40
N VAL F 26 33.56 -27.87 -27.80
CA VAL F 26 33.91 -26.66 -28.53
C VAL F 26 34.75 -25.73 -27.66
N ILE F 27 34.37 -25.57 -26.40
CA ILE F 27 35.10 -24.68 -25.50
C ILE F 27 36.53 -25.19 -25.29
N ALA F 28 36.69 -26.51 -25.12
CA ALA F 28 38.01 -27.09 -24.94
C ALA F 28 38.85 -26.93 -26.20
N HIS F 29 38.24 -27.09 -27.37
CA HIS F 29 38.98 -26.86 -28.61
C HIS F 29 39.44 -25.41 -28.71
N LEU F 30 38.58 -24.47 -28.35
CA LEU F 30 38.95 -23.07 -28.39
C LEU F 30 40.07 -22.77 -27.41
N PHE F 31 39.99 -23.34 -26.20
CA PHE F 31 41.05 -23.14 -25.22
C PHE F 31 42.38 -23.72 -25.70
N ASN F 32 42.35 -24.93 -26.26
CA ASN F 32 43.57 -25.56 -26.74
C ASN F 32 44.20 -24.76 -27.87
N THR F 33 43.38 -24.24 -28.78
CA THR F 33 43.86 -23.39 -29.86
C THR F 33 44.19 -21.98 -29.38
N ASN F 34 44.04 -21.70 -28.09
CA ASN F 34 44.36 -20.40 -27.50
C ASN F 34 43.58 -19.29 -28.20
N HIS F 35 42.26 -19.46 -28.25
CA HIS F 35 41.41 -18.45 -28.83
C HIS F 35 41.47 -17.16 -28.01
N GLU F 36 41.50 -16.02 -28.71
CA GLU F 36 41.60 -14.74 -28.02
C GLU F 36 40.42 -14.51 -27.09
N SER F 37 39.22 -14.90 -27.53
CA SER F 37 38.02 -14.68 -26.72
C SER F 37 38.03 -15.48 -25.43
N PHE F 38 38.91 -16.46 -25.29
CA PHE F 38 38.94 -17.33 -24.11
C PHE F 38 40.20 -17.21 -23.29
N VAL F 39 41.36 -17.01 -23.92
CA VAL F 39 42.62 -16.88 -23.20
C VAL F 39 43.36 -15.63 -23.67
N GLY F 40 42.63 -14.67 -24.23
CA GLY F 40 43.24 -13.46 -24.72
C GLY F 40 43.38 -12.34 -23.72
N SER F 41 42.69 -12.45 -22.58
CA SER F 41 42.71 -11.42 -21.55
C SER F 41 43.60 -11.86 -20.39
N ILE F 42 44.18 -10.87 -19.71
CA ILE F 42 45.02 -11.16 -18.55
C ILE F 42 44.19 -11.84 -17.46
N ASN F 43 42.91 -11.47 -17.33
CA ASN F 43 42.04 -12.11 -16.35
C ASN F 43 41.65 -13.53 -16.74
N ASP F 44 41.79 -13.88 -18.02
CA ASP F 44 41.49 -15.23 -18.46
C ASP F 44 42.57 -16.20 -17.99
N PRO F 45 42.28 -17.50 -17.97
CA PRO F 45 43.28 -18.46 -17.49
C PRO F 45 44.59 -18.36 -18.26
N GLU F 46 45.71 -18.47 -17.54
CA GLU F 46 47.01 -18.28 -18.15
C GLU F 46 47.30 -19.36 -19.19
N ASP F 47 46.98 -20.61 -18.87
CA ASP F 47 47.29 -21.74 -19.73
C ASP F 47 46.04 -22.17 -20.48
N GLY F 48 46.18 -22.34 -21.80
CA GLY F 48 45.06 -22.72 -22.63
C GLY F 48 44.86 -24.22 -22.72
N PRO F 49 45.91 -24.94 -23.13
CA PRO F 49 45.78 -26.39 -23.29
C PRO F 49 45.35 -27.13 -22.02
N ALA F 50 45.74 -26.64 -20.84
CA ALA F 50 45.34 -27.33 -19.61
C ALA F 50 43.86 -27.15 -19.32
N VAL F 51 43.34 -25.93 -19.50
CA VAL F 51 41.90 -25.73 -19.39
C VAL F 51 41.18 -26.56 -20.44
N ALA F 52 41.77 -26.67 -21.63
CA ALA F 52 41.18 -27.50 -22.67
C ALA F 52 41.10 -28.95 -22.22
N HIS F 53 42.14 -29.45 -21.57
CA HIS F 53 42.13 -30.82 -21.06
C HIS F 53 41.06 -31.01 -19.99
N THR F 54 40.96 -30.06 -19.06
CA THR F 54 39.96 -30.18 -18.00
C THR F 54 38.55 -30.14 -18.58
N VAL F 55 38.30 -29.23 -19.53
CA VAL F 55 36.98 -29.15 -20.15
C VAL F 55 36.71 -30.38 -21.00
N TYR F 56 37.75 -30.96 -21.61
CA TYR F 56 37.58 -32.20 -22.35
C TYR F 56 37.17 -33.34 -21.42
N LEU F 57 37.77 -33.41 -20.24
CA LEU F 57 37.38 -34.43 -19.28
C LEU F 57 35.93 -34.21 -18.82
N ALA F 58 35.55 -32.96 -18.59
CA ALA F 58 34.16 -32.68 -18.24
C ALA F 58 33.22 -33.08 -19.38
N ALA F 59 33.62 -32.81 -20.62
CA ALA F 59 32.81 -33.20 -21.77
C ALA F 59 32.71 -34.71 -21.89
N LEU F 60 33.78 -35.43 -21.54
CA LEU F 60 33.72 -36.89 -21.54
C LEU F 60 32.78 -37.41 -20.47
N VAL F 61 32.78 -36.77 -19.29
CA VAL F 61 31.83 -37.14 -18.25
C VAL F 61 30.40 -36.93 -18.76
N TYR F 62 30.16 -35.78 -19.39
CA TYR F 62 28.84 -35.50 -19.95
C TYR F 62 28.49 -36.47 -21.07
N LEU F 63 29.50 -36.94 -21.83
CA LEU F 63 29.25 -37.91 -22.87
C LEU F 63 28.85 -39.26 -22.28
N VAL F 64 29.50 -39.65 -21.18
CA VAL F 64 29.10 -40.87 -20.48
C VAL F 64 27.66 -40.74 -20.01
N PHE F 65 27.32 -39.59 -19.42
CA PHE F 65 25.95 -39.36 -19.00
C PHE F 65 24.99 -39.44 -20.19
N PHE F 66 25.38 -38.84 -21.32
CA PHE F 66 24.53 -38.83 -22.50
C PHE F 66 24.27 -40.24 -23.01
N VAL F 67 25.32 -41.05 -23.15
CA VAL F 67 25.14 -42.40 -23.66
C VAL F 67 24.30 -43.23 -22.70
N PHE F 68 24.59 -43.12 -21.39
CA PHE F 68 23.82 -43.90 -20.42
C PHE F 68 22.34 -43.52 -20.45
N CYS F 69 22.04 -42.22 -20.47
CA CYS F 69 20.65 -41.80 -20.44
C CYS F 69 19.95 -42.06 -21.77
N GLY F 70 20.67 -41.99 -22.89
CA GLY F 70 20.08 -42.38 -24.15
C GLY F 70 19.74 -43.85 -24.19
N PHE F 71 20.62 -44.69 -23.64
CA PHE F 71 20.29 -46.12 -23.53
C PHE F 71 19.08 -46.32 -22.64
N GLN F 72 19.00 -45.59 -21.52
CA GLN F 72 17.84 -45.70 -20.65
C GLN F 72 16.56 -45.31 -21.38
N VAL F 73 16.61 -44.23 -22.16
CA VAL F 73 15.46 -43.82 -22.95
C VAL F 73 15.10 -44.89 -23.96
N TYR F 74 16.10 -45.50 -24.59
CA TYR F 74 15.85 -46.54 -25.57
C TYR F 74 15.07 -47.70 -24.95
N LEU F 75 15.46 -48.10 -23.74
CA LEU F 75 14.78 -49.18 -23.02
C LEU F 75 13.70 -48.61 -22.10
N MET G 1 26.08 46.00 13.01
CA MET G 1 25.44 45.10 13.99
C MET G 1 26.14 45.19 15.33
N THR G 2 25.43 45.66 16.34
CA THR G 2 25.97 45.81 17.69
C THR G 2 25.90 44.48 18.41
N GLU G 3 26.65 44.37 19.51
CA GLU G 3 26.54 43.18 20.36
C GLU G 3 25.10 42.95 20.76
N LEU G 4 24.46 43.99 21.28
CA LEU G 4 23.10 43.90 21.80
C LEU G 4 22.05 43.93 20.72
N CYS G 5 22.39 44.40 19.52
CA CYS G 5 21.42 44.58 18.44
C CYS G 5 21.96 43.93 17.16
N PRO G 6 21.91 42.60 17.10
CA PRO G 6 22.36 41.91 15.88
C PRO G 6 21.41 42.17 14.71
N VAL G 7 21.87 41.78 13.53
CA VAL G 7 21.06 41.97 12.33
C VAL G 7 19.85 41.05 12.35
N TYR G 8 19.91 39.96 13.12
CA TYR G 8 18.85 38.98 13.15
C TYR G 8 17.83 39.25 14.26
N ALA G 9 18.03 40.29 15.05
CA ALA G 9 17.05 40.65 16.07
C ALA G 9 15.68 40.94 15.48
N PRO G 10 15.55 41.67 14.37
CA PRO G 10 14.22 41.88 13.79
C PRO G 10 13.53 40.61 13.37
N PHE G 11 14.27 39.49 13.22
CA PHE G 11 13.62 38.24 12.87
C PHE G 11 12.56 37.88 13.88
N PHE G 12 12.81 38.05 15.17
CA PHE G 12 11.88 37.56 16.22
C PHE G 12 10.73 38.54 16.42
N GLY G 13 10.90 39.82 16.10
CA GLY G 13 9.80 40.79 16.15
C GLY G 13 8.79 40.55 15.08
N ALA G 14 9.22 40.29 13.86
CA ALA G 14 8.35 40.02 12.69
C ALA G 14 7.63 38.71 12.87
N ILE G 15 8.29 37.70 13.40
CA ILE G 15 7.69 36.36 13.69
C ILE G 15 6.67 36.56 14.80
N GLY G 16 6.90 37.39 15.80
CA GLY G 16 5.92 37.77 16.82
C GLY G 16 4.78 38.57 16.26
N CYS G 17 5.01 39.53 15.38
CA CYS G 17 3.95 40.30 14.68
C CYS G 17 3.12 39.31 13.86
N ALA G 18 3.75 38.41 13.12
CA ALA G 18 3.06 37.41 12.31
C ALA G 18 2.34 36.43 13.22
N SER G 19 2.95 35.92 14.28
CA SER G 19 2.38 34.94 15.23
C SER G 19 1.18 35.54 15.93
N ALA G 20 1.22 36.83 16.16
CA ALA G 20 0.15 37.52 16.89
C ALA G 20 -1.12 37.37 16.12
N ILE G 21 -1.17 37.56 14.79
CA ILE G 21 -2.38 37.50 13.93
C ILE G 21 -2.54 36.11 13.34
N ILE G 22 -1.53 35.29 13.30
CA ILE G 22 -1.57 33.97 12.63
C ILE G 22 -2.30 33.03 13.55
N PHE G 23 -2.00 33.00 14.85
CA PHE G 23 -2.62 32.05 15.76
C PHE G 23 -3.97 32.56 16.25
N THR G 24 -4.10 33.86 16.46
CA THR G 24 -5.39 34.44 16.82
C THR G 24 -6.37 34.25 15.67
N SER G 25 -5.98 34.29 14.39
CA SER G 25 -6.85 34.00 13.25
C SER G 25 -7.15 32.51 13.15
N LEU G 26 -6.18 31.66 13.47
CA LEU G 26 -6.45 30.22 13.49
C LEU G 26 -7.53 29.89 14.51
N GLY G 27 -7.38 30.41 15.73
CA GLY G 27 -8.38 30.15 16.75
C GLY G 27 -9.74 30.75 16.39
N ALA G 28 -9.74 31.97 15.87
CA ALA G 28 -10.98 32.62 15.48
C ALA G 28 -11.66 31.88 14.35
N ALA G 29 -10.89 31.37 13.39
CA ALA G 29 -11.44 30.61 12.29
C ALA G 29 -12.04 29.30 12.78
N TYR G 30 -11.33 28.61 13.68
CA TYR G 30 -11.87 27.39 14.26
C TYR G 30 -13.19 27.66 14.97
N GLY G 31 -13.21 28.71 15.80
CA GLY G 31 -14.42 29.04 16.53
C GLY G 31 -15.56 29.43 15.61
N THR G 32 -15.28 30.30 14.64
CA THR G 32 -16.29 30.73 13.70
C THR G 32 -16.83 29.55 12.90
N ALA G 33 -15.95 28.66 12.45
CA ALA G 33 -16.37 27.52 11.66
C ALA G 33 -17.30 26.60 12.46
N LYS G 34 -16.88 26.23 13.68
CA LYS G 34 -17.71 25.31 14.45
C LYS G 34 -19.01 25.97 14.90
N SER G 35 -18.94 27.23 15.34
CA SER G 35 -20.16 27.93 15.73
C SER G 35 -21.09 28.09 14.55
N GLY G 36 -20.55 28.34 13.36
CA GLY G 36 -21.39 28.45 12.18
C GLY G 36 -22.00 27.12 11.78
N VAL G 37 -21.26 26.03 11.94
CA VAL G 37 -21.83 24.71 11.70
C VAL G 37 -23.00 24.46 12.65
N GLY G 38 -22.82 24.81 13.92
CA GLY G 38 -23.92 24.67 14.87
C GLY G 38 -25.10 25.56 14.53
N ILE G 39 -24.83 26.79 14.12
CA ILE G 39 -25.88 27.73 13.78
C ILE G 39 -26.65 27.25 12.56
N CYS G 40 -25.95 26.70 11.58
CA CYS G 40 -26.60 26.17 10.39
C CYS G 40 -27.40 24.92 10.71
N ALA G 41 -26.92 24.10 11.65
CA ALA G 41 -27.68 22.92 12.05
C ALA G 41 -28.94 23.30 12.82
N THR G 42 -28.88 24.35 13.64
CA THR G 42 -30.00 24.70 14.49
C THR G 42 -31.02 25.55 13.74
N CYS G 43 -30.56 26.57 13.03
CA CYS G 43 -31.46 27.53 12.39
C CYS G 43 -32.30 26.91 11.28
N VAL G 44 -31.95 25.70 10.83
CA VAL G 44 -32.86 24.97 9.96
C VAL G 44 -34.20 24.78 10.66
N LEU G 45 -34.15 24.46 11.95
CA LEU G 45 -35.36 24.37 12.78
C LEU G 45 -35.76 25.71 13.38
N ARG G 46 -34.79 26.54 13.75
CA ARG G 46 -35.02 27.74 14.55
C ARG G 46 -34.30 28.93 13.94
N PRO G 47 -34.76 29.41 12.77
CA PRO G 47 -34.14 30.61 12.19
C PRO G 47 -34.24 31.84 13.07
N ASP G 48 -35.30 31.94 13.89
CA ASP G 48 -35.49 33.14 14.71
C ASP G 48 -34.33 33.35 15.68
N LEU G 49 -33.60 32.29 16.03
CA LEU G 49 -32.48 32.41 16.95
C LEU G 49 -31.19 32.84 16.26
N LEU G 50 -31.13 32.85 14.93
CA LEU G 50 -29.87 33.03 14.19
C LEU G 50 -29.13 34.29 14.54
N PHE G 51 -29.81 35.44 14.64
CA PHE G 51 -29.16 36.76 14.84
C PHE G 51 -28.91 36.91 16.32
N LYS G 52 -29.00 35.81 17.03
CA LYS G 52 -28.71 35.75 18.45
C LYS G 52 -27.85 34.56 18.84
N ASN G 53 -27.76 33.54 17.99
CA ASN G 53 -26.73 32.52 18.10
C ASN G 53 -25.45 32.89 17.36
N ILE G 54 -25.33 34.10 16.87
CA ILE G 54 -24.11 34.60 16.16
C ILE G 54 -23.10 35.00 17.23
N VAL G 55 -23.42 34.99 18.52
CA VAL G 55 -22.51 35.49 19.53
C VAL G 55 -21.17 34.77 19.51
N PRO G 56 -21.12 33.43 19.45
CA PRO G 56 -19.81 32.76 19.45
C PRO G 56 -18.91 33.19 18.30
N VAL G 57 -19.51 33.56 17.16
CA VAL G 57 -18.80 33.96 15.93
C VAL G 57 -18.36 35.41 16.11
N ILE G 58 -19.00 36.19 16.98
CA ILE G 58 -18.57 37.57 17.34
C ILE G 58 -17.49 37.46 18.41
N MET G 59 -17.60 36.51 19.33
CA MET G 59 -16.65 36.27 20.45
C MET G 59 -15.38 35.67 19.91
N ALA G 60 -15.44 34.88 18.86
CA ALA G 60 -14.25 34.24 18.26
C ALA G 60 -13.58 35.29 17.39
N GLY G 61 -14.28 36.35 16.99
CA GLY G 61 -13.70 37.41 16.19
C GLY G 61 -12.99 38.42 17.02
N ILE G 62 -13.28 38.50 18.30
CA ILE G 62 -12.56 39.40 19.23
C ILE G 62 -11.22 38.75 19.51
N ILE G 63 -11.06 37.45 19.30
CA ILE G 63 -9.75 36.77 19.43
C ILE G 63 -8.80 37.31 18.39
N ALA G 64 -9.22 37.49 17.15
CA ALA G 64 -8.41 38.04 16.03
C ALA G 64 -8.18 39.54 16.22
N ILE G 65 -9.10 40.25 16.85
CA ILE G 65 -8.92 41.69 17.19
C ILE G 65 -7.77 41.79 18.16
N TYR G 66 -7.62 40.82 19.07
CA TYR G 66 -6.57 40.80 20.12
C TYR G 66 -5.22 40.58 19.47
N GLY G 67 -5.16 39.88 18.36
CA GLY G 67 -3.91 39.59 17.64
C GLY G 67 -3.60 40.66 16.65
N LEU G 68 -4.57 41.38 16.12
CA LEU G 68 -4.37 42.57 15.26
C LEU G 68 -3.84 43.67 16.13
N VAL G 69 -4.28 43.82 17.36
CA VAL G 69 -3.82 44.86 18.31
C VAL G 69 -2.34 44.62 18.63
N VAL G 70 -1.92 43.41 18.91
CA VAL G 70 -0.52 43.06 19.29
C VAL G 70 0.33 43.04 18.03
N SER G 71 -0.16 42.55 16.90
CA SER G 71 0.56 42.55 15.61
C SER G 71 0.83 43.99 15.21
N VAL G 72 -0.09 44.91 15.43
CA VAL G 72 0.02 46.31 14.96
C VAL G 72 0.95 47.04 15.90
N LEU G 73 0.90 46.76 17.20
CA LEU G 73 1.74 47.44 18.21
C LEU G 73 3.16 46.87 18.15
N VAL G 74 3.34 45.56 17.99
CA VAL G 74 4.65 44.85 17.84
C VAL G 74 5.30 45.38 16.58
N CYS G 75 4.54 45.71 15.55
CA CYS G 75 5.08 46.07 14.22
C CYS G 75 5.54 47.49 14.14
N TYR G 76 4.94 48.40 14.87
CA TYR G 76 5.37 49.82 14.89
C TYR G 76 6.58 49.94 15.79
N SER G 77 6.93 48.93 16.57
CA SER G 77 8.13 48.90 17.44
C SER G 77 9.21 48.07 16.78
N LEU G 78 9.01 47.64 15.54
CA LEU G 78 10.02 46.86 14.83
C LEU G 78 10.99 47.87 14.25
N GLY G 79 12.24 47.53 14.08
CA GLY G 79 13.31 48.38 13.60
C GLY G 79 14.46 47.57 13.05
N GLN G 80 15.22 48.20 12.16
CA GLN G 80 16.38 47.53 11.58
C GLN G 80 17.46 47.30 12.62
N LYS G 81 17.64 48.25 13.54
CA LYS G 81 18.67 48.20 14.56
C LYS G 81 18.04 48.15 15.96
N GLN G 82 16.98 47.37 16.10
CA GLN G 82 16.32 47.18 17.39
C GLN G 82 16.91 45.98 18.11
N ALA G 83 17.05 46.13 19.43
CA ALA G 83 17.83 45.19 20.23
C ALA G 83 17.26 43.78 20.16
N LEU G 84 18.14 42.81 20.42
CA LEU G 84 17.70 41.43 20.50
C LEU G 84 16.73 41.21 21.65
N TYR G 85 16.89 41.95 22.74
CA TYR G 85 15.93 41.90 23.82
C TYR G 85 14.55 42.34 23.35
N THR G 86 14.50 43.43 22.58
CA THR G 86 13.23 43.88 22.02
C THR G 86 12.64 42.83 21.09
N GLY G 87 13.47 42.18 20.29
CA GLY G 87 12.98 41.14 19.41
C GLY G 87 12.40 39.95 20.16
N PHE G 88 13.10 39.52 21.22
CA PHE G 88 12.59 38.42 22.04
C PHE G 88 11.29 38.82 22.73
N ILE G 89 11.21 40.06 23.21
CA ILE G 89 9.98 40.53 23.86
C ILE G 89 8.83 40.52 22.86
N GLN G 90 9.03 40.98 21.63
CA GLN G 90 7.99 41.03 20.58
C GLN G 90 7.64 39.62 20.12
N LEU G 91 8.57 38.68 20.14
CA LEU G 91 8.24 37.28 19.87
C LEU G 91 7.40 36.69 20.99
N GLY G 92 7.72 36.99 22.23
CA GLY G 92 7.01 36.44 23.39
C GLY G 92 5.64 37.05 23.49
N ALA G 93 5.45 38.32 23.13
CA ALA G 93 4.12 38.91 23.10
C ALA G 93 3.26 38.30 22.01
N GLY G 94 3.79 38.13 20.81
CA GLY G 94 3.08 37.51 19.70
C GLY G 94 2.76 36.08 19.97
N LEU G 95 3.63 35.32 20.63
CA LEU G 95 3.33 33.95 21.02
C LEU G 95 2.24 33.91 22.06
N SER G 96 2.38 34.70 23.13
CA SER G 96 1.39 34.87 24.23
C SER G 96 0.00 35.11 23.69
N VAL G 97 -0.22 36.15 22.92
CA VAL G 97 -1.53 36.54 22.36
C VAL G 97 -1.99 35.49 21.37
N GLY G 98 -1.15 34.97 20.49
CA GLY G 98 -1.62 34.05 19.48
C GLY G 98 -2.02 32.70 20.05
N LEU G 99 -1.21 32.16 20.96
CA LEU G 99 -1.51 30.88 21.58
C LEU G 99 -2.73 30.96 22.49
N SER G 100 -2.75 31.96 23.34
CA SER G 100 -3.89 32.24 24.20
C SER G 100 -5.15 32.45 23.36
N GLY G 101 -5.16 33.12 22.19
CA GLY G 101 -6.28 33.26 21.29
C GLY G 101 -6.64 31.96 20.60
N LEU G 102 -5.64 31.15 20.26
CA LEU G 102 -5.92 29.84 19.68
C LEU G 102 -6.72 28.98 20.65
N ALA G 103 -6.26 28.91 21.90
CA ALA G 103 -6.98 28.13 22.90
C ALA G 103 -8.38 28.70 23.15
N ALA G 104 -8.48 30.00 23.35
CA ALA G 104 -9.77 30.69 23.51
C ALA G 104 -10.66 30.34 22.33
N GLY G 105 -10.21 30.46 21.09
CA GLY G 105 -11.04 30.22 19.93
C GLY G 105 -11.50 28.77 19.85
N PHE G 106 -10.64 27.83 20.21
CA PHE G 106 -11.05 26.44 20.26
C PHE G 106 -12.17 26.24 21.29
N ALA G 107 -11.97 26.79 22.49
CA ALA G 107 -13.00 26.69 23.51
C ALA G 107 -14.28 27.37 23.05
N ILE G 108 -14.19 28.56 22.43
CA ILE G 108 -15.34 29.37 21.93
C ILE G 108 -16.04 28.64 20.80
N GLY G 109 -15.36 27.88 19.97
CA GLY G 109 -16.02 27.08 18.95
C GLY G 109 -16.77 25.91 19.53
N ILE G 110 -16.10 25.14 20.40
CA ILE G 110 -16.73 23.97 20.98
C ILE G 110 -17.95 24.37 21.81
N VAL G 111 -17.77 25.36 22.70
CA VAL G 111 -18.84 25.78 23.58
C VAL G 111 -19.99 26.38 22.79
N GLY G 112 -19.69 27.18 21.77
CA GLY G 112 -20.73 27.78 20.98
C GLY G 112 -21.51 26.77 20.17
N ASP G 113 -20.83 25.79 19.57
CA ASP G 113 -21.53 24.72 18.89
C ASP G 113 -22.48 24.01 19.84
N ALA G 114 -21.96 23.61 21.01
CA ALA G 114 -22.80 22.90 21.97
C ALA G 114 -23.98 23.76 22.42
N GLY G 115 -23.72 25.05 22.68
CA GLY G 115 -24.76 25.91 23.22
C GLY G 115 -25.81 26.32 22.21
N VAL G 116 -25.43 26.49 20.95
CA VAL G 116 -26.43 26.74 19.92
C VAL G 116 -27.24 25.49 19.66
N ARG G 117 -26.60 24.32 19.68
CA ARG G 117 -27.35 23.08 19.49
C ARG G 117 -28.33 22.85 20.63
N GLY G 118 -27.93 23.18 21.87
CA GLY G 118 -28.81 22.98 23.00
C GLY G 118 -29.81 24.10 23.22
N SER G 119 -29.52 25.30 22.72
CA SER G 119 -30.40 26.43 22.93
C SER G 119 -31.65 26.35 22.05
N SER G 120 -31.54 25.70 20.90
CA SER G 120 -32.72 25.47 20.07
C SER G 120 -33.75 24.62 20.80
N GLN G 121 -33.33 23.90 21.84
CA GLN G 121 -34.22 23.10 22.68
C GLN G 121 -34.51 23.76 24.01
N GLN G 122 -33.50 24.29 24.69
CA GLN G 122 -33.65 24.95 25.99
C GLN G 122 -33.18 26.38 25.85
N PRO G 123 -34.08 27.35 25.64
CA PRO G 123 -33.64 28.74 25.51
C PRO G 123 -32.89 29.25 26.73
N ARG G 124 -33.24 28.76 27.92
CA ARG G 124 -32.58 29.23 29.14
C ARG G 124 -31.09 28.89 29.10
N LEU G 125 -30.70 27.93 28.26
CA LEU G 125 -29.29 27.57 28.13
C LEU G 125 -28.48 28.66 27.45
N PHE G 126 -29.07 29.54 26.64
CA PHE G 126 -28.31 30.57 25.90
C PHE G 126 -27.45 31.36 26.87
N VAL G 127 -27.97 31.74 28.03
CA VAL G 127 -27.25 32.57 29.03
C VAL G 127 -26.04 31.79 29.52
N GLY G 128 -26.18 30.50 29.71
CA GLY G 128 -25.09 29.63 30.15
C GLY G 128 -24.00 29.57 29.13
N MET G 129 -24.34 29.44 27.86
CA MET G 129 -23.34 29.39 26.77
C MET G 129 -22.61 30.72 26.73
N ILE G 130 -23.28 31.85 26.86
CA ILE G 130 -22.66 33.19 26.83
C ILE G 130 -21.68 33.27 27.98
N LEU G 131 -22.01 32.77 29.17
CA LEU G 131 -21.10 32.78 30.33
C LEU G 131 -19.90 31.92 30.05
N ILE G 132 -20.05 30.71 29.57
CA ILE G 132 -18.92 29.77 29.35
C ILE G 132 -18.08 30.41 28.26
N LEU G 133 -18.67 31.10 27.29
CA LEU G 133 -17.99 31.80 26.18
C LEU G 133 -17.23 33.02 26.69
N ILE G 134 -17.75 33.75 27.67
CA ILE G 134 -17.02 34.88 28.32
C ILE G 134 -15.78 34.32 28.98
N PHE G 135 -15.85 33.16 29.62
CA PHE G 135 -14.70 32.48 30.24
C PHE G 135 -13.69 32.12 29.17
N ALA G 136 -14.10 31.59 28.03
CA ALA G 136 -13.21 31.25 26.90
C ALA G 136 -12.54 32.50 26.34
N GLU G 137 -13.23 33.63 26.27
CA GLU G 137 -12.72 34.93 25.79
C GLU G 137 -11.66 35.48 26.74
N VAL G 138 -11.83 35.29 28.04
CA VAL G 138 -10.88 35.79 29.08
C VAL G 138 -9.55 35.08 28.88
N LEU G 139 -9.54 33.84 28.46
CA LEU G 139 -8.29 33.09 28.20
C LEU G 139 -7.54 33.83 27.11
N GLY G 140 -8.21 34.45 26.15
CA GLY G 140 -7.60 35.24 25.07
C GLY G 140 -7.22 36.62 25.55
N LEU G 141 -8.03 37.28 26.36
CA LEU G 141 -7.77 38.63 26.91
C LEU G 141 -6.56 38.56 27.81
N TYR G 142 -6.38 37.49 28.56
CA TYR G 142 -5.24 37.29 29.47
C TYR G 142 -3.96 37.22 28.66
N GLY G 143 -3.96 36.57 27.50
CA GLY G 143 -2.82 36.55 26.58
C GLY G 143 -2.55 37.92 26.04
N LEU G 144 -3.56 38.72 25.71
CA LEU G 144 -3.43 40.11 25.22
C LEU G 144 -2.87 40.96 26.33
N ILE G 145 -3.26 40.78 27.58
CA ILE G 145 -2.70 41.53 28.73
C ILE G 145 -1.22 41.19 28.86
N VAL G 146 -0.84 39.94 28.74
CA VAL G 146 0.58 39.49 28.82
C VAL G 146 1.34 40.09 27.65
N ALA G 147 0.80 40.05 26.44
CA ALA G 147 1.41 40.61 25.21
C ALA G 147 1.52 42.12 25.26
N LEU G 148 0.53 42.81 25.78
CA LEU G 148 0.51 44.27 25.94
C LEU G 148 1.47 44.69 27.02
N LEU G 149 1.67 43.89 28.07
CA LEU G 149 2.61 44.16 29.19
C LEU G 149 4.02 43.75 28.80
N LEU G 150 4.18 42.95 27.76
CA LEU G 150 5.48 42.56 27.20
C LEU G 150 5.95 43.68 26.28
N ASN G 151 5.11 44.30 25.44
CA ASN G 151 5.48 45.40 24.56
C ASN G 151 5.78 46.66 25.36
N SER G 152 5.21 46.79 26.56
CA SER G 152 5.54 47.93 27.40
C SER G 152 7.00 47.91 27.84
N ARG G 153 7.65 46.78 27.66
CA ARG G 153 9.04 46.55 28.05
C ARG G 153 9.90 46.30 26.82
N ALA G 154 9.34 46.17 25.63
CA ALA G 154 10.11 45.75 24.46
C ALA G 154 11.17 46.77 24.08
N THR G 155 10.77 48.02 23.90
CA THR G 155 11.65 49.09 23.45
C THR G 155 12.21 49.91 24.60
N GLN G 156 11.68 49.75 25.81
CA GLN G 156 12.01 50.61 26.93
C GLN G 156 13.27 50.16 27.67
N ASP G 157 14.08 51.14 28.08
CA ASP G 157 15.33 50.90 28.80
C ASP G 157 16.24 49.98 28.00
N VAL G 158 16.23 50.14 26.68
CA VAL G 158 16.95 49.28 25.75
C VAL G 158 18.00 50.11 25.03
N VAL G 159 19.21 49.62 25.00
CA VAL G 159 20.31 50.28 24.31
C VAL G 159 20.55 49.61 22.97
N MET H 1 27.58 42.38 26.11
CA MET H 1 27.17 41.03 26.59
C MET H 1 28.23 40.47 27.53
N THR H 2 27.85 40.27 28.78
CA THR H 2 28.74 39.73 29.80
C THR H 2 28.78 38.21 29.70
N GLU H 3 29.80 37.62 30.32
CA GLU H 3 29.85 36.15 30.40
C GLU H 3 28.56 35.62 31.00
N LEU H 4 28.15 36.17 32.13
CA LEU H 4 26.99 35.69 32.87
C LEU H 4 25.68 36.18 32.28
N CYS H 5 25.71 37.25 31.48
CA CYS H 5 24.50 37.89 30.96
C CYS H 5 24.62 38.05 29.45
N PRO H 6 24.47 36.96 28.70
CA PRO H 6 24.53 37.06 27.23
C PRO H 6 23.32 37.81 26.69
N VAL H 7 23.41 38.15 25.40
CA VAL H 7 22.31 38.86 24.76
C VAL H 7 21.10 37.96 24.60
N TYR H 8 21.29 36.64 24.64
CA TYR H 8 20.22 35.70 24.42
C TYR H 8 19.57 35.24 25.72
N ALA H 9 20.04 35.73 26.86
CA ALA H 9 19.40 35.40 28.13
C ALA H 9 17.94 35.83 28.18
N PRO H 10 17.57 37.02 27.70
CA PRO H 10 16.14 37.38 27.70
C PRO H 10 15.28 36.46 26.86
N PHE H 11 15.87 35.67 25.96
CA PHE H 11 15.08 34.73 25.18
C PHE H 11 14.31 33.80 26.09
N PHE H 12 14.96 33.21 27.08
CA PHE H 12 14.38 32.20 27.97
C PHE H 12 13.28 32.86 28.79
N GLY H 13 13.50 34.02 29.37
CA GLY H 13 12.49 34.69 30.19
C GLY H 13 11.26 34.96 29.40
N ALA H 14 11.37 35.41 28.14
CA ALA H 14 10.24 35.73 27.24
C ALA H 14 9.47 34.47 26.88
N ILE H 15 10.14 33.37 26.63
CA ILE H 15 9.50 32.05 26.37
C ILE H 15 8.80 31.63 27.66
N GLY H 16 9.36 31.86 28.84
CA GLY H 16 8.71 31.63 30.13
C GLY H 16 7.50 32.51 30.38
N CYS H 17 7.53 33.79 30.04
CA CYS H 17 6.37 34.71 30.17
C CYS H 17 5.27 34.21 29.25
N ALA H 18 5.61 33.80 28.04
CA ALA H 18 4.66 33.26 27.04
C ALA H 18 4.20 31.88 27.47
N SER H 19 5.08 30.98 27.88
CA SER H 19 4.78 29.57 28.21
C SER H 19 3.85 29.54 29.39
N ALA H 20 4.03 30.43 30.34
CA ALA H 20 3.20 30.46 31.54
C ALA H 20 1.77 30.71 31.16
N ILE H 21 1.44 31.68 30.32
CA ILE H 21 0.05 32.03 29.90
C ILE H 21 -0.41 31.14 28.76
N ILE H 22 0.47 30.60 27.97
CA ILE H 22 0.13 29.84 26.77
C ILE H 22 -0.38 28.50 27.21
N PHE H 23 0.29 27.82 28.13
CA PHE H 23 -0.12 26.47 28.53
C PHE H 23 -1.25 26.53 29.55
N THR H 24 -1.24 27.49 30.45
CA THR H 24 -2.35 27.66 31.40
C THR H 24 -3.61 28.01 30.61
N SER H 25 -3.57 28.78 29.50
CA SER H 25 -4.74 29.05 28.67
C SER H 25 -5.16 27.81 27.89
N LEU H 26 -4.19 27.02 27.42
CA LEU H 26 -4.54 25.77 26.75
C LEU H 26 -5.32 24.85 27.68
N GLY H 27 -4.80 24.66 28.90
CA GLY H 27 -5.51 23.82 29.86
C GLY H 27 -6.86 24.39 30.24
N ALA H 28 -6.93 25.70 30.47
CA ALA H 28 -8.18 26.33 30.84
C ALA H 28 -9.20 26.24 29.70
N ALA H 29 -8.74 26.38 28.46
CA ALA H 29 -9.64 26.27 27.32
C ALA H 29 -10.15 24.84 27.17
N TYR H 30 -9.28 23.86 27.34
CA TYR H 30 -9.71 22.46 27.31
C TYR H 30 -10.77 22.21 28.38
N GLY H 31 -10.49 22.65 29.60
CA GLY H 31 -11.43 22.44 30.69
C GLY H 31 -12.75 23.15 30.46
N THR H 32 -12.69 24.42 30.06
CA THR H 32 -13.89 25.18 29.80
C THR H 32 -14.70 24.55 28.68
N ALA H 33 -14.04 24.11 27.61
CA ALA H 33 -14.73 23.53 26.48
C ALA H 33 -15.47 22.25 26.88
N LYS H 34 -14.77 21.33 27.56
CA LYS H 34 -15.40 20.07 27.91
C LYS H 34 -16.48 20.27 28.96
N SER H 35 -16.22 21.10 29.96
CA SER H 35 -17.22 21.38 30.98
C SER H 35 -18.44 22.06 30.36
N GLY H 36 -18.23 22.94 29.39
CA GLY H 36 -19.34 23.58 28.72
C GLY H 36 -20.13 22.61 27.86
N VAL H 37 -19.45 21.67 27.22
CA VAL H 37 -20.15 20.63 26.47
C VAL H 37 -21.03 19.82 27.41
N GLY H 38 -20.48 19.45 28.58
CA GLY H 38 -21.28 18.73 29.56
C GLY H 38 -22.46 19.55 30.06
N ILE H 39 -22.22 20.84 30.31
CA ILE H 39 -23.27 21.72 30.82
C ILE H 39 -24.38 21.88 29.78
N CYS H 40 -24.00 22.00 28.51
CA CYS H 40 -25.00 22.11 27.46
C CYS H 40 -25.75 20.81 27.25
N ALA H 41 -25.08 19.67 27.46
CA ALA H 41 -25.78 18.39 27.35
C ALA H 41 -26.76 18.19 28.51
N THR H 42 -26.40 18.65 29.71
CA THR H 42 -27.23 18.41 30.88
C THR H 42 -28.36 19.42 31.00
N CYS H 43 -28.05 20.70 30.84
CA CYS H 43 -29.02 21.76 31.07
C CYS H 43 -30.16 21.74 30.07
N VAL H 44 -30.04 20.99 28.98
CA VAL H 44 -31.20 20.74 28.13
C VAL H 44 -32.30 20.08 28.95
N LEU H 45 -31.92 19.14 29.81
CA LEU H 45 -32.86 18.52 30.74
C LEU H 45 -32.99 19.30 32.04
N ARG H 46 -31.90 19.89 32.52
CA ARG H 46 -31.83 20.47 33.87
C ARG H 46 -31.22 21.87 33.81
N PRO H 47 -31.95 22.84 33.25
CA PRO H 47 -31.44 24.22 33.25
C PRO H 47 -31.22 24.78 34.64
N ASP H 48 -32.00 24.34 35.64
CA ASP H 48 -31.88 24.90 36.98
C ASP H 48 -30.50 24.67 37.57
N LEU H 49 -29.76 23.66 37.10
CA LEU H 49 -28.42 23.39 37.60
C LEU H 49 -27.35 24.24 36.93
N LEU H 50 -27.66 24.91 35.82
CA LEU H 50 -26.69 25.62 34.94
C LEU H 50 -25.81 26.59 35.71
N PHE H 51 -26.35 27.39 36.63
CA PHE H 51 -25.60 28.47 37.33
C PHE H 51 -24.91 27.85 38.53
N LYS H 52 -24.85 26.54 38.55
CA LYS H 52 -24.18 25.77 39.59
C LYS H 52 -23.33 24.64 39.04
N ASN H 53 -23.54 24.23 37.79
CA ASN H 53 -22.59 23.41 37.06
C ASN H 53 -21.54 24.23 36.32
N ILE H 54 -21.51 25.54 36.52
CA ILE H 54 -20.49 26.43 35.91
C ILE H 54 -19.19 26.28 36.69
N VAL H 55 -19.14 25.58 37.83
CA VAL H 55 -17.95 25.56 38.68
C VAL H 55 -16.73 25.07 37.92
N PRO H 56 -16.78 23.98 37.15
CA PRO H 56 -15.56 23.54 36.44
C PRO H 56 -15.00 24.59 35.50
N VAL H 57 -15.84 25.39 34.87
CA VAL H 57 -15.46 26.50 33.96
C VAL H 57 -14.84 27.60 34.80
N ILE H 58 -15.34 27.85 35.99
CA ILE H 58 -14.77 28.83 36.95
C ILE H 58 -13.45 28.26 37.47
N MET H 59 -13.29 26.96 37.63
CA MET H 59 -12.06 26.28 38.12
C MET H 59 -11.00 26.21 37.05
N ALA H 60 -11.32 25.95 35.82
CA ALA H 60 -10.43 26.00 34.67
C ALA H 60 -9.97 27.42 34.44
N GLY H 61 -10.78 28.42 34.77
CA GLY H 61 -10.41 29.83 34.62
C GLY H 61 -9.30 30.17 35.55
N ILE H 62 -9.30 29.61 36.74
CA ILE H 62 -8.30 29.90 37.80
C ILE H 62 -6.95 29.36 37.33
N ILE H 63 -6.94 28.34 36.50
CA ILE H 63 -5.70 27.75 35.93
C ILE H 63 -5.04 28.83 35.10
N ALA H 64 -5.77 29.61 34.31
CA ALA H 64 -5.27 30.71 33.45
C ALA H 64 -4.83 31.90 34.29
N ILE H 65 -5.47 32.17 35.41
CA ILE H 65 -5.11 33.28 36.34
C ILE H 65 -3.75 32.95 36.91
N TYR H 66 -3.47 31.69 37.20
CA TYR H 66 -2.16 31.21 37.73
C TYR H 66 -1.08 31.48 36.72
N GLY H 67 -1.31 31.23 35.43
CA GLY H 67 -0.39 31.53 34.33
C GLY H 67 -0.23 33.00 34.08
N LEU H 68 -1.25 33.80 34.30
CA LEU H 68 -1.20 35.28 34.24
C LEU H 68 -0.43 35.81 35.44
N VAL H 69 -0.54 35.23 36.62
CA VAL H 69 0.21 35.64 37.84
C VAL H 69 1.67 35.37 37.54
N VAL H 70 2.05 34.32 36.83
CA VAL H 70 3.48 33.97 36.61
C VAL H 70 4.00 34.77 35.43
N SER H 71 3.22 34.95 34.38
CA SER H 71 3.59 35.76 33.19
C SER H 71 3.80 37.22 33.54
N VAL H 72 3.02 37.80 34.41
CA VAL H 72 3.09 39.26 34.73
C VAL H 72 4.29 39.43 35.63
N LEU H 73 4.56 38.50 36.53
CA LEU H 73 5.75 38.51 37.42
C LEU H 73 7.04 38.27 36.64
N VAL H 74 7.07 37.32 35.72
CA VAL H 74 8.24 36.94 34.87
C VAL H 74 8.56 38.11 33.96
N CYS H 75 7.57 38.90 33.55
CA CYS H 75 7.75 39.98 32.55
C CYS H 75 8.29 41.24 33.21
N TYR H 76 7.90 41.53 34.42
CA TYR H 76 8.39 42.70 35.16
C TYR H 76 9.82 42.44 35.63
N SER H 77 10.29 41.20 35.55
CA SER H 77 11.67 40.81 35.91
C SER H 77 12.50 40.51 34.67
N LEU H 78 11.97 40.77 33.47
CA LEU H 78 12.72 40.58 32.22
C LEU H 78 13.54 41.85 32.07
N GLY H 79 14.69 41.82 31.45
CA GLY H 79 15.63 42.89 31.23
C GLY H 79 16.54 42.60 30.06
N GLN H 80 17.06 43.67 29.47
CA GLN H 80 17.97 43.51 28.34
C GLN H 80 19.28 42.87 28.78
N LYS H 81 19.76 43.22 29.97
CA LYS H 81 21.03 42.72 30.49
C LYS H 81 20.82 41.89 31.75
N GLN H 82 19.78 41.06 31.74
CA GLN H 82 19.49 40.17 32.85
C GLN H 82 20.17 38.82 32.64
N ALA H 83 20.68 38.26 33.74
CA ALA H 83 21.58 37.12 33.68
C ALA H 83 20.93 35.91 33.03
N LEU H 84 21.78 35.04 32.48
CA LEU H 84 21.29 33.78 31.93
C LEU H 84 20.66 32.91 33.00
N TYR H 85 21.16 32.98 34.24
CA TYR H 85 20.53 32.27 35.34
C TYR H 85 19.10 32.77 35.55
N THR H 86 18.91 34.08 35.51
CA THR H 86 17.57 34.64 35.65
C THR H 86 16.68 34.19 34.50
N GLY H 87 17.22 34.15 33.27
CA GLY H 87 16.43 33.68 32.15
C GLY H 87 16.02 32.23 32.30
N PHE H 88 16.94 31.37 32.72
CA PHE H 88 16.61 29.97 32.94
C PHE H 88 15.58 29.81 34.04
N ILE H 89 15.70 30.60 35.11
CA ILE H 89 14.74 30.54 36.20
C ILE H 89 13.36 30.96 35.71
N GLN H 90 13.27 31.99 34.88
CA GLN H 90 11.99 32.52 34.35
C GLN H 90 11.44 31.55 33.33
N LEU H 91 12.24 30.80 32.60
CA LEU H 91 11.75 29.74 31.73
C LEU H 91 11.23 28.57 32.55
N GLY H 92 11.94 28.15 33.57
CA GLY H 92 11.52 27.06 34.45
C GLY H 92 10.25 27.41 35.16
N ALA H 93 10.05 28.64 35.64
CA ALA H 93 8.80 29.03 36.30
C ALA H 93 7.64 29.01 35.31
N GLY H 94 7.85 29.51 34.11
CA GLY H 94 6.83 29.53 33.08
C GLY H 94 6.46 28.14 32.65
N LEU H 95 7.43 27.25 32.52
CA LEU H 95 7.16 25.87 32.19
C LEU H 95 6.39 25.18 33.31
N SER H 96 6.90 25.32 34.52
CA SER H 96 6.27 24.80 35.74
C SER H 96 4.81 25.16 35.74
N VAL H 97 4.44 26.42 35.76
CA VAL H 97 3.06 26.88 35.91
C VAL H 97 2.23 26.44 34.71
N GLY H 98 2.76 26.59 33.50
CA GLY H 98 1.99 26.30 32.32
C GLY H 98 1.67 24.82 32.18
N LEU H 99 2.66 23.96 32.40
CA LEU H 99 2.47 22.52 32.30
C LEU H 99 1.54 22.01 33.40
N SER H 100 1.75 22.47 34.63
CA SER H 100 0.85 22.07 35.72
C SER H 100 -0.57 22.54 35.47
N GLY H 101 -0.72 23.77 34.95
CA GLY H 101 -2.05 24.24 34.60
C GLY H 101 -2.67 23.49 33.45
N LEU H 102 -1.85 23.06 32.48
CA LEU H 102 -2.36 22.24 31.39
C LEU H 102 -2.92 20.92 31.93
N ALA H 103 -2.15 20.26 32.78
CA ALA H 103 -2.61 19.00 33.37
C ALA H 103 -3.84 19.22 34.23
N ALA H 104 -3.83 20.28 35.05
CA ALA H 104 -4.97 20.57 35.91
C ALA H 104 -6.21 20.90 35.09
N GLY H 105 -6.05 21.63 33.99
CA GLY H 105 -7.18 21.96 33.15
C GLY H 105 -7.74 20.73 32.45
N PHE H 106 -6.87 19.83 32.01
CA PHE H 106 -7.36 18.58 31.41
C PHE H 106 -8.15 17.78 32.42
N ALA H 107 -7.60 17.62 33.63
CA ALA H 107 -8.32 16.91 34.69
C ALA H 107 -9.62 17.60 35.02
N ILE H 108 -9.60 18.93 35.11
CA ILE H 108 -10.80 19.70 35.43
C ILE H 108 -11.86 19.49 34.36
N GLY H 109 -11.47 19.56 33.09
CA GLY H 109 -12.44 19.35 32.03
C GLY H 109 -13.07 17.98 32.07
N ILE H 110 -12.24 16.95 32.19
CA ILE H 110 -12.77 15.59 32.19
C ILE H 110 -13.68 15.37 33.40
N VAL H 111 -13.20 15.76 34.58
CA VAL H 111 -13.96 15.55 35.81
C VAL H 111 -15.24 16.37 35.79
N GLY H 112 -15.17 17.61 35.32
CA GLY H 112 -16.35 18.45 35.27
C GLY H 112 -17.39 17.94 34.29
N ASP H 113 -16.96 17.50 33.12
CA ASP H 113 -17.89 16.88 32.18
C ASP H 113 -18.58 15.69 32.83
N ALA H 114 -17.79 14.79 33.41
CA ALA H 114 -18.38 13.61 34.04
C ALA H 114 -19.34 13.99 35.16
N GLY H 115 -18.95 14.97 35.98
CA GLY H 115 -19.73 15.31 37.16
C GLY H 115 -20.98 16.10 36.84
N VAL H 116 -20.96 16.93 35.81
CA VAL H 116 -22.18 17.60 35.38
C VAL H 116 -23.12 16.60 34.72
N ARG H 117 -22.57 15.66 33.96
CA ARG H 117 -23.41 14.64 33.34
C ARG H 117 -24.06 13.74 34.40
N GLY H 118 -23.32 13.42 35.46
CA GLY H 118 -23.87 12.57 36.50
C GLY H 118 -24.70 13.31 37.53
N SER H 119 -24.48 14.61 37.69
CA SER H 119 -25.20 15.37 38.70
C SER H 119 -26.63 15.66 38.28
N SER H 120 -26.88 15.72 36.97
CA SER H 120 -28.25 15.85 36.49
C SER H 120 -29.11 14.66 36.91
N GLN H 121 -28.47 13.54 37.26
CA GLN H 121 -29.14 12.35 37.74
C GLN H 121 -29.02 12.17 39.24
N GLN H 122 -27.82 12.35 39.79
CA GLN H 122 -27.57 12.21 41.23
C GLN H 122 -27.05 13.55 41.76
N PRO H 123 -27.91 14.38 42.34
CA PRO H 123 -27.44 15.67 42.85
C PRO H 123 -26.36 15.53 43.91
N ARG H 124 -26.40 14.46 44.71
CA ARG H 124 -25.39 14.27 45.75
C ARG H 124 -24.00 14.14 45.15
N LEU H 125 -23.92 13.81 43.86
CA LEU H 125 -22.62 13.70 43.19
C LEU H 125 -21.97 15.06 43.01
N PHE H 126 -22.69 16.17 42.98
CA PHE H 126 -22.11 17.51 42.78
C PHE H 126 -20.96 17.76 43.73
N VAL H 127 -21.11 17.46 45.02
CA VAL H 127 -20.07 17.72 46.06
C VAL H 127 -18.83 16.91 45.72
N GLY H 128 -18.98 15.69 45.23
CA GLY H 128 -17.86 14.82 44.86
C GLY H 128 -17.10 15.35 43.70
N MET H 129 -17.77 15.90 42.69
CA MET H 129 -17.11 16.55 41.53
C MET H 129 -16.33 17.75 42.04
N ILE H 130 -16.89 18.57 42.92
CA ILE H 130 -16.18 19.74 43.50
C ILE H 130 -14.98 19.25 44.27
N LEU H 131 -15.05 18.16 45.01
CA LEU H 131 -13.89 17.59 45.73
C LEU H 131 -12.81 17.15 44.75
N ILE H 132 -13.15 16.43 43.68
CA ILE H 132 -12.20 15.94 42.64
C ILE H 132 -11.68 17.15 41.88
N LEU H 133 -12.49 18.19 41.64
CA LEU H 133 -12.12 19.44 40.94
C LEU H 133 -11.22 20.27 41.81
N ILE H 134 -11.39 20.27 43.12
CA ILE H 134 -10.48 20.98 44.05
C ILE H 134 -9.15 20.29 43.92
N PHE H 135 -9.06 18.97 43.88
CA PHE H 135 -7.80 18.19 43.74
C PHE H 135 -7.12 18.43 42.40
N ALA H 136 -7.83 18.52 41.30
CA ALA H 136 -7.27 18.80 39.96
C ALA H 136 -6.76 20.23 39.90
N GLU H 137 -7.48 21.20 40.39
CA GLU H 137 -7.12 22.62 40.49
C GLU H 137 -5.91 22.68 41.34
N VAL H 138 -5.65 21.91 42.41
CA VAL H 138 -4.41 22.07 43.28
C VAL H 138 -3.18 21.59 42.56
N LEU H 139 -3.29 20.92 41.43
CA LEU H 139 -2.15 20.51 40.60
C LEU H 139 -1.64 21.77 39.91
N GLY H 140 -2.52 22.69 39.46
CA GLY H 140 -2.09 23.95 38.88
C GLY H 140 -1.50 24.87 39.93
N LEU H 141 -2.17 24.97 41.07
CA LEU H 141 -1.67 25.79 42.15
C LEU H 141 -0.22 25.43 42.45
N TYR H 142 0.10 24.16 42.62
CA TYR H 142 1.45 23.64 42.95
C TYR H 142 2.44 24.02 41.88
N GLY H 143 2.06 24.14 40.63
CA GLY H 143 2.91 24.71 39.60
C GLY H 143 3.16 26.18 39.82
N LEU H 144 2.09 26.97 39.92
CA LEU H 144 2.23 28.38 40.25
C LEU H 144 3.20 28.56 41.40
N ILE H 145 2.98 27.81 42.47
CA ILE H 145 3.79 27.97 43.67
C ILE H 145 5.26 27.75 43.33
N VAL H 146 5.57 26.64 42.66
CA VAL H 146 6.96 26.31 42.20
C VAL H 146 7.44 27.45 41.33
N ALA H 147 6.62 27.95 40.39
CA ALA H 147 6.98 29.10 39.57
C ALA H 147 7.26 30.31 40.45
N LEU H 148 6.35 30.60 41.39
CA LEU H 148 6.58 31.73 42.28
C LEU H 148 7.91 31.60 42.98
N LEU H 149 8.19 30.42 43.54
CA LEU H 149 9.40 30.13 44.35
C LEU H 149 10.61 30.04 43.45
N LEU H 150 10.41 30.02 42.13
CA LEU H 150 11.50 30.08 41.14
C LEU H 150 11.75 31.57 40.87
N ASN H 151 10.73 32.45 40.77
CA ASN H 151 10.93 33.88 40.56
C ASN H 151 11.51 34.55 41.79
N SER H 152 11.30 33.96 42.97
CA SER H 152 11.92 34.52 44.17
C SER H 152 13.44 34.41 44.12
N ARG H 153 13.96 33.61 43.19
CA ARG H 153 15.39 33.35 43.02
C ARG H 153 15.85 33.85 41.67
N ALA H 154 14.98 34.32 40.79
CA ALA H 154 15.36 34.65 39.43
C ALA H 154 16.34 35.81 39.38
N THR H 155 15.99 36.93 40.01
CA THR H 155 16.79 38.14 39.97
C THR H 155 17.69 38.29 41.19
N GLN H 156 17.50 37.47 42.22
CA GLN H 156 18.19 37.63 43.49
C GLN H 156 19.56 36.99 43.50
N ASP H 157 20.51 37.67 44.15
CA ASP H 157 21.90 37.20 44.27
C ASP H 157 22.49 36.94 42.90
N VAL H 158 22.13 37.77 41.93
CA VAL H 158 22.51 37.59 40.53
C VAL H 158 23.37 38.77 40.12
N VAL H 159 24.51 38.47 39.50
CA VAL H 159 25.40 39.51 39.01
C VAL H 159 25.22 39.67 37.50
N MET I 1 32.43 32.48 34.26
CA MET I 1 32.08 31.05 34.06
C MET I 1 33.31 30.18 34.24
N THR I 2 33.28 29.32 35.25
CA THR I 2 34.38 28.42 35.55
C THR I 2 34.28 27.19 34.67
N GLU I 3 35.39 26.44 34.59
CA GLU I 3 35.36 25.16 33.88
C GLU I 3 34.25 24.29 34.42
N LEU I 4 34.21 24.12 35.74
CA LEU I 4 33.26 23.24 36.39
C LEU I 4 31.87 23.85 36.53
N CYS I 5 31.76 25.17 36.43
CA CYS I 5 30.50 25.87 36.66
C CYS I 5 30.22 26.80 35.49
N PRO I 6 29.80 26.26 34.35
CA PRO I 6 29.45 27.10 33.21
C PRO I 6 28.20 27.91 33.48
N VAL I 7 27.95 28.89 32.59
CA VAL I 7 26.77 29.72 32.73
C VAL I 7 25.50 28.93 32.46
N TYR I 8 25.61 27.81 31.75
CA TYR I 8 24.45 27.02 31.36
C TYR I 8 24.15 25.90 32.35
N ALA I 9 24.95 25.77 33.41
CA ALA I 9 24.67 24.77 34.43
C ALA I 9 23.31 24.99 35.08
N PRO I 10 22.90 26.21 35.43
CA PRO I 10 21.56 26.39 36.00
C PRO I 10 20.44 25.97 35.06
N PHE I 11 20.71 25.82 33.76
CA PHE I 11 19.66 25.35 32.85
C PHE I 11 19.11 24.01 33.31
N PHE I 12 19.98 23.05 33.60
CA PHE I 12 19.59 21.67 33.92
C PHE I 12 18.79 21.68 35.20
N GLY I 13 19.26 22.35 36.22
CA GLY I 13 18.58 22.41 37.52
C GLY I 13 17.21 23.02 37.44
N ALA I 14 17.01 24.12 36.72
CA ALA I 14 15.71 24.78 36.48
C ALA I 14 14.80 23.89 35.65
N ILE I 15 15.31 23.17 34.65
CA ILE I 15 14.54 22.16 33.87
C ILE I 15 14.19 21.03 34.83
N GLY I 16 15.04 20.66 35.77
CA GLY I 16 14.78 19.67 36.81
C GLY I 16 13.75 20.11 37.83
N CYS I 17 13.73 21.38 38.25
CA CYS I 17 12.72 21.94 39.17
C CYS I 17 11.39 21.90 38.44
N ALA I 18 11.36 22.31 37.18
CA ALA I 18 10.14 22.31 36.36
C ALA I 18 9.71 20.89 36.12
N SER I 19 10.60 19.98 35.74
CA SER I 19 10.29 18.59 35.38
C SER I 19 9.70 17.86 36.56
N ALA I 20 10.15 18.14 37.77
CA ALA I 20 9.67 17.42 38.95
C ALA I 20 8.20 17.69 39.09
N ILE I 21 7.72 18.94 39.06
CA ILE I 21 6.30 19.33 39.27
C ILE I 21 5.49 19.12 38.01
N ILE I 22 6.11 19.07 36.86
CA ILE I 22 5.40 19.01 35.56
C ILE I 22 4.93 17.60 35.38
N PHE I 23 5.78 16.59 35.57
CA PHE I 23 5.36 15.22 35.23
C PHE I 23 4.63 14.58 36.40
N THR I 24 4.89 14.97 37.64
CA THR I 24 4.17 14.49 38.83
C THR I 24 2.76 15.06 38.78
N SER I 25 2.52 16.28 38.29
CA SER I 25 1.19 16.89 38.02
C SER I 25 0.50 16.24 36.83
N LEU I 26 1.19 15.87 35.78
CA LEU I 26 0.63 15.13 34.63
C LEU I 26 0.17 13.75 35.06
N GLY I 27 0.92 13.03 35.91
CA GLY I 27 0.51 11.73 36.49
C GLY I 27 -0.62 11.89 37.44
N ALA I 28 -0.57 12.86 38.32
CA ALA I 28 -1.62 13.17 39.30
C ALA I 28 -2.90 13.56 38.59
N ALA I 29 -2.82 14.29 37.50
CA ALA I 29 -3.96 14.71 36.67
C ALA I 29 -4.61 13.50 36.03
N TYR I 30 -3.84 12.55 35.51
CA TYR I 30 -4.36 11.31 34.92
C TYR I 30 -5.01 10.47 36.02
N GLY I 31 -4.45 10.38 37.21
CA GLY I 31 -5.06 9.68 38.33
C GLY I 31 -6.31 10.35 38.82
N THR I 32 -6.34 11.67 38.94
CA THR I 32 -7.50 12.45 39.42
C THR I 32 -8.59 12.41 38.38
N ALA I 33 -8.27 12.39 37.09
CA ALA I 33 -9.24 12.51 36.00
C ALA I 33 -9.92 11.19 35.72
N LYS I 34 -9.21 10.08 35.75
CA LYS I 34 -9.81 8.76 35.55
C LYS I 34 -10.54 8.29 36.79
N SER I 35 -9.95 8.50 37.96
CA SER I 35 -10.63 8.12 39.20
C SER I 35 -11.92 8.90 39.39
N GLY I 36 -11.92 10.18 39.00
CA GLY I 36 -13.14 10.97 39.09
C GLY I 36 -14.19 10.52 38.09
N VAL I 37 -13.78 10.13 36.89
CA VAL I 37 -14.72 9.56 35.94
C VAL I 37 -15.36 8.30 36.51
N GLY I 38 -14.55 7.43 37.11
CA GLY I 38 -15.09 6.25 37.75
C GLY I 38 -16.02 6.58 38.90
N ILE I 39 -15.64 7.56 39.71
CA ILE I 39 -16.45 7.95 40.86
C ILE I 39 -17.78 8.52 40.41
N CYS I 40 -17.77 9.32 39.34
CA CYS I 40 -19.00 9.88 38.81
C CYS I 40 -19.87 8.81 38.17
N ALA I 41 -19.25 7.79 37.56
CA ALA I 41 -20.03 6.70 36.99
C ALA I 41 -20.66 5.84 38.08
N THR I 42 -19.96 5.64 39.20
CA THR I 42 -20.46 4.74 40.24
C THR I 42 -21.44 5.45 41.16
N CYS I 43 -21.09 6.64 41.63
CA CYS I 43 -21.89 7.34 42.63
C CYS I 43 -23.27 7.74 42.12
N VAL I 44 -23.50 7.69 40.80
CA VAL I 44 -24.86 7.81 40.29
C VAL I 44 -25.73 6.73 40.91
N LEU I 45 -25.20 5.52 41.01
CA LEU I 45 -25.88 4.42 41.69
C LEU I 45 -25.61 4.40 43.19
N ARG I 46 -24.39 4.75 43.60
CA ARG I 46 -23.92 4.54 44.97
C ARG I 46 -23.26 5.82 45.49
N PRO I 47 -24.05 6.87 45.74
CA PRO I 47 -23.46 8.08 46.33
C PRO I 47 -22.83 7.85 47.69
N ASP I 48 -23.33 6.90 48.46
CA ASP I 48 -22.81 6.69 49.81
C ASP I 48 -21.34 6.31 49.81
N LEU I 49 -20.84 5.76 48.70
CA LEU I 49 -19.43 5.39 48.59
C LEU I 49 -18.53 6.55 48.23
N LEU I 50 -19.08 7.69 47.78
CA LEU I 50 -18.34 8.84 47.18
C LEU I 50 -17.19 9.36 48.01
N PHE I 51 -17.36 9.56 49.32
CA PHE I 51 -16.33 10.18 50.19
C PHE I 51 -15.35 9.10 50.59
N LYS I 52 -15.53 7.89 50.07
CA LYS I 52 -14.66 6.77 50.33
C LYS I 52 -14.06 6.16 49.06
N ASN I 53 -14.64 6.44 47.89
CA ASN I 53 -13.97 6.20 46.61
C ASN I 53 -13.12 7.39 46.17
N ILE I 54 -12.94 8.42 46.98
CA ILE I 54 -12.05 9.56 46.64
C ILE I 54 -10.60 9.16 46.98
N VAL I 55 -10.31 7.96 47.46
CA VAL I 55 -8.95 7.60 47.81
C VAL I 55 -8.01 7.70 46.62
N PRO I 56 -8.34 7.17 45.43
CA PRO I 56 -7.40 7.26 44.31
C PRO I 56 -7.04 8.70 43.94
N VAL I 57 -7.96 9.64 44.16
CA VAL I 57 -7.77 11.06 43.84
C VAL I 57 -6.87 11.64 44.91
N ILE I 58 -6.82 11.06 46.11
CA ILE I 58 -5.94 11.47 47.24
C ILE I 58 -4.57 10.87 46.98
N MET I 59 -4.51 9.67 46.44
CA MET I 59 -3.27 8.92 46.13
C MET I 59 -2.58 9.52 44.91
N ALA I 60 -3.30 9.98 43.91
CA ALA I 60 -2.71 10.59 42.71
C ALA I 60 -2.32 12.02 43.03
N GLY I 61 -2.80 12.61 44.11
CA GLY I 61 -2.42 13.96 44.53
C GLY I 61 -1.17 13.94 45.34
N ILE I 62 -0.85 12.84 46.02
CA ILE I 62 0.41 12.68 46.79
C ILE I 62 1.53 12.50 45.79
N ILE I 63 1.23 12.10 44.57
CA ILE I 63 2.24 12.02 43.48
C ILE I 63 2.69 13.45 43.19
N ALA I 64 1.82 14.45 43.12
CA ALA I 64 2.13 15.87 42.91
C ALA I 64 2.88 16.45 44.10
N ILE I 65 2.69 15.94 45.31
CA ILE I 65 3.37 16.40 46.55
C ILE I 65 4.81 15.89 46.48
N TYR I 66 5.06 14.74 45.88
CA TYR I 66 6.40 14.20 45.66
C TYR I 66 7.16 15.13 44.75
N GLY I 67 6.49 15.72 43.75
CA GLY I 67 7.10 16.63 42.79
C GLY I 67 7.19 18.04 43.28
N LEU I 68 6.33 18.53 44.18
CA LEU I 68 6.48 19.81 44.88
C LEU I 68 7.62 19.69 45.87
N VAL I 69 7.75 18.59 46.60
CA VAL I 69 8.84 18.34 47.59
C VAL I 69 10.17 18.40 46.87
N VAL I 70 10.29 17.85 45.66
CA VAL I 70 11.57 17.84 44.89
C VAL I 70 11.77 19.20 44.25
N SER I 71 10.75 19.78 43.65
CA SER I 71 10.83 21.07 42.93
C SER I 71 11.29 22.13 43.91
N VAL I 72 10.86 22.09 45.15
CA VAL I 72 11.17 23.16 46.14
C VAL I 72 12.60 22.96 46.61
N LEU I 73 13.09 21.73 46.78
CA LEU I 73 14.49 21.41 47.16
C LEU I 73 15.47 21.69 46.02
N VAL I 74 15.13 21.32 44.79
CA VAL I 74 15.91 21.54 43.53
C VAL I 74 15.98 23.03 43.27
N CYS I 75 15.01 23.83 43.71
CA CYS I 75 14.93 25.29 43.46
C CYS I 75 15.77 26.07 44.45
N TYR I 76 15.84 25.65 45.69
CA TYR I 76 16.64 26.32 46.74
C TYR I 76 18.12 26.04 46.54
N SER I 77 18.48 24.97 45.84
CA SER I 77 19.88 24.58 45.54
C SER I 77 20.30 25.16 44.20
N LEU I 78 19.41 25.86 43.51
CA LEU I 78 19.69 26.50 42.21
C LEU I 78 20.42 27.81 42.44
N GLY I 79 21.49 28.08 41.73
CA GLY I 79 22.40 29.19 41.88
C GLY I 79 22.93 29.63 40.52
N GLN I 80 23.34 30.90 40.47
CA GLN I 80 23.89 31.43 39.23
C GLN I 80 25.23 30.78 38.89
N LYS I 81 26.04 30.49 39.91
CA LYS I 81 27.37 29.91 39.75
C LYS I 81 27.45 28.53 40.38
N GLN I 82 26.40 27.73 40.21
CA GLN I 82 26.37 26.37 40.72
C GLN I 82 26.87 25.40 39.66
N ALA I 83 27.61 24.40 40.12
CA ALA I 83 28.40 23.55 39.24
C ALA I 83 27.50 22.80 38.26
N LEU I 84 28.12 22.42 37.14
CA LEU I 84 27.42 21.59 36.16
C LEU I 84 27.04 20.24 36.74
N TYR I 85 27.87 19.69 37.64
CA TYR I 85 27.51 18.46 38.32
C TYR I 85 26.23 18.65 39.14
N THR I 86 26.14 19.77 39.85
CA THR I 86 24.92 20.06 40.61
C THR I 86 23.72 20.19 39.69
N GLY I 87 23.90 20.83 38.53
CA GLY I 87 22.80 20.95 37.59
C GLY I 87 22.35 19.61 37.04
N PHE I 88 23.30 18.74 36.70
CA PHE I 88 22.95 17.40 36.23
C PHE I 88 22.25 16.61 37.33
N ILE I 89 22.71 16.73 38.57
CA ILE I 89 22.09 16.04 39.68
C ILE I 89 20.66 16.52 39.86
N GLN I 90 20.41 17.82 39.79
CA GLN I 90 19.06 18.41 39.95
C GLN I 90 18.19 18.03 38.77
N LEU I 91 18.72 17.91 37.56
CA LEU I 91 17.94 17.41 36.43
C LEU I 91 17.58 15.95 36.63
N GLY I 92 18.52 15.12 37.07
CA GLY I 92 18.26 13.71 37.31
C GLY I 92 17.29 13.48 38.43
N ALA I 93 17.30 14.29 39.48
CA ALA I 93 16.31 14.18 40.55
C ALA I 93 14.92 14.56 40.05
N GLY I 94 14.78 15.66 39.33
CA GLY I 94 13.51 16.07 38.74
C GLY I 94 12.98 15.10 37.74
N LEU I 95 13.84 14.50 36.93
CA LEU I 95 13.39 13.47 36.01
C LEU I 95 12.92 12.24 36.76
N SER I 96 13.70 11.77 37.74
CA SER I 96 13.40 10.62 38.61
C SER I 96 12.04 10.72 39.24
N VAL I 97 11.76 11.76 39.99
CA VAL I 97 10.48 11.98 40.74
C VAL I 97 9.35 12.22 39.78
N GLY I 98 9.59 12.83 38.63
CA GLY I 98 8.54 13.29 37.72
C GLY I 98 8.10 12.12 36.90
N LEU I 99 9.00 11.34 36.39
CA LEU I 99 8.70 10.15 35.61
C LEU I 99 8.08 9.06 36.47
N SER I 100 8.69 8.76 37.59
CA SER I 100 8.14 7.80 38.55
C SER I 100 6.75 8.25 39.03
N GLY I 101 6.37 9.54 39.06
CA GLY I 101 5.04 10.02 39.38
C GLY I 101 4.17 10.08 38.17
N LEU I 102 4.72 10.03 36.98
CA LEU I 102 3.90 9.96 35.77
C LEU I 102 3.43 8.52 35.65
N ALA I 103 4.25 7.56 36.04
CA ALA I 103 3.88 6.15 35.99
C ALA I 103 2.95 5.79 37.13
N ALA I 104 3.26 6.25 38.33
CA ALA I 104 2.43 5.96 39.50
C ALA I 104 1.03 6.55 39.34
N GLY I 105 0.95 7.74 38.75
CA GLY I 105 -0.32 8.44 38.55
C GLY I 105 -1.13 7.82 37.44
N PHE I 106 -0.52 7.18 36.46
CA PHE I 106 -1.23 6.40 35.45
C PHE I 106 -1.77 5.11 36.06
N ALA I 107 -0.92 4.40 36.81
CA ALA I 107 -1.37 3.18 37.48
C ALA I 107 -2.49 3.49 38.47
N ILE I 108 -2.35 4.57 39.23
CA ILE I 108 -3.37 4.95 40.21
C ILE I 108 -4.69 5.23 39.51
N GLY I 109 -4.65 5.98 38.41
CA GLY I 109 -5.88 6.28 37.71
C GLY I 109 -6.57 5.03 37.19
N ILE I 110 -5.82 4.16 36.53
CA ILE I 110 -6.42 2.96 35.96
C ILE I 110 -6.97 2.08 37.07
N VAL I 111 -6.16 1.83 38.10
CA VAL I 111 -6.57 0.95 39.18
C VAL I 111 -7.75 1.53 39.95
N GLY I 112 -7.73 2.85 40.20
CA GLY I 112 -8.82 3.47 40.92
C GLY I 112 -10.11 3.46 40.13
N ASP I 113 -10.05 3.73 38.83
CA ASP I 113 -11.25 3.62 38.00
C ASP I 113 -11.81 2.20 38.08
N ALA I 114 -10.95 1.20 37.88
CA ALA I 114 -11.42 -0.18 37.92
C ALA I 114 -12.00 -0.52 39.29
N GLY I 115 -11.35 -0.09 40.36
CA GLY I 115 -11.75 -0.47 41.69
C GLY I 115 -12.99 0.24 42.19
N VAL I 116 -13.19 1.50 41.78
CA VAL I 116 -14.43 2.18 42.11
C VAL I 116 -15.58 1.58 41.31
N ARG I 117 -15.33 1.23 40.04
CA ARG I 117 -16.37 0.61 39.24
C ARG I 117 -16.77 -0.75 39.81
N GLY I 118 -15.79 -1.52 40.29
CA GLY I 118 -16.08 -2.83 40.84
C GLY I 118 -16.54 -2.81 42.28
N SER I 119 -16.21 -1.77 43.03
CA SER I 119 -16.57 -1.70 44.44
C SER I 119 -18.04 -1.38 44.63
N SER I 120 -18.64 -0.67 43.67
CA SER I 120 -20.07 -0.42 43.73
C SER I 120 -20.86 -1.73 43.67
N GLN I 121 -20.23 -2.80 43.19
CA GLN I 121 -20.82 -4.13 43.14
C GLN I 121 -20.30 -5.06 44.22
N GLN I 122 -18.98 -5.09 44.45
CA GLN I 122 -18.36 -5.92 45.47
C GLN I 122 -17.64 -5.01 46.45
N PRO I 123 -18.25 -4.68 47.59
CA PRO I 123 -17.57 -3.81 48.56
C PRO I 123 -16.25 -4.38 49.05
N ARG I 124 -16.11 -5.70 49.10
CA ARG I 124 -14.86 -6.37 49.54
C ARG I 124 -13.69 -6.01 48.62
N LEU I 125 -13.94 -5.53 47.41
CA LEU I 125 -12.89 -5.20 46.44
C LEU I 125 -12.30 -3.83 46.80
N PHE I 126 -12.96 -3.01 47.62
CA PHE I 126 -12.36 -1.73 48.06
C PHE I 126 -10.96 -1.96 48.63
N VAL I 127 -10.76 -2.92 49.51
CA VAL I 127 -9.48 -3.24 50.19
C VAL I 127 -8.48 -3.67 49.13
N GLY I 128 -8.92 -4.31 48.06
CA GLY I 128 -8.10 -4.72 46.93
C GLY I 128 -7.64 -3.56 46.13
N MET I 129 -8.49 -2.54 45.99
CA MET I 129 -8.19 -1.36 45.18
C MET I 129 -7.23 -0.55 46.02
N ILE I 130 -7.34 -0.54 47.33
CA ILE I 130 -6.46 0.27 48.20
C ILE I 130 -5.08 -0.35 48.18
N LEU I 131 -4.96 -1.65 48.38
CA LEU I 131 -3.69 -2.41 48.36
C LEU I 131 -2.97 -2.24 47.04
N ILE I 132 -3.62 -2.32 45.88
CA ILE I 132 -3.00 -2.23 44.53
C ILE I 132 -2.70 -0.76 44.27
N LEU I 133 -3.43 0.19 44.85
CA LEU I 133 -3.18 1.64 44.79
C LEU I 133 -2.02 2.00 45.69
N ILE I 134 -1.85 1.34 46.81
CA ILE I 134 -0.69 1.57 47.71
C ILE I 134 0.54 1.15 46.93
N PHE I 135 0.52 0.06 46.19
CA PHE I 135 1.63 -0.41 45.33
C PHE I 135 1.96 0.57 44.21
N ALA I 136 1.03 1.16 43.50
CA ALA I 136 1.22 2.18 42.44
C ALA I 136 1.77 3.46 43.02
N GLU I 137 1.29 3.90 44.13
CA GLU I 137 1.68 5.10 44.88
C GLU I 137 3.06 4.88 45.42
N VAL I 138 3.62 3.66 45.56
CA VAL I 138 5.04 3.35 46.04
C VAL I 138 6.01 3.40 44.87
N LEU I 139 5.54 3.54 43.66
CA LEU I 139 6.39 3.73 42.48
C LEU I 139 6.76 5.20 42.44
N GLY I 140 5.94 6.14 42.91
CA GLY I 140 6.28 7.56 42.98
C GLY I 140 7.17 7.84 44.16
N LEU I 141 7.03 7.10 45.26
CA LEU I 141 7.84 7.28 46.47
C LEU I 141 9.27 6.89 46.15
N TYR I 142 9.47 5.84 45.38
CA TYR I 142 10.80 5.34 44.97
C TYR I 142 11.47 6.39 44.13
N GLY I 143 10.76 7.06 43.24
CA GLY I 143 11.29 8.19 42.47
C GLY I 143 11.62 9.37 43.35
N LEU I 144 10.82 9.66 44.35
CA LEU I 144 11.08 10.71 45.36
C LEU I 144 12.31 10.33 46.17
N ILE I 145 12.48 9.07 46.57
CA ILE I 145 13.65 8.60 47.35
C ILE I 145 14.88 8.75 46.48
N VAL I 146 14.82 8.44 45.19
CA VAL I 146 15.97 8.56 44.25
C VAL I 146 16.25 10.03 44.04
N ALA I 147 15.22 10.88 43.95
CA ALA I 147 15.33 12.32 43.75
C ALA I 147 15.91 13.01 44.97
N LEU I 148 15.50 12.63 46.16
CA LEU I 148 15.95 13.20 47.43
C LEU I 148 17.38 12.81 47.71
N LEU I 149 17.79 11.60 47.30
CA LEU I 149 19.15 11.05 47.53
C LEU I 149 20.06 11.59 46.45
N LEU I 150 19.51 12.11 45.35
CA LEU I 150 20.29 12.79 44.30
C LEU I 150 20.54 14.22 44.77
N ASN I 151 19.62 14.92 45.44
CA ASN I 151 19.84 16.26 45.96
C ASN I 151 20.79 16.24 47.15
N SER I 152 20.87 15.12 47.87
CA SER I 152 21.82 15.03 48.96
C SER I 152 23.26 15.09 48.45
N ARG I 153 23.45 14.94 47.15
CA ARG I 153 24.76 14.94 46.50
C ARG I 153 24.89 16.15 45.60
N ALA I 154 23.82 16.88 45.31
CA ALA I 154 23.84 17.90 44.26
C ALA I 154 24.84 19.01 44.57
N THR I 155 24.74 19.59 45.76
CA THR I 155 25.59 20.71 46.15
C THR I 155 26.79 20.28 46.97
N GLN I 156 26.84 19.04 47.43
CA GLN I 156 27.87 18.58 48.36
C GLN I 156 29.14 18.14 47.67
N ASP I 157 30.27 18.48 48.29
CA ASP I 157 31.60 18.14 47.77
C ASP I 157 31.78 18.67 46.36
N VAL I 158 31.22 19.85 46.10
CA VAL I 158 31.19 20.47 44.79
C VAL I 158 31.98 21.76 44.84
N VAL I 159 32.89 21.93 43.87
CA VAL I 159 33.69 23.14 43.77
C VAL I 159 33.11 24.05 42.70
N MET J 1 38.62 20.29 34.66
CA MET J 1 38.13 19.15 33.84
C MET J 1 39.31 18.43 33.20
N THR J 2 39.50 17.17 33.58
CA THR J 2 40.58 16.34 33.07
C THR J 2 40.18 15.75 31.72
N GLU J 3 41.18 15.26 30.98
CA GLU J 3 40.88 14.54 29.74
C GLU J 3 39.90 13.42 30.00
N LEU J 4 40.21 12.58 30.99
CA LEU J 4 39.42 11.41 31.29
C LEU J 4 38.15 11.72 32.10
N CYS J 5 38.10 12.89 32.74
CA CYS J 5 37.00 13.25 33.63
C CYS J 5 36.47 14.63 33.24
N PRO J 6 35.72 14.72 32.15
CA PRO J 6 35.14 16.01 31.76
C PRO J 6 34.05 16.44 32.74
N VAL J 7 33.65 17.69 32.59
CA VAL J 7 32.60 18.23 33.45
C VAL J 7 31.25 17.59 33.15
N TYR J 8 31.10 17.01 31.95
CA TYR J 8 29.84 16.44 31.53
C TYR J 8 29.74 14.95 31.82
N ALA J 9 30.79 14.36 32.39
CA ALA J 9 30.73 12.95 32.78
C ALA J 9 29.61 12.67 33.77
N PRO J 10 29.38 13.49 34.80
CA PRO J 10 28.26 13.22 35.70
C PRO J 10 26.91 13.26 35.02
N PHE J 11 26.81 13.83 33.82
CA PHE J 11 25.52 13.82 33.11
C PHE J 11 25.03 12.39 32.91
N PHE J 12 25.86 11.54 32.33
CA PHE J 12 25.49 10.15 31.95
C PHE J 12 25.08 9.39 33.19
N GLY J 13 25.86 9.44 34.25
CA GLY J 13 25.55 8.74 35.48
C GLY J 13 24.26 9.18 36.10
N ALA J 14 23.95 10.48 36.11
CA ALA J 14 22.70 11.06 36.67
C ALA J 14 21.53 10.60 35.82
N ILE J 15 21.67 10.52 34.50
CA ILE J 15 20.62 10.00 33.59
C ILE J 15 20.50 8.49 33.82
N GLY J 16 21.55 7.75 34.15
CA GLY J 16 21.47 6.33 34.54
C GLY J 16 20.76 6.16 35.86
N CYS J 17 20.95 7.05 36.82
CA CYS J 17 20.25 7.03 38.13
C CYS J 17 18.76 7.23 37.88
N ALA J 18 18.39 8.14 37.01
CA ALA J 18 17.00 8.40 36.63
C ALA J 18 16.48 7.23 35.82
N SER J 19 17.20 6.74 34.83
CA SER J 19 16.72 5.69 33.92
C SER J 19 16.37 4.43 34.68
N ALA J 20 17.14 4.07 35.70
CA ALA J 20 16.89 2.86 36.47
C ALA J 20 15.56 2.94 37.17
N ILE J 21 15.27 4.01 37.90
CA ILE J 21 13.98 4.21 38.62
C ILE J 21 12.89 4.52 37.62
N ILE J 22 13.16 5.30 36.61
CA ILE J 22 12.13 5.78 35.66
C ILE J 22 11.55 4.63 34.85
N PHE J 23 12.36 3.73 34.30
CA PHE J 23 11.88 2.70 33.36
C PHE J 23 11.45 1.45 34.10
N THR J 24 11.88 1.24 35.33
CA THR J 24 11.45 0.12 36.19
C THR J 24 10.22 0.53 36.98
N SER J 25 9.86 1.80 37.05
CA SER J 25 8.64 2.33 37.68
C SER J 25 7.63 2.44 36.58
N LEU J 26 8.05 2.62 35.32
CA LEU J 26 7.13 2.51 34.20
C LEU J 26 6.64 1.08 34.03
N GLY J 27 7.58 0.12 34.04
CA GLY J 27 7.19 -1.27 33.91
C GLY J 27 6.34 -1.75 35.07
N ALA J 28 6.73 -1.39 36.27
CA ALA J 28 6.04 -1.76 37.52
C ALA J 28 4.66 -1.10 37.56
N ALA J 29 4.45 0.09 37.02
CA ALA J 29 3.15 0.72 36.94
C ALA J 29 2.28 0.05 35.90
N TYR J 30 2.85 -0.28 34.73
CA TYR J 30 2.10 -1.01 33.73
C TYR J 30 1.61 -2.34 34.29
N GLY J 31 2.51 -3.10 34.92
CA GLY J 31 2.14 -4.39 35.47
C GLY J 31 1.09 -4.27 36.56
N THR J 32 1.29 -3.34 37.49
CA THR J 32 0.34 -3.14 38.57
C THR J 32 -1.02 -2.72 38.02
N ALA J 33 -1.04 -1.82 37.04
CA ALA J 33 -2.30 -1.36 36.49
C ALA J 33 -3.07 -2.50 35.83
N LYS J 34 -2.40 -3.27 34.96
CA LYS J 34 -3.12 -4.33 34.27
C LYS J 34 -3.53 -5.45 35.21
N SER J 35 -2.63 -5.82 36.12
CA SER J 35 -2.96 -6.85 37.10
C SER J 35 -4.11 -6.40 38.00
N GLY J 36 -4.13 -5.12 38.36
CA GLY J 36 -5.23 -4.60 39.16
C GLY J 36 -6.54 -4.56 38.40
N VAL J 37 -6.48 -4.23 37.11
CA VAL J 37 -7.69 -4.30 36.28
C VAL J 37 -8.23 -5.72 36.26
N GLY J 38 -7.33 -6.70 36.08
CA GLY J 38 -7.76 -8.09 36.10
C GLY J 38 -8.33 -8.50 37.45
N ILE J 39 -7.59 -8.15 38.52
CA ILE J 39 -7.94 -8.45 39.93
C ILE J 39 -9.28 -7.81 40.25
N CYS J 40 -9.62 -6.70 39.62
CA CYS J 40 -10.86 -5.94 39.89
C CYS J 40 -12.00 -6.52 39.04
N ALA J 41 -11.72 -7.06 37.85
CA ALA J 41 -12.69 -7.75 37.02
C ALA J 41 -13.05 -9.11 37.61
N THR J 42 -12.09 -9.80 38.23
CA THR J 42 -12.34 -11.14 38.73
C THR J 42 -12.99 -11.12 40.10
N CYS J 43 -12.47 -10.23 40.98
CA CYS J 43 -12.87 -10.16 42.40
C CYS J 43 -14.28 -9.68 42.57
N VAL J 44 -14.92 -9.22 41.53
CA VAL J 44 -16.36 -8.98 41.53
C VAL J 44 -17.11 -10.29 41.69
N LEU J 45 -16.65 -11.33 41.01
CA LEU J 45 -17.19 -12.67 41.15
C LEU J 45 -16.52 -13.45 42.27
N ARG J 46 -15.25 -13.17 42.55
CA ARG J 46 -14.42 -13.95 43.49
C ARG J 46 -13.67 -13.00 44.44
N PRO J 47 -14.33 -12.32 45.38
CA PRO J 47 -13.60 -11.49 46.34
C PRO J 47 -12.65 -12.37 47.18
N ASP J 48 -12.94 -13.66 47.33
CA ASP J 48 -12.11 -14.63 48.09
C ASP J 48 -10.72 -14.76 47.46
N LEU J 49 -10.62 -14.65 46.13
CA LEU J 49 -9.35 -14.85 45.39
C LEU J 49 -8.56 -13.55 45.33
N LEU J 50 -8.96 -12.49 46.02
CA LEU J 50 -8.28 -11.16 45.95
C LEU J 50 -6.83 -11.21 46.44
N PHE J 51 -6.54 -11.83 47.58
CA PHE J 51 -5.16 -11.92 48.14
C PHE J 51 -4.30 -12.87 47.30
N LYS J 52 -4.86 -13.96 46.79
CA LYS J 52 -4.13 -14.88 45.90
C LYS J 52 -3.80 -14.11 44.62
N ASN J 53 -4.69 -13.27 44.11
CA ASN J 53 -4.54 -12.58 42.81
C ASN J 53 -3.68 -11.32 42.92
N ILE J 54 -3.18 -10.94 44.09
CA ILE J 54 -2.30 -9.76 44.31
C ILE J 54 -0.84 -10.05 43.95
N VAL J 55 -0.45 -11.27 43.61
CA VAL J 55 0.94 -11.63 43.36
C VAL J 55 1.53 -10.85 42.19
N PRO J 56 0.85 -10.70 41.04
CA PRO J 56 1.46 -9.96 39.94
C PRO J 56 1.79 -8.52 40.29
N VAL J 57 0.99 -7.89 41.15
CA VAL J 57 1.18 -6.49 41.63
C VAL J 57 2.39 -6.49 42.54
N ILE J 58 2.59 -7.51 43.35
CA ILE J 58 3.77 -7.69 44.22
C ILE J 58 4.98 -7.97 43.34
N MET J 59 4.84 -8.76 42.28
CA MET J 59 5.95 -9.18 41.38
C MET J 59 6.36 -8.01 40.50
N ALA J 60 5.49 -7.07 40.20
CA ALA J 60 5.79 -5.90 39.37
C ALA J 60 6.39 -4.82 40.27
N GLY J 61 6.19 -4.85 41.58
CA GLY J 61 6.82 -3.95 42.53
C GLY J 61 8.25 -4.26 42.70
N ILE J 62 8.63 -5.53 42.58
CA ILE J 62 10.01 -6.01 42.78
C ILE J 62 10.81 -5.56 41.57
N ILE J 63 10.16 -5.08 40.52
CA ILE J 63 10.83 -4.55 39.31
C ILE J 63 11.29 -3.14 39.65
N ALA J 64 10.52 -2.36 40.39
CA ALA J 64 10.88 -1.02 40.90
C ALA J 64 11.91 -1.10 42.01
N ILE J 65 11.89 -2.10 42.87
CA ILE J 65 12.93 -2.33 43.90
C ILE J 65 14.24 -2.60 43.17
N TYR J 66 14.22 -3.27 42.02
CA TYR J 66 15.39 -3.59 41.19
C TYR J 66 15.99 -2.32 40.63
N GLY J 67 15.24 -1.30 40.21
CA GLY J 67 15.78 -0.02 39.73
C GLY J 67 15.97 0.99 40.82
N LEU J 68 15.56 0.73 42.04
CA LEU J 68 15.83 1.59 43.22
C LEU J 68 17.12 1.08 43.80
N VAL J 69 17.37 -0.22 43.70
CA VAL J 69 18.63 -0.83 44.15
C VAL J 69 19.67 -0.32 43.17
N VAL J 70 19.40 -0.10 41.89
CA VAL J 70 20.46 0.33 40.93
C VAL J 70 20.59 1.85 40.94
N SER J 71 19.56 2.59 41.26
CA SER J 71 19.57 4.06 41.26
C SER J 71 20.27 4.52 42.53
N VAL J 72 20.23 3.76 43.60
CA VAL J 72 20.83 4.17 44.90
C VAL J 72 22.31 3.89 44.83
N LEU J 73 22.75 2.85 44.14
CA LEU J 73 24.18 2.51 43.94
C LEU J 73 24.82 3.43 42.91
N VAL J 74 24.17 3.72 41.78
CA VAL J 74 24.65 4.60 40.68
C VAL J 74 24.73 6.05 41.16
N CYS J 75 24.03 6.43 42.21
CA CYS J 75 24.04 7.79 42.79
C CYS J 75 25.09 7.94 43.89
N TYR J 76 25.32 6.93 44.71
CA TYR J 76 26.36 7.00 45.74
C TYR J 76 27.72 6.94 45.04
N SER J 77 27.77 6.58 43.76
CA SER J 77 29.01 6.53 42.95
C SER J 77 29.13 7.75 42.05
N LEU J 78 28.13 8.60 42.01
CA LEU J 78 28.23 9.84 41.23
C LEU J 78 29.17 10.79 41.96
N GLY J 79 29.84 11.67 41.25
CA GLY J 79 30.83 12.62 41.71
C GLY J 79 31.00 13.73 40.71
N GLN J 80 31.46 14.87 41.22
CA GLN J 80 31.70 16.03 40.36
C GLN J 80 32.84 15.77 39.39
N LYS J 81 33.88 15.07 39.86
CA LYS J 81 35.07 14.79 39.06
C LYS J 81 35.23 13.29 38.84
N GLN J 82 34.13 12.61 38.56
CA GLN J 82 34.15 11.18 38.26
C GLN J 82 34.29 10.96 36.77
N ALA J 83 35.06 9.93 36.41
CA ALA J 83 35.52 9.75 35.05
C ALA J 83 34.36 9.54 34.09
N LEU J 84 34.61 9.85 32.82
CA LEU J 84 33.62 9.60 31.77
C LEU J 84 33.34 8.11 31.63
N TYR J 85 34.34 7.27 31.86
CA TYR J 85 34.10 5.82 31.86
C TYR J 85 33.11 5.45 32.95
N THR J 86 33.27 6.02 34.15
CA THR J 86 32.33 5.76 35.23
C THR J 86 30.94 6.25 34.87
N GLY J 87 30.84 7.41 34.22
CA GLY J 87 29.54 7.90 33.80
C GLY J 87 28.87 7.00 32.78
N PHE J 88 29.64 6.53 31.79
CA PHE J 88 29.08 5.61 30.81
C PHE J 88 28.66 4.30 31.45
N ILE J 89 29.45 3.80 32.40
CA ILE J 89 29.10 2.57 33.10
C ILE J 89 27.80 2.76 33.88
N GLN J 90 27.63 3.89 34.54
CA GLN J 90 26.44 4.18 35.35
C GLN J 90 25.25 4.40 34.43
N LEU J 91 25.41 4.96 33.25
CA LEU J 91 24.33 5.05 32.27
C LEU J 91 23.95 3.67 31.76
N GLY J 92 24.89 2.81 31.46
CA GLY J 92 24.62 1.48 30.95
C GLY J 92 23.97 0.64 32.01
N ALA J 93 24.30 0.78 33.27
CA ALA J 93 23.68 0.06 34.39
C ALA J 93 22.25 0.51 34.56
N GLY J 94 21.98 1.79 34.46
CA GLY J 94 20.63 2.35 34.56
C GLY J 94 19.72 1.92 33.47
N LEU J 95 20.20 1.87 32.24
CA LEU J 95 19.40 1.50 31.06
C LEU J 95 19.27 0.00 31.07
N SER J 96 20.28 -0.79 31.39
CA SER J 96 20.14 -2.23 31.60
C SER J 96 18.98 -2.48 32.53
N VAL J 97 19.08 -2.22 33.84
CA VAL J 97 18.01 -2.43 34.88
C VAL J 97 16.70 -1.84 34.44
N GLY J 98 16.65 -0.61 33.97
CA GLY J 98 15.43 0.09 33.60
C GLY J 98 14.71 -0.60 32.50
N LEU J 99 15.35 -0.87 31.39
CA LEU J 99 14.77 -1.50 30.20
C LEU J 99 14.34 -2.94 30.49
N SER J 100 15.19 -3.71 31.19
CA SER J 100 14.82 -5.07 31.56
C SER J 100 13.59 -5.06 32.48
N GLY J 101 13.55 -4.12 33.42
CA GLY J 101 12.39 -4.00 34.28
C GLY J 101 11.14 -3.58 33.53
N LEU J 102 11.30 -2.71 32.54
CA LEU J 102 10.16 -2.33 31.71
C LEU J 102 9.58 -3.54 30.99
N ALA J 103 10.45 -4.32 30.35
CA ALA J 103 9.99 -5.52 29.67
C ALA J 103 9.37 -6.52 30.64
N ALA J 104 10.06 -6.76 31.76
CA ALA J 104 9.57 -7.65 32.80
C ALA J 104 8.22 -7.18 33.25
N GLY J 105 8.01 -5.89 33.54
CA GLY J 105 6.75 -5.38 34.04
C GLY J 105 5.64 -5.52 33.02
N PHE J 106 5.95 -5.30 31.74
CA PHE J 106 4.95 -5.51 30.70
C PHE J 106 4.51 -6.97 30.66
N ALA J 107 5.49 -7.88 30.67
CA ALA J 107 5.16 -9.31 30.68
C ALA J 107 4.37 -9.66 31.93
N ILE J 108 4.75 -9.12 33.09
CA ILE J 108 4.11 -9.39 34.41
C ILE J 108 2.71 -8.82 34.44
N GLY J 109 2.43 -7.72 33.77
CA GLY J 109 1.08 -7.21 33.68
C GLY J 109 0.20 -8.05 32.79
N ILE J 110 0.70 -8.37 31.59
CA ILE J 110 -0.11 -9.15 30.65
C ILE J 110 -0.40 -10.54 31.23
N VAL J 111 0.64 -11.21 31.73
CA VAL J 111 0.48 -12.56 32.25
C VAL J 111 -0.41 -12.56 33.48
N GLY J 112 -0.25 -11.58 34.36
CA GLY J 112 -1.05 -11.52 35.57
C GLY J 112 -2.52 -11.25 35.27
N ASP J 113 -2.79 -10.33 34.34
CA ASP J 113 -4.16 -10.10 33.91
C ASP J 113 -4.78 -11.39 33.39
N ALA J 114 -4.07 -12.06 32.47
CA ALA J 114 -4.60 -13.29 31.90
C ALA J 114 -4.81 -14.35 32.98
N GLY J 115 -3.86 -14.48 33.91
CA GLY J 115 -3.91 -15.55 34.88
C GLY J 115 -4.92 -15.31 35.99
N VAL J 116 -5.15 -14.05 36.37
CA VAL J 116 -6.21 -13.76 37.33
C VAL J 116 -7.57 -13.94 36.65
N ARG J 117 -7.69 -13.56 35.38
CA ARG J 117 -8.95 -13.76 34.68
C ARG J 117 -9.26 -15.25 34.52
N GLY J 118 -8.24 -16.07 34.26
CA GLY J 118 -8.46 -17.48 34.09
C GLY J 118 -8.51 -18.27 35.39
N SER J 119 -7.91 -17.75 36.45
CA SER J 119 -7.88 -18.46 37.72
C SER J 119 -9.23 -18.41 38.43
N SER J 120 -10.01 -17.36 38.19
CA SER J 120 -11.37 -17.32 38.73
C SER J 120 -12.21 -18.46 38.19
N GLN J 121 -11.80 -19.07 37.08
CA GLN J 121 -12.47 -20.22 36.49
C GLN J 121 -11.74 -21.52 36.76
N GLN J 122 -10.42 -21.55 36.58
CA GLN J 122 -9.59 -22.74 36.80
C GLN J 122 -8.58 -22.41 37.89
N PRO J 123 -8.84 -22.78 39.14
CA PRO J 123 -7.86 -22.49 40.21
C PRO J 123 -6.50 -23.10 39.95
N ARG J 124 -6.46 -24.27 39.31
CA ARG J 124 -5.18 -24.94 39.04
C ARG J 124 -4.29 -24.06 38.16
N LEU J 125 -4.88 -23.11 37.44
CA LEU J 125 -4.11 -22.21 36.61
C LEU J 125 -3.28 -21.24 37.44
N PHE J 126 -3.65 -20.93 38.65
CA PHE J 126 -2.96 -19.92 39.49
C PHE J 126 -1.48 -20.24 39.59
N VAL J 127 -1.10 -21.47 39.92
CA VAL J 127 0.32 -21.89 40.08
C VAL J 127 1.01 -21.71 38.72
N GLY J 128 0.34 -21.95 37.62
CA GLY J 128 0.88 -21.68 36.29
C GLY J 128 1.12 -20.22 36.05
N MET J 129 0.25 -19.31 36.45
CA MET J 129 0.47 -17.86 36.34
C MET J 129 1.70 -17.51 37.17
N ILE J 130 1.84 -18.04 38.37
CA ILE J 130 2.98 -17.73 39.28
C ILE J 130 4.27 -18.21 38.64
N LEU J 131 4.33 -19.37 38.01
CA LEU J 131 5.56 -19.81 37.31
C LEU J 131 5.84 -18.87 36.15
N ILE J 132 4.88 -18.55 35.30
CA ILE J 132 5.12 -17.71 34.10
C ILE J 132 5.55 -16.34 34.60
N LEU J 133 5.02 -15.85 35.73
CA LEU J 133 5.36 -14.54 36.35
C LEU J 133 6.74 -14.58 36.99
N ILE J 134 7.16 -15.69 37.59
CA ILE J 134 8.53 -15.89 38.13
C ILE J 134 9.50 -15.80 36.96
N PHE J 135 9.18 -16.33 35.79
CA PHE J 135 10.01 -16.23 34.56
C PHE J 135 10.11 -14.78 34.10
N ALA J 136 9.03 -14.04 34.04
CA ALA J 136 9.00 -12.63 33.62
C ALA J 136 9.79 -11.79 34.61
N GLU J 137 9.76 -12.12 35.89
CA GLU J 137 10.53 -11.45 36.95
C GLU J 137 12.02 -11.65 36.78
N VAL J 138 12.50 -12.81 36.34
CA VAL J 138 13.94 -13.15 36.14
C VAL J 138 14.47 -12.25 35.04
N LEU J 139 13.66 -11.82 34.10
CA LEU J 139 14.08 -10.92 33.01
C LEU J 139 14.55 -9.62 33.64
N GLY J 140 13.82 -9.09 34.61
CA GLY J 140 14.19 -7.88 35.35
C GLY J 140 15.33 -8.14 36.27
N LEU J 141 15.39 -9.31 36.89
CA LEU J 141 16.47 -9.69 37.83
C LEU J 141 17.73 -9.68 37.04
N TYR J 142 17.75 -10.24 35.84
CA TYR J 142 18.93 -10.27 34.96
C TYR J 142 19.41 -8.88 34.59
N GLY J 143 18.57 -7.87 34.34
CA GLY J 143 18.99 -6.49 34.14
C GLY J 143 19.69 -5.94 35.36
N LEU J 144 19.02 -6.00 36.51
CA LEU J 144 19.64 -5.58 37.77
C LEU J 144 21.04 -6.17 37.87
N ILE J 145 21.14 -7.48 37.65
CA ILE J 145 22.42 -8.17 37.81
C ILE J 145 23.45 -7.53 36.90
N VAL J 146 23.17 -7.43 35.61
CA VAL J 146 24.05 -6.74 34.63
C VAL J 146 24.35 -5.34 35.14
N ALA J 147 23.36 -4.57 35.60
CA ALA J 147 23.59 -3.25 36.18
C ALA J 147 24.55 -3.36 37.35
N LEU J 148 24.26 -4.28 38.27
CA LEU J 148 25.14 -4.44 39.43
C LEU J 148 26.57 -4.69 38.96
N LEU J 149 26.75 -5.60 38.03
CA LEU J 149 28.08 -6.05 37.55
C LEU J 149 28.71 -4.97 36.70
N LEU J 150 27.97 -3.93 36.36
CA LEU J 150 28.48 -2.75 35.63
C LEU J 150 28.90 -1.75 36.69
N ASN J 151 28.22 -1.61 37.82
CA ASN J 151 28.65 -0.71 38.89
C ASN J 151 29.88 -1.27 39.60
N SER J 152 30.08 -2.59 39.56
CA SER J 152 31.28 -3.15 40.15
C SER J 152 32.53 -2.70 39.39
N ARG J 153 32.33 -2.18 38.19
CA ARG J 153 33.42 -1.72 37.30
C ARG J 153 33.34 -0.21 37.13
N ALA J 154 32.33 0.51 37.64
CA ALA J 154 32.14 1.91 37.33
C ALA J 154 33.25 2.78 37.90
N THR J 155 33.52 2.65 39.20
CA THR J 155 34.51 3.48 39.89
C THR J 155 35.87 2.79 40.01
N GLN J 156 35.94 1.50 39.70
CA GLN J 156 37.16 0.73 39.95
C GLN J 156 38.17 0.83 38.82
N ASP J 157 39.44 0.89 39.21
CA ASP J 157 40.55 0.99 38.26
C ASP J 157 40.39 2.20 37.35
N VAL J 158 39.85 3.28 37.93
CA VAL J 158 39.51 4.49 37.18
C VAL J 158 40.36 5.63 37.70
N VAL J 159 40.98 6.36 36.77
CA VAL J 159 41.80 7.51 37.12
C VAL J 159 41.01 8.79 36.86
N MET K 1 43.88 10.31 26.74
CA MET K 1 43.12 9.72 25.61
C MET K 1 44.02 9.54 24.40
N THR K 2 44.22 8.29 24.01
CA THR K 2 45.06 7.96 22.88
C THR K 2 44.26 8.10 21.58
N GLU K 3 44.99 8.16 20.46
CA GLU K 3 44.31 8.18 19.16
C GLU K 3 43.38 6.98 19.04
N LEU K 4 43.89 5.79 19.34
CA LEU K 4 43.13 4.56 19.18
C LEU K 4 42.17 4.31 20.33
N CYS K 5 42.37 4.95 21.48
CA CYS K 5 41.57 4.71 22.68
C CYS K 5 41.06 6.03 23.22
N PRO K 6 40.04 6.61 22.58
CA PRO K 6 39.45 7.85 23.09
C PRO K 6 38.72 7.61 24.40
N VAL K 7 38.37 8.73 25.05
CA VAL K 7 37.64 8.64 26.31
C VAL K 7 36.22 8.13 26.08
N TYR K 8 35.70 8.24 24.86
CA TYR K 8 34.34 7.87 24.55
C TYR K 8 34.23 6.44 24.03
N ALA K 9 35.35 5.73 23.91
CA ALA K 9 35.31 4.33 23.50
C ALA K 9 34.48 3.48 24.46
N PRO K 10 34.60 3.63 25.79
CA PRO K 10 33.75 2.84 26.68
C PRO K 10 32.28 3.09 26.50
N PHE K 11 31.88 4.19 25.85
CA PHE K 11 30.47 4.43 25.63
C PHE K 11 29.85 3.28 24.85
N PHE K 12 30.40 2.90 23.70
CA PHE K 12 29.76 1.90 22.83
C PHE K 12 29.84 0.53 23.46
N GLY K 13 30.82 0.29 24.32
CA GLY K 13 30.91 -0.97 25.05
C GLY K 13 29.81 -1.12 26.05
N ALA K 14 29.50 -0.07 26.83
CA ALA K 14 28.44 -0.05 27.85
C ALA K 14 27.07 -0.11 27.21
N ILE K 15 26.88 0.50 26.03
CA ILE K 15 25.62 0.43 25.25
C ILE K 15 25.50 -0.97 24.69
N GLY K 16 26.58 -1.67 24.37
CA GLY K 16 26.54 -3.08 24.00
C GLY K 16 26.17 -3.98 25.16
N CYS K 17 26.69 -3.74 26.35
CA CYS K 17 26.37 -4.51 27.57
C CYS K 17 24.88 -4.32 27.87
N ALA K 18 24.38 -3.12 27.81
CA ALA K 18 22.96 -2.82 28.03
C ALA K 18 22.12 -3.37 26.89
N SER K 19 22.52 -3.20 25.65
CA SER K 19 21.72 -3.60 24.47
C SER K 19 21.48 -5.08 24.54
N ALA K 20 22.47 -5.85 24.96
CA ALA K 20 22.35 -7.31 24.98
C ALA K 20 21.24 -7.71 25.92
N ILE K 21 21.22 -7.24 27.17
CA ILE K 21 20.21 -7.64 28.19
C ILE K 21 18.90 -6.96 27.86
N ILE K 22 18.93 -5.73 27.38
CA ILE K 22 17.72 -4.92 27.12
C ILE K 22 16.88 -5.54 26.02
N PHE K 23 17.44 -5.99 24.92
CA PHE K 23 16.67 -6.44 23.74
C PHE K 23 16.40 -7.92 23.83
N THR K 24 17.23 -8.69 24.51
CA THR K 24 17.00 -10.11 24.81
C THR K 24 15.96 -10.23 25.92
N SER K 25 15.77 -9.24 26.78
CA SER K 25 14.77 -9.19 27.87
C SER K 25 13.50 -8.62 27.28
N LEU K 26 13.57 -7.81 26.25
CA LEU K 26 12.37 -7.40 25.53
C LEU K 26 11.77 -8.58 24.78
N GLY K 27 12.59 -9.31 24.03
CA GLY K 27 12.10 -10.46 23.31
C GLY K 27 11.58 -11.54 24.23
N ALA K 28 12.31 -11.81 25.31
CA ALA K 28 11.89 -12.84 26.26
C ALA K 28 10.58 -12.44 26.95
N ALA K 29 10.42 -11.16 27.26
CA ALA K 29 9.18 -10.69 27.88
C ALA K 29 8.02 -10.81 26.92
N TYR K 30 8.22 -10.44 25.66
CA TYR K 30 7.18 -10.61 24.65
C TYR K 30 6.78 -12.07 24.54
N GLY K 31 7.77 -12.96 24.42
CA GLY K 31 7.47 -14.38 24.30
C GLY K 31 6.77 -14.93 25.53
N THR K 32 7.29 -14.60 26.71
CA THR K 32 6.68 -15.07 27.94
C THR K 32 5.25 -14.56 28.08
N ALA K 33 5.02 -13.29 27.76
CA ALA K 33 3.70 -12.72 27.88
C ALA K 33 2.70 -13.42 26.97
N LYS K 34 3.06 -13.56 25.69
CA LYS K 34 2.11 -14.17 24.75
C LYS K 34 1.90 -15.65 25.05
N SER K 35 2.99 -16.37 25.35
CA SER K 35 2.86 -17.78 25.70
C SER K 35 2.04 -17.95 26.97
N GLY K 36 2.20 -17.05 27.94
CA GLY K 36 1.40 -17.13 29.15
C GLY K 36 -0.06 -16.82 28.91
N VAL K 37 -0.34 -15.86 28.01
CA VAL K 37 -1.72 -15.60 27.63
C VAL K 37 -2.34 -16.85 27.00
N GLY K 38 -1.60 -17.50 26.11
CA GLY K 38 -2.09 -18.73 25.53
C GLY K 38 -2.30 -19.83 26.57
N ILE K 39 -1.35 -19.95 27.49
CA ILE K 39 -1.43 -20.99 28.53
C ILE K 39 -2.62 -20.73 29.43
N CYS K 40 -2.88 -19.47 29.77
CA CYS K 40 -4.03 -19.14 30.60
C CYS K 40 -5.33 -19.35 29.86
N ALA K 41 -5.34 -19.12 28.55
CA ALA K 41 -6.55 -19.37 27.76
C ALA K 41 -6.82 -20.86 27.64
N THR K 42 -5.78 -21.69 27.52
CA THR K 42 -5.97 -23.11 27.29
C THR K 42 -6.21 -23.87 28.59
N CYS K 43 -5.40 -23.60 29.61
CA CYS K 43 -5.46 -24.36 30.85
C CYS K 43 -6.76 -24.16 31.61
N VAL K 44 -7.56 -23.15 31.26
CA VAL K 44 -8.91 -23.07 31.78
C VAL K 44 -9.67 -24.35 31.41
N LEU K 45 -9.48 -24.83 30.19
CA LEU K 45 -10.06 -26.10 29.76
C LEU K 45 -9.16 -27.28 30.09
N ARG K 46 -7.84 -27.10 30.00
CA ARG K 46 -6.88 -28.20 30.06
C ARG K 46 -5.75 -27.86 31.02
N PRO K 47 -6.04 -27.83 32.33
CA PRO K 47 -4.96 -27.59 33.29
C PRO K 47 -3.87 -28.65 33.26
N ASP K 48 -4.21 -29.89 32.91
CA ASP K 48 -3.22 -30.97 32.93
C ASP K 48 -2.05 -30.69 31.98
N LEU K 49 -2.26 -29.86 30.95
CA LEU K 49 -1.20 -29.53 30.01
C LEU K 49 -0.29 -28.41 30.51
N LEU K 50 -0.66 -27.70 31.57
CA LEU K 50 0.02 -26.45 32.02
C LEU K 50 1.50 -26.61 32.23
N PHE K 51 1.97 -27.65 32.88
CA PHE K 51 3.40 -27.77 33.27
C PHE K 51 4.13 -28.36 32.08
N LYS K 52 3.45 -28.45 30.96
CA LYS K 52 4.02 -28.93 29.72
C LYS K 52 3.81 -27.96 28.56
N ASN K 53 2.86 -27.03 28.67
CA ASN K 53 2.80 -25.87 27.79
C ASN K 53 3.65 -24.70 28.29
N ILE K 54 4.39 -24.85 29.37
CA ILE K 54 5.33 -23.82 29.86
C ILE K 54 6.58 -23.79 28.98
N VAL K 55 6.77 -24.68 28.01
CA VAL K 55 8.01 -24.72 27.24
C VAL K 55 8.31 -23.40 26.55
N PRO K 56 7.35 -22.76 25.87
CA PRO K 56 7.69 -21.49 25.21
C PRO K 56 8.20 -20.42 26.15
N VAL K 57 7.84 -20.51 27.44
CA VAL K 57 8.25 -19.53 28.50
C VAL K 57 9.64 -19.96 28.99
N ILE K 58 10.02 -21.22 28.85
CA ILE K 58 11.39 -21.73 29.15
C ILE K 58 12.26 -21.39 27.95
N MET K 59 11.73 -21.37 26.75
CA MET K 59 12.47 -21.12 25.49
C MET K 59 12.60 -19.63 25.24
N ALA K 60 11.76 -18.80 25.80
CA ALA K 60 11.80 -17.34 25.65
C ALA K 60 12.74 -16.82 26.72
N GLY K 61 12.96 -17.53 27.80
CA GLY K 61 13.87 -17.12 28.87
C GLY K 61 15.27 -17.58 28.61
N ILE K 62 15.52 -18.47 27.66
CA ILE K 62 16.88 -18.88 27.25
C ILE K 62 17.39 -17.79 26.34
N ILE K 63 16.52 -16.97 25.77
CA ILE K 63 16.90 -15.77 24.98
C ILE K 63 17.50 -14.73 25.92
N ALA K 64 16.93 -14.50 27.09
CA ALA K 64 17.42 -13.56 28.11
C ALA K 64 18.74 -14.08 28.68
N ILE K 65 18.88 -15.38 28.87
CA ILE K 65 20.12 -16.02 29.37
C ILE K 65 21.21 -15.77 28.34
N TYR K 66 20.89 -15.78 27.04
CA TYR K 66 21.85 -15.55 25.93
C TYR K 66 22.35 -14.12 26.00
N GLY K 67 21.56 -13.13 26.39
CA GLY K 67 21.97 -11.73 26.52
C GLY K 67 22.53 -11.40 27.88
N LEU K 68 22.43 -12.27 28.86
CA LEU K 68 23.08 -12.13 30.18
C LEU K 68 24.46 -12.74 30.04
N VAL K 69 24.65 -13.66 29.11
CA VAL K 69 25.99 -14.24 28.81
C VAL K 69 26.82 -13.20 28.07
N VAL K 70 26.26 -12.48 27.12
CA VAL K 70 27.00 -11.52 26.25
C VAL K 70 27.15 -10.22 27.01
N SER K 71 26.28 -9.91 27.94
CA SER K 71 26.34 -8.70 28.77
C SER K 71 27.41 -8.91 29.79
N VAL K 72 27.58 -10.10 30.32
CA VAL K 72 28.54 -10.38 31.42
C VAL K 72 29.92 -10.55 30.79
N LEU K 73 30.03 -10.90 29.51
CA LEU K 73 31.31 -11.05 28.78
C LEU K 73 31.73 -9.70 28.21
N VAL K 74 30.82 -8.88 27.72
CA VAL K 74 31.07 -7.51 27.16
C VAL K 74 31.39 -6.57 28.31
N CYS K 75 30.94 -6.85 29.52
CA CYS K 75 31.14 -5.98 30.70
C CYS K 75 32.49 -6.23 31.36
N TYR K 76 32.96 -7.45 31.43
CA TYR K 76 34.27 -7.78 32.03
C TYR K 76 35.38 -7.39 31.05
N SER K 77 35.07 -7.01 29.82
CA SER K 77 36.06 -6.53 28.83
C SER K 77 35.97 -5.01 28.70
N LEU K 78 35.17 -4.34 29.55
CA LEU K 78 34.97 -2.88 29.52
C LEU K 78 36.01 -2.25 30.40
N GLY K 79 36.70 -1.23 29.95
CA GLY K 79 37.83 -0.56 30.55
C GLY K 79 37.80 0.92 30.28
N GLN K 80 38.45 1.67 31.16
CA GLN K 80 38.51 3.11 31.00
C GLN K 80 39.34 3.50 29.77
N LYS K 81 40.40 2.75 29.51
CA LYS K 81 41.31 3.03 28.40
C LYS K 81 41.32 1.89 27.39
N GLN K 82 40.13 1.35 27.10
CA GLN K 82 39.98 0.29 26.12
C GLN K 82 39.69 0.89 24.75
N ALA K 83 40.27 0.27 23.73
CA ALA K 83 40.32 0.85 22.40
C ALA K 83 38.92 1.07 21.83
N LEU K 84 38.84 2.03 20.89
CA LEU K 84 37.59 2.26 20.18
C LEU K 84 37.18 1.04 19.37
N TYR K 85 38.15 0.30 18.84
CA TYR K 85 37.82 -0.96 18.16
C TYR K 85 37.15 -1.93 19.12
N THR K 86 37.67 -2.05 20.33
CA THR K 86 37.04 -2.91 21.32
C THR K 86 35.63 -2.44 21.65
N GLY K 87 35.44 -1.12 21.75
CA GLY K 87 34.12 -0.61 22.03
C GLY K 87 33.14 -0.90 20.91
N PHE K 88 33.57 -0.72 19.66
CA PHE K 88 32.70 -1.04 18.52
C PHE K 88 32.40 -2.53 18.48
N ILE K 89 33.38 -3.38 18.78
CA ILE K 89 33.15 -4.81 18.80
C ILE K 89 32.13 -5.18 19.87
N GLN K 90 32.23 -4.58 21.05
CA GLN K 90 31.31 -4.83 22.18
C GLN K 90 29.94 -4.28 21.88
N LEU K 91 29.81 -3.19 21.15
CA LEU K 91 28.51 -2.70 20.70
C LEU K 91 27.91 -3.64 19.66
N GLY K 92 28.73 -4.12 18.72
CA GLY K 92 28.22 -5.03 17.72
C GLY K 92 27.76 -6.34 18.31
N ALA K 93 28.45 -6.86 19.32
CA ALA K 93 28.12 -8.10 20.04
C ALA K 93 26.82 -7.93 20.81
N GLY K 94 26.61 -6.80 21.44
CA GLY K 94 25.38 -6.52 22.17
C GLY K 94 24.19 -6.41 21.27
N LEU K 95 24.37 -5.81 20.12
CA LEU K 95 23.26 -5.56 19.18
C LEU K 95 23.02 -6.82 18.40
N SER K 96 23.99 -7.63 18.10
CA SER K 96 23.70 -8.91 17.48
C SER K 96 22.87 -9.78 18.41
N VAL K 97 23.30 -10.06 19.64
CA VAL K 97 22.58 -10.97 20.57
C VAL K 97 21.25 -10.37 21.00
N GLY K 98 21.13 -9.07 21.13
CA GLY K 98 19.93 -8.39 21.60
C GLY K 98 18.89 -8.36 20.52
N LEU K 99 19.26 -8.09 19.28
CA LEU K 99 18.34 -8.07 18.16
C LEU K 99 17.92 -9.48 17.76
N SER K 100 18.87 -10.37 17.64
CA SER K 100 18.58 -11.77 17.34
C SER K 100 17.73 -12.40 18.43
N GLY K 101 17.88 -12.08 19.73
CA GLY K 101 17.00 -12.52 20.79
C GLY K 101 15.64 -11.88 20.75
N LEU K 102 15.56 -10.61 20.35
CA LEU K 102 14.28 -9.96 20.18
C LEU K 102 13.45 -10.67 19.13
N ALA K 103 14.05 -10.93 17.97
CA ALA K 103 13.34 -11.64 16.90
C ALA K 103 12.96 -13.05 17.35
N ALA K 104 13.90 -13.77 17.93
CA ALA K 104 13.65 -15.11 18.45
C ALA K 104 12.48 -15.05 19.41
N GLY K 105 12.49 -14.14 20.38
CA GLY K 105 11.44 -14.07 21.38
C GLY K 105 10.08 -13.76 20.79
N PHE K 106 10.05 -12.88 19.78
CA PHE K 106 8.79 -12.61 19.10
C PHE K 106 8.26 -13.87 18.41
N ALA K 107 9.14 -14.57 17.69
CA ALA K 107 8.74 -15.82 17.06
C ALA K 107 8.31 -16.84 18.09
N ILE K 108 9.00 -16.93 19.23
CA ILE K 108 8.75 -17.92 20.32
C ILE K 108 7.45 -17.57 21.02
N GLY K 109 7.07 -16.31 21.11
CA GLY K 109 5.78 -15.95 21.67
C GLY K 109 4.65 -16.29 20.73
N ILE K 110 4.77 -15.89 19.46
CA ILE K 110 3.69 -16.14 18.51
C ILE K 110 3.47 -17.65 18.34
N VAL K 111 4.56 -18.39 18.11
CA VAL K 111 4.47 -19.82 17.88
C VAL K 111 3.94 -20.53 19.11
N GLY K 112 4.42 -20.14 20.30
CA GLY K 112 3.96 -20.78 21.52
C GLY K 112 2.50 -20.52 21.80
N ASP K 113 2.05 -19.28 21.60
CA ASP K 113 0.63 -19.00 21.74
C ASP K 113 -0.19 -19.88 20.81
N ALA K 114 0.20 -19.91 19.53
CA ALA K 114 -0.55 -20.71 18.56
C ALA K 114 -0.53 -22.19 18.94
N GLY K 115 0.63 -22.70 19.38
CA GLY K 115 0.78 -24.11 19.64
C GLY K 115 0.13 -24.57 20.91
N VAL K 116 0.09 -23.72 21.94
CA VAL K 116 -0.65 -24.05 23.15
C VAL K 116 -2.14 -24.00 22.87
N ARG K 117 -2.58 -23.01 22.09
CA ARG K 117 -4.00 -22.95 21.74
C ARG K 117 -4.43 -24.15 20.92
N GLY K 118 -3.58 -24.61 20.01
CA GLY K 118 -3.92 -25.76 19.19
C GLY K 118 -3.68 -27.11 19.84
N SER K 119 -2.78 -27.14 20.83
CA SER K 119 -2.44 -28.42 21.47
C SER K 119 -3.54 -28.86 22.44
N SER K 120 -4.29 -27.91 23.00
CA SER K 120 -5.44 -28.27 23.81
C SER K 120 -6.47 -29.05 23.02
N GLN K 121 -6.42 -28.96 21.69
CA GLN K 121 -7.30 -29.70 20.79
C GLN K 121 -6.61 -30.87 20.13
N GLN K 122 -5.39 -30.68 19.62
CA GLN K 122 -4.62 -31.73 18.96
C GLN K 122 -3.32 -31.93 19.74
N PRO K 123 -3.26 -32.92 20.63
CA PRO K 123 -2.01 -33.13 21.38
C PRO K 123 -0.82 -33.40 20.49
N ARG K 124 -1.03 -34.05 19.35
CA ARG K 124 0.08 -34.37 18.45
C ARG K 124 0.75 -33.09 17.96
N LEU K 125 0.05 -31.96 18.02
CA LEU K 125 0.63 -30.69 17.62
C LEU K 125 1.71 -30.22 18.56
N PHE K 126 1.79 -30.68 19.80
CA PHE K 126 2.76 -30.20 20.82
C PHE K 126 4.20 -30.42 20.38
N VAL K 127 4.57 -31.58 19.86
CA VAL K 127 5.94 -31.89 19.35
C VAL K 127 6.25 -30.96 18.18
N GLY K 128 5.28 -30.64 17.34
CA GLY K 128 5.44 -29.71 16.22
C GLY K 128 5.69 -28.31 16.67
N MET K 129 5.03 -27.85 17.72
CA MET K 129 5.26 -26.52 18.33
C MET K 129 6.67 -26.48 18.88
N ILE K 130 7.13 -27.54 19.52
CA ILE K 130 8.49 -27.63 20.08
C ILE K 130 9.47 -27.47 18.93
N LEU K 131 9.29 -28.11 17.80
CA LEU K 131 10.21 -28.03 16.64
C LEU K 131 10.25 -26.61 16.10
N ILE K 132 9.12 -25.95 15.93
CA ILE K 132 9.05 -24.56 15.40
C ILE K 132 9.69 -23.64 16.45
N LEU K 133 9.58 -23.92 17.76
CA LEU K 133 10.21 -23.13 18.86
C LEU K 133 11.71 -23.31 18.91
N ILE K 134 12.23 -24.49 18.62
CA ILE K 134 13.69 -24.76 18.56
C ILE K 134 14.24 -23.94 17.40
N PHE K 135 13.51 -23.82 16.30
CA PHE K 135 13.91 -23.02 15.13
C PHE K 135 14.03 -21.56 15.52
N ALA K 136 13.10 -21.00 16.29
CA ALA K 136 13.14 -19.62 16.80
C ALA K 136 14.25 -19.42 17.81
N GLU K 137 14.52 -20.37 18.68
CA GLU K 137 15.63 -20.30 19.65
C GLU K 137 16.97 -20.29 18.94
N VAL K 138 17.15 -21.04 17.84
CA VAL K 138 18.40 -21.10 17.04
C VAL K 138 18.66 -19.71 16.48
N LEU K 139 17.63 -18.92 16.17
CA LEU K 139 17.80 -17.53 15.68
C LEU K 139 18.47 -16.71 16.76
N GLY K 140 18.12 -16.88 18.02
CA GLY K 140 18.74 -16.20 19.16
C GLY K 140 20.12 -16.72 19.43
N LEU K 141 20.35 -18.03 19.33
CA LEU K 141 21.65 -18.70 19.55
C LEU K 141 22.63 -18.23 18.50
N TYR K 142 22.21 -18.06 17.26
CA TYR K 142 23.07 -17.60 16.15
C TYR K 142 23.53 -16.20 16.48
N GLY K 143 22.70 -15.33 17.04
CA GLY K 143 23.07 -13.99 17.53
C GLY K 143 24.03 -14.09 18.67
N LEU K 144 23.87 -15.04 19.58
CA LEU K 144 24.82 -15.30 20.69
C LEU K 144 26.16 -15.71 20.11
N ILE K 145 26.20 -16.59 19.12
CA ILE K 145 27.46 -17.09 18.50
C ILE K 145 28.16 -15.90 17.85
N VAL K 146 27.46 -15.05 17.14
CA VAL K 146 28.03 -13.87 16.43
C VAL K 146 28.59 -12.95 17.50
N ALA K 147 27.86 -12.73 18.57
CA ALA K 147 28.28 -11.92 19.73
C ALA K 147 29.47 -12.51 20.47
N LEU K 148 29.56 -13.82 20.65
CA LEU K 148 30.69 -14.52 21.31
C LEU K 148 31.92 -14.50 20.41
N LEU K 149 31.75 -14.60 19.10
CA LEU K 149 32.84 -14.54 18.10
C LEU K 149 33.22 -13.08 17.84
N LEU K 150 32.46 -12.10 18.32
CA LEU K 150 32.81 -10.66 18.25
C LEU K 150 33.63 -10.35 19.50
N ASN K 151 33.32 -10.89 20.68
CA ASN K 151 34.08 -10.65 21.90
C ASN K 151 35.42 -11.37 21.86
N SER K 152 35.53 -12.46 21.09
CA SER K 152 36.80 -13.13 20.94
C SER K 152 37.83 -12.25 20.24
N ARG K 153 37.35 -11.17 19.62
CA ARG K 153 38.17 -10.24 18.85
C ARG K 153 38.16 -8.88 19.51
N ALA K 154 37.36 -8.63 20.55
CA ALA K 154 37.19 -7.29 21.08
C ALA K 154 38.47 -6.74 21.69
N THR K 155 39.07 -7.50 22.61
CA THR K 155 40.26 -7.07 23.33
C THR K 155 41.55 -7.59 22.70
N GLN K 156 41.46 -8.54 21.77
CA GLN K 156 42.64 -9.21 21.24
C GLN K 156 43.31 -8.45 20.11
N ASP K 157 44.64 -8.48 20.12
CA ASP K 157 45.45 -7.81 19.11
C ASP K 157 45.12 -6.32 19.04
N VAL K 158 44.84 -5.74 20.21
CA VAL K 158 44.38 -4.37 20.33
C VAL K 158 45.42 -3.58 21.12
N VAL K 159 45.80 -2.43 20.57
CA VAL K 159 46.76 -1.56 21.24
C VAL K 159 46.02 -0.41 21.91
N MET L 1 46.29 6.14 13.79
CA MET L 1 45.21 6.17 12.78
C MET L 1 45.74 6.73 11.46
N THR L 2 45.73 5.89 10.43
CA THR L 2 46.20 6.27 9.11
C THR L 2 45.09 7.02 8.37
N GLU L 3 45.48 7.73 7.30
CA GLU L 3 44.49 8.36 6.44
C GLU L 3 43.47 7.34 5.98
N LEU L 4 43.94 6.21 5.44
CA LEU L 4 43.08 5.19 4.87
C LEU L 4 42.45 4.30 5.92
N CYS L 5 43.00 4.26 7.13
CA CYS L 5 42.55 3.35 8.19
C CYS L 5 42.30 4.15 9.46
N PRO L 6 41.20 4.88 9.53
CA PRO L 6 40.88 5.62 10.75
C PRO L 6 40.49 4.68 11.88
N VAL L 7 40.42 5.24 13.08
CA VAL L 7 40.05 4.45 14.25
C VAL L 7 38.59 4.03 14.18
N TYR L 8 37.78 4.73 13.40
CA TYR L 8 36.36 4.45 13.32
C TYR L 8 36.00 3.51 12.18
N ALA L 9 36.99 3.07 11.41
CA ALA L 9 36.73 2.09 10.35
C ALA L 9 36.13 0.80 10.90
N PRO L 10 36.62 0.23 12.01
CA PRO L 10 35.99 -0.98 12.55
C PRO L 10 34.54 -0.78 12.94
N PHE L 11 34.08 0.46 13.10
CA PHE L 11 32.67 0.67 13.42
C PHE L 11 31.77 0.05 12.36
N PHE L 12 32.05 0.36 11.09
CA PHE L 12 31.21 -0.16 10.01
C PHE L 12 31.33 -1.67 9.89
N GLY L 13 32.49 -2.25 10.08
CA GLY L 13 32.62 -3.70 10.07
C GLY L 13 31.81 -4.35 11.14
N ALA L 14 31.78 -3.79 12.33
CA ALA L 14 31.15 -4.39 13.53
C ALA L 14 29.68 -4.17 13.39
N ILE L 15 29.31 -3.12 12.69
CA ILE L 15 27.91 -2.89 12.38
C ILE L 15 27.43 -3.87 11.32
N GLY L 16 28.30 -4.25 10.39
CA GLY L 16 27.94 -5.29 9.44
C GLY L 16 27.86 -6.67 10.08
N CYS L 17 28.88 -7.13 10.79
CA CYS L 17 28.80 -8.38 11.57
C CYS L 17 27.43 -8.32 12.26
N ALA L 18 27.02 -7.23 12.92
CA ALA L 18 25.73 -7.22 13.62
C ALA L 18 24.58 -7.33 12.64
N SER L 19 24.52 -6.41 11.67
CA SER L 19 23.37 -6.28 10.79
C SER L 19 23.06 -7.57 10.06
N ALA L 20 24.08 -8.26 9.54
CA ALA L 20 23.81 -9.51 8.83
C ALA L 20 22.92 -10.42 9.66
N ILE L 21 23.41 -10.84 10.82
CA ILE L 21 22.66 -11.77 11.66
C ILE L 21 21.37 -11.11 12.16
N ILE L 22 21.42 -9.80 12.44
CA ILE L 22 20.26 -9.14 13.03
C ILE L 22 19.08 -9.21 12.08
N PHE L 23 19.27 -8.77 10.84
CA PHE L 23 18.17 -8.69 9.90
C PHE L 23 17.80 -10.08 9.36
N THR L 24 18.79 -10.96 9.20
CA THR L 24 18.47 -12.33 8.81
C THR L 24 17.63 -13.00 9.89
N SER L 25 17.95 -12.76 11.16
CA SER L 25 17.18 -13.31 12.26
C SER L 25 15.79 -12.68 12.33
N LEU L 26 15.69 -11.38 12.05
CA LEU L 26 14.37 -10.76 12.01
C LEU L 26 13.50 -11.41 10.96
N GLY L 27 14.03 -11.56 9.74
CA GLY L 27 13.26 -12.20 8.68
C GLY L 27 12.94 -13.64 9.00
N ALA L 28 13.91 -14.38 9.53
CA ALA L 28 13.68 -15.77 9.87
C ALA L 28 12.65 -15.92 10.98
N ALA L 29 12.68 -15.01 11.96
CA ALA L 29 11.69 -15.04 13.04
C ALA L 29 10.31 -14.73 12.51
N TYR L 30 10.19 -13.73 11.63
CA TYR L 30 8.91 -13.43 11.02
C TYR L 30 8.37 -14.65 10.27
N GLY L 31 9.22 -15.26 9.45
CA GLY L 31 8.80 -16.41 8.67
C GLY L 31 8.42 -17.58 9.55
N THR L 32 9.26 -17.89 10.54
CA THR L 32 8.97 -18.98 11.45
C THR L 32 7.69 -18.74 12.22
N ALA L 33 7.48 -17.51 12.69
CA ALA L 33 6.28 -17.20 13.46
C ALA L 33 5.02 -17.39 12.62
N LYS L 34 5.00 -16.82 11.41
CA LYS L 34 3.79 -16.91 10.61
C LYS L 34 3.56 -18.34 10.11
N SER L 35 4.62 -19.01 9.69
CA SER L 35 4.49 -20.39 9.26
C SER L 35 4.04 -21.28 10.41
N GLY L 36 4.53 -21.02 11.61
CA GLY L 36 4.08 -21.78 12.77
C GLY L 36 2.64 -21.50 13.13
N VAL L 37 2.20 -20.26 12.99
CA VAL L 37 0.79 -19.95 13.20
C VAL L 37 -0.07 -20.72 12.21
N GLY L 38 0.35 -20.74 10.94
CA GLY L 38 -0.38 -21.52 9.95
C GLY L 38 -0.38 -23.01 10.26
N ILE L 39 0.77 -23.53 10.69
CA ILE L 39 0.90 -24.95 11.00
C ILE L 39 0.02 -25.31 12.19
N CYS L 40 -0.04 -24.44 13.19
CA CYS L 40 -0.88 -24.69 14.35
C CYS L 40 -2.36 -24.58 14.00
N ALA L 41 -2.71 -23.69 13.06
CA ALA L 41 -4.09 -23.60 12.63
C ALA L 41 -4.51 -24.81 11.81
N THR L 42 -3.61 -25.36 11.01
CA THR L 42 -3.96 -26.46 10.11
C THR L 42 -3.90 -27.80 10.83
N CYS L 43 -2.82 -28.05 11.57
CA CYS L 43 -2.60 -29.36 12.18
C CYS L 43 -3.62 -29.69 13.26
N VAL L 44 -4.40 -28.71 13.72
CA VAL L 44 -5.56 -29.03 14.54
C VAL L 44 -6.48 -29.98 13.79
N LEU L 45 -6.67 -29.73 12.50
CA LEU L 45 -7.43 -30.62 11.64
C LEU L 45 -6.58 -31.72 11.02
N ARG L 46 -5.33 -31.43 10.70
CA ARG L 46 -4.47 -32.30 9.90
C ARG L 46 -3.10 -32.44 10.55
N PRO L 47 -3.02 -33.11 11.69
CA PRO L 47 -1.70 -33.34 12.32
C PRO L 47 -0.75 -34.13 11.44
N ASP L 48 -1.26 -35.02 10.59
CA ASP L 48 -0.40 -35.85 9.77
C ASP L 48 0.48 -35.03 8.83
N LEU L 49 0.08 -33.81 8.51
CA LEU L 49 0.86 -32.95 7.63
C LEU L 49 1.95 -32.19 8.37
N LEU L 50 1.91 -32.13 9.69
CA LEU L 50 2.78 -31.26 10.50
C LEU L 50 4.24 -31.43 10.15
N PHE L 51 4.74 -32.64 10.03
CA PHE L 51 6.20 -32.91 9.89
C PHE L 51 6.56 -32.74 8.45
N LYS L 52 5.66 -32.15 7.70
CA LYS L 52 5.83 -31.85 6.30
C LYS L 52 5.38 -30.44 5.93
N ASN L 53 4.58 -29.79 6.77
CA ASN L 53 4.38 -28.35 6.70
C ASN L 53 5.41 -27.56 7.48
N ILE L 54 6.40 -28.21 8.08
CA ILE L 54 7.55 -27.56 8.75
C ILE L 54 8.52 -27.00 7.72
N VAL L 55 8.33 -27.14 6.41
CA VAL L 55 9.31 -26.67 5.43
C VAL L 55 9.51 -25.17 5.49
N PRO L 56 8.46 -24.34 5.55
CA PRO L 56 8.69 -22.88 5.59
C PRO L 56 9.53 -22.45 6.78
N VAL L 57 9.43 -23.17 7.89
CA VAL L 57 10.17 -22.88 9.14
C VAL L 57 11.61 -23.34 8.93
N ILE L 58 11.85 -24.32 8.08
CA ILE L 58 13.24 -24.76 7.69
C ILE L 58 13.80 -23.73 6.74
N MET L 59 13.04 -23.25 5.77
CA MET L 59 13.50 -22.31 4.73
C MET L 59 13.76 -20.96 5.32
N ALA L 60 13.02 -20.51 6.29
CA ALA L 60 13.22 -19.29 7.05
C ALA L 60 14.49 -19.39 7.87
N GLY L 61 14.92 -20.56 8.32
CA GLY L 61 16.09 -20.68 9.18
C GLY L 61 17.33 -20.73 8.35
N ILE L 62 17.22 -21.01 7.06
CA ILE L 62 18.35 -20.98 6.09
C ILE L 62 18.68 -19.52 5.85
N ILE L 63 17.73 -18.63 6.04
CA ILE L 63 17.98 -17.17 5.95
C ILE L 63 18.95 -16.76 7.04
N ALA L 64 18.82 -17.26 8.26
CA ALA L 64 19.69 -16.97 9.41
C ALA L 64 21.01 -17.73 9.31
N ILE L 65 21.08 -18.85 8.62
CA ILE L 65 22.35 -19.58 8.35
C ILE L 65 23.12 -18.67 7.41
N TYR L 66 22.47 -18.04 6.44
CA TYR L 66 23.10 -17.12 5.47
C TYR L 66 23.67 -15.92 6.21
N GLY L 67 22.94 -15.36 7.14
CA GLY L 67 23.39 -14.22 7.97
C GLY L 67 24.48 -14.59 8.91
N LEU L 68 24.51 -15.79 9.46
CA LEU L 68 25.61 -16.34 10.28
C LEU L 68 26.84 -16.62 9.40
N VAL L 69 26.69 -17.03 8.15
CA VAL L 69 27.82 -17.23 7.21
C VAL L 69 28.44 -15.88 6.94
N VAL L 70 27.73 -14.76 6.96
CA VAL L 70 28.32 -13.45 6.58
C VAL L 70 28.87 -12.81 7.83
N SER L 71 28.18 -12.88 8.95
CA SER L 71 28.63 -12.35 10.24
C SER L 71 29.94 -13.02 10.62
N VAL L 72 30.05 -14.32 10.54
CA VAL L 72 31.27 -15.07 10.93
C VAL L 72 32.41 -14.65 10.03
N LEU L 73 32.19 -14.54 8.73
CA LEU L 73 33.22 -14.12 7.75
C LEU L 73 33.60 -12.65 7.94
N VAL L 74 32.65 -11.75 8.14
CA VAL L 74 32.87 -10.30 8.38
C VAL L 74 33.64 -10.14 9.69
N CYS L 75 33.34 -10.94 10.70
CA CYS L 75 34.00 -10.88 12.03
C CYS L 75 35.47 -11.23 11.96
N TYR L 76 35.86 -12.23 11.20
CA TYR L 76 37.26 -12.69 11.10
C TYR L 76 38.07 -11.72 10.24
N SER L 77 37.43 -10.81 9.51
CA SER L 77 38.09 -9.75 8.71
C SER L 77 38.02 -8.42 9.46
N LEU L 78 37.53 -8.42 10.68
CA LEU L 78 37.47 -7.21 11.52
C LEU L 78 38.80 -7.07 12.22
N GLY L 79 39.38 -5.90 12.23
CA GLY L 79 40.69 -5.55 12.77
C GLY L 79 40.70 -4.16 13.33
N GLN L 80 41.62 -3.94 14.26
CA GLN L 80 41.75 -2.62 14.88
C GLN L 80 42.23 -1.59 13.87
N LYS L 81 43.13 -1.99 12.98
CA LYS L 81 43.73 -1.11 11.98
C LYS L 81 43.36 -1.54 10.57
N GLN L 82 42.11 -1.94 10.37
CA GLN L 82 41.61 -2.32 9.07
C GLN L 82 41.00 -1.12 8.35
N ALA L 83 41.24 -1.06 7.05
CA ALA L 83 40.97 0.14 6.27
C ALA L 83 39.50 0.51 6.30
N LEU L 84 39.23 1.80 6.07
CA LEU L 84 37.85 2.27 5.96
C LEU L 84 37.14 1.63 4.77
N TYR L 85 37.87 1.37 3.70
CA TYR L 85 37.28 0.63 2.57
C TYR L 85 36.82 -0.74 3.02
N THR L 86 37.64 -1.44 3.79
CA THR L 86 37.24 -2.75 4.30
C THR L 86 36.02 -2.64 5.20
N GLY L 87 35.97 -1.59 6.03
CA GLY L 87 34.80 -1.40 6.88
C GLY L 87 33.54 -1.14 6.09
N PHE L 88 33.62 -0.30 5.06
CA PHE L 88 32.47 -0.05 4.21
C PHE L 88 32.04 -1.31 3.48
N ILE L 89 33.00 -2.10 3.00
CA ILE L 89 32.67 -3.35 2.32
C ILE L 89 31.97 -4.30 3.28
N GLN L 90 32.44 -4.45 4.50
CA GLN L 90 31.84 -5.30 5.55
C GLN L 90 30.48 -4.78 5.97
N LEU L 91 30.15 -3.50 5.85
CA LEU L 91 28.81 -2.95 6.14
C LEU L 91 27.88 -3.29 5.00
N GLY L 92 28.31 -3.17 3.75
CA GLY L 92 27.50 -3.45 2.56
C GLY L 92 27.16 -4.90 2.51
N ALA L 93 28.08 -5.77 2.87
CA ALA L 93 27.91 -7.23 2.88
C ALA L 93 26.90 -7.65 3.93
N GLY L 94 26.95 -7.10 5.13
CA GLY L 94 25.94 -7.38 6.16
C GLY L 94 24.59 -6.86 5.78
N LEU L 95 24.49 -5.65 5.25
CA LEU L 95 23.22 -5.05 4.81
C LEU L 95 22.65 -5.85 3.64
N SER L 96 23.49 -6.33 2.74
CA SER L 96 23.05 -7.16 1.60
C SER L 96 22.43 -8.46 2.07
N VAL L 97 23.08 -9.23 2.93
CA VAL L 97 22.53 -10.53 3.41
C VAL L 97 21.38 -10.23 4.33
N GLY L 98 21.52 -9.26 5.19
CA GLY L 98 20.54 -8.93 6.21
C GLY L 98 19.26 -8.42 5.65
N LEU L 99 19.26 -7.49 4.72
CA LEU L 99 18.01 -6.86 4.26
C LEU L 99 17.44 -7.63 3.08
N SER L 100 18.18 -8.54 2.47
CA SER L 100 17.70 -9.48 1.43
C SER L 100 17.17 -10.75 2.09
N GLY L 101 17.53 -11.03 3.34
CA GLY L 101 17.09 -12.19 4.13
C GLY L 101 15.92 -11.75 4.95
N LEU L 102 15.78 -10.49 5.29
CA LEU L 102 14.54 -9.96 5.84
C LEU L 102 13.41 -10.07 4.84
N ALA L 103 13.65 -9.62 3.60
CA ALA L 103 12.63 -9.72 2.57
C ALA L 103 12.27 -11.17 2.28
N ALA L 104 13.28 -12.04 2.17
CA ALA L 104 13.03 -13.45 1.91
C ALA L 104 12.25 -14.11 3.04
N GLY L 105 12.56 -13.74 4.29
CA GLY L 105 11.83 -14.30 5.41
C GLY L 105 10.40 -13.82 5.46
N PHE L 106 10.16 -12.55 5.12
CA PHE L 106 8.78 -12.07 5.06
C PHE L 106 8.00 -12.82 3.98
N ALA L 107 8.59 -12.96 2.80
CA ALA L 107 7.93 -13.71 1.73
C ALA L 107 7.72 -15.16 2.15
N ILE L 108 8.71 -15.76 2.79
CA ILE L 108 8.61 -17.15 3.21
C ILE L 108 7.48 -17.30 4.23
N GLY L 109 7.40 -16.40 5.20
CA GLY L 109 6.33 -16.48 6.18
C GLY L 109 4.97 -16.37 5.56
N ILE L 110 4.77 -15.37 4.71
CA ILE L 110 3.45 -15.17 4.11
C ILE L 110 3.09 -16.36 3.23
N VAL L 111 4.02 -16.78 2.36
CA VAL L 111 3.74 -17.87 1.44
C VAL L 111 3.52 -19.18 2.20
N GLY L 112 4.33 -19.42 3.24
CA GLY L 112 4.18 -20.65 4.00
C GLY L 112 2.88 -20.70 4.77
N ASP L 113 2.48 -19.58 5.38
CA ASP L 113 1.19 -19.53 6.03
C ASP L 113 0.08 -19.85 5.03
N ALA L 114 0.09 -19.17 3.88
CA ALA L 114 -0.94 -19.40 2.88
C ALA L 114 -0.93 -20.85 2.40
N GLY L 115 0.26 -21.41 2.17
CA GLY L 115 0.35 -22.74 1.59
C GLY L 115 0.05 -23.85 2.56
N VAL L 116 0.36 -23.67 3.85
CA VAL L 116 -0.05 -24.65 4.84
C VAL L 116 -1.55 -24.58 5.06
N ARG L 117 -2.12 -23.37 5.05
CA ARG L 117 -3.56 -23.24 5.20
C ARG L 117 -4.30 -23.86 4.02
N GLY L 118 -3.76 -23.71 2.80
CA GLY L 118 -4.41 -24.28 1.64
C GLY L 118 -4.10 -25.74 1.39
N SER L 119 -2.97 -26.22 1.92
CA SER L 119 -2.57 -27.61 1.68
C SER L 119 -3.39 -28.57 2.52
N SER L 120 -3.89 -28.13 3.67
CA SER L 120 -4.79 -28.96 4.45
C SER L 120 -6.07 -29.29 3.67
N GLN L 121 -6.37 -28.49 2.64
CA GLN L 121 -7.51 -28.72 1.78
C GLN L 121 -7.12 -29.31 0.42
N GLN L 122 -6.07 -28.79 -0.21
CA GLN L 122 -5.60 -29.26 -1.50
C GLN L 122 -4.16 -29.74 -1.34
N PRO L 123 -3.93 -31.04 -1.15
CA PRO L 123 -2.54 -31.51 -0.99
C PRO L 123 -1.65 -31.18 -2.18
N ARG L 124 -2.22 -31.15 -3.39
CA ARG L 124 -1.43 -30.85 -4.58
C ARG L 124 -0.82 -29.45 -4.49
N LEU L 125 -1.39 -28.59 -3.65
CA LEU L 125 -0.86 -27.24 -3.46
C LEU L 125 0.48 -27.26 -2.74
N PHE L 126 0.82 -28.27 -1.96
CA PHE L 126 2.08 -28.27 -1.18
C PHE L 126 3.27 -28.05 -2.10
N VAL L 127 3.27 -28.63 -3.29
CA VAL L 127 4.38 -28.53 -4.27
C VAL L 127 4.45 -27.11 -4.79
N GLY L 128 3.33 -26.44 -5.01
CA GLY L 128 3.29 -25.04 -5.42
C GLY L 128 3.86 -24.14 -4.38
N MET L 129 3.54 -24.32 -3.13
CA MET L 129 4.10 -23.55 -2.01
C MET L 129 5.59 -23.78 -1.97
N ILE L 130 6.08 -24.99 -2.15
CA ILE L 130 7.53 -25.29 -2.11
C ILE L 130 8.22 -24.56 -3.26
N LEU L 131 7.68 -24.51 -4.46
CA LEU L 131 8.29 -23.73 -5.55
C LEU L 131 8.27 -22.26 -5.21
N ILE L 132 7.18 -21.71 -4.68
CA ILE L 132 7.03 -20.27 -4.38
C ILE L 132 8.03 -19.97 -3.28
N LEU L 133 8.20 -20.87 -2.33
CA LEU L 133 9.14 -20.75 -1.20
C LEU L 133 10.59 -20.84 -1.63
N ILE L 134 10.93 -21.59 -2.66
CA ILE L 134 12.30 -21.67 -3.22
C ILE L 134 12.61 -20.34 -3.88
N PHE L 135 11.69 -19.69 -4.53
CA PHE L 135 11.86 -18.35 -5.15
C PHE L 135 12.06 -17.27 -4.10
N ALA L 136 11.41 -17.31 -2.95
CA ALA L 136 11.57 -16.41 -1.79
C ALA L 136 12.91 -16.64 -1.11
N GLU L 137 13.24 -17.86 -0.82
CA GLU L 137 14.48 -18.33 -0.17
C GLU L 137 15.61 -18.07 -1.13
N VAL L 138 15.33 -17.94 -2.40
CA VAL L 138 16.37 -17.60 -3.35
C VAL L 138 16.84 -16.17 -3.12
N LEU L 139 15.91 -15.26 -2.83
CA LEU L 139 16.26 -13.87 -2.62
C LEU L 139 17.35 -13.75 -1.57
N GLY L 140 17.14 -14.36 -0.40
CA GLY L 140 18.15 -14.30 0.63
C GLY L 140 19.49 -14.80 0.14
N LEU L 141 19.48 -15.92 -0.58
CA LEU L 141 20.70 -16.46 -1.14
C LEU L 141 21.45 -15.37 -1.90
N TYR L 142 20.75 -14.70 -2.82
CA TYR L 142 21.39 -13.66 -3.61
C TYR L 142 22.09 -12.66 -2.71
N GLY L 143 21.42 -12.11 -1.72
CA GLY L 143 22.10 -11.22 -0.78
C GLY L 143 23.31 -11.87 -0.18
N LEU L 144 23.25 -13.05 0.40
CA LEU L 144 24.46 -13.73 0.87
C LEU L 144 25.54 -13.67 -0.21
N ILE L 145 25.17 -14.06 -1.42
CA ILE L 145 26.15 -14.12 -2.50
C ILE L 145 26.80 -12.77 -2.69
N VAL L 146 26.05 -11.71 -2.91
CA VAL L 146 26.55 -10.31 -3.09
C VAL L 146 27.36 -9.93 -1.86
N ALA L 147 27.06 -10.49 -0.70
CA ALA L 147 27.71 -10.20 0.59
C ALA L 147 28.99 -10.99 0.63
N LEU L 148 28.98 -12.22 0.15
CA LEU L 148 30.20 -13.00 -0.01
C LEU L 148 31.15 -12.31 -0.97
N LEU L 149 30.68 -11.95 -2.16
CA LEU L 149 31.47 -11.34 -3.25
C LEU L 149 31.87 -9.92 -2.87
N LEU L 150 31.36 -9.36 -1.78
CA LEU L 150 31.80 -8.07 -1.22
C LEU L 150 32.88 -8.38 -0.19
N ASN L 151 32.88 -9.47 0.60
CA ASN L 151 33.96 -9.84 1.49
C ASN L 151 35.18 -10.32 0.72
N SER L 152 34.98 -10.83 -0.50
CA SER L 152 36.12 -11.22 -1.32
C SER L 152 36.97 -10.01 -1.71
N ARG L 153 36.45 -8.81 -1.50
CA ARG L 153 37.11 -7.55 -1.85
C ARG L 153 37.38 -6.75 -0.59
N ALA L 154 36.90 -7.16 0.57
CA ALA L 154 36.97 -6.32 1.77
C ALA L 154 38.41 -6.07 2.19
N THR L 155 39.18 -7.14 2.37
CA THR L 155 40.55 -7.06 2.86
C THR L 155 41.58 -7.07 1.74
N GLN L 156 41.16 -7.38 0.50
CA GLN L 156 42.09 -7.59 -0.60
C GLN L 156 42.49 -6.30 -1.29
N ASP L 157 43.77 -6.20 -1.66
CA ASP L 157 44.33 -5.05 -2.33
C ASP L 157 44.11 -3.78 -1.51
N VAL L 158 44.20 -3.93 -0.19
CA VAL L 158 43.89 -2.87 0.75
C VAL L 158 45.17 -2.52 1.52
N VAL L 159 45.48 -1.24 1.59
CA VAL L 159 46.65 -0.77 2.31
C VAL L 159 46.21 -0.22 3.67
N MET M 1 44.99 9.44 0.54
CA MET M 1 43.68 9.93 0.00
C MET M 1 43.90 11.11 -0.91
N THR M 2 43.56 10.94 -2.18
CA THR M 2 43.71 11.97 -3.19
C THR M 2 42.52 12.92 -3.13
N GLU M 3 42.68 14.10 -3.75
CA GLU M 3 41.54 15.02 -3.86
C GLU M 3 40.35 14.31 -4.49
N LEU M 4 40.60 13.67 -5.63
CA LEU M 4 39.54 13.03 -6.40
C LEU M 4 39.12 11.67 -5.84
N CYS M 5 39.96 11.06 -5.02
CA CYS M 5 39.73 9.70 -4.51
C CYS M 5 39.88 9.70 -2.99
N PRO M 6 38.90 10.23 -2.27
CA PRO M 6 38.95 10.21 -0.81
C PRO M 6 38.80 8.79 -0.27
N VAL M 7 39.09 8.66 1.02
CA VAL M 7 38.97 7.35 1.66
C VAL M 7 37.51 6.93 1.77
N TYR M 8 36.58 7.87 1.70
CA TYR M 8 35.17 7.57 1.87
C TYR M 8 34.46 7.34 0.54
N ALA M 9 35.18 7.43 -0.57
CA ALA M 9 34.58 7.12 -1.87
C ALA M 9 34.05 5.70 -1.93
N PRO M 10 34.75 4.68 -1.45
CA PRO M 10 34.18 3.32 -1.46
C PRO M 10 32.90 3.19 -0.67
N PHE M 11 32.60 4.13 0.22
CA PHE M 11 31.34 4.05 0.96
C PHE M 11 30.16 4.01 0.01
N PHE M 12 30.09 4.90 -0.97
CA PHE M 12 28.94 5.06 -1.89
C PHE M 12 28.77 3.84 -2.78
N GLY M 13 29.82 3.34 -3.39
CA GLY M 13 29.76 2.15 -4.24
C GLY M 13 29.34 0.92 -3.51
N ALA M 14 29.80 0.69 -2.29
CA ALA M 14 29.43 -0.47 -1.45
C ALA M 14 27.98 -0.36 -1.04
N ILE M 15 27.48 0.83 -0.81
CA ILE M 15 26.06 1.11 -0.48
C ILE M 15 25.24 0.90 -1.75
N GLY M 16 25.75 1.18 -2.95
CA GLY M 16 25.13 0.88 -4.25
C GLY M 16 25.10 -0.59 -4.57
N CYS M 17 26.14 -1.35 -4.28
CA CYS M 17 26.19 -2.83 -4.47
C CYS M 17 25.12 -3.40 -3.56
N ALA M 18 25.02 -2.92 -2.33
CA ALA M 18 24.01 -3.38 -1.36
C ALA M 18 22.62 -2.95 -1.77
N SER M 19 22.43 -1.71 -2.18
CA SER M 19 21.11 -1.12 -2.51
C SER M 19 20.49 -1.88 -3.64
N ALA M 20 21.28 -2.29 -4.61
CA ALA M 20 20.78 -2.99 -5.80
C ALA M 20 20.12 -4.29 -5.37
N ILE M 21 20.79 -5.13 -4.61
CA ILE M 21 20.23 -6.43 -4.15
C ILE M 21 19.17 -6.21 -3.09
N ILE M 22 19.37 -5.34 -2.14
CA ILE M 22 18.44 -5.14 -1.00
C ILE M 22 17.09 -4.67 -1.51
N PHE M 23 17.03 -3.78 -2.48
CA PHE M 23 15.76 -3.16 -2.94
C PHE M 23 15.14 -3.95 -4.07
N THR M 24 15.90 -4.70 -4.86
CA THR M 24 15.38 -5.61 -5.93
C THR M 24 14.95 -6.91 -5.26
N SER M 25 15.38 -7.18 -4.04
CA SER M 25 15.00 -8.35 -3.23
C SER M 25 13.83 -7.95 -2.36
N LEU M 26 13.68 -6.69 -1.96
CA LEU M 26 12.45 -6.22 -1.33
C LEU M 26 11.29 -6.28 -2.30
N GLY M 27 11.48 -5.76 -3.51
CA GLY M 27 10.42 -5.80 -4.50
C GLY M 27 10.07 -7.22 -4.91
N ALA M 28 11.08 -8.06 -5.11
CA ALA M 28 10.85 -9.44 -5.48
C ALA M 28 10.13 -10.21 -4.39
N ALA M 29 10.46 -9.93 -3.12
CA ALA M 29 9.80 -10.58 -2.01
C ALA M 29 8.35 -10.14 -1.91
N TYR M 30 8.10 -8.85 -2.08
CA TYR M 30 6.72 -8.36 -2.10
C TYR M 30 5.92 -9.04 -3.20
N GLY M 31 6.47 -9.08 -4.41
CA GLY M 31 5.78 -9.69 -5.52
C GLY M 31 5.55 -11.18 -5.31
N THR M 32 6.59 -11.89 -4.88
CA THR M 32 6.46 -13.32 -4.62
C THR M 32 5.44 -13.58 -3.53
N ALA M 33 5.45 -12.80 -2.46
CA ALA M 33 4.51 -13.01 -1.37
C ALA M 33 3.07 -12.82 -1.82
N LYS M 34 2.79 -11.72 -2.51
CA LYS M 34 1.41 -11.45 -2.91
C LYS M 34 0.95 -12.43 -3.98
N SER M 35 1.82 -12.73 -4.95
CA SER M 35 1.47 -13.69 -5.98
C SER M 35 1.25 -15.07 -5.37
N GLY M 36 2.05 -15.44 -4.37
CA GLY M 36 1.87 -16.71 -3.72
C GLY M 36 0.58 -16.77 -2.90
N VAL M 37 0.22 -15.65 -2.26
CA VAL M 37 -1.06 -15.59 -1.57
C VAL M 37 -2.19 -15.80 -2.55
N GLY M 38 -2.12 -15.13 -3.71
CA GLY M 38 -3.13 -15.34 -4.72
C GLY M 38 -3.17 -16.76 -5.24
N ILE M 39 -1.99 -17.35 -5.45
CA ILE M 39 -1.91 -18.72 -5.96
C ILE M 39 -2.48 -19.70 -4.96
N CYS M 40 -2.20 -19.48 -3.67
CA CYS M 40 -2.74 -20.34 -2.64
C CYS M 40 -4.25 -20.17 -2.49
N ALA M 41 -4.75 -18.96 -2.69
CA ALA M 41 -6.19 -18.74 -2.64
C ALA M 41 -6.90 -19.39 -3.83
N THR M 42 -6.27 -19.37 -5.00
CA THR M 42 -6.92 -19.88 -6.20
C THR M 42 -6.79 -21.40 -6.33
N CYS M 43 -5.59 -21.92 -6.14
CA CYS M 43 -5.31 -23.33 -6.35
C CYS M 43 -6.05 -24.24 -5.39
N VAL M 44 -6.62 -23.70 -4.31
CA VAL M 44 -7.54 -24.48 -3.50
C VAL M 44 -8.70 -24.96 -4.36
N LEU M 45 -9.19 -24.09 -5.24
CA LEU M 45 -10.22 -24.46 -6.20
C LEU M 45 -9.64 -25.03 -7.48
N ARG M 46 -8.48 -24.51 -7.92
CA ARG M 46 -7.95 -24.79 -9.26
C ARG M 46 -6.47 -25.16 -9.15
N PRO M 47 -6.14 -26.31 -8.58
CA PRO M 47 -4.73 -26.73 -8.53
C PRO M 47 -4.10 -26.90 -9.90
N ASP M 48 -4.88 -27.24 -10.92
CA ASP M 48 -4.32 -27.48 -12.25
C ASP M 48 -3.65 -26.24 -12.82
N LEU M 49 -4.03 -25.06 -12.35
CA LEU M 49 -3.43 -23.81 -12.82
C LEU M 49 -2.12 -23.47 -12.11
N LEU M 50 -1.81 -24.14 -11.01
CA LEU M 50 -0.69 -23.78 -10.11
C LEU M 50 0.64 -23.64 -10.83
N PHE M 51 1.01 -24.57 -11.71
CA PHE M 51 2.35 -24.61 -12.37
C PHE M 51 2.24 -23.72 -13.59
N LYS M 52 1.28 -22.85 -13.60
CA LYS M 52 1.09 -21.86 -14.64
C LYS M 52 0.69 -20.48 -14.10
N ASN M 53 0.18 -20.42 -12.87
CA ASN M 53 0.08 -19.16 -12.14
C ASN M 53 1.34 -18.83 -11.36
N ILE M 54 2.41 -19.56 -11.54
CA ILE M 54 3.72 -19.31 -10.88
C ILE M 54 4.41 -18.19 -11.63
N VAL M 55 3.90 -17.72 -12.77
CA VAL M 55 4.64 -16.75 -13.58
C VAL M 55 4.96 -15.48 -12.81
N PRO M 56 4.03 -14.87 -12.07
CA PRO M 56 4.38 -13.64 -11.34
C PRO M 56 5.52 -13.81 -10.36
N VAL M 57 5.64 -15.01 -9.76
CA VAL M 57 6.65 -15.36 -8.73
C VAL M 57 7.97 -15.60 -9.45
N ILE M 58 7.91 -15.88 -10.73
CA ILE M 58 9.09 -16.07 -11.61
C ILE M 58 9.54 -14.68 -12.04
N MET M 59 8.67 -13.72 -12.32
CA MET M 59 9.01 -12.36 -12.74
C MET M 59 9.58 -11.57 -11.57
N ALA M 60 9.00 -11.70 -10.38
CA ALA M 60 9.55 -11.05 -9.20
C ALA M 60 10.98 -11.50 -8.96
N GLY M 61 11.24 -12.81 -9.07
CA GLY M 61 12.60 -13.29 -8.95
C GLY M 61 13.53 -12.72 -9.99
N ILE M 62 13.00 -12.42 -11.18
CA ILE M 62 13.82 -11.81 -12.22
C ILE M 62 14.20 -10.39 -11.84
N ILE M 63 13.36 -9.70 -11.07
CA ILE M 63 13.76 -8.41 -10.51
C ILE M 63 14.97 -8.58 -9.60
N ALA M 64 14.93 -9.59 -8.74
CA ALA M 64 16.08 -9.89 -7.89
C ALA M 64 17.30 -10.26 -8.71
N ILE M 65 17.10 -10.91 -9.86
CA ILE M 65 18.22 -11.23 -10.74
C ILE M 65 18.83 -9.96 -11.31
N TYR M 66 18.05 -8.94 -11.62
CA TYR M 66 18.51 -7.67 -12.22
C TYR M 66 19.40 -6.94 -11.23
N GLY M 67 19.16 -7.06 -9.93
CA GLY M 67 19.96 -6.39 -8.88
C GLY M 67 21.06 -7.27 -8.37
N LEU M 68 21.09 -8.55 -8.68
CA LEU M 68 22.21 -9.44 -8.37
C LEU M 68 23.18 -9.18 -9.51
N VAL M 69 22.68 -8.84 -10.69
CA VAL M 69 23.59 -8.50 -11.78
C VAL M 69 24.21 -7.13 -11.53
N VAL M 70 23.47 -6.11 -11.14
CA VAL M 70 24.02 -4.74 -10.95
C VAL M 70 24.90 -4.77 -9.73
N SER M 71 24.65 -5.63 -8.78
CA SER M 71 25.39 -5.64 -7.51
C SER M 71 26.73 -6.23 -7.85
N VAL M 72 26.80 -7.34 -8.57
CA VAL M 72 28.05 -8.08 -8.88
C VAL M 72 28.92 -7.26 -9.80
N LEU M 73 28.36 -6.48 -10.72
CA LEU M 73 29.09 -5.59 -11.64
C LEU M 73 29.64 -4.41 -10.83
N VAL M 74 28.90 -3.84 -9.91
CA VAL M 74 29.30 -2.68 -9.03
C VAL M 74 30.30 -3.15 -7.98
N CYS M 75 30.33 -4.41 -7.58
CA CYS M 75 31.19 -4.90 -6.48
C CYS M 75 32.56 -5.10 -7.10
N TYR M 76 32.67 -5.42 -8.38
CA TYR M 76 33.98 -5.70 -9.04
C TYR M 76 34.60 -4.40 -9.52
N SER M 77 33.90 -3.27 -9.43
CA SER M 77 34.42 -1.93 -9.77
C SER M 77 34.75 -1.20 -8.47
N LEU M 78 34.56 -1.85 -7.31
CA LEU M 78 34.84 -1.25 -5.99
C LEU M 78 36.30 -1.46 -5.65
N GLY M 79 36.99 -0.49 -5.13
CA GLY M 79 38.41 -0.39 -4.87
C GLY M 79 38.67 0.51 -3.69
N GLN M 80 39.82 0.28 -3.05
CA GLN M 80 40.20 1.10 -1.90
C GLN M 80 40.49 2.53 -2.32
N LYS M 81 41.10 2.71 -3.49
CA LYS M 81 41.48 4.02 -4.00
C LYS M 81 40.73 4.36 -5.29
N GLN M 82 39.45 4.03 -5.31
CA GLN M 82 38.60 4.34 -6.46
C GLN M 82 37.92 5.70 -6.27
N ALA M 83 37.83 6.44 -7.37
CA ALA M 83 37.46 7.85 -7.31
C ALA M 83 36.07 8.05 -6.71
N LEU M 84 35.87 9.25 -6.17
CA LEU M 84 34.55 9.62 -5.66
C LEU M 84 33.52 9.64 -6.77
N TYR M 85 33.92 10.01 -7.99
CA TYR M 85 33.00 9.93 -9.12
C TYR M 85 32.55 8.50 -9.35
N THR M 86 33.49 7.55 -9.29
CA THR M 86 33.14 6.15 -9.44
C THR M 86 32.20 5.70 -8.33
N GLY M 87 32.45 6.15 -7.10
CA GLY M 87 31.56 5.80 -6.01
C GLY M 87 30.15 6.35 -6.19
N PHE M 88 30.04 7.60 -6.63
CA PHE M 88 28.73 8.18 -6.89
C PHE M 88 28.03 7.46 -8.03
N ILE M 89 28.77 7.09 -9.07
CA ILE M 89 28.19 6.35 -10.17
C ILE M 89 27.67 5.00 -9.70
N GLN M 90 28.40 4.32 -8.86
CA GLN M 90 28.02 2.99 -8.36
C GLN M 90 26.85 3.13 -7.41
N LEU M 91 26.76 4.19 -6.62
CA LEU M 91 25.59 4.44 -5.81
C LEU M 91 24.37 4.72 -6.67
N GLY M 92 24.54 5.52 -7.71
CA GLY M 92 23.42 5.82 -8.59
C GLY M 92 22.91 4.60 -9.32
N ALA M 93 23.82 3.74 -9.79
CA ALA M 93 23.51 2.48 -10.50
C ALA M 93 22.78 1.50 -9.60
N GLY M 94 23.06 1.46 -8.31
CA GLY M 94 22.33 0.61 -7.37
C GLY M 94 21.05 1.26 -6.95
N LEU M 95 20.99 2.57 -6.90
CA LEU M 95 19.76 3.30 -6.51
C LEU M 95 18.78 3.10 -7.64
N SER M 96 19.23 3.15 -8.85
CA SER M 96 18.35 3.01 -10.01
C SER M 96 17.80 1.60 -10.10
N VAL M 97 18.64 0.59 -10.21
CA VAL M 97 18.20 -0.81 -10.35
C VAL M 97 17.36 -1.19 -9.14
N GLY M 98 17.68 -0.73 -7.94
CA GLY M 98 17.04 -1.20 -6.71
C GLY M 98 15.69 -0.61 -6.56
N LEU M 99 15.53 0.65 -6.85
CA LEU M 99 14.26 1.36 -6.79
C LEU M 99 13.34 0.94 -7.93
N SER M 100 13.87 0.82 -9.15
CA SER M 100 13.06 0.37 -10.26
C SER M 100 12.56 -1.06 -10.03
N GLY M 101 13.43 -1.92 -9.49
CA GLY M 101 13.00 -3.27 -9.16
C GLY M 101 11.99 -3.31 -8.04
N LEU M 102 12.10 -2.42 -7.06
CA LEU M 102 11.10 -2.33 -6.01
C LEU M 102 9.74 -1.98 -6.59
N ALA M 103 9.67 -0.96 -7.38
CA ALA M 103 8.46 -0.53 -8.08
C ALA M 103 7.94 -1.67 -8.93
N ALA M 104 8.78 -2.31 -9.74
CA ALA M 104 8.36 -3.39 -10.62
C ALA M 104 7.85 -4.58 -9.84
N GLY M 105 8.50 -4.89 -8.71
CA GLY M 105 8.04 -6.00 -7.89
C GLY M 105 6.70 -5.71 -7.23
N PHE M 106 6.61 -4.56 -6.60
CA PHE M 106 5.37 -4.08 -5.95
C PHE M 106 4.23 -4.15 -6.94
N ALA M 107 4.45 -3.89 -8.22
CA ALA M 107 3.44 -3.90 -9.28
C ALA M 107 3.21 -5.33 -9.72
N ILE M 108 4.24 -6.11 -9.98
CA ILE M 108 4.15 -7.52 -10.31
C ILE M 108 3.30 -8.25 -9.28
N GLY M 109 3.55 -7.98 -7.99
CA GLY M 109 2.77 -8.64 -6.96
C GLY M 109 1.30 -8.32 -7.05
N ILE M 110 0.97 -7.03 -6.97
CA ILE M 110 -0.43 -6.53 -6.98
C ILE M 110 -1.13 -7.03 -8.22
N VAL M 111 -0.47 -7.09 -9.36
CA VAL M 111 -1.07 -7.46 -10.67
C VAL M 111 -1.13 -8.97 -10.80
N GLY M 112 -0.15 -9.77 -10.36
CA GLY M 112 -0.19 -11.21 -10.33
C GLY M 112 -1.26 -11.73 -9.39
N ASP M 113 -1.39 -11.13 -8.21
CA ASP M 113 -2.48 -11.51 -7.32
C ASP M 113 -3.82 -11.34 -8.01
N ALA M 114 -4.06 -10.17 -8.59
CA ALA M 114 -5.32 -9.92 -9.27
C ALA M 114 -5.55 -10.90 -10.40
N GLY M 115 -4.51 -11.18 -11.19
CA GLY M 115 -4.67 -12.01 -12.37
C GLY M 115 -4.81 -13.49 -12.08
N VAL M 116 -4.15 -13.97 -11.01
CA VAL M 116 -4.38 -15.35 -10.60
C VAL M 116 -5.76 -15.50 -10.00
N ARG M 117 -6.21 -14.51 -9.23
CA ARG M 117 -7.56 -14.57 -8.67
C ARG M 117 -8.61 -14.55 -9.76
N GLY M 118 -8.40 -13.75 -10.82
CA GLY M 118 -9.36 -13.67 -11.89
C GLY M 118 -9.24 -14.77 -12.92
N SER M 119 -8.05 -15.38 -13.04
CA SER M 119 -7.85 -16.41 -14.05
C SER M 119 -8.50 -17.72 -13.66
N SER M 120 -8.65 -17.98 -12.35
CA SER M 120 -9.39 -19.15 -11.91
C SER M 120 -10.83 -19.11 -12.37
N GLN M 121 -11.33 -17.93 -12.74
CA GLN M 121 -12.67 -17.74 -13.26
C GLN M 121 -12.69 -17.53 -14.77
N GLN M 122 -11.80 -16.68 -15.30
CA GLN M 122 -11.71 -16.38 -16.72
C GLN M 122 -10.31 -16.79 -17.20
N PRO M 123 -10.15 -17.97 -17.77
CA PRO M 123 -8.81 -18.36 -18.25
C PRO M 123 -8.23 -17.40 -19.27
N ARG M 124 -9.08 -16.79 -20.11
CA ARG M 124 -8.60 -15.88 -21.12
C ARG M 124 -7.88 -14.69 -20.50
N LEU M 125 -8.15 -14.43 -19.21
CA LEU M 125 -7.47 -13.33 -18.51
C LEU M 125 -6.01 -13.63 -18.28
N PHE M 126 -5.57 -14.88 -18.21
CA PHE M 126 -4.14 -15.22 -18.04
C PHE M 126 -3.29 -14.44 -19.03
N VAL M 127 -3.67 -14.33 -20.28
CA VAL M 127 -2.90 -13.57 -21.29
C VAL M 127 -2.86 -12.11 -20.86
N GLY M 128 -3.94 -11.55 -20.34
CA GLY M 128 -4.01 -10.15 -19.89
C GLY M 128 -3.09 -9.88 -18.75
N MET M 129 -3.05 -10.77 -17.77
CA MET M 129 -2.19 -10.65 -16.60
C MET M 129 -0.75 -10.69 -17.05
N ILE M 130 -0.37 -11.61 -17.91
CA ILE M 130 1.04 -11.83 -18.31
C ILE M 130 1.49 -10.59 -19.07
N LEU M 131 0.64 -10.00 -19.90
CA LEU M 131 0.94 -8.76 -20.65
C LEU M 131 1.09 -7.58 -19.70
N ILE M 132 0.26 -7.45 -18.67
CA ILE M 132 0.33 -6.33 -17.68
C ILE M 132 1.55 -6.59 -16.80
N LEU M 133 1.92 -7.84 -16.58
CA LEU M 133 3.08 -8.25 -15.78
C LEU M 133 4.38 -8.05 -16.52
N ILE M 134 4.41 -8.06 -17.85
CA ILE M 134 5.64 -7.96 -18.66
C ILE M 134 6.00 -6.49 -18.74
N PHE M 135 5.09 -5.61 -18.40
CA PHE M 135 5.26 -4.14 -18.44
C PHE M 135 5.64 -3.70 -17.05
N ALA M 136 5.24 -4.39 -16.01
CA ALA M 136 5.70 -4.16 -14.64
C ALA M 136 7.13 -4.66 -14.57
N GLU M 137 7.43 -5.83 -15.08
CA GLU M 137 8.79 -6.35 -15.17
C GLU M 137 9.67 -5.41 -15.98
N VAL M 138 9.26 -4.89 -17.12
CA VAL M 138 10.16 -4.05 -17.93
C VAL M 138 10.59 -2.85 -17.07
N LEU M 139 9.77 -2.30 -16.17
CA LEU M 139 10.29 -1.19 -15.39
C LEU M 139 11.61 -1.56 -14.75
N GLY M 140 11.66 -2.69 -14.05
CA GLY M 140 12.90 -3.10 -13.43
C GLY M 140 14.02 -3.19 -14.44
N LEU M 141 13.73 -3.78 -15.60
CA LEU M 141 14.74 -3.87 -16.66
C LEU M 141 15.33 -2.49 -16.92
N TYR M 142 14.49 -1.49 -17.16
CA TYR M 142 14.88 -0.08 -17.42
C TYR M 142 15.78 0.45 -16.33
N GLY M 143 15.60 0.10 -15.08
CA GLY M 143 16.53 0.43 -14.02
C GLY M 143 17.87 -0.25 -14.20
N LEU M 144 17.85 -1.58 -14.30
CA LEU M 144 19.08 -2.32 -14.59
C LEU M 144 19.84 -1.65 -15.70
N ILE M 145 19.15 -1.37 -16.81
CA ILE M 145 19.81 -0.81 -17.97
C ILE M 145 20.51 0.49 -17.61
N VAL M 146 19.77 1.40 -16.96
CA VAL M 146 20.40 2.65 -16.50
C VAL M 146 21.59 2.32 -15.62
N ALA M 147 21.38 1.45 -14.63
CA ALA M 147 22.48 1.03 -13.78
C ALA M 147 23.65 0.54 -14.62
N LEU M 148 23.37 -0.36 -15.56
CA LEU M 148 24.44 -0.86 -16.42
C LEU M 148 25.17 0.30 -17.08
N LEU M 149 24.41 1.22 -17.68
CA LEU M 149 25.03 2.35 -18.35
C LEU M 149 25.88 3.14 -17.36
N LEU M 150 25.36 3.35 -16.16
CA LEU M 150 26.13 4.05 -15.14
C LEU M 150 27.47 3.36 -14.93
N ASN M 151 27.46 2.03 -14.80
CA ASN M 151 28.70 1.33 -14.54
C ASN M 151 29.64 1.40 -15.74
N SER M 152 29.09 1.58 -16.94
CA SER M 152 29.95 1.74 -18.10
C SER M 152 30.77 3.03 -18.02
N ARG M 153 30.45 3.92 -17.11
CA ARG M 153 31.18 5.18 -16.95
C ARG M 153 31.88 5.16 -15.61
N ALA M 154 31.51 4.29 -14.67
CA ALA M 154 31.95 4.40 -13.28
C ALA M 154 33.46 4.47 -13.18
N THR M 155 34.17 3.52 -13.78
CA THR M 155 35.61 3.44 -13.70
C THR M 155 36.32 4.07 -14.89
N GLN M 156 35.66 4.44 -15.99
CA GLN M 156 36.37 4.88 -17.25
C GLN M 156 36.74 6.38 -17.30
N ASP M 157 37.93 6.72 -17.84
CA ASP M 157 38.47 8.12 -17.96
C ASP M 157 38.57 8.74 -16.57
N VAL M 158 38.59 7.93 -15.53
CA VAL M 158 38.63 8.33 -14.12
C VAL M 158 40.08 8.31 -13.65
N VAL M 159 40.50 9.40 -13.02
CA VAL M 159 41.85 9.49 -12.49
C VAL M 159 41.81 9.25 -10.98
N MET N 1 -4.92 10.33 -2.15
CA MET N 1 -6.18 10.21 -2.94
C MET N 1 -6.69 8.80 -2.81
N GLU N 2 -7.89 8.57 -3.32
CA GLU N 2 -8.57 7.28 -3.17
C GLU N 2 -7.85 6.25 -4.03
N GLY N 3 -7.53 6.58 -5.28
CA GLY N 3 -6.94 5.66 -6.25
C GLY N 3 -5.57 5.17 -5.96
N VAL N 4 -4.76 5.97 -5.30
CA VAL N 4 -3.33 5.66 -5.09
C VAL N 4 -3.21 4.32 -4.38
N TYR N 5 -3.66 4.19 -3.13
CA TYR N 5 -3.48 2.97 -2.32
C TYR N 5 -4.65 2.00 -2.38
N PHE N 6 -5.79 2.33 -2.95
CA PHE N 6 -6.99 1.46 -2.94
C PHE N 6 -6.75 0.17 -3.68
N ASN N 7 -6.08 0.19 -4.82
CA ASN N 7 -5.93 -0.96 -5.73
C ASN N 7 -4.83 -1.89 -5.28
N ILE N 8 -4.15 -1.61 -4.16
CA ILE N 8 -3.02 -2.45 -3.71
C ILE N 8 -3.68 -3.70 -3.17
N ASP N 9 -4.87 -3.58 -2.59
CA ASP N 9 -5.58 -4.74 -2.08
C ASP N 9 -6.98 -4.90 -2.65
N ASN N 10 -7.69 -3.80 -2.93
CA ASN N 10 -9.09 -3.87 -3.29
C ASN N 10 -9.35 -3.57 -4.76
N GLY N 11 -8.31 -3.48 -5.59
CA GLY N 11 -8.54 -3.20 -7.01
C GLY N 11 -9.31 -4.32 -7.69
N PHE N 12 -8.85 -5.56 -7.51
CA PHE N 12 -9.55 -6.70 -8.07
C PHE N 12 -10.95 -6.84 -7.47
N ILE N 13 -11.07 -6.60 -6.16
CA ILE N 13 -12.37 -6.66 -5.51
C ILE N 13 -13.33 -5.67 -6.15
N GLU N 14 -12.92 -4.46 -6.42
CA GLU N 14 -13.81 -3.42 -6.93
C GLU N 14 -14.10 -3.75 -8.37
N GLY N 15 -13.14 -4.24 -9.12
CA GLY N 15 -13.44 -4.61 -10.49
C GLY N 15 -14.49 -5.70 -10.58
N VAL N 16 -14.32 -6.75 -9.78
CA VAL N 16 -15.28 -7.86 -9.83
C VAL N 16 -16.64 -7.43 -9.30
N VAL N 17 -16.67 -6.60 -8.26
CA VAL N 17 -17.94 -6.16 -7.70
C VAL N 17 -18.67 -5.27 -8.69
N ARG N 18 -17.94 -4.46 -9.42
CA ARG N 18 -18.51 -3.53 -10.41
C ARG N 18 -18.94 -4.35 -11.60
N GLY N 19 -18.30 -5.47 -11.92
CA GLY N 19 -18.78 -6.39 -12.93
C GLY N 19 -20.09 -7.05 -12.53
N TYR N 20 -20.18 -7.46 -11.26
CA TYR N 20 -21.44 -7.94 -10.72
C TYR N 20 -22.52 -6.87 -10.85
N ARG N 21 -22.17 -5.63 -10.54
CA ARG N 21 -23.10 -4.52 -10.66
C ARG N 21 -23.61 -4.39 -12.08
N ASN N 22 -22.71 -4.47 -13.07
CA ASN N 22 -23.13 -4.36 -14.46
C ASN N 22 -24.17 -5.41 -14.81
N GLY N 23 -24.17 -6.52 -14.08
CA GLY N 23 -25.18 -7.55 -14.25
C GLY N 23 -26.48 -7.29 -13.55
N LEU N 24 -26.58 -6.19 -12.80
CA LEU N 24 -27.84 -5.86 -12.15
C LEU N 24 -28.92 -5.68 -13.19
N LEU N 25 -30.08 -6.29 -12.94
CA LEU N 25 -31.16 -6.24 -13.92
C LEU N 25 -31.63 -4.80 -14.09
N SER N 26 -31.75 -4.39 -15.35
CA SER N 26 -32.21 -3.04 -15.68
C SER N 26 -33.73 -3.01 -15.74
N ASN N 27 -34.28 -1.82 -15.95
CA ASN N 27 -35.72 -1.68 -16.03
C ASN N 27 -36.29 -2.46 -17.21
N ASN N 28 -35.60 -2.43 -18.35
CA ASN N 28 -36.06 -3.17 -19.51
C ASN N 28 -36.07 -4.67 -19.25
N GLN N 29 -35.04 -5.18 -18.56
CA GLN N 29 -35.01 -6.59 -18.21
C GLN N 29 -36.14 -6.93 -17.24
N TYR N 30 -36.43 -6.04 -16.29
CA TYR N 30 -37.54 -6.27 -15.38
C TYR N 30 -38.86 -6.31 -16.13
N ILE N 31 -39.04 -5.43 -17.12
CA ILE N 31 -40.25 -5.46 -17.93
C ILE N 31 -40.35 -6.76 -18.70
N ASN N 32 -39.23 -7.21 -19.27
CA ASN N 32 -39.22 -8.47 -19.99
C ASN N 32 -39.61 -9.62 -19.06
N LEU N 33 -39.12 -9.61 -17.83
CA LEU N 33 -39.55 -10.60 -16.85
C LEU N 33 -41.05 -10.49 -16.59
N THR N 34 -41.56 -9.26 -16.51
CA THR N 34 -42.98 -9.06 -16.25
C THR N 34 -43.85 -9.73 -17.30
N GLN N 35 -43.42 -9.69 -18.56
CA GLN N 35 -44.20 -10.28 -19.65
C GLN N 35 -44.16 -11.79 -19.65
N CYS N 36 -43.30 -12.41 -18.83
CA CYS N 36 -43.23 -13.86 -18.78
C CYS N 36 -44.54 -14.43 -18.29
N ASP N 37 -45.04 -15.46 -18.99
CA ASP N 37 -46.32 -16.06 -18.66
C ASP N 37 -46.20 -17.25 -17.72
N THR N 38 -44.99 -17.69 -17.40
CA THR N 38 -44.80 -18.85 -16.54
C THR N 38 -43.42 -18.77 -15.90
N LEU N 39 -43.24 -19.55 -14.83
CA LEU N 39 -41.94 -19.62 -14.20
C LEU N 39 -40.90 -20.23 -15.13
N GLU N 40 -41.31 -21.10 -16.04
CA GLU N 40 -40.40 -21.57 -17.08
C GLU N 40 -39.95 -20.42 -17.98
N ASP N 41 -40.90 -19.57 -18.38
CA ASP N 41 -40.56 -18.39 -19.16
C ASP N 41 -39.67 -17.44 -18.36
N LEU N 42 -39.94 -17.31 -17.06
CA LEU N 42 -39.10 -16.47 -16.21
C LEU N 42 -37.68 -17.00 -16.16
N LYS N 43 -37.52 -18.32 -16.02
CA LYS N 43 -36.20 -18.92 -16.01
C LYS N 43 -35.49 -18.69 -17.34
N LEU N 44 -36.20 -18.88 -18.45
CA LEU N 44 -35.60 -18.67 -19.76
C LEU N 44 -35.15 -17.22 -19.92
N GLN N 45 -35.98 -16.27 -19.50
CA GLN N 45 -35.61 -14.86 -19.60
C GLN N 45 -34.41 -14.54 -18.72
N LEU N 46 -34.39 -15.06 -17.50
CA LEU N 46 -33.26 -14.81 -16.61
C LEU N 46 -31.99 -15.44 -17.15
N SER N 47 -32.11 -16.53 -17.91
CA SER N 47 -30.92 -17.13 -18.52
C SER N 47 -30.21 -16.14 -19.43
N SER N 48 -30.94 -15.19 -20.03
CA SER N 48 -30.34 -14.18 -20.88
C SER N 48 -29.60 -13.11 -20.09
N THR N 49 -29.79 -13.05 -18.78
CA THR N 49 -29.08 -12.10 -17.93
C THR N 49 -27.81 -12.77 -17.39
N ASP N 50 -27.12 -12.09 -16.48
CA ASP N 50 -25.95 -12.68 -15.85
C ASP N 50 -26.29 -13.73 -14.82
N TYR N 51 -27.57 -13.90 -14.49
CA TYR N 51 -27.99 -15.06 -13.72
C TYR N 51 -27.67 -16.34 -14.48
N GLY N 52 -27.94 -16.35 -15.79
CA GLY N 52 -27.50 -17.44 -16.64
C GLY N 52 -28.10 -18.77 -16.23
N ASN N 53 -27.27 -19.80 -16.24
CA ASN N 53 -27.70 -21.17 -15.96
C ASN N 53 -27.65 -21.46 -14.47
N PHE N 54 -28.38 -20.65 -13.71
CA PHE N 54 -28.47 -20.83 -12.27
C PHE N 54 -29.60 -21.76 -11.86
N LEU N 55 -30.59 -21.95 -12.73
CA LEU N 55 -31.66 -22.93 -12.53
C LEU N 55 -31.57 -24.08 -13.53
N SER N 56 -30.43 -24.24 -14.20
CA SER N 56 -30.30 -25.27 -15.23
C SER N 56 -30.47 -26.67 -14.64
N SER N 57 -30.14 -26.84 -13.37
CA SER N 57 -30.27 -28.13 -12.69
C SER N 57 -31.66 -28.35 -12.12
N VAL N 58 -32.59 -27.42 -12.35
CA VAL N 58 -33.93 -27.48 -11.80
C VAL N 58 -34.88 -27.92 -12.90
N SER N 59 -35.65 -28.97 -12.62
CA SER N 59 -36.61 -29.48 -13.59
C SER N 59 -37.79 -28.52 -13.72
N SER N 60 -38.59 -28.73 -14.77
CA SER N 60 -39.74 -27.88 -15.01
C SER N 60 -40.74 -27.97 -13.87
N GLU N 61 -40.99 -29.19 -13.36
CA GLU N 61 -41.95 -29.36 -12.29
C GLU N 61 -41.43 -28.82 -10.96
N SER N 62 -40.12 -28.65 -10.81
CA SER N 62 -39.54 -28.17 -9.57
C SER N 62 -39.41 -26.66 -9.50
N LEU N 63 -39.82 -25.94 -10.54
CA LEU N 63 -39.71 -24.49 -10.55
C LEU N 63 -40.80 -23.89 -9.69
N THR N 64 -40.41 -23.25 -8.59
CA THR N 64 -41.32 -22.56 -7.70
C THR N 64 -40.73 -21.22 -7.33
N THR N 65 -41.60 -20.28 -6.96
CA THR N 65 -41.13 -18.96 -6.57
C THR N 65 -40.16 -19.06 -5.40
N SER N 66 -40.45 -19.92 -4.43
CA SER N 66 -39.53 -20.10 -3.31
C SER N 66 -38.18 -20.64 -3.79
N LEU N 67 -38.20 -21.61 -4.71
CA LEU N 67 -36.96 -22.16 -5.22
C LEU N 67 -36.18 -21.13 -6.02
N ILE N 68 -36.87 -20.33 -6.83
CA ILE N 68 -36.19 -19.28 -7.59
C ILE N 68 -35.54 -18.27 -6.64
N GLN N 69 -36.27 -17.86 -5.61
CA GLN N 69 -35.70 -16.96 -4.62
C GLN N 69 -34.49 -17.59 -3.94
N GLU N 70 -34.59 -18.86 -3.57
CA GLU N 70 -33.48 -19.54 -2.91
C GLU N 70 -32.26 -19.58 -3.80
N TYR N 71 -32.43 -19.90 -5.08
CA TYR N 71 -31.29 -20.03 -5.97
C TYR N 71 -30.66 -18.67 -6.26
N ALA N 72 -31.48 -17.64 -6.49
CA ALA N 72 -30.92 -16.30 -6.71
C ALA N 72 -30.17 -15.81 -5.47
N SER N 73 -30.75 -16.02 -4.29
CA SER N 73 -30.10 -15.62 -3.06
C SER N 73 -28.81 -16.40 -2.85
N SER N 74 -28.80 -17.69 -3.16
CA SER N 74 -27.60 -18.49 -3.02
C SER N 74 -26.51 -18.01 -3.97
N LYS N 75 -26.88 -17.62 -5.19
CA LYS N 75 -25.91 -17.05 -6.12
C LYS N 75 -25.33 -15.76 -5.54
N LEU N 76 -26.18 -14.89 -5.02
CA LEU N 76 -25.71 -13.64 -4.44
C LEU N 76 -24.75 -13.91 -3.28
N TYR N 77 -25.12 -14.86 -2.40
CA TYR N 77 -24.31 -15.13 -1.23
C TYR N 77 -23.00 -15.81 -1.59
N HIS N 78 -23.00 -16.68 -2.61
CA HIS N 78 -21.75 -17.26 -3.09
C HIS N 78 -20.84 -16.18 -3.65
N GLU N 79 -21.40 -15.23 -4.41
CA GLU N 79 -20.58 -14.12 -4.90
C GLU N 79 -20.00 -13.32 -3.74
N PHE N 80 -20.82 -12.95 -2.77
CA PHE N 80 -20.38 -12.22 -1.57
C PHE N 80 -19.28 -12.99 -0.88
N ASN N 81 -19.45 -14.28 -0.62
CA ASN N 81 -18.48 -15.05 0.14
C ASN N 81 -17.19 -15.23 -0.64
N TYR N 82 -17.29 -15.34 -1.96
CA TYR N 82 -16.09 -15.35 -2.78
C TYR N 82 -15.34 -14.02 -2.64
N ILE N 83 -16.04 -12.91 -2.77
CA ILE N 83 -15.40 -11.61 -2.67
C ILE N 83 -14.71 -11.48 -1.31
N ARG N 84 -15.35 -12.01 -0.25
CA ARG N 84 -14.72 -12.05 1.04
C ARG N 84 -13.47 -12.93 1.03
N ASP N 85 -13.54 -14.05 0.30
CA ASP N 85 -12.40 -14.96 0.17
C ASP N 85 -11.25 -14.35 -0.63
N GLN N 86 -11.47 -13.21 -1.30
CA GLN N 86 -10.42 -12.49 -1.98
C GLN N 86 -10.02 -11.22 -1.26
N SER N 87 -10.67 -10.90 -0.14
CA SER N 87 -10.42 -9.66 0.60
C SER N 87 -9.60 -9.96 1.86
N SER N 88 -8.98 -8.90 2.38
CA SER N 88 -8.10 -9.03 3.53
C SER N 88 -8.04 -7.71 4.28
N GLY N 89 -7.54 -7.77 5.49
CA GLY N 89 -7.35 -6.56 6.28
C GLY N 89 -8.66 -5.84 6.54
N SER N 90 -8.66 -4.54 6.26
CA SER N 90 -9.82 -3.70 6.57
C SER N 90 -11.04 -4.16 5.79
N THR N 91 -10.86 -4.57 4.53
CA THR N 91 -11.99 -5.03 3.74
C THR N 91 -12.60 -6.30 4.31
N ARG N 92 -11.80 -7.24 4.78
CA ARG N 92 -12.34 -8.46 5.39
C ARG N 92 -13.17 -8.02 6.59
N LYS N 93 -12.69 -7.11 7.42
CA LYS N 93 -13.41 -6.65 8.61
C LYS N 93 -14.72 -6.03 8.17
N PHE N 94 -14.75 -5.25 7.12
CA PHE N 94 -15.95 -4.58 6.58
C PHE N 94 -16.97 -5.59 6.13
N MET N 95 -16.55 -6.62 5.41
CA MET N 95 -17.43 -7.67 4.86
C MET N 95 -17.90 -8.56 5.99
N ASP N 96 -17.09 -8.80 6.99
CA ASP N 96 -17.49 -9.49 8.22
C ASP N 96 -18.53 -8.65 8.92
N TYR N 97 -18.38 -7.34 8.97
CA TYR N 97 -19.35 -6.40 9.61
C TYR N 97 -20.68 -6.51 8.88
N ILE N 98 -20.70 -6.65 7.57
CA ILE N 98 -21.95 -6.82 6.77
C ILE N 98 -22.65 -8.09 7.23
N THR N 99 -21.93 -9.16 7.54
CA THR N 99 -22.49 -10.46 7.95
C THR N 99 -23.06 -10.39 9.36
N TYR N 100 -22.59 -9.53 10.25
CA TYR N 100 -23.00 -9.43 11.67
C TYR N 100 -24.47 -9.06 11.76
N GLY N 101 -25.01 -8.29 10.84
CA GLY N 101 -26.45 -7.96 10.79
C GLY N 101 -27.28 -9.17 10.46
N TYR N 102 -26.86 -10.00 9.53
CA TYR N 102 -27.55 -11.24 9.14
C TYR N 102 -27.48 -12.21 10.30
N MET N 103 -26.40 -12.19 11.08
CA MET N 103 -26.20 -13.04 12.26
C MET N 103 -27.19 -12.62 13.34
N ILE N 104 -27.39 -11.33 13.58
CA ILE N 104 -28.34 -10.78 14.59
C ILE N 104 -29.73 -11.19 14.16
N ASP N 105 -29.99 -11.19 12.87
CA ASP N 105 -31.31 -11.56 12.29
C ASP N 105 -31.53 -13.04 12.54
N ASN N 106 -30.51 -13.87 12.31
CA ASN N 106 -30.56 -15.35 12.49
C ASN N 106 -30.70 -15.70 13.94
N VAL N 107 -30.05 -14.98 14.84
CA VAL N 107 -30.11 -15.23 16.31
C VAL N 107 -31.56 -15.06 16.74
N ALA N 108 -32.25 -14.02 16.27
CA ALA N 108 -33.66 -13.76 16.56
C ALA N 108 -34.58 -14.82 15.94
N LEU N 109 -34.32 -15.27 14.71
CA LEU N 109 -35.11 -16.31 14.01
C LEU N 109 -34.92 -17.63 14.75
N MET N 110 -33.71 -17.93 15.20
CA MET N 110 -33.39 -19.18 15.93
C MET N 110 -34.07 -19.20 17.28
N ILE N 111 -33.94 -18.13 18.07
CA ILE N 111 -34.50 -18.05 19.44
C ILE N 111 -36.03 -17.93 19.36
N THR N 112 -36.58 -17.24 18.35
CA THR N 112 -38.05 -17.12 18.16
C THR N 112 -38.62 -18.51 17.89
N GLY N 113 -37.94 -19.32 17.08
CA GLY N 113 -38.36 -20.70 16.81
C GLY N 113 -38.25 -21.57 18.04
N THR N 114 -37.21 -21.42 18.86
CA THR N 114 -36.97 -22.21 20.08
C THR N 114 -38.09 -21.98 21.07
N ILE N 115 -38.66 -20.77 21.09
CA ILE N 115 -39.70 -20.40 22.10
C ILE N 115 -41.06 -20.80 21.55
N HIS N 116 -41.18 -21.07 20.24
CA HIS N 116 -42.43 -21.56 19.67
C HIS N 116 -42.44 -23.07 19.47
N ASP N 117 -41.38 -23.77 19.88
CA ASP N 117 -41.26 -25.23 19.80
C ASP N 117 -41.18 -25.73 18.37
N ARG N 118 -40.92 -24.86 17.41
CA ARG N 118 -40.83 -25.28 16.02
C ARG N 118 -39.55 -26.08 15.80
N ASP N 119 -39.60 -26.99 14.83
CA ASP N 119 -38.47 -27.86 14.55
C ASP N 119 -37.23 -27.04 14.21
N LYS N 120 -36.08 -27.44 14.75
CA LYS N 120 -34.81 -26.69 14.54
C LYS N 120 -34.44 -26.77 13.06
N GLY N 121 -34.79 -27.86 12.36
CA GLY N 121 -34.37 -27.98 10.96
C GLY N 121 -34.97 -26.91 10.08
N GLU N 122 -36.28 -26.68 10.19
CA GLU N 122 -36.93 -25.65 9.41
C GLU N 122 -36.41 -24.27 9.79
N ILE N 123 -36.23 -24.02 11.10
CA ILE N 123 -35.79 -22.71 11.64
C ILE N 123 -34.41 -22.40 11.07
N LEU N 124 -33.56 -23.40 10.89
CA LEU N 124 -32.17 -23.22 10.41
C LEU N 124 -32.22 -23.11 8.89
N GLN N 125 -33.14 -23.81 8.23
CA GLN N 125 -33.30 -23.61 6.79
C GLN N 125 -33.67 -22.17 6.47
N ARG N 126 -34.59 -21.59 7.25
CA ARG N 126 -35.01 -20.22 7.00
C ARG N 126 -33.96 -19.19 7.38
N CYS N 127 -32.92 -19.56 8.12
CA CYS N 127 -31.86 -18.64 8.58
C CYS N 127 -31.02 -18.17 7.40
N HIS N 128 -30.58 -16.91 7.38
CA HIS N 128 -29.77 -16.30 6.31
C HIS N 128 -28.39 -16.91 6.34
N PRO N 129 -27.93 -17.59 5.28
CA PRO N 129 -26.61 -18.24 5.29
C PRO N 129 -25.46 -17.30 5.60
N LEU N 130 -25.42 -16.09 5.05
CA LEU N 130 -24.35 -15.08 5.32
C LEU N 130 -24.23 -14.87 6.82
N GLY N 131 -25.32 -14.98 7.54
CA GLY N 131 -25.36 -14.79 8.99
C GLY N 131 -25.10 -16.05 9.76
N TRP N 132 -24.40 -16.99 9.19
CA TRP N 132 -24.10 -18.26 9.84
C TRP N 132 -22.88 -18.11 10.75
N PHE N 133 -22.98 -18.67 11.95
CA PHE N 133 -21.84 -18.89 12.81
C PHE N 133 -21.94 -20.31 13.37
N ASP N 134 -20.79 -20.85 13.77
CA ASP N 134 -20.70 -22.27 14.08
C ASP N 134 -21.73 -22.69 15.12
N THR N 135 -22.01 -21.83 16.09
CA THR N 135 -22.90 -22.16 17.19
C THR N 135 -24.32 -21.63 16.98
N LEU N 136 -24.71 -21.22 15.78
CA LEU N 136 -26.08 -20.73 15.51
C LEU N 136 -27.10 -21.84 15.75
N PRO N 137 -26.90 -23.11 15.35
CA PRO N 137 -27.92 -24.11 15.61
C PRO N 137 -28.13 -24.37 17.10
N THR N 138 -27.15 -24.08 17.96
CA THR N 138 -27.15 -24.30 19.43
C THR N 138 -28.04 -23.27 20.13
N LEU N 139 -28.53 -22.24 19.46
CA LEU N 139 -29.48 -21.25 20.03
C LEU N 139 -30.85 -21.93 20.11
N SER N 140 -30.99 -23.13 19.55
CA SER N 140 -32.23 -23.95 19.60
C SER N 140 -32.30 -24.83 20.86
N VAL N 141 -31.64 -24.47 21.95
CA VAL N 141 -31.61 -25.28 23.16
C VAL N 141 -32.18 -24.53 24.36
N ALA N 142 -31.86 -23.26 24.51
CA ALA N 142 -32.26 -22.47 25.67
C ALA N 142 -33.24 -21.38 25.27
N THR N 143 -33.96 -20.89 26.28
CA THR N 143 -34.96 -19.84 26.10
C THR N 143 -34.52 -18.52 26.70
N ASP N 144 -34.05 -18.53 27.95
CA ASP N 144 -33.60 -17.31 28.60
C ASP N 144 -32.32 -16.80 27.95
N LEU N 145 -32.19 -15.47 27.87
CA LEU N 145 -31.00 -14.89 27.27
C LEU N 145 -29.74 -15.23 28.06
N GLU N 146 -29.86 -15.41 29.37
CA GLU N 146 -28.67 -15.64 30.18
C GLU N 146 -27.91 -16.86 29.70
N SER N 147 -28.59 -17.99 29.58
CA SER N 147 -27.93 -19.22 29.13
C SER N 147 -27.42 -19.08 27.70
N LEU N 148 -28.24 -18.50 26.82
CA LEU N 148 -27.85 -18.37 25.42
C LEU N 148 -26.57 -17.56 25.29
N TYR N 149 -26.47 -16.44 25.99
CA TYR N 149 -25.27 -15.62 25.91
C TYR N 149 -24.09 -16.30 26.58
N GLU N 150 -24.27 -16.81 27.80
CA GLU N 150 -23.14 -17.37 28.53
C GLU N 150 -22.63 -18.66 27.89
N THR N 151 -23.41 -19.29 27.02
CA THR N 151 -23.02 -20.54 26.40
C THR N 151 -22.72 -20.44 24.92
N VAL N 152 -23.31 -19.47 24.20
CA VAL N 152 -23.22 -19.43 22.75
C VAL N 152 -22.62 -18.11 22.27
N LEU N 153 -23.28 -17.00 22.60
CA LEU N 153 -23.01 -15.73 21.94
C LEU N 153 -21.82 -14.98 22.53
N VAL N 154 -21.20 -15.48 23.61
CA VAL N 154 -19.98 -14.85 24.10
C VAL N 154 -18.84 -15.07 23.12
N ASP N 155 -18.76 -16.26 22.52
CA ASP N 155 -17.70 -16.57 21.58
C ASP N 155 -17.96 -16.02 20.18
N THR N 156 -19.18 -15.61 19.89
CA THR N 156 -19.52 -15.06 18.59
C THR N 156 -19.10 -13.61 18.48
N PRO N 157 -18.95 -13.09 17.26
CA PRO N 157 -18.65 -11.66 17.11
C PRO N 157 -19.77 -10.74 17.60
N LEU N 158 -20.94 -11.30 17.93
CA LEU N 158 -22.03 -10.51 18.49
C LEU N 158 -21.87 -10.25 19.98
N ALA N 159 -20.85 -10.81 20.61
CA ALA N 159 -20.69 -10.65 22.06
C ALA N 159 -20.61 -9.19 22.48
N PRO N 160 -19.84 -8.32 21.81
CA PRO N 160 -19.77 -6.92 22.27
C PRO N 160 -21.10 -6.22 22.23
N TYR N 161 -22.08 -6.72 21.48
CA TYR N 161 -23.40 -6.08 21.28
C TYR N 161 -24.37 -6.53 22.37
N PHE N 162 -23.95 -7.40 23.29
CA PHE N 162 -24.77 -7.80 24.43
C PHE N 162 -24.29 -7.03 25.66
N LYS N 163 -24.63 -5.74 25.69
CA LYS N 163 -24.31 -4.88 26.81
C LYS N 163 -25.53 -4.15 27.36
N ASN N 164 -26.70 -4.29 26.72
CA ASN N 164 -27.92 -3.67 27.21
C ASN N 164 -29.13 -4.60 27.11
N CYS N 165 -28.92 -5.88 26.76
CA CYS N 165 -30.01 -6.82 26.61
C CYS N 165 -30.28 -7.65 27.87
N PHE N 166 -29.47 -7.48 28.92
CA PHE N 166 -29.65 -8.25 30.15
C PHE N 166 -30.73 -7.67 31.06
N ASP N 167 -31.18 -6.45 30.81
CA ASP N 167 -32.14 -5.82 31.70
C ASP N 167 -33.48 -6.57 31.72
N THR N 168 -33.90 -7.08 30.56
CA THR N 168 -35.20 -7.72 30.46
C THR N 168 -35.29 -8.91 31.42
N ALA N 169 -36.51 -9.40 31.60
CA ALA N 169 -36.76 -10.50 32.51
C ALA N 169 -36.13 -11.80 31.97
N GLU N 170 -35.91 -12.74 32.88
CA GLU N 170 -35.31 -14.01 32.48
C GLU N 170 -36.21 -14.75 31.49
N GLU N 171 -37.51 -14.77 31.75
CA GLU N 171 -38.44 -15.37 30.80
C GLU N 171 -38.44 -14.58 29.51
N LEU N 172 -38.50 -15.29 28.39
CA LEU N 172 -38.30 -14.70 27.07
C LEU N 172 -39.46 -15.05 26.16
N ASP N 173 -39.91 -14.07 25.38
CA ASP N 173 -41.05 -14.24 24.48
C ASP N 173 -40.82 -13.40 23.24
N ASP N 174 -41.86 -13.32 22.39
CA ASP N 174 -41.72 -12.65 21.10
C ASP N 174 -41.39 -11.18 21.26
N MET N 175 -42.06 -10.50 22.20
CA MET N 175 -41.75 -9.08 22.43
C MET N 175 -40.32 -8.91 22.91
N ASN N 176 -39.89 -9.77 23.84
CA ASN N 176 -38.49 -9.74 24.26
C ASN N 176 -37.56 -10.07 23.10
N ILE N 177 -37.88 -10.99 22.20
CA ILE N 177 -36.99 -11.21 21.03
C ILE N 177 -36.94 -9.89 20.26
N GLU N 178 -38.07 -9.25 19.96
CA GLU N 178 -37.96 -8.01 19.17
C GLU N 178 -37.08 -6.99 19.88
N ILE N 179 -37.21 -6.90 21.20
CA ILE N 179 -36.39 -5.93 21.95
C ILE N 179 -34.91 -6.28 21.83
N ILE N 180 -34.57 -7.56 22.02
CA ILE N 180 -33.18 -8.00 21.91
C ILE N 180 -32.68 -7.76 20.49
N ARG N 181 -33.44 -8.12 19.45
CA ARG N 181 -33.02 -7.90 18.04
C ARG N 181 -32.83 -6.41 17.81
N ASN N 182 -33.66 -5.48 18.29
CA ASN N 182 -33.43 -4.06 18.05
C ASN N 182 -32.21 -3.56 18.81
N LYS N 183 -32.01 -4.02 20.05
CA LYS N 183 -30.82 -3.62 20.80
C LYS N 183 -29.55 -4.10 20.10
N LEU N 184 -29.55 -5.32 19.59
CA LEU N 184 -28.37 -5.89 18.90
C LEU N 184 -28.13 -5.15 17.60
N TYR N 185 -29.15 -4.67 16.89
CA TYR N 185 -28.97 -3.89 15.65
C TYR N 185 -28.55 -2.47 16.02
N LYS N 186 -28.94 -1.88 17.16
CA LYS N 186 -28.43 -0.57 17.57
C LYS N 186 -26.95 -0.64 17.87
N ALA N 187 -26.55 -1.58 18.74
CA ALA N 187 -25.15 -1.70 19.10
C ALA N 187 -24.29 -2.03 17.88
N TYR N 188 -24.76 -2.93 17.03
CA TYR N 188 -24.04 -3.34 15.80
C TYR N 188 -23.86 -2.15 14.90
N LEU N 189 -24.92 -1.40 14.61
CA LEU N 189 -24.83 -0.29 13.69
C LEU N 189 -23.89 0.78 14.23
N GLU N 190 -23.94 1.04 15.53
CA GLU N 190 -23.01 1.99 16.11
C GLU N 190 -21.57 1.51 15.96
N ASP N 191 -21.31 0.22 16.14
CA ASP N 191 -19.96 -0.38 16.02
C ASP N 191 -19.49 -0.36 14.58
N PHE N 192 -20.38 -0.56 13.63
CA PHE N 192 -20.05 -0.63 12.19
C PHE N 192 -19.86 0.79 11.71
N TYR N 193 -20.55 1.78 12.27
CA TYR N 193 -20.32 3.18 11.95
C TYR N 193 -18.97 3.65 12.47
N ASN N 194 -18.64 3.27 13.71
CA ASN N 194 -17.32 3.62 14.24
C ASN N 194 -16.21 3.00 13.40
N PHE N 195 -16.36 1.73 13.05
CA PHE N 195 -15.37 1.00 12.23
C PHE N 195 -15.19 1.69 10.89
N VAL N 196 -16.26 2.15 10.28
CA VAL N 196 -16.18 2.87 9.02
C VAL N 196 -15.47 4.22 9.21
N THR N 197 -15.83 4.94 10.27
CA THR N 197 -15.26 6.27 10.48
C THR N 197 -13.76 6.21 10.74
N GLU N 198 -13.31 5.20 11.51
CA GLU N 198 -11.90 5.14 11.88
C GLU N 198 -11.03 4.43 10.85
N GLU N 199 -11.48 3.29 10.32
CA GLU N 199 -10.62 2.44 9.50
C GLU N 199 -10.90 2.53 8.01
N ILE N 200 -12.17 2.62 7.60
CA ILE N 200 -12.57 2.63 6.16
C ILE N 200 -12.21 4.01 5.60
N PRO N 201 -11.31 4.14 4.59
CA PRO N 201 -10.90 5.43 4.06
C PRO N 201 -12.01 6.10 3.25
N GLU N 202 -11.81 7.39 2.98
CA GLU N 202 -12.74 8.15 2.18
C GLU N 202 -12.54 7.87 0.68
N PRO N 203 -13.54 7.79 -0.24
CA PRO N 203 -14.88 8.31 -0.11
C PRO N 203 -15.84 7.18 0.26
N ALA N 204 -15.30 6.05 0.69
CA ALA N 204 -16.04 4.86 1.12
C ALA N 204 -16.38 5.05 2.57
N LYS N 205 -15.84 6.07 3.22
CA LYS N 205 -16.07 6.38 4.64
C LYS N 205 -17.33 7.18 4.64
N GLU N 206 -17.43 8.15 3.74
CA GLU N 206 -18.64 8.97 3.66
C GLU N 206 -19.82 8.18 3.10
N CYS N 207 -19.62 7.41 2.04
CA CYS N 207 -20.67 6.59 1.38
C CYS N 207 -21.23 5.60 2.38
N MET N 208 -20.38 5.01 3.21
CA MET N 208 -20.80 3.96 4.16
C MET N 208 -21.38 4.61 5.38
N GLN N 209 -20.98 5.81 5.73
CA GLN N 209 -21.66 6.56 6.78
C GLN N 209 -23.08 6.93 6.36
N THR N 210 -23.25 7.36 5.11
CA THR N 210 -24.57 7.70 4.61
C THR N 210 -25.48 6.48 4.57
N LEU N 211 -24.98 5.35 4.08
CA LEU N 211 -25.74 4.07 3.92
C LEU N 211 -26.02 3.43 5.27
N LEU N 212 -25.23 3.66 6.32
CA LEU N 212 -25.55 3.22 7.67
C LEU N 212 -26.47 4.20 8.37
N GLY N 213 -26.36 5.50 8.07
CA GLY N 213 -27.33 6.44 8.59
C GLY N 213 -28.72 6.15 8.06
N PHE N 214 -28.83 5.80 6.77
CA PHE N 214 -30.12 5.38 6.23
C PHE N 214 -30.63 4.13 6.93
N GLU N 215 -29.74 3.16 7.15
CA GLU N 215 -30.16 1.92 7.82
C GLU N 215 -30.67 2.23 9.22
N ALA N 216 -29.95 3.07 9.95
CA ALA N 216 -30.36 3.44 11.30
C ALA N 216 -31.69 4.20 11.29
N ASP N 217 -31.86 5.11 10.33
CA ASP N 217 -33.10 5.86 10.24
C ASP N 217 -34.28 4.93 9.94
N ARG N 218 -34.09 4.00 9.01
CA ARG N 218 -35.13 3.03 8.71
C ARG N 218 -35.46 2.17 9.92
N ARG N 219 -34.42 1.72 10.64
CA ARG N 219 -34.65 0.93 11.84
C ARG N 219 -35.42 1.72 12.88
N SER N 220 -35.05 2.98 13.09
CA SER N 220 -35.74 3.82 14.07
C SER N 220 -37.19 4.03 13.69
N ILE N 221 -37.45 4.34 12.42
CA ILE N 221 -38.82 4.57 11.98
C ILE N 221 -39.65 3.32 12.14
N ASN N 222 -39.10 2.16 11.72
CA ASN N 222 -39.84 0.91 11.85
C ASN N 222 -40.08 0.56 13.32
N ILE N 223 -39.08 0.78 14.17
CA ILE N 223 -39.25 0.50 15.59
C ILE N 223 -40.36 1.36 16.18
N ALA N 224 -40.35 2.65 15.85
CA ALA N 224 -41.40 3.55 16.35
C ALA N 224 -42.77 3.10 15.87
N LEU N 225 -42.89 2.79 14.59
CA LEU N 225 -44.19 2.42 14.03
C LEU N 225 -44.68 1.08 14.57
N ASN N 226 -43.77 0.17 14.88
CA ASN N 226 -44.17 -1.10 15.48
C ASN N 226 -44.57 -0.92 16.93
N SER N 227 -43.84 -0.08 17.68
CA SER N 227 -44.22 0.22 19.05
C SER N 227 -45.56 0.95 19.11
N LEU N 228 -45.91 1.67 18.06
CA LEU N 228 -47.22 2.31 18.00
C LEU N 228 -48.33 1.28 18.18
N GLN N 229 -48.19 0.12 17.53
CA GLN N 229 -49.21 -0.92 17.64
C GLN N 229 -49.33 -1.41 19.08
N SER N 230 -48.21 -1.58 19.77
CA SER N 230 -48.24 -2.02 21.16
C SER N 230 -48.96 -0.99 22.02
N SER N 231 -49.57 -1.47 23.10
CA SER N 231 -50.36 -0.58 23.96
C SER N 231 -49.54 0.62 24.41
N ASP N 232 -48.34 0.38 24.95
CA ASP N 232 -47.47 1.46 25.38
C ASP N 232 -46.13 0.88 25.79
N ILE N 233 -45.07 1.64 25.54
CA ILE N 233 -43.72 1.27 25.95
C ILE N 233 -43.02 2.53 26.47
N ASP N 234 -42.15 2.33 27.44
CA ASP N 234 -41.44 3.45 28.04
C ASP N 234 -40.60 4.15 26.97
N PRO N 235 -40.71 5.46 26.80
CA PRO N 235 -39.86 6.14 25.81
C PRO N 235 -38.38 5.93 26.05
N ASP N 236 -37.96 5.82 27.31
CA ASP N 236 -36.56 5.52 27.60
C ASP N 236 -36.18 4.16 27.04
N LEU N 237 -37.07 3.17 27.17
CA LEU N 237 -36.80 1.86 26.59
C LEU N 237 -36.71 1.94 25.08
N LYS N 238 -37.59 2.72 24.45
CA LYS N 238 -37.52 2.88 23.00
C LYS N 238 -36.19 3.50 22.58
N SER N 239 -35.74 4.52 23.30
CA SER N 239 -34.47 5.16 22.97
C SER N 239 -33.32 4.17 23.01
N ASP N 240 -33.42 3.15 23.85
CA ASP N 240 -32.41 2.11 23.90
C ASP N 240 -32.42 1.21 22.66
N LEU N 241 -33.45 1.30 21.83
CA LEU N 241 -33.54 0.53 20.61
C LEU N 241 -33.17 1.31 19.37
N LEU N 242 -33.32 2.64 19.40
CA LEU N 242 -33.10 3.45 18.21
C LEU N 242 -31.60 3.71 18.02
N PRO N 243 -31.02 3.35 16.88
CA PRO N 243 -29.59 3.61 16.67
C PRO N 243 -29.28 5.10 16.66
N ASN N 244 -28.04 5.41 17.00
CA ASN N 244 -27.58 6.78 17.23
C ASN N 244 -26.53 7.20 16.20
N ILE N 245 -26.74 6.89 14.93
CA ILE N 245 -25.78 7.20 13.88
C ILE N 245 -26.44 7.88 12.70
N GLY N 246 -27.78 7.84 12.66
CA GLY N 246 -28.49 8.27 11.48
C GLY N 246 -28.74 9.76 11.42
N LYS N 247 -29.34 10.18 10.30
CA LYS N 247 -29.73 11.57 10.14
C LYS N 247 -30.77 11.97 11.16
N LEU N 248 -31.63 11.04 11.56
CA LEU N 248 -32.64 11.34 12.58
C LEU N 248 -31.99 11.74 13.89
N TYR N 249 -30.92 11.04 14.27
CA TYR N 249 -30.28 11.31 15.55
C TYR N 249 -29.73 12.73 15.58
N PRO N 250 -29.80 13.43 16.72
CA PRO N 250 -30.40 13.06 18.01
C PRO N 250 -31.81 13.62 18.23
N LEU N 251 -32.28 14.46 17.31
CA LEU N 251 -33.55 15.14 17.51
C LEU N 251 -34.73 14.27 17.08
N ALA N 252 -34.73 13.82 15.83
CA ALA N 252 -35.84 13.01 15.33
C ALA N 252 -35.91 11.68 16.07
N THR N 253 -34.76 11.08 16.39
CA THR N 253 -34.77 9.85 17.17
C THR N 253 -35.40 10.09 18.54
N PHE N 254 -35.06 11.20 19.19
CA PHE N 254 -35.68 11.54 20.45
C PHE N 254 -37.19 11.65 20.30
N HIS N 255 -37.65 12.45 19.34
CA HIS N 255 -39.08 12.66 19.16
C HIS N 255 -39.79 11.34 18.84
N LEU N 256 -39.13 10.43 18.12
CA LEU N 256 -39.71 9.12 17.87
C LEU N 256 -39.79 8.31 19.16
N ALA N 257 -38.78 8.43 20.03
CA ALA N 257 -38.79 7.68 21.28
C ALA N 257 -40.00 8.08 22.13
N GLN N 258 -40.30 9.37 22.22
CA GLN N 258 -41.46 9.84 22.95
C GLN N 258 -42.71 9.89 22.09
N ALA N 259 -42.62 9.54 20.82
CA ALA N 259 -43.81 9.46 19.97
C ALA N 259 -44.69 8.30 20.44
N GLN N 260 -46.01 8.55 20.44
CA GLN N 260 -46.97 7.57 20.93
C GLN N 260 -48.12 7.36 19.95
N ASP N 261 -48.04 7.90 18.74
CA ASP N 261 -49.08 7.72 17.73
C ASP N 261 -48.47 7.98 16.37
N PHE N 262 -49.21 7.61 15.33
CA PHE N 262 -48.72 7.76 13.96
C PHE N 262 -48.43 9.24 13.65
N GLU N 263 -49.32 10.13 14.08
CA GLU N 263 -49.09 11.56 13.86
C GLU N 263 -47.84 12.03 14.60
N GLY N 264 -47.51 11.40 15.73
CA GLY N 264 -46.25 11.72 16.38
C GLY N 264 -45.04 11.36 15.53
N VAL N 265 -45.08 10.20 14.90
CA VAL N 265 -44.00 9.80 14.00
C VAL N 265 -43.94 10.76 12.81
N ARG N 266 -45.10 11.15 12.28
CA ARG N 266 -45.12 12.10 11.16
C ARG N 266 -44.50 13.42 11.57
N ALA N 267 -44.83 13.92 12.76
CA ALA N 267 -44.24 15.17 13.24
C ALA N 267 -42.74 15.03 13.41
N ALA N 268 -42.30 13.88 13.95
CA ALA N 268 -40.86 13.67 14.13
C ALA N 268 -40.14 13.68 12.78
N LEU N 269 -40.72 13.03 11.77
CA LEU N 269 -40.09 12.97 10.45
C LEU N 269 -40.27 14.24 9.65
N ALA N 270 -41.17 15.14 10.06
CA ALA N 270 -41.33 16.40 9.35
C ALA N 270 -40.06 17.23 9.44
N ASN N 271 -39.40 17.22 10.59
CA ASN N 271 -38.18 18.02 10.75
C ASN N 271 -37.10 17.58 9.77
N VAL N 272 -36.92 16.27 9.62
CA VAL N 272 -35.93 15.74 8.69
C VAL N 272 -36.52 15.75 7.29
N TYR N 273 -35.80 16.35 6.34
CA TYR N 273 -36.32 16.54 4.99
C TYR N 273 -36.07 15.35 4.08
N GLU N 274 -35.27 14.37 4.50
CA GLU N 274 -35.00 13.20 3.67
C GLU N 274 -36.10 12.15 3.76
N TYR N 275 -36.98 12.26 4.75
CA TYR N 275 -38.07 11.30 4.95
C TYR N 275 -39.40 12.03 5.09
N ARG N 276 -39.58 13.09 4.31
CA ARG N 276 -40.82 13.86 4.37
C ARG N 276 -42.02 13.01 4.01
N GLY N 277 -42.07 12.55 2.75
CA GLY N 277 -43.23 11.87 2.22
C GLY N 277 -43.31 10.39 2.48
N PHE N 278 -42.38 9.84 3.27
CA PHE N 278 -42.39 8.41 3.53
C PHE N 278 -43.69 7.98 4.21
N LEU N 279 -44.12 8.75 5.20
CA LEU N 279 -45.38 8.46 5.90
C LEU N 279 -46.56 9.25 5.36
N GLU N 280 -46.33 10.19 4.44
CA GLU N 280 -47.43 10.98 3.90
C GLU N 280 -48.40 10.11 3.12
N THR N 281 -47.89 9.19 2.31
CA THR N 281 -48.72 8.33 1.47
C THR N 281 -47.87 7.18 0.98
N GLY N 282 -48.48 6.30 0.19
CA GLY N 282 -47.78 5.19 -0.39
C GLY N 282 -47.45 4.12 0.64
N ASN N 283 -46.55 3.23 0.23
CA ASN N 283 -46.06 2.14 1.09
C ASN N 283 -44.72 2.55 1.67
N LEU N 284 -44.62 2.51 3.00
CA LEU N 284 -43.39 2.93 3.66
C LEU N 284 -42.22 2.02 3.28
N GLU N 285 -42.47 0.72 3.21
CA GLU N 285 -41.42 -0.22 2.84
C GLU N 285 -40.89 0.07 1.44
N ASP N 286 -41.79 0.35 0.49
CA ASP N 286 -41.36 0.68 -0.86
C ASP N 286 -40.56 1.97 -0.88
N HIS N 287 -40.99 2.97 -0.10
CA HIS N 287 -40.24 4.21 -0.04
C HIS N 287 -38.83 3.98 0.49
N PHE N 288 -38.71 3.18 1.55
CA PHE N 288 -37.39 2.88 2.10
C PHE N 288 -36.53 2.14 1.10
N TYR N 289 -37.11 1.17 0.39
CA TYR N 289 -36.33 0.41 -0.59
C TYR N 289 -35.89 1.30 -1.74
N GLN N 290 -36.76 2.21 -2.19
CA GLN N 290 -36.38 3.13 -3.26
C GLN N 290 -35.26 4.06 -2.81
N LEU N 291 -35.35 4.58 -1.59
CA LEU N 291 -34.28 5.43 -1.08
C LEU N 291 -32.97 4.65 -0.95
N GLU N 292 -33.06 3.39 -0.50
CA GLU N 292 -31.86 2.56 -0.40
C GLU N 292 -31.23 2.34 -1.78
N MET N 293 -32.06 2.07 -2.79
CA MET N 293 -31.54 1.88 -4.14
C MET N 293 -30.88 3.15 -4.66
N GLU N 294 -31.50 4.31 -4.40
CA GLU N 294 -30.89 5.57 -4.81
C GLU N 294 -29.55 5.79 -4.11
N LEU N 295 -29.47 5.47 -2.82
CA LEU N 295 -28.23 5.63 -2.09
C LEU N 295 -27.15 4.69 -2.61
N CYS N 296 -27.52 3.44 -2.90
CA CYS N 296 -26.56 2.49 -3.45
C CYS N 296 -26.09 2.94 -4.83
N ARG N 297 -26.99 3.35 -5.72
CA ARG N 297 -26.63 3.89 -7.05
C ARG N 297 -25.57 4.97 -6.86
N ASP N 298 -25.75 5.91 -5.93
CA ASP N 298 -24.84 7.03 -5.64
C ASP N 298 -23.49 6.49 -5.18
N ALA N 299 -23.44 5.36 -4.49
CA ALA N 299 -22.20 4.71 -3.99
C ALA N 299 -21.42 4.09 -5.15
N PHE N 300 -22.05 3.88 -6.30
CA PHE N 300 -21.44 3.31 -7.51
C PHE N 300 -20.87 4.40 -8.40
N THR N 301 -21.18 5.65 -8.12
CA THR N 301 -20.66 6.79 -8.87
C THR N 301 -19.29 7.11 -8.29
N GLN N 302 -18.94 6.54 -7.14
CA GLN N 302 -17.67 6.82 -6.46
C GLN N 302 -16.78 5.58 -6.54
N GLN N 303 -15.76 5.61 -7.39
CA GLN N 303 -14.80 4.50 -7.56
C GLN N 303 -13.72 4.61 -6.51
N PHE N 304 -12.96 3.55 -6.24
CA PHE N 304 -11.89 3.47 -5.23
C PHE N 304 -12.57 3.59 -3.88
N ALA N 305 -13.70 2.90 -3.74
CA ALA N 305 -14.50 2.86 -2.52
C ALA N 305 -14.99 1.45 -2.27
N ILE N 306 -14.88 0.90 -1.07
CA ILE N 306 -15.35 -0.46 -0.67
C ILE N 306 -16.81 -0.34 -0.26
N SER N 307 -17.39 0.84 -0.36
CA SER N 307 -18.82 1.10 -0.11
C SER N 307 -19.59 0.44 -1.24
N THR N 308 -18.95 0.06 -2.34
CA THR N 308 -19.55 -0.53 -3.56
C THR N 308 -19.79 -2.02 -3.31
N VAL N 309 -19.09 -2.65 -2.39
CA VAL N 309 -19.37 -4.06 -1.97
C VAL N 309 -20.69 -4.04 -1.22
N TRP N 310 -20.92 -3.07 -0.34
CA TRP N 310 -22.19 -2.90 0.37
C TRP N 310 -23.28 -2.50 -0.60
N ALA N 311 -23.02 -1.57 -1.50
CA ALA N 311 -24.00 -1.06 -2.47
C ALA N 311 -24.35 -2.13 -3.49
N TRP N 312 -23.48 -3.08 -3.79
CA TRP N 312 -23.73 -4.20 -4.73
C TRP N 312 -24.54 -5.27 -4.02
N MET N 313 -24.32 -5.50 -2.74
CA MET N 313 -24.99 -6.56 -1.99
C MET N 313 -26.41 -6.14 -1.74
N LYS N 314 -26.65 -4.87 -1.50
CA LYS N 314 -28.00 -4.37 -1.14
C LYS N 314 -28.76 -4.17 -2.43
N SER N 315 -28.13 -3.71 -3.51
CA SER N 315 -28.73 -3.64 -4.82
C SER N 315 -29.12 -5.03 -5.30
N LYS N 316 -28.16 -5.95 -5.27
CA LYS N 316 -28.45 -7.30 -5.72
C LYS N 316 -29.54 -7.92 -4.84
N GLU N 317 -29.49 -7.76 -3.54
CA GLU N 317 -30.56 -8.24 -2.60
C GLU N 317 -31.90 -7.64 -3.00
N GLN N 318 -32.01 -6.37 -3.40
CA GLN N 318 -33.26 -5.85 -3.92
C GLN N 318 -33.64 -6.58 -5.20
N GLU N 319 -32.68 -6.76 -6.10
CA GLU N 319 -32.95 -7.46 -7.34
C GLU N 319 -33.63 -8.80 -7.06
N VAL N 320 -33.05 -9.59 -6.15
CA VAL N 320 -33.64 -10.89 -5.84
C VAL N 320 -35.09 -10.70 -5.41
N ARG N 321 -35.31 -9.79 -4.45
CA ARG N 321 -36.68 -9.51 -4.02
C ARG N 321 -37.54 -9.21 -5.23
N ASN N 322 -37.09 -8.29 -6.08
CA ASN N 322 -37.86 -7.94 -7.26
C ASN N 322 -38.20 -9.19 -8.05
N ILE N 323 -37.20 -10.01 -8.36
CA ILE N 323 -37.45 -11.23 -9.11
C ILE N 323 -38.50 -12.06 -8.39
N THR N 324 -38.28 -12.29 -7.09
CA THR N 324 -39.25 -13.04 -6.31
C THR N 324 -40.64 -12.45 -6.50
N TRP N 325 -40.76 -11.13 -6.32
CA TRP N 325 -42.04 -10.47 -6.49
C TRP N 325 -42.63 -10.83 -7.85
N ILE N 326 -41.85 -10.60 -8.91
CA ILE N 326 -42.33 -10.93 -10.25
C ILE N 326 -42.72 -12.39 -10.31
N ALA N 327 -41.84 -13.26 -9.81
CA ALA N 327 -42.15 -14.69 -9.81
C ALA N 327 -43.47 -14.96 -9.14
N GLU N 328 -43.72 -14.32 -7.98
CA GLU N 328 -45.00 -14.50 -7.32
C GLU N 328 -46.13 -14.11 -8.26
N CYS N 329 -46.06 -12.91 -8.84
CA CYS N 329 -47.11 -12.47 -9.73
C CYS N 329 -47.27 -13.38 -10.93
N ILE N 330 -46.24 -14.17 -11.24
CA ILE N 330 -46.36 -15.16 -12.31
C ILE N 330 -46.85 -16.49 -11.77
N ALA N 331 -46.38 -16.87 -10.58
CA ALA N 331 -46.79 -18.16 -10.02
C ALA N 331 -48.22 -18.12 -9.50
N GLN N 332 -48.58 -17.03 -8.80
CA GLN N 332 -49.91 -16.89 -8.24
C GLN N 332 -50.88 -16.17 -9.17
N ASN N 333 -50.39 -15.58 -10.26
CA ASN N 333 -51.20 -14.98 -11.32
C ASN N 333 -51.76 -13.61 -10.96
N GLN N 334 -51.35 -13.01 -9.85
CA GLN N 334 -51.77 -11.65 -9.51
C GLN N 334 -50.77 -10.69 -10.13
N ARG N 335 -51.08 -10.25 -11.36
CA ARG N 335 -50.18 -9.39 -12.12
C ARG N 335 -50.52 -7.91 -11.98
N GLU N 336 -51.52 -7.55 -11.17
CA GLU N 336 -51.88 -6.16 -11.00
C GLU N 336 -50.75 -5.35 -10.37
N ARG N 337 -50.04 -5.94 -9.41
CA ARG N 337 -48.94 -5.27 -8.72
C ARG N 337 -47.57 -5.78 -9.19
N ILE N 338 -47.50 -6.32 -10.41
CA ILE N 338 -46.26 -6.93 -10.88
C ILE N 338 -45.19 -5.87 -11.12
N ASN N 339 -45.58 -4.65 -11.48
CA ASN N 339 -44.63 -3.61 -11.85
C ASN N 339 -44.01 -2.91 -10.66
N ASN N 340 -44.40 -3.27 -9.43
CA ASN N 340 -43.80 -2.69 -8.22
C ASN N 340 -42.52 -3.45 -7.86
N TYR N 341 -41.56 -3.40 -8.78
CA TYR N 341 -40.31 -4.13 -8.63
C TYR N 341 -39.12 -3.21 -8.35
N ILE N 342 -39.38 -1.95 -8.03
CA ILE N 342 -38.34 -1.01 -7.59
C ILE N 342 -37.06 -1.20 -8.38
N SER N 343 -36.91 -0.45 -9.47
CA SER N 343 -35.74 -0.54 -10.33
C SER N 343 -35.07 0.82 -10.39
N VAL N 344 -33.75 0.83 -10.20
CA VAL N 344 -32.96 2.05 -10.27
C VAL N 344 -31.80 1.95 -11.25
N TYR N 345 -31.33 0.75 -11.57
CA TYR N 345 -30.22 0.57 -12.50
C TYR N 345 -30.72 0.27 -13.91
N GLU O 3 -12.26 -21.90 -57.60
CA GLU O 3 -11.13 -21.88 -56.68
C GLU O 3 -11.35 -20.87 -55.56
N LYS O 4 -11.25 -21.34 -54.32
CA LYS O 4 -11.46 -20.47 -53.18
C LYS O 4 -10.34 -19.44 -53.08
N GLU O 5 -10.71 -18.18 -52.88
CA GLU O 5 -9.74 -17.11 -52.77
C GLU O 5 -8.97 -17.24 -51.45
N GLU O 6 -7.70 -16.84 -51.49
CA GLU O 6 -6.90 -16.76 -50.29
C GLU O 6 -7.30 -15.50 -49.51
N ALA O 7 -7.62 -15.68 -48.24
CA ALA O 7 -8.19 -14.63 -47.41
C ALA O 7 -7.28 -14.30 -46.24
N ILE O 8 -5.98 -14.28 -46.47
CA ILE O 8 -5.01 -13.93 -45.44
C ILE O 8 -4.61 -12.47 -45.51
N PHE O 9 -4.41 -11.94 -46.73
CA PHE O 9 -4.12 -10.52 -46.87
C PHE O 9 -5.32 -9.68 -46.43
N ARG O 10 -6.52 -10.06 -46.86
CA ARG O 10 -7.75 -9.43 -46.44
C ARG O 10 -8.77 -10.51 -46.10
N SER O 11 -9.83 -10.11 -45.42
CA SER O 11 -10.87 -11.06 -45.04
C SER O 11 -11.53 -11.64 -46.28
N ALA O 12 -12.02 -12.87 -46.15
CA ALA O 12 -12.73 -13.52 -47.24
C ALA O 12 -14.00 -12.73 -47.56
N GLU O 13 -14.26 -12.55 -48.85
CA GLU O 13 -15.47 -11.86 -49.27
C GLU O 13 -16.69 -12.63 -48.79
N MET O 14 -17.64 -11.92 -48.19
CA MET O 14 -18.80 -12.51 -47.57
C MET O 14 -20.07 -12.18 -48.34
N ALA O 15 -21.00 -13.12 -48.36
CA ALA O 15 -22.30 -12.96 -48.99
C ALA O 15 -23.38 -13.32 -47.99
N LEU O 16 -24.37 -12.45 -47.88
CA LEU O 16 -25.58 -12.77 -47.14
C LEU O 16 -26.49 -13.59 -48.02
N VAL O 17 -27.09 -14.64 -47.44
CA VAL O 17 -27.94 -15.55 -48.20
C VAL O 17 -29.21 -15.80 -47.40
N GLN O 18 -30.35 -15.72 -48.09
CA GLN O 18 -31.63 -16.11 -47.53
C GLN O 18 -31.91 -17.56 -47.87
N PHE O 19 -32.24 -18.35 -46.86
CA PHE O 19 -32.81 -19.67 -47.00
C PHE O 19 -34.31 -19.57 -46.74
N TYR O 20 -35.10 -19.91 -47.76
CA TYR O 20 -36.55 -20.03 -47.61
C TYR O 20 -36.88 -21.49 -47.31
N ILE O 21 -36.50 -21.90 -46.10
CA ILE O 21 -36.49 -23.31 -45.75
C ILE O 21 -37.92 -23.79 -45.52
N PRO O 22 -38.42 -24.76 -46.28
CA PRO O 22 -39.75 -25.29 -45.97
C PRO O 22 -39.77 -25.92 -44.59
N GLN O 23 -40.89 -25.76 -43.89
CA GLN O 23 -40.99 -26.28 -42.53
C GLN O 23 -40.83 -27.80 -42.51
N GLU O 24 -41.45 -28.49 -43.45
CA GLU O 24 -41.45 -29.95 -43.42
C GLU O 24 -40.04 -30.53 -43.54
N ILE O 25 -39.07 -29.77 -44.02
CA ILE O 25 -37.68 -30.19 -44.07
C ILE O 25 -36.78 -29.28 -43.24
N SER O 26 -37.35 -28.31 -42.53
CA SER O 26 -36.53 -27.35 -41.81
C SER O 26 -35.56 -28.05 -40.87
N ARG O 27 -36.07 -28.96 -40.04
CA ARG O 27 -35.21 -29.67 -39.09
C ARG O 27 -34.02 -30.30 -39.81
N ASP O 28 -34.24 -30.83 -41.01
CA ASP O 28 -33.14 -31.41 -41.78
C ASP O 28 -32.23 -30.32 -42.32
N SER O 29 -32.80 -29.26 -42.90
CA SER O 29 -31.97 -28.23 -43.51
C SER O 29 -30.94 -27.69 -42.52
N ALA O 30 -31.38 -27.30 -41.34
CA ALA O 30 -30.45 -26.81 -40.32
C ALA O 30 -29.29 -27.79 -40.13
N TYR O 31 -29.61 -29.08 -40.05
CA TYR O 31 -28.59 -30.15 -39.84
C TYR O 31 -27.56 -30.11 -40.95
N THR O 32 -27.92 -29.87 -42.21
CA THR O 32 -26.96 -29.70 -43.29
C THR O 32 -26.19 -28.40 -43.12
N LEU O 33 -26.89 -27.31 -42.79
CA LEU O 33 -26.21 -26.04 -42.57
C LEU O 33 -25.24 -26.13 -41.41
N GLY O 34 -25.52 -27.02 -40.44
CA GLY O 34 -24.57 -27.25 -39.37
C GLY O 34 -23.48 -28.23 -39.74
N GLN O 35 -23.75 -29.10 -40.71
CA GLN O 35 -22.72 -30.05 -41.16
C GLN O 35 -21.69 -29.36 -42.05
N LEU O 36 -22.11 -28.40 -42.86
CA LEU O 36 -21.17 -27.64 -43.67
C LEU O 36 -20.24 -26.81 -42.79
N GLY O 37 -20.79 -26.17 -41.75
CA GLY O 37 -19.99 -25.31 -40.90
C GLY O 37 -19.47 -24.09 -41.62
N LEU O 38 -20.31 -23.44 -42.43
CA LEU O 38 -19.89 -22.30 -43.22
C LEU O 38 -20.84 -21.12 -43.16
N VAL O 39 -22.04 -21.27 -42.60
CA VAL O 39 -23.03 -20.22 -42.58
C VAL O 39 -23.12 -19.66 -41.16
N GLN O 40 -22.94 -18.35 -41.03
CA GLN O 40 -23.10 -17.64 -39.77
C GLN O 40 -24.46 -16.94 -39.81
N PHE O 41 -25.42 -17.48 -39.05
CA PHE O 41 -26.80 -17.03 -39.17
C PHE O 41 -27.02 -15.74 -38.40
N ARG O 42 -27.83 -14.86 -38.99
CA ARG O 42 -28.24 -13.62 -38.36
C ARG O 42 -29.48 -13.85 -37.52
N ASP O 43 -29.60 -13.06 -36.44
CA ASP O 43 -30.74 -13.15 -35.53
C ASP O 43 -31.85 -12.24 -36.08
N LEU O 44 -32.76 -12.83 -36.85
CA LEU O 44 -33.88 -12.08 -37.38
C LEU O 44 -34.99 -11.86 -36.36
N ASN O 45 -34.97 -12.59 -35.24
CA ASN O 45 -35.93 -12.42 -34.16
C ASN O 45 -35.25 -11.78 -32.94
N SER O 46 -34.30 -10.88 -33.20
CA SER O 46 -33.57 -10.23 -32.11
C SER O 46 -34.49 -9.41 -31.22
N LYS O 47 -35.62 -8.93 -31.75
CA LYS O 47 -36.59 -8.19 -30.97
C LYS O 47 -37.57 -9.08 -30.22
N VAL O 48 -37.54 -10.39 -30.48
CA VAL O 48 -38.44 -11.33 -29.82
C VAL O 48 -37.79 -11.82 -28.53
N ARG O 49 -38.55 -11.78 -27.44
CA ARG O 49 -38.05 -12.24 -26.16
C ARG O 49 -37.76 -13.74 -26.22
N ALA O 50 -36.82 -14.18 -25.37
CA ALA O 50 -36.40 -15.57 -25.40
C ALA O 50 -37.57 -16.52 -25.24
N PHE O 51 -38.48 -16.22 -24.32
CA PHE O 51 -39.63 -17.09 -24.08
C PHE O 51 -40.73 -16.92 -25.10
N GLN O 52 -40.67 -15.90 -25.95
CA GLN O 52 -41.69 -15.65 -26.97
C GLN O 52 -41.26 -16.12 -28.35
N ARG O 53 -40.13 -16.81 -28.46
CA ARG O 53 -39.65 -17.26 -29.75
C ARG O 53 -40.38 -18.53 -30.19
N THR O 54 -40.25 -18.84 -31.48
CA THR O 54 -41.10 -19.85 -32.08
C THR O 54 -40.70 -21.27 -31.69
N PHE O 55 -39.41 -21.55 -31.57
CA PHE O 55 -38.91 -22.88 -31.23
C PHE O 55 -38.49 -22.97 -29.77
N VAL O 56 -39.21 -22.27 -28.89
CA VAL O 56 -38.84 -22.24 -27.48
C VAL O 56 -39.14 -23.59 -26.82
N ASN O 57 -40.27 -24.22 -27.18
CA ASN O 57 -40.66 -25.44 -26.50
C ASN O 57 -39.72 -26.60 -26.83
N GLU O 58 -39.31 -26.72 -28.08
CA GLU O 58 -38.35 -27.77 -28.44
C GLU O 58 -37.03 -27.57 -27.71
N ILE O 59 -36.57 -26.32 -27.63
CA ILE O 59 -35.33 -26.03 -26.91
C ILE O 59 -35.49 -26.35 -25.44
N ARG O 60 -36.68 -26.11 -24.87
CA ARG O 60 -36.91 -26.47 -23.48
C ARG O 60 -36.84 -27.98 -23.28
N ARG O 61 -37.44 -28.74 -24.20
CA ARG O 61 -37.37 -30.19 -24.11
C ARG O 61 -35.93 -30.68 -24.17
N LEU O 62 -35.16 -30.13 -25.12
CA LEU O 62 -33.76 -30.53 -25.23
C LEU O 62 -32.96 -30.10 -24.00
N ASP O 63 -33.30 -28.95 -23.42
CA ASP O 63 -32.63 -28.51 -22.19
C ASP O 63 -32.93 -29.46 -21.05
N ASN O 64 -34.17 -29.93 -20.94
CA ASN O 64 -34.49 -30.92 -19.91
C ASN O 64 -33.72 -32.20 -20.12
N VAL O 65 -33.62 -32.65 -21.38
CA VAL O 65 -32.86 -33.86 -21.67
C VAL O 65 -31.39 -33.67 -21.31
N GLU O 66 -30.80 -32.52 -21.58
CA GLU O 66 -29.39 -32.24 -21.29
C GLU O 66 -29.21 -32.10 -19.80
N ARG O 67 -30.20 -31.61 -19.07
CA ARG O 67 -30.12 -31.59 -17.61
C ARG O 67 -30.13 -33.01 -17.05
N GLN O 68 -30.97 -33.88 -17.59
CA GLN O 68 -31.00 -35.27 -17.15
C GLN O 68 -29.67 -35.96 -17.46
N TYR O 69 -29.10 -35.67 -18.64
CA TYR O 69 -27.80 -36.24 -18.98
C TYR O 69 -26.70 -35.71 -18.08
N ARG O 70 -26.78 -34.46 -17.66
CA ARG O 70 -25.79 -33.84 -16.74
C ARG O 70 -25.99 -34.45 -15.35
N TYR O 71 -27.19 -34.88 -14.96
CA TYR O 71 -27.39 -35.65 -13.73
C TYR O 71 -26.79 -37.05 -13.86
N PHE O 72 -26.96 -37.68 -15.03
CA PHE O 72 -26.37 -38.99 -15.26
C PHE O 72 -24.85 -38.92 -15.16
N TYR O 73 -24.25 -37.88 -15.75
CA TYR O 73 -22.80 -37.70 -15.67
C TYR O 73 -22.36 -37.47 -14.23
N SER O 74 -23.14 -36.69 -13.47
CA SER O 74 -22.81 -36.47 -12.06
C SER O 74 -22.82 -37.78 -11.29
N LEU O 75 -23.80 -38.63 -11.57
CA LEU O 75 -23.83 -39.95 -10.94
C LEU O 75 -22.63 -40.79 -11.38
N LEU O 76 -22.30 -40.75 -12.66
CA LEU O 76 -21.16 -41.50 -13.18
C LEU O 76 -19.85 -41.03 -12.57
N LYS O 77 -19.81 -39.79 -12.08
CA LYS O 77 -18.61 -39.29 -11.39
C LYS O 77 -18.65 -39.57 -9.90
N LYS O 78 -19.84 -39.56 -9.28
CA LYS O 78 -19.94 -39.90 -7.87
C LYS O 78 -19.49 -41.33 -7.62
N HIS O 79 -20.05 -42.27 -8.37
CA HIS O 79 -19.54 -43.64 -8.43
C HIS O 79 -18.45 -43.69 -9.50
N ASP O 80 -17.33 -44.31 -9.17
CA ASP O 80 -16.16 -44.25 -10.05
C ASP O 80 -16.43 -45.12 -11.28
N ILE O 81 -17.23 -44.57 -12.18
CA ILE O 81 -17.59 -45.23 -13.44
C ILE O 81 -17.13 -44.32 -14.57
N LYS O 82 -16.36 -44.89 -15.49
CA LYS O 82 -15.78 -44.10 -16.58
C LYS O 82 -16.80 -43.95 -17.71
N LEU O 83 -16.95 -42.71 -18.19
CA LEU O 83 -17.80 -42.47 -19.35
C LEU O 83 -17.12 -42.99 -20.61
N TYR O 84 -17.89 -43.67 -21.45
CA TYR O 84 -17.39 -44.26 -22.68
C TYR O 84 -17.43 -43.20 -23.78
N GLU O 85 -16.28 -42.59 -24.05
CA GLU O 85 -16.19 -41.58 -25.09
C GLU O 85 -16.25 -42.22 -26.47
N GLY O 86 -16.66 -41.43 -27.46
CA GLY O 86 -16.75 -41.92 -28.81
C GLY O 86 -17.47 -40.92 -29.70
N ASP O 87 -17.82 -41.39 -30.89
CA ASP O 87 -18.53 -40.62 -31.91
C ASP O 87 -17.73 -39.45 -32.45
N THR O 88 -16.42 -39.39 -32.18
CA THR O 88 -15.59 -38.32 -32.73
C THR O 88 -15.56 -38.39 -34.25
N ASP O 89 -15.38 -39.58 -34.81
CA ASP O 89 -15.37 -39.79 -36.25
C ASP O 89 -16.73 -40.21 -36.79
N LYS O 90 -17.73 -40.37 -35.93
CA LYS O 90 -19.05 -40.78 -36.39
C LYS O 90 -19.67 -39.74 -37.31
N TYR O 91 -19.53 -38.45 -36.97
CA TYR O 91 -20.21 -37.40 -37.76
C TYR O 91 -19.25 -36.68 -38.71
N LEU O 92 -17.96 -37.05 -38.71
CA LEU O 92 -17.00 -36.47 -39.65
C LEU O 92 -17.05 -34.94 -39.59
N ASP O 93 -16.94 -34.43 -38.36
CA ASP O 93 -17.09 -32.98 -38.11
C ASP O 93 -15.94 -32.25 -38.80
N GLY O 94 -16.23 -31.11 -39.43
CA GLY O 94 -15.21 -30.29 -40.06
C GLY O 94 -14.92 -30.64 -41.50
N SER O 95 -15.38 -31.79 -41.99
CA SER O 95 -15.14 -32.18 -43.36
C SER O 95 -16.12 -31.53 -44.33
N GLY O 96 -17.22 -30.97 -43.84
CA GLY O 96 -18.23 -30.40 -44.70
C GLY O 96 -19.14 -31.40 -45.36
N GLU O 97 -19.02 -32.68 -45.03
CA GLU O 97 -19.83 -33.73 -45.62
C GLU O 97 -21.07 -33.98 -44.79
N LEU O 98 -22.19 -34.26 -45.47
CA LEU O 98 -23.45 -34.46 -44.79
C LEU O 98 -23.57 -35.88 -44.25
N TYR O 99 -24.30 -36.04 -43.13
CA TYR O 99 -24.59 -37.34 -42.50
C TYR O 99 -26.08 -37.35 -42.15
N VAL O 100 -26.78 -38.47 -42.32
CA VAL O 100 -28.21 -38.59 -42.08
C VAL O 100 -28.46 -38.18 -40.63
N PRO O 101 -29.26 -37.17 -40.37
CA PRO O 101 -29.48 -36.73 -38.98
C PRO O 101 -30.42 -37.67 -38.26
N PRO O 102 -30.42 -37.65 -36.93
CA PRO O 102 -31.37 -38.50 -36.19
C PRO O 102 -32.80 -38.15 -36.55
N SER O 103 -33.65 -39.18 -36.61
CA SER O 103 -35.06 -38.97 -36.90
C SER O 103 -35.76 -38.33 -35.71
N GLY O 104 -36.88 -37.66 -36.01
CA GLY O 104 -37.67 -37.08 -34.93
C GLY O 104 -38.13 -38.13 -33.94
N SER O 105 -38.48 -39.32 -34.43
CA SER O 105 -38.82 -40.41 -33.53
C SER O 105 -37.64 -40.80 -32.65
N VAL O 106 -36.43 -40.75 -33.20
CA VAL O 106 -35.24 -41.06 -32.41
C VAL O 106 -35.06 -40.05 -31.29
N ILE O 107 -35.29 -38.76 -31.58
CA ILE O 107 -35.14 -37.73 -30.55
C ILE O 107 -36.23 -37.86 -29.50
N ASP O 108 -37.45 -38.21 -29.93
CA ASP O 108 -38.52 -38.44 -28.96
C ASP O 108 -38.19 -39.62 -28.06
N ASP O 109 -37.63 -40.69 -28.63
CA ASP O 109 -37.21 -41.83 -27.84
C ASP O 109 -36.10 -41.43 -26.86
N TYR O 110 -35.17 -40.60 -27.31
CA TYR O 110 -34.13 -40.11 -26.43
C TYR O 110 -34.72 -39.33 -25.26
N VAL O 111 -35.68 -38.46 -25.52
CA VAL O 111 -36.31 -37.68 -24.46
C VAL O 111 -37.01 -38.60 -23.47
N ARG O 112 -37.80 -39.55 -23.98
CA ARG O 112 -38.55 -40.43 -23.10
C ARG O 112 -37.62 -41.31 -22.27
N ASN O 113 -36.57 -41.86 -22.90
CA ASN O 113 -35.62 -42.68 -22.16
C ASN O 113 -34.87 -41.85 -21.12
N ALA O 114 -34.53 -40.61 -21.45
CA ALA O 114 -33.86 -39.75 -20.48
C ALA O 114 -34.75 -39.51 -19.27
N SER O 115 -36.03 -39.23 -19.49
CA SER O 115 -36.94 -39.03 -18.37
C SER O 115 -37.09 -40.30 -17.53
N TYR O 116 -37.26 -41.45 -18.20
CA TYR O 116 -37.45 -42.70 -17.48
C TYR O 116 -36.22 -43.05 -16.66
N LEU O 117 -35.03 -42.90 -17.25
CA LEU O 117 -33.80 -43.12 -16.51
C LEU O 117 -33.64 -42.10 -15.40
N GLU O 118 -34.13 -40.87 -15.58
CA GLU O 118 -34.10 -39.89 -14.52
C GLU O 118 -34.86 -40.39 -13.31
N GLU O 119 -36.10 -40.83 -13.51
CA GLU O 119 -36.87 -41.33 -12.37
C GLU O 119 -36.21 -42.56 -11.75
N ARG O 120 -35.78 -43.50 -12.59
CA ARG O 120 -35.18 -44.72 -12.07
C ARG O 120 -33.93 -44.43 -11.25
N LEU O 121 -33.06 -43.56 -11.77
CA LEU O 121 -31.84 -43.23 -11.05
C LEU O 121 -32.13 -42.42 -9.81
N ILE O 122 -33.14 -41.55 -9.83
CA ILE O 122 -33.48 -40.80 -8.63
C ILE O 122 -33.89 -41.75 -7.52
N GLN O 123 -34.80 -42.68 -7.82
CA GLN O 123 -35.26 -43.59 -6.78
C GLN O 123 -34.14 -44.52 -6.31
N MET O 124 -33.32 -45.01 -7.24
CA MET O 124 -32.20 -45.87 -6.86
C MET O 124 -31.20 -45.12 -5.99
N GLU O 125 -30.88 -43.88 -6.34
CA GLU O 125 -29.98 -43.08 -5.53
C GLU O 125 -30.56 -42.80 -4.16
N ASP O 126 -31.87 -42.54 -4.08
CA ASP O 126 -32.49 -42.33 -2.78
C ASP O 126 -32.37 -43.56 -1.90
N ALA O 127 -32.68 -44.74 -2.46
CA ALA O 127 -32.57 -45.96 -1.68
C ALA O 127 -31.13 -46.21 -1.25
N THR O 128 -30.19 -46.02 -2.16
CA THR O 128 -28.78 -46.23 -1.83
C THR O 128 -28.32 -45.27 -0.75
N ASP O 129 -28.74 -44.01 -0.83
CA ASP O 129 -28.34 -43.03 0.18
C ASP O 129 -28.93 -43.36 1.54
N GLN O 130 -30.19 -43.82 1.57
CA GLN O 130 -30.78 -44.23 2.84
C GLN O 130 -29.99 -45.39 3.44
N ILE O 131 -29.65 -46.38 2.61
CA ILE O 131 -28.87 -47.52 3.11
C ILE O 131 -27.50 -47.06 3.58
N GLU O 132 -26.88 -46.13 2.85
CA GLU O 132 -25.55 -45.64 3.23
C GLU O 132 -25.58 -44.90 4.56
N VAL O 133 -26.60 -44.06 4.78
CA VAL O 133 -26.67 -43.32 6.04
C VAL O 133 -26.95 -44.29 7.19
N GLN O 134 -27.80 -45.30 6.95
CA GLN O 134 -28.00 -46.31 7.98
C GLN O 134 -26.70 -47.03 8.30
N LYS O 135 -25.92 -47.37 7.27
CA LYS O 135 -24.64 -48.03 7.49
C LYS O 135 -23.69 -47.15 8.27
N ASN O 136 -23.63 -45.86 7.94
CA ASN O 136 -22.74 -44.95 8.66
C ASN O 136 -23.15 -44.84 10.12
N ASP O 137 -24.45 -44.72 10.38
CA ASP O 137 -24.92 -44.64 11.76
C ASP O 137 -24.56 -45.91 12.53
N LEU O 138 -24.79 -47.07 11.92
CA LEU O 138 -24.48 -48.33 12.60
C LEU O 138 -22.99 -48.48 12.83
N GLU O 139 -22.16 -48.05 11.86
CA GLU O 139 -20.72 -48.13 12.03
C GLU O 139 -20.24 -47.22 13.15
N GLN O 140 -20.79 -46.02 13.23
CA GLN O 140 -20.42 -45.12 14.32
C GLN O 140 -20.85 -45.70 15.67
N TYR O 141 -22.04 -46.30 15.72
CA TYR O 141 -22.49 -46.95 16.95
C TYR O 141 -21.56 -48.10 17.33
N ARG O 142 -21.14 -48.88 16.34
CA ARG O 142 -20.21 -49.99 16.59
C ARG O 142 -18.88 -49.47 17.11
N PHE O 143 -18.37 -48.37 16.53
CA PHE O 143 -17.14 -47.79 17.02
C PHE O 143 -17.28 -47.31 18.46
N ILE O 144 -18.41 -46.68 18.77
CA ILE O 144 -18.65 -46.22 20.13
C ILE O 144 -18.65 -47.41 21.09
N LEU O 145 -19.33 -48.48 20.72
CA LEU O 145 -19.40 -49.66 21.58
C LEU O 145 -18.02 -50.29 21.76
N GLN O 146 -17.23 -50.33 20.67
CA GLN O 146 -15.92 -50.97 20.70
C GLN O 146 -14.90 -50.19 21.51
N SER O 147 -15.19 -48.96 21.90
CA SER O 147 -14.25 -48.17 22.68
C SER O 147 -13.95 -48.85 23.99
N GLY O 148 -12.70 -48.72 24.44
CA GLY O 148 -12.30 -49.37 25.68
C GLY O 148 -13.10 -48.86 26.86
N ASP O 149 -13.19 -49.70 27.89
CA ASP O 149 -13.97 -49.35 29.07
C ASP O 149 -13.48 -48.05 29.69
N GLU O 150 -12.18 -47.74 29.54
CA GLU O 150 -11.68 -46.46 30.03
C GLU O 150 -12.40 -45.28 29.41
N PHE O 151 -12.98 -45.46 28.23
CA PHE O 151 -13.79 -44.41 27.62
C PHE O 151 -14.99 -44.07 28.49
N PHE O 152 -15.64 -45.08 29.05
CA PHE O 152 -16.83 -44.90 29.87
C PHE O 152 -16.52 -44.93 31.37
N LEU O 153 -15.27 -44.68 31.75
CA LEU O 153 -14.87 -44.83 33.15
C LEU O 153 -15.26 -43.59 33.97
N LYS O 154 -14.70 -42.44 33.63
CA LYS O 154 -14.93 -41.22 34.39
C LYS O 154 -16.38 -40.76 34.27
N VAL O 184 -29.52 -42.34 31.33
CA VAL O 184 -28.17 -42.84 31.57
C VAL O 184 -27.36 -41.82 32.36
N ASN O 185 -26.11 -42.18 32.67
CA ASN O 185 -25.22 -41.34 33.44
C ASN O 185 -24.31 -40.47 32.58
N TYR O 186 -24.46 -40.52 31.27
CA TYR O 186 -23.58 -39.75 30.38
C TYR O 186 -24.20 -39.71 28.99
N VAL O 187 -23.63 -38.84 28.16
CA VAL O 187 -24.04 -38.66 26.77
C VAL O 187 -22.86 -39.04 25.89
N THR O 188 -23.06 -40.03 25.03
CA THR O 188 -22.02 -40.51 24.13
C THR O 188 -22.47 -40.38 22.69
N GLY O 189 -21.55 -39.99 21.82
CA GLY O 189 -21.90 -39.80 20.43
C GLY O 189 -20.67 -39.62 19.58
N VAL O 190 -20.91 -39.25 18.32
CA VAL O 190 -19.86 -39.00 17.34
C VAL O 190 -20.12 -37.63 16.73
N ILE O 191 -19.07 -36.80 16.67
CA ILE O 191 -19.18 -35.43 16.18
C ILE O 191 -17.94 -35.10 15.36
N ALA O 192 -18.13 -34.26 14.34
CA ALA O 192 -17.03 -33.91 13.47
C ALA O 192 -15.92 -33.20 14.25
N ARG O 193 -14.68 -33.42 13.81
CA ARG O 193 -13.54 -32.84 14.53
C ARG O 193 -13.60 -31.32 14.51
N ASP O 194 -14.06 -30.74 13.40
CA ASP O 194 -14.18 -29.29 13.31
C ASP O 194 -15.23 -28.74 14.27
N LYS O 195 -16.07 -29.59 14.84
CA LYS O 195 -17.08 -29.18 15.81
C LYS O 195 -16.82 -29.67 17.23
N VAL O 196 -15.83 -30.56 17.41
CA VAL O 196 -15.60 -31.13 18.73
C VAL O 196 -15.11 -30.08 19.71
N ALA O 197 -14.21 -29.18 19.26
CA ALA O 197 -13.72 -28.13 20.14
C ALA O 197 -14.84 -27.18 20.52
N THR O 198 -15.69 -26.82 19.56
CA THR O 198 -16.84 -25.97 19.86
C THR O 198 -17.77 -26.64 20.86
N LEU O 199 -18.01 -27.94 20.69
CA LEU O 199 -18.86 -28.67 21.61
C LEU O 199 -18.26 -28.66 23.02
N GLU O 200 -16.95 -28.90 23.11
CA GLU O 200 -16.29 -28.91 24.42
C GLU O 200 -16.37 -27.55 25.08
N GLN O 201 -16.15 -26.47 24.32
CA GLN O 201 -16.24 -25.14 24.89
C GLN O 201 -17.65 -24.83 25.38
N ILE O 202 -18.65 -25.18 24.57
CA ILE O 202 -20.04 -24.92 24.96
C ILE O 202 -20.38 -25.71 26.20
N LEU O 203 -19.95 -26.97 26.28
CA LEU O 203 -20.26 -27.79 27.44
C LEU O 203 -19.54 -27.30 28.68
N TRP O 204 -18.31 -26.81 28.54
CA TRP O 204 -17.62 -26.22 29.68
C TRP O 204 -18.38 -24.99 30.18
N ARG O 205 -18.83 -24.14 29.26
CA ARG O 205 -19.58 -22.96 29.67
C ARG O 205 -20.90 -23.34 30.34
N VAL O 206 -21.58 -24.36 29.81
CA VAL O 206 -22.85 -24.78 30.38
C VAL O 206 -22.65 -25.37 31.77
N LEU O 207 -21.69 -26.28 31.91
CA LEU O 207 -21.42 -26.95 33.18
C LEU O 207 -20.35 -26.25 34.00
N ARG O 208 -19.76 -25.18 33.49
CA ARG O 208 -18.70 -24.44 34.19
C ARG O 208 -17.53 -25.39 34.36
N GLY O 209 -17.01 -25.60 35.57
CA GLY O 209 -15.85 -26.47 35.75
C GLY O 209 -16.16 -27.94 35.85
N ASN O 210 -17.44 -28.31 35.89
CA ASN O 210 -17.83 -29.71 36.02
C ASN O 210 -18.02 -30.36 34.64
N LEU O 211 -16.94 -30.33 33.86
CA LEU O 211 -16.91 -30.93 32.53
C LEU O 211 -15.96 -32.11 32.53
N PHE O 212 -16.42 -33.24 32.00
CA PHE O 212 -15.63 -34.45 31.86
C PHE O 212 -15.67 -34.93 30.42
N PHE O 213 -15.43 -34.00 29.49
CA PHE O 213 -15.54 -34.27 28.06
C PHE O 213 -14.33 -35.05 27.60
N LYS O 214 -14.52 -36.34 27.30
CA LYS O 214 -13.50 -37.17 26.69
C LYS O 214 -13.80 -37.34 25.21
N THR O 215 -12.75 -37.45 24.41
CA THR O 215 -12.91 -37.59 22.97
C THR O 215 -11.77 -38.42 22.40
N VAL O 216 -12.10 -39.38 21.54
CA VAL O 216 -11.13 -40.25 20.90
C VAL O 216 -11.33 -40.14 19.39
N GLU O 217 -10.21 -39.99 18.66
CA GLU O 217 -10.29 -39.78 17.22
C GLU O 217 -10.68 -41.05 16.49
N ILE O 218 -11.55 -40.91 15.50
CA ILE O 218 -11.88 -41.98 14.58
C ILE O 218 -10.92 -41.88 13.39
N GLU O 219 -10.11 -42.92 13.19
CA GLU O 219 -9.05 -42.84 12.19
C GLU O 219 -9.64 -42.69 10.79
N GLN O 220 -10.59 -43.54 10.44
CA GLN O 220 -11.17 -43.51 9.10
C GLN O 220 -12.26 -42.45 9.03
N PRO O 221 -12.18 -41.47 8.13
CA PRO O 221 -13.24 -40.46 8.04
C PRO O 221 -14.55 -41.07 7.58
N VAL O 222 -15.65 -40.48 8.03
CA VAL O 222 -17.00 -40.90 7.67
C VAL O 222 -17.48 -40.06 6.50
N TYR O 223 -18.24 -40.68 5.61
CA TYR O 223 -18.76 -40.02 4.42
C TYR O 223 -20.17 -39.53 4.69
N ASP O 224 -20.37 -38.22 4.66
CA ASP O 224 -21.69 -37.61 4.77
C ASP O 224 -22.37 -37.69 3.41
N VAL O 225 -23.45 -38.49 3.33
CA VAL O 225 -24.17 -38.66 2.08
C VAL O 225 -24.87 -37.36 1.68
N LYS O 226 -25.35 -36.59 2.66
CA LYS O 226 -26.03 -35.34 2.35
C LYS O 226 -25.15 -34.43 1.50
N THR O 227 -23.83 -34.53 1.66
CA THR O 227 -22.88 -33.83 0.83
C THR O 227 -21.89 -34.76 0.15
N ARG O 228 -21.94 -36.06 0.42
CA ARG O 228 -20.95 -37.01 -0.07
C ARG O 228 -19.55 -36.49 0.21
N GLU O 229 -19.36 -35.99 1.43
CA GLU O 229 -18.11 -35.35 1.83
C GLU O 229 -17.44 -36.18 2.92
N TYR O 230 -16.14 -36.35 2.79
CA TYR O 230 -15.37 -37.08 3.80
C TYR O 230 -15.07 -36.14 4.97
N LYS O 231 -15.51 -36.52 6.16
CA LYS O 231 -15.36 -35.72 7.36
C LYS O 231 -14.69 -36.57 8.44
N HIS O 232 -13.65 -36.02 9.05
CA HIS O 232 -13.04 -36.67 10.20
C HIS O 232 -13.94 -36.48 11.42
N LYS O 233 -14.11 -37.53 12.20
CA LYS O 233 -15.04 -37.51 13.32
C LYS O 233 -14.35 -38.04 14.57
N ASN O 234 -14.89 -37.64 15.72
CA ASN O 234 -14.42 -38.05 17.03
C ASN O 234 -15.58 -38.68 17.79
N ALA O 235 -15.28 -39.73 18.54
CA ALA O 235 -16.24 -40.28 19.49
C ALA O 235 -16.07 -39.55 20.81
N PHE O 236 -17.13 -38.86 21.24
CA PHE O 236 -17.10 -38.03 22.43
C PHE O 236 -18.05 -38.60 23.49
N ILE O 237 -17.66 -38.41 24.74
CA ILE O 237 -18.45 -38.81 25.90
C ILE O 237 -18.39 -37.69 26.92
N VAL O 238 -19.56 -37.33 27.45
CA VAL O 238 -19.70 -36.27 28.44
C VAL O 238 -20.43 -36.85 29.64
N PHE O 239 -19.82 -36.74 30.82
CA PHE O 239 -20.35 -37.35 32.03
C PHE O 239 -21.10 -36.32 32.86
N SER O 240 -22.37 -36.61 33.15
CA SER O 240 -23.18 -35.76 33.99
C SER O 240 -24.28 -36.63 34.62
N HIS O 241 -24.78 -36.17 35.76
CA HIS O 241 -25.78 -36.93 36.52
C HIS O 241 -27.17 -36.35 36.44
N GLY O 242 -27.31 -35.02 36.47
CA GLY O 242 -28.62 -34.40 36.42
C GLY O 242 -29.38 -34.75 35.16
N ASP O 243 -30.65 -35.14 35.31
CA ASP O 243 -31.47 -35.47 34.14
C ASP O 243 -31.64 -34.24 33.25
N LEU O 244 -31.92 -33.09 33.85
CA LEU O 244 -32.02 -31.86 33.06
C LEU O 244 -30.69 -31.52 32.43
N ILE O 245 -29.59 -31.69 33.17
CA ILE O 245 -28.27 -31.42 32.62
C ILE O 245 -27.97 -32.37 31.47
N ILE O 246 -28.33 -33.64 31.61
CA ILE O 246 -28.11 -34.61 30.55
C ILE O 246 -28.90 -34.23 29.31
N LYS O 247 -30.16 -33.83 29.49
CA LYS O 247 -30.97 -33.43 28.35
C LYS O 247 -30.40 -32.20 27.68
N ARG O 248 -29.91 -31.24 28.48
CA ARG O 248 -29.29 -30.04 27.90
C ARG O 248 -28.05 -30.42 27.11
N ILE O 249 -27.23 -31.33 27.64
CA ILE O 249 -26.03 -31.76 26.93
C ILE O 249 -26.40 -32.43 25.62
N ARG O 250 -27.42 -33.29 25.64
CA ARG O 250 -27.85 -33.95 24.42
C ARG O 250 -28.34 -32.95 23.39
N LYS O 251 -29.12 -31.97 23.83
CA LYS O 251 -29.61 -30.94 22.90
C LYS O 251 -28.45 -30.13 22.33
N ILE O 252 -27.47 -29.77 23.17
CA ILE O 252 -26.32 -29.02 22.69
C ILE O 252 -25.57 -29.82 21.64
N ALA O 253 -25.32 -31.11 21.92
CA ALA O 253 -24.57 -31.93 20.99
C ALA O 253 -25.32 -32.12 19.68
N GLU O 254 -26.63 -32.37 19.76
CA GLU O 254 -27.40 -32.64 18.54
C GLU O 254 -27.64 -31.38 17.74
N SER O 255 -27.65 -30.20 18.38
CA SER O 255 -27.73 -28.96 17.63
C SER O 255 -26.56 -28.86 16.66
N LEU O 256 -25.36 -29.17 17.13
CA LEU O 256 -24.26 -29.43 16.23
C LEU O 256 -24.47 -30.79 15.56
N ASP O 257 -23.84 -30.98 14.40
CA ASP O 257 -24.06 -32.19 13.61
C ASP O 257 -23.36 -33.36 14.30
N ALA O 258 -23.97 -33.82 15.39
CA ALA O 258 -23.47 -34.94 16.17
C ALA O 258 -24.55 -35.99 16.30
N ASN O 259 -24.16 -37.26 16.19
CA ASN O 259 -25.07 -38.39 16.31
C ASN O 259 -24.86 -39.04 17.67
N LEU O 260 -25.90 -39.07 18.48
CA LEU O 260 -25.84 -39.60 19.83
C LEU O 260 -26.31 -41.04 19.85
N TYR O 261 -25.72 -41.84 20.75
CA TYR O 261 -26.03 -43.26 20.84
C TYR O 261 -26.22 -43.65 22.31
N ASP O 262 -27.01 -44.69 22.52
CA ASP O 262 -27.32 -45.18 23.86
C ASP O 262 -26.41 -46.36 24.19
N VAL O 263 -25.67 -46.24 25.29
CA VAL O 263 -24.73 -47.26 25.72
C VAL O 263 -24.90 -47.47 27.22
N ASP O 264 -24.88 -48.74 27.64
CA ASP O 264 -25.18 -49.09 29.03
C ASP O 264 -23.95 -49.09 29.93
N SER O 265 -22.76 -48.88 29.37
CA SER O 265 -21.54 -48.73 30.17
C SER O 265 -21.08 -50.02 30.81
N SER O 266 -21.82 -51.11 30.60
CA SER O 266 -21.44 -52.41 31.12
C SER O 266 -20.70 -53.18 30.03
N ASN O 267 -19.54 -53.73 30.37
CA ASN O 267 -18.72 -54.40 29.37
C ASN O 267 -19.48 -55.56 28.73
N GLU O 268 -20.18 -56.36 29.54
CA GLU O 268 -20.98 -57.44 28.99
C GLU O 268 -22.12 -56.89 28.14
N GLY O 269 -22.84 -55.89 28.67
CA GLY O 269 -23.91 -55.29 27.90
C GLY O 269 -23.41 -54.57 26.66
N ARG O 270 -22.25 -53.90 26.77
CA ARG O 270 -21.67 -53.25 25.61
C ARG O 270 -21.29 -54.27 24.54
N SER O 271 -20.74 -55.41 24.95
CA SER O 271 -20.42 -56.46 23.99
C SER O 271 -21.67 -57.03 23.35
N GLN O 272 -22.74 -57.20 24.12
CA GLN O 272 -23.99 -57.68 23.54
C GLN O 272 -24.53 -56.69 22.52
N GLN O 273 -24.50 -55.40 22.85
CA GLN O 273 -24.93 -54.38 21.90
C GLN O 273 -24.06 -54.39 20.65
N LEU O 274 -22.75 -54.59 20.83
CA LEU O 274 -21.84 -54.65 19.70
C LEU O 274 -22.17 -55.84 18.80
N ALA O 275 -22.50 -56.99 19.40
CA ALA O 275 -22.88 -58.14 18.59
C ALA O 275 -24.18 -57.87 17.83
N LYS O 276 -25.15 -57.23 18.49
CA LYS O 276 -26.39 -56.90 17.80
C LYS O 276 -26.13 -55.94 16.64
N VAL O 277 -25.29 -54.94 16.86
CA VAL O 277 -24.95 -53.99 15.80
C VAL O 277 -24.19 -54.71 14.68
N ASN O 278 -23.36 -55.69 15.02
CA ASN O 278 -22.65 -56.46 14.01
C ASN O 278 -23.63 -57.25 13.15
N LYS O 279 -24.65 -57.84 13.77
CA LYS O 279 -25.68 -58.54 13.00
C LYS O 279 -26.42 -57.57 12.08
N ASN O 280 -26.80 -56.42 12.60
CA ASN O 280 -27.48 -55.42 11.79
C ASN O 280 -26.62 -54.98 10.61
N LEU O 281 -25.33 -54.75 10.87
CA LEU O 281 -24.40 -54.37 9.80
C LEU O 281 -24.21 -55.49 8.80
N SER O 282 -24.23 -56.75 9.25
CA SER O 282 -24.11 -57.86 8.33
C SER O 282 -25.29 -57.89 7.36
N ASP O 283 -26.50 -57.69 7.89
CA ASP O 283 -27.66 -57.61 6.99
C ASP O 283 -27.58 -56.40 6.07
N LEU O 284 -27.20 -55.25 6.63
CA LEU O 284 -27.18 -54.02 5.84
C LEU O 284 -26.10 -54.06 4.76
N TYR O 285 -25.00 -54.78 5.00
CA TYR O 285 -23.96 -54.88 3.98
C TYR O 285 -24.48 -55.63 2.76
N THR O 286 -25.22 -56.72 2.97
CA THR O 286 -25.82 -57.43 1.84
C THR O 286 -26.85 -56.57 1.14
N VAL O 287 -27.69 -55.87 1.90
CA VAL O 287 -28.71 -55.01 1.28
C VAL O 287 -28.03 -53.93 0.43
N LEU O 288 -26.99 -53.31 0.98
CA LEU O 288 -26.25 -52.27 0.27
C LEU O 288 -25.57 -52.85 -0.97
N LYS O 289 -25.02 -54.06 -0.85
CA LYS O 289 -24.36 -54.68 -1.99
C LYS O 289 -25.35 -54.88 -3.13
N THR O 290 -26.54 -55.39 -2.82
CA THR O 290 -27.53 -55.61 -3.87
C THR O 290 -27.98 -54.28 -4.49
N THR O 291 -28.29 -53.29 -3.65
CA THR O 291 -28.76 -52.01 -4.17
C THR O 291 -27.69 -51.35 -5.03
N SER O 292 -26.44 -51.33 -4.55
CA SER O 292 -25.36 -50.74 -5.32
C SER O 292 -25.06 -51.52 -6.58
N THR O 293 -25.24 -52.85 -6.56
CA THR O 293 -25.06 -53.63 -7.78
C THR O 293 -26.08 -53.21 -8.83
N THR O 294 -27.34 -53.07 -8.44
CA THR O 294 -28.36 -52.62 -9.38
C THR O 294 -28.04 -51.21 -9.90
N LEU O 295 -27.67 -50.31 -8.99
CA LEU O 295 -27.37 -48.94 -9.38
C LEU O 295 -26.20 -48.89 -10.35
N GLU O 296 -25.13 -49.64 -10.05
CA GLU O 296 -23.98 -49.67 -10.94
C GLU O 296 -24.30 -50.32 -12.27
N SER O 297 -25.16 -51.34 -12.28
CA SER O 297 -25.58 -51.91 -13.55
C SER O 297 -26.27 -50.86 -14.42
N GLU O 298 -27.19 -50.10 -13.82
CA GLU O 298 -27.85 -49.03 -14.56
C GLU O 298 -26.86 -47.99 -15.05
N LEU O 299 -25.91 -47.59 -14.19
CA LEU O 299 -24.96 -46.56 -14.56
C LEU O 299 -24.00 -47.04 -15.65
N TYR O 300 -23.60 -48.31 -15.62
CA TYR O 300 -22.75 -48.86 -16.68
C TYR O 300 -23.52 -48.98 -17.99
N ALA O 301 -24.81 -49.32 -17.92
CA ALA O 301 -25.62 -49.33 -19.13
C ALA O 301 -25.72 -47.92 -19.73
N ILE O 302 -25.88 -46.92 -18.88
CA ILE O 302 -25.97 -45.54 -19.36
C ILE O 302 -24.63 -45.08 -19.93
N ALA O 303 -23.53 -45.44 -19.27
CA ALA O 303 -22.22 -44.90 -19.64
C ALA O 303 -21.83 -45.31 -21.06
N LYS O 304 -22.17 -46.54 -21.45
CA LYS O 304 -21.80 -47.03 -22.76
C LYS O 304 -22.47 -46.26 -23.90
N GLU O 305 -23.49 -45.46 -23.59
CA GLU O 305 -24.21 -44.72 -24.62
C GLU O 305 -24.48 -43.26 -24.24
N LEU O 306 -24.02 -42.80 -23.07
CA LEU O 306 -24.35 -41.45 -22.64
C LEU O 306 -23.75 -40.40 -23.57
N ASP O 307 -22.51 -40.62 -24.03
CA ASP O 307 -21.86 -39.63 -24.89
C ASP O 307 -22.62 -39.45 -26.20
N SER O 308 -23.06 -40.55 -26.81
CA SER O 308 -23.79 -40.44 -28.07
C SER O 308 -25.11 -39.69 -27.87
N TRP O 309 -25.84 -40.00 -26.79
CA TRP O 309 -27.07 -39.29 -26.51
C TRP O 309 -26.81 -37.81 -26.32
N PHE O 310 -25.75 -37.45 -25.59
CA PHE O 310 -25.38 -36.04 -25.32
C PHE O 310 -25.04 -35.37 -26.64
N GLN O 311 -24.18 -35.95 -27.46
CA GLN O 311 -23.75 -35.34 -28.73
C GLN O 311 -24.99 -35.13 -29.60
N ASP O 312 -25.86 -36.12 -29.71
CA ASP O 312 -27.07 -36.05 -30.56
C ASP O 312 -28.04 -34.99 -30.07
N VAL O 313 -28.29 -34.88 -28.77
CA VAL O 313 -29.27 -33.91 -28.21
C VAL O 313 -28.70 -32.49 -28.29
N THR O 314 -27.41 -32.29 -28.07
CA THR O 314 -26.76 -30.95 -28.12
C THR O 314 -26.85 -30.45 -29.55
N ARG O 315 -26.66 -31.31 -30.55
CA ARG O 315 -26.79 -30.97 -31.98
C ARG O 315 -28.24 -30.62 -32.30
N GLU O 316 -29.21 -31.35 -31.81
CA GLU O 316 -30.66 -31.07 -32.01
C GLU O 316 -31.04 -29.77 -31.34
N LYS O 317 -30.55 -29.51 -30.14
CA LYS O 317 -30.80 -28.24 -29.42
C LYS O 317 -30.13 -27.15 -30.24
N ALA O 318 -28.97 -27.39 -30.83
CA ALA O 318 -28.20 -26.43 -31.65
C ALA O 318 -28.89 -26.10 -32.94
N ILE O 319 -29.50 -27.06 -33.61
CA ILE O 319 -30.25 -26.83 -34.88
C ILE O 319 -31.52 -26.07 -34.55
N PHE O 320 -32.07 -26.17 -33.34
CA PHE O 320 -33.39 -25.58 -32.98
C PHE O 320 -33.12 -24.17 -32.50
N GLU O 321 -31.94 -23.87 -31.96
CA GLU O 321 -31.53 -22.51 -31.68
C GLU O 321 -31.27 -21.74 -32.96
N ILE O 322 -30.67 -22.40 -33.95
CA ILE O 322 -30.41 -21.75 -35.24
C ILE O 322 -31.72 -21.39 -35.93
N LEU O 323 -32.65 -22.36 -36.00
CA LEU O 323 -33.96 -22.09 -36.57
C LEU O 323 -34.70 -21.01 -35.80
N ASN O 324 -34.40 -20.87 -34.50
CA ASN O 324 -35.01 -19.83 -33.70
C ASN O 324 -34.63 -18.44 -34.18
N LYS O 325 -33.49 -18.29 -34.88
CA LYS O 325 -33.12 -17.02 -35.48
C LYS O 325 -33.87 -16.74 -36.77
N SER O 326 -34.64 -17.69 -37.27
CA SER O 326 -35.36 -17.54 -38.52
C SER O 326 -36.74 -16.93 -38.28
N ASN O 327 -37.26 -16.26 -39.30
CA ASN O 327 -38.59 -15.67 -39.25
C ASN O 327 -39.58 -16.67 -39.85
N TYR O 328 -40.43 -17.24 -39.01
CA TYR O 328 -41.41 -18.23 -39.45
C TYR O 328 -42.61 -17.51 -40.05
N ASP O 329 -42.75 -17.59 -41.37
CA ASP O 329 -43.89 -16.98 -42.06
C ASP O 329 -45.13 -17.79 -41.75
N THR O 330 -45.99 -17.25 -40.88
CA THR O 330 -47.18 -17.99 -40.47
C THR O 330 -48.12 -18.24 -41.65
N ASN O 331 -48.33 -17.23 -42.50
CA ASN O 331 -49.21 -17.41 -43.65
C ASN O 331 -48.68 -18.50 -44.57
N ARG O 332 -47.39 -18.47 -44.86
CA ARG O 332 -46.73 -19.55 -45.57
C ARG O 332 -46.32 -20.61 -44.56
N LYS O 333 -45.50 -21.58 -44.97
CA LYS O 333 -44.95 -22.59 -44.09
C LYS O 333 -43.44 -22.69 -44.29
N ILE O 334 -42.78 -21.54 -44.34
CA ILE O 334 -41.35 -21.46 -44.62
C ILE O 334 -40.68 -20.58 -43.56
N LEU O 335 -39.48 -20.96 -43.18
CA LEU O 335 -38.63 -20.16 -42.30
C LEU O 335 -37.66 -19.35 -43.14
N ILE O 336 -37.56 -18.05 -42.86
CA ILE O 336 -36.62 -17.17 -43.53
C ILE O 336 -35.38 -17.10 -42.66
N ALA O 337 -34.26 -17.64 -43.16
CA ALA O 337 -33.01 -17.65 -42.42
C ALA O 337 -31.96 -16.85 -43.19
N GLU O 338 -31.40 -15.83 -42.56
CA GLU O 338 -30.36 -15.02 -43.16
C GLU O 338 -29.01 -15.44 -42.60
N GLY O 339 -28.08 -15.78 -43.49
CA GLY O 339 -26.79 -16.26 -43.06
C GLY O 339 -25.62 -15.68 -43.83
N TRP O 340 -24.51 -15.47 -43.15
CA TRP O 340 -23.28 -15.00 -43.78
C TRP O 340 -22.43 -16.19 -44.17
N ILE O 341 -22.07 -16.28 -45.45
CA ILE O 341 -21.21 -17.37 -45.92
C ILE O 341 -20.13 -16.79 -46.82
N PRO O 342 -18.91 -17.32 -46.82
CA PRO O 342 -17.92 -16.86 -47.80
C PRO O 342 -18.45 -17.04 -49.22
N ARG O 343 -18.21 -16.04 -50.06
CA ARG O 343 -18.75 -16.07 -51.41
C ARG O 343 -18.20 -17.27 -52.18
N ASP O 344 -16.91 -17.55 -52.03
CA ASP O 344 -16.32 -18.70 -52.70
C ASP O 344 -16.98 -20.00 -52.27
N GLU O 345 -17.37 -20.09 -51.00
CA GLU O 345 -18.09 -21.27 -50.49
C GLU O 345 -19.52 -21.32 -50.96
N LEU O 346 -20.07 -20.21 -51.48
CA LEU O 346 -21.49 -20.15 -51.79
C LEU O 346 -21.90 -21.32 -52.68
N ALA O 347 -21.21 -21.51 -53.80
CA ALA O 347 -21.53 -22.62 -54.68
C ALA O 347 -21.59 -23.93 -53.91
N THR O 348 -20.55 -24.22 -53.12
CA THR O 348 -20.55 -25.44 -52.33
C THR O 348 -21.83 -25.56 -51.53
N LEU O 349 -22.20 -24.50 -50.79
CA LEU O 349 -23.45 -24.52 -50.05
C LEU O 349 -24.58 -25.02 -50.93
N GLN O 350 -24.82 -24.34 -52.06
CA GLN O 350 -25.90 -24.76 -52.94
C GLN O 350 -25.80 -26.24 -53.25
N ALA O 351 -24.62 -26.69 -53.69
CA ALA O 351 -24.45 -28.09 -54.03
C ALA O 351 -24.92 -28.98 -52.89
N ARG O 352 -24.42 -28.72 -51.68
CA ARG O 352 -24.79 -29.55 -50.55
C ARG O 352 -26.31 -29.53 -50.35
N LEU O 353 -26.92 -28.35 -50.41
CA LEU O 353 -28.36 -28.29 -50.27
C LEU O 353 -29.03 -29.14 -51.33
N GLY O 354 -28.57 -29.02 -52.58
CA GLY O 354 -29.12 -29.88 -53.62
C GLY O 354 -29.00 -31.34 -53.25
N GLU O 355 -27.83 -31.75 -52.75
CA GLU O 355 -27.67 -33.13 -52.31
C GLU O 355 -28.76 -33.49 -51.31
N MET O 356 -28.99 -32.63 -50.32
CA MET O 356 -30.05 -32.90 -49.35
C MET O 356 -31.37 -33.13 -50.05
N ILE O 357 -31.72 -32.26 -51.01
CA ILE O 357 -32.96 -32.46 -51.75
C ILE O 357 -32.94 -33.81 -52.45
N ALA O 358 -31.82 -34.13 -53.11
CA ALA O 358 -31.72 -35.43 -53.76
C ALA O 358 -31.91 -36.56 -52.77
N ARG O 359 -31.51 -36.37 -51.51
CA ARG O 359 -31.74 -37.39 -50.50
C ARG O 359 -33.21 -37.42 -50.10
N LEU O 360 -33.83 -36.24 -49.94
CA LEU O 360 -35.21 -36.20 -49.47
C LEU O 360 -36.20 -36.55 -50.58
N GLY O 361 -35.91 -36.18 -51.82
CA GLY O 361 -36.79 -36.44 -52.93
C GLY O 361 -37.95 -35.47 -53.07
N ILE O 362 -38.03 -34.47 -52.20
CA ILE O 362 -39.11 -33.49 -52.25
C ILE O 362 -38.72 -32.38 -53.21
N ASP O 363 -39.73 -31.78 -53.86
CA ASP O 363 -39.53 -30.65 -54.76
C ASP O 363 -39.88 -29.37 -54.01
N VAL O 364 -38.92 -28.47 -53.90
CA VAL O 364 -39.10 -27.23 -53.15
C VAL O 364 -38.61 -26.06 -54.02
N PRO O 365 -39.12 -24.84 -53.79
CA PRO O 365 -38.64 -23.69 -54.58
C PRO O 365 -37.20 -23.34 -54.25
N SER O 366 -36.70 -22.28 -54.88
CA SER O 366 -35.33 -21.84 -54.64
C SER O 366 -35.07 -21.70 -53.15
N ILE O 367 -34.14 -22.52 -52.63
CA ILE O 367 -33.80 -22.50 -51.21
C ILE O 367 -32.61 -21.61 -50.91
N ILE O 368 -31.93 -21.09 -51.93
CA ILE O 368 -30.79 -20.19 -51.77
C ILE O 368 -31.08 -18.92 -52.55
N GLN O 369 -30.98 -17.77 -51.88
CA GLN O 369 -31.17 -16.49 -52.55
C GLN O 369 -30.15 -15.50 -51.99
N VAL O 370 -29.14 -15.16 -52.80
CA VAL O 370 -28.16 -14.18 -52.34
C VAL O 370 -28.85 -12.82 -52.15
N LEU O 371 -28.40 -12.09 -51.14
CA LEU O 371 -29.04 -10.86 -50.71
C LEU O 371 -28.01 -9.75 -50.63
N ASP O 372 -28.41 -8.54 -51.03
CA ASP O 372 -27.54 -7.37 -51.03
C ASP O 372 -28.08 -6.40 -49.97
N THR O 373 -27.48 -6.46 -48.78
CA THR O 373 -27.88 -5.61 -47.67
C THR O 373 -26.65 -4.99 -47.04
N ASN O 374 -26.81 -3.77 -46.51
CA ASN O 374 -25.72 -3.03 -45.90
C ASN O 374 -25.56 -3.43 -44.43
N HIS O 375 -25.23 -4.71 -44.23
CA HIS O 375 -25.00 -5.29 -42.92
C HIS O 375 -23.53 -5.67 -42.78
N THR O 376 -22.93 -5.31 -41.64
CA THR O 376 -21.53 -5.58 -41.38
C THR O 376 -21.25 -7.08 -41.53
N PRO O 377 -20.56 -7.51 -42.58
CA PRO O 377 -20.27 -8.94 -42.73
C PRO O 377 -19.21 -9.38 -41.74
N PRO O 378 -19.16 -10.68 -41.42
CA PRO O 378 -18.15 -11.16 -40.48
C PRO O 378 -16.77 -11.19 -41.11
N THR O 379 -15.76 -11.10 -40.25
CA THR O 379 -14.37 -11.14 -40.69
C THR O 379 -13.87 -12.58 -40.66
N PHE O 380 -13.50 -13.09 -41.84
CA PHE O 380 -13.02 -14.46 -41.99
C PHE O 380 -11.66 -14.43 -42.66
N HIS O 381 -10.67 -15.04 -42.01
CA HIS O 381 -9.32 -15.16 -42.54
C HIS O 381 -9.00 -16.64 -42.70
N ARG O 382 -8.73 -17.06 -43.93
CA ARG O 382 -8.38 -18.45 -44.21
C ARG O 382 -6.92 -18.67 -43.82
N THR O 383 -6.70 -19.46 -42.79
CA THR O 383 -5.37 -19.71 -42.23
C THR O 383 -4.97 -21.16 -42.45
N ASN O 384 -3.79 -21.50 -41.95
CA ASN O 384 -3.27 -22.86 -42.00
C ASN O 384 -2.43 -23.07 -40.75
N LYS O 385 -1.78 -24.24 -40.65
CA LYS O 385 -0.96 -24.53 -39.49
C LYS O 385 0.16 -23.52 -39.29
N PHE O 386 0.55 -22.82 -40.35
CA PHE O 386 1.62 -21.81 -40.27
C PHE O 386 1.07 -20.45 -39.88
N THR O 387 0.06 -19.95 -40.59
CA THR O 387 -0.49 -18.63 -40.34
C THR O 387 -1.52 -18.61 -39.21
N ALA O 388 -1.97 -19.77 -38.75
CA ALA O 388 -3.00 -19.79 -37.70
C ALA O 388 -2.48 -19.17 -36.41
N GLY O 389 -1.23 -19.46 -36.05
CA GLY O 389 -0.69 -18.92 -34.81
C GLY O 389 -0.61 -17.40 -34.82
N PHE O 390 -0.08 -16.84 -35.90
CA PHE O 390 0.04 -15.39 -35.99
C PHE O 390 -1.32 -14.73 -36.13
N GLN O 391 -2.24 -15.38 -36.84
CA GLN O 391 -3.59 -14.85 -36.95
C GLN O 391 -4.27 -14.81 -35.58
N SER O 392 -4.06 -15.84 -34.76
CA SER O 392 -4.55 -15.81 -33.39
C SER O 392 -3.86 -14.72 -32.58
N ILE O 393 -2.56 -14.56 -32.77
CA ILE O 393 -1.82 -13.50 -32.09
C ILE O 393 -2.47 -12.14 -32.37
N CYS O 394 -2.77 -11.84 -33.61
CA CYS O 394 -3.34 -10.53 -34.01
C CYS O 394 -4.81 -10.45 -33.63
N ASP O 395 -5.56 -11.56 -33.67
CA ASP O 395 -6.98 -11.52 -33.37
C ASP O 395 -7.24 -11.30 -31.88
N CYS O 396 -6.32 -11.73 -31.02
CA CYS O 396 -6.49 -11.52 -29.59
C CYS O 396 -6.70 -10.04 -29.27
N TYR O 397 -5.99 -9.16 -29.98
CA TYR O 397 -6.21 -7.73 -29.81
C TYR O 397 -7.60 -7.33 -30.26
N GLY O 398 -8.00 -7.77 -31.45
CA GLY O 398 -9.32 -7.45 -31.96
C GLY O 398 -9.51 -8.11 -33.31
N ILE O 399 -10.77 -8.10 -33.76
CA ILE O 399 -11.14 -8.69 -35.04
C ILE O 399 -11.06 -7.62 -36.10
N ALA O 400 -10.36 -7.93 -37.19
CA ALA O 400 -10.16 -6.95 -38.25
C ALA O 400 -11.50 -6.58 -38.89
N GLN O 401 -11.60 -5.32 -39.30
CA GLN O 401 -12.77 -4.87 -40.02
C GLN O 401 -12.93 -5.68 -41.31
N TYR O 402 -14.16 -5.73 -41.82
CA TYR O 402 -14.44 -6.53 -42.99
C TYR O 402 -13.58 -6.06 -44.17
N ARG O 403 -12.85 -7.00 -44.74
CA ARG O 403 -11.96 -6.75 -45.88
C ARG O 403 -10.91 -5.68 -45.56
N GLU O 404 -10.53 -5.60 -44.30
CA GLU O 404 -9.46 -4.71 -43.87
C GLU O 404 -8.13 -5.44 -43.90
N ILE O 405 -7.05 -4.68 -44.08
CA ILE O 405 -5.71 -5.24 -44.11
C ILE O 405 -5.50 -6.09 -42.86
N ASN O 406 -5.19 -7.37 -43.07
CA ASN O 406 -5.00 -8.28 -41.95
C ASN O 406 -3.60 -8.12 -41.38
N ALA O 407 -3.51 -7.96 -40.06
CA ALA O 407 -2.26 -7.75 -39.34
C ALA O 407 -1.54 -9.09 -39.10
N GLY O 408 -2.14 -10.26 -39.33
CA GLY O 408 -1.46 -11.52 -39.15
C GLY O 408 -0.43 -11.79 -40.23
N LEU O 409 -0.75 -11.43 -41.47
CA LEU O 409 0.17 -11.70 -42.58
C LEU O 409 1.50 -10.98 -42.40
N PRO O 410 1.50 -9.68 -42.04
CA PRO O 410 2.73 -8.95 -41.74
C PRO O 410 3.38 -9.39 -40.42
N THR O 411 2.63 -9.91 -39.46
CA THR O 411 3.10 -10.31 -38.12
C THR O 411 3.82 -11.63 -38.30
N ILE O 412 3.48 -12.41 -39.29
CA ILE O 412 4.14 -13.71 -39.51
C ILE O 412 5.66 -13.55 -39.44
N VAL O 413 6.17 -12.47 -40.02
CA VAL O 413 7.60 -12.20 -40.04
C VAL O 413 7.98 -11.14 -39.03
N THR O 414 7.27 -10.04 -38.91
CA THR O 414 7.63 -8.87 -38.08
C THR O 414 7.56 -9.17 -36.58
N PHE O 415 6.73 -10.09 -36.12
CA PHE O 415 6.59 -10.39 -34.68
C PHE O 415 7.78 -11.25 -34.31
N PRO O 416 8.16 -12.27 -35.10
CA PRO O 416 9.40 -13.01 -34.80
C PRO O 416 10.66 -12.17 -34.90
N PHE O 417 10.75 -11.26 -35.88
CA PHE O 417 12.00 -10.52 -36.04
C PHE O 417 12.15 -9.42 -34.99
N MET O 418 11.08 -8.81 -34.56
CA MET O 418 11.17 -7.81 -33.50
C MET O 418 11.54 -8.56 -32.23
N PHE O 419 11.01 -9.75 -31.99
CA PHE O 419 11.45 -10.57 -30.87
C PHE O 419 12.95 -10.85 -30.99
N ALA O 420 13.39 -11.22 -32.19
CA ALA O 420 14.79 -11.59 -32.39
C ALA O 420 15.71 -10.42 -32.09
N ILE O 421 15.34 -9.21 -32.53
CA ILE O 421 16.09 -8.03 -32.15
C ILE O 421 16.17 -7.93 -30.63
N MET O 422 15.04 -8.16 -29.96
CA MET O 422 15.05 -8.11 -28.50
C MET O 422 15.81 -9.27 -27.87
N PHE O 423 16.15 -10.30 -28.65
CA PHE O 423 16.75 -11.52 -28.12
C PHE O 423 18.21 -11.66 -28.55
N GLY O 424 18.47 -11.67 -29.86
CA GLY O 424 19.81 -11.58 -30.40
C GLY O 424 20.87 -12.44 -29.74
N ASP O 425 20.73 -13.76 -29.88
CA ASP O 425 21.77 -14.67 -29.42
C ASP O 425 21.66 -15.97 -30.20
N MET O 426 22.77 -16.40 -30.81
CA MET O 426 22.76 -17.64 -31.58
C MET O 426 22.57 -18.86 -30.72
N GLY O 427 23.09 -18.84 -29.49
CA GLY O 427 22.92 -19.97 -28.59
C GLY O 427 21.49 -20.13 -28.14
N HIS O 428 20.93 -19.08 -27.56
CA HIS O 428 19.54 -19.12 -27.13
C HIS O 428 18.61 -19.29 -28.32
N GLY O 429 18.92 -18.63 -29.43
CA GLY O 429 18.13 -18.80 -30.63
C GLY O 429 18.14 -20.23 -31.13
N PHE O 430 19.29 -20.88 -31.09
CA PHE O 430 19.38 -22.27 -31.52
C PHE O 430 18.63 -23.19 -30.57
N LEU O 431 18.74 -22.94 -29.26
CA LEU O 431 17.98 -23.74 -28.31
C LEU O 431 16.49 -23.62 -28.56
N MET O 432 16.01 -22.40 -28.79
CA MET O 432 14.59 -22.18 -29.07
C MET O 432 14.19 -22.80 -30.40
N THR O 433 15.06 -22.73 -31.40
CA THR O 433 14.77 -23.36 -32.68
C THR O 433 14.62 -24.86 -32.53
N LEU O 434 15.49 -25.49 -31.73
CA LEU O 434 15.36 -26.92 -31.48
C LEU O 434 14.09 -27.23 -30.70
N ALA O 435 13.75 -26.39 -29.73
CA ALA O 435 12.51 -26.59 -28.98
C ALA O 435 11.30 -26.53 -29.90
N ALA O 436 11.30 -25.58 -30.83
CA ALA O 436 10.18 -25.46 -31.77
C ALA O 436 10.18 -26.62 -32.76
N LEU O 437 11.36 -27.07 -33.18
CA LEU O 437 11.45 -28.19 -34.11
C LEU O 437 10.95 -29.48 -33.46
N SER O 438 11.14 -29.62 -32.15
CA SER O 438 10.61 -30.79 -31.46
C SER O 438 9.10 -30.86 -31.60
N LEU O 439 8.42 -29.71 -31.51
CA LEU O 439 6.98 -29.69 -31.69
C LEU O 439 6.59 -29.83 -33.16
N VAL O 440 7.32 -29.16 -34.05
CA VAL O 440 6.95 -29.14 -35.46
C VAL O 440 7.10 -30.53 -36.08
N LEU O 441 8.24 -31.17 -35.86
CA LEU O 441 8.49 -32.48 -36.45
C LEU O 441 7.55 -33.53 -35.87
N ASN O 442 7.23 -33.41 -34.58
CA ASN O 442 6.26 -34.28 -33.92
C ASN O 442 4.89 -33.64 -33.81
N GLU O 443 4.52 -32.81 -34.79
CA GLU O 443 3.28 -32.05 -34.69
C GLU O 443 2.06 -32.97 -34.73
N LYS O 444 2.10 -34.03 -35.55
CA LYS O 444 0.96 -34.93 -35.64
C LYS O 444 0.70 -35.62 -34.31
N LYS O 445 1.74 -36.18 -33.70
CA LYS O 445 1.57 -36.89 -32.44
C LYS O 445 1.09 -35.96 -31.33
N ILE O 446 1.65 -34.76 -31.27
CA ILE O 446 1.23 -33.81 -30.23
C ILE O 446 -0.19 -33.36 -30.47
N ASN O 447 -0.59 -33.18 -31.74
CA ASN O 447 -1.96 -32.80 -32.04
C ASN O 447 -2.93 -33.90 -31.62
N LYS O 448 -2.57 -35.16 -31.85
CA LYS O 448 -3.46 -36.26 -31.50
C LYS O 448 -3.72 -36.30 -30.00
N MET O 449 -2.67 -36.12 -29.18
CA MET O 449 -2.81 -36.23 -27.75
C MET O 449 -3.47 -34.97 -27.17
N LYS O 450 -3.74 -35.03 -25.87
CA LYS O 450 -4.26 -33.89 -25.14
C LYS O 450 -3.11 -33.04 -24.60
N ARG O 451 -3.36 -31.74 -24.48
CA ARG O 451 -2.35 -30.78 -24.08
C ARG O 451 -2.89 -29.86 -23.01
N GLY O 452 -2.02 -29.45 -22.10
CA GLY O 452 -2.36 -28.45 -21.12
C GLY O 452 -2.43 -27.07 -21.75
N GLU O 453 -2.95 -26.12 -20.98
CA GLU O 453 -3.14 -24.77 -21.50
C GLU O 453 -1.81 -24.16 -21.94
N ILE O 454 -0.78 -24.25 -21.09
CA ILE O 454 0.52 -23.69 -21.44
C ILE O 454 1.14 -24.49 -22.59
N PHE O 455 1.08 -25.82 -22.51
CA PHE O 455 1.62 -26.64 -23.59
C PHE O 455 0.82 -26.47 -24.86
N ASP O 456 -0.50 -26.33 -24.75
CA ASP O 456 -1.32 -26.10 -25.94
C ASP O 456 -0.94 -24.77 -26.60
N MET O 457 -0.73 -23.73 -25.79
CA MET O 457 -0.33 -22.44 -26.34
C MET O 457 1.03 -22.55 -27.02
N ALA O 458 1.98 -23.26 -26.39
CA ALA O 458 3.30 -23.43 -26.99
C ALA O 458 3.22 -24.20 -28.31
N PHE O 459 2.40 -25.24 -28.35
CA PHE O 459 2.31 -26.07 -29.55
C PHE O 459 1.61 -25.31 -30.69
N THR O 460 0.55 -24.57 -30.37
CA THR O 460 -0.14 -23.81 -31.40
C THR O 460 0.79 -22.79 -32.03
N GLY O 461 1.60 -22.12 -31.21
CA GLY O 461 2.59 -21.19 -31.71
C GLY O 461 3.93 -21.84 -31.97
N ARG O 462 3.91 -23.11 -32.38
CA ARG O 462 5.17 -23.81 -32.65
C ARG O 462 5.92 -23.18 -33.81
N TYR O 463 5.21 -22.84 -34.89
CA TYR O 463 5.85 -22.15 -36.01
C TYR O 463 6.25 -20.73 -35.62
N ILE O 464 5.45 -20.08 -34.78
CA ILE O 464 5.86 -18.79 -34.24
C ILE O 464 7.24 -18.92 -33.60
N ILE O 465 7.38 -19.87 -32.67
CA ILE O 465 8.63 -20.04 -31.93
C ILE O 465 9.75 -20.48 -32.87
N LEU O 466 9.44 -21.27 -33.89
CA LEU O 466 10.46 -21.66 -34.87
C LEU O 466 11.03 -20.42 -35.56
N LEU O 467 10.14 -19.54 -36.04
CA LEU O 467 10.61 -18.31 -36.68
C LEU O 467 11.36 -17.42 -35.68
N MET O 468 10.87 -17.34 -34.44
CA MET O 468 11.58 -16.53 -33.45
C MET O 468 12.98 -17.05 -33.22
N GLY O 469 13.14 -18.37 -33.14
CA GLY O 469 14.46 -18.94 -32.95
C GLY O 469 15.37 -18.72 -34.14
N VAL O 470 14.85 -18.88 -35.35
CA VAL O 470 15.66 -18.69 -36.55
C VAL O 470 16.14 -17.24 -36.64
N PHE O 471 15.22 -16.29 -36.44
CA PHE O 471 15.59 -14.88 -36.50
C PHE O 471 16.48 -14.49 -35.33
N SER O 472 16.31 -15.13 -34.17
CA SER O 472 17.22 -14.89 -33.06
C SER O 472 18.63 -15.35 -33.40
N MET O 473 18.75 -16.49 -34.06
CA MET O 473 20.06 -16.93 -34.53
C MET O 473 20.66 -15.91 -35.49
N TYR O 474 19.85 -15.45 -36.44
CA TYR O 474 20.35 -14.45 -37.40
C TYR O 474 20.83 -13.19 -36.69
N THR O 475 20.00 -12.67 -35.78
CA THR O 475 20.34 -11.43 -35.08
C THR O 475 21.58 -11.61 -34.21
N GLY O 476 21.66 -12.72 -33.47
CA GLY O 476 22.83 -12.99 -32.68
C GLY O 476 24.08 -13.10 -33.52
N PHE O 477 23.96 -13.66 -34.72
CA PHE O 477 25.07 -13.62 -35.67
C PHE O 477 25.43 -12.19 -36.01
N LEU O 478 24.43 -11.35 -36.23
CA LEU O 478 24.69 -9.94 -36.51
C LEU O 478 25.20 -9.22 -35.26
N TYR O 479 24.73 -9.60 -34.08
CA TYR O 479 25.27 -9.08 -32.84
C TYR O 479 26.58 -9.76 -32.44
N ASN O 480 26.97 -10.83 -33.11
CA ASN O 480 28.11 -11.65 -32.71
C ASN O 480 27.97 -12.05 -31.24
N ASP O 481 26.88 -12.73 -30.95
CA ASP O 481 26.56 -13.15 -29.58
C ASP O 481 26.06 -14.58 -29.62
N ILE O 482 26.89 -15.52 -29.16
CA ILE O 482 26.51 -16.92 -29.02
C ILE O 482 26.82 -17.32 -27.59
N PHE O 483 25.78 -17.50 -26.77
CA PHE O 483 25.94 -17.81 -25.35
C PHE O 483 26.81 -16.77 -24.66
N SER O 484 26.62 -15.51 -25.03
CA SER O 484 27.34 -14.35 -24.51
C SER O 484 28.73 -14.21 -25.12
N LYS O 485 29.14 -15.12 -26.00
CA LYS O 485 30.44 -15.08 -26.64
C LYS O 485 30.30 -14.64 -28.09
N THR O 486 31.44 -14.31 -28.70
CA THR O 486 31.48 -13.80 -30.06
C THR O 486 32.20 -14.78 -30.97
N MET O 487 31.84 -14.75 -32.25
CA MET O 487 32.48 -15.55 -33.27
C MET O 487 33.47 -14.71 -34.06
N THR O 488 34.51 -15.37 -34.57
CA THR O 488 35.58 -14.68 -35.29
C THR O 488 35.69 -15.20 -36.71
N ILE O 489 34.55 -15.33 -37.40
CA ILE O 489 34.55 -15.91 -38.73
C ILE O 489 35.36 -15.06 -39.70
N PHE O 490 35.16 -13.74 -39.66
CA PHE O 490 35.76 -12.84 -40.62
C PHE O 490 36.88 -12.03 -39.99
N LYS O 491 37.77 -11.54 -40.84
CA LYS O 491 38.84 -10.66 -40.40
C LYS O 491 38.25 -9.39 -39.81
N SER O 492 38.75 -8.99 -38.65
CA SER O 492 38.22 -7.81 -37.98
C SER O 492 38.69 -6.55 -38.68
N GLY O 493 37.87 -5.50 -38.59
CA GLY O 493 38.20 -4.21 -39.13
C GLY O 493 39.06 -3.35 -38.22
N TRP O 494 39.48 -3.90 -37.09
CA TRP O 494 40.28 -3.18 -36.11
C TRP O 494 41.61 -3.89 -35.91
N LYS O 495 42.69 -3.11 -35.84
CA LYS O 495 44.02 -3.63 -35.60
C LYS O 495 44.55 -3.04 -34.31
N TRP O 496 44.89 -3.91 -33.35
CA TRP O 496 45.42 -3.48 -32.04
C TRP O 496 46.89 -3.11 -32.25
N PRO O 497 47.49 -2.20 -31.46
CA PRO O 497 48.87 -1.73 -31.63
C PRO O 497 49.84 -2.90 -31.73
N ASP O 498 50.90 -2.69 -32.51
CA ASP O 498 51.85 -3.77 -32.79
C ASP O 498 52.40 -4.39 -31.52
N HIS O 499 52.63 -3.57 -30.50
CA HIS O 499 53.18 -4.07 -29.24
C HIS O 499 52.65 -3.22 -28.09
N TRP O 500 52.50 -3.86 -26.94
CA TRP O 500 52.06 -3.18 -25.73
C TRP O 500 52.45 -4.02 -24.53
N LYS O 501 52.45 -3.38 -23.36
CA LYS O 501 52.77 -4.05 -22.11
C LYS O 501 51.50 -4.46 -21.38
N LYS O 502 51.64 -5.46 -20.51
CA LYS O 502 50.50 -5.95 -19.74
C LYS O 502 49.87 -4.81 -18.96
N GLY O 503 48.54 -4.71 -19.04
CA GLY O 503 47.81 -3.68 -18.35
C GLY O 503 47.81 -2.33 -19.03
N GLU O 504 48.43 -2.21 -20.21
CA GLU O 504 48.49 -0.94 -20.91
C GLU O 504 47.20 -0.74 -21.70
N SER O 505 46.53 0.40 -21.49
CA SER O 505 45.31 0.73 -22.26
C SER O 505 45.71 0.88 -23.72
N ILE O 506 45.19 0.02 -24.57
CA ILE O 506 45.49 0.00 -26.02
C ILE O 506 44.18 0.36 -26.70
N THR O 507 44.23 1.09 -27.81
CA THR O 507 43.04 1.44 -28.62
C THR O 507 43.33 0.91 -30.01
N ALA O 508 42.35 0.35 -30.68
CA ALA O 508 42.55 -0.25 -32.00
C ALA O 508 42.36 0.81 -33.07
N THR O 509 42.86 0.58 -34.28
CA THR O 509 42.72 1.46 -35.43
C THR O 509 41.90 0.77 -36.50
N SER O 510 41.01 1.53 -37.14
CA SER O 510 40.10 0.98 -38.13
C SER O 510 40.88 0.66 -39.40
N VAL O 511 41.01 -0.62 -39.72
CA VAL O 511 41.62 -1.07 -40.97
C VAL O 511 40.58 -1.59 -41.95
N GLY O 512 39.31 -1.63 -41.57
CA GLY O 512 38.28 -2.14 -42.45
C GLY O 512 36.95 -2.18 -41.74
N THR O 513 35.97 -2.77 -42.40
CA THR O 513 34.62 -2.92 -41.87
C THR O 513 34.26 -4.39 -41.82
N TYR O 514 33.71 -4.83 -40.70
CA TYR O 514 33.30 -6.22 -40.57
C TYR O 514 32.22 -6.54 -41.60
N PRO O 515 32.35 -7.62 -42.37
CA PRO O 515 31.38 -7.87 -43.44
C PRO O 515 29.96 -8.05 -42.93
N ILE O 516 29.78 -9.00 -42.00
CA ILE O 516 28.46 -9.34 -41.47
C ILE O 516 28.54 -9.31 -39.95
N GLY O 517 27.67 -8.52 -39.34
CA GLY O 517 27.56 -8.50 -37.89
C GLY O 517 28.53 -7.55 -37.24
N LEU O 518 28.40 -7.46 -35.92
CA LEU O 518 29.28 -6.62 -35.12
C LEU O 518 30.69 -7.21 -35.11
N ASP O 519 31.68 -6.35 -35.31
CA ASP O 519 33.07 -6.79 -35.25
C ASP O 519 33.37 -7.37 -33.86
N TRP O 520 34.08 -8.49 -33.84
CA TRP O 520 34.48 -9.11 -32.60
C TRP O 520 35.64 -8.41 -31.92
N ALA O 521 36.13 -7.32 -32.52
CA ALA O 521 37.26 -6.60 -31.94
C ALA O 521 36.90 -5.98 -30.59
N TRP O 522 35.66 -5.51 -30.43
CA TRP O 522 35.22 -4.87 -29.20
C TRP O 522 34.52 -5.84 -28.27
N HIS O 523 34.93 -7.10 -28.25
CA HIS O 523 34.44 -8.07 -27.28
C HIS O 523 35.27 -7.97 -26.01
N GLY O 524 34.62 -7.70 -24.89
CA GLY O 524 35.32 -7.60 -23.63
C GLY O 524 36.15 -6.35 -23.48
N THR O 525 35.92 -5.37 -24.37
CA THR O 525 36.65 -4.10 -24.38
C THR O 525 35.91 -3.18 -23.44
N GLU O 526 36.59 -2.17 -22.89
CA GLU O 526 36.03 -1.23 -21.91
C GLU O 526 34.91 -0.40 -22.54
N ASN O 527 35.08 0.02 -23.79
CA ASN O 527 34.12 0.90 -24.48
C ASN O 527 33.15 0.09 -25.32
N ALA O 528 33.18 -1.25 -25.24
CA ALA O 528 32.29 -2.05 -26.08
C ALA O 528 30.84 -1.65 -25.86
N LEU O 529 30.47 -1.39 -24.60
CA LEU O 529 29.08 -1.09 -24.29
C LEU O 529 28.63 0.21 -24.95
N LEU O 530 29.51 1.20 -25.09
CA LEU O 530 29.20 2.52 -25.69
C LEU O 530 28.87 2.38 -27.16
N PHE O 531 29.60 1.55 -27.88
CA PHE O 531 29.31 1.26 -29.28
C PHE O 531 28.05 0.42 -29.42
N SER O 532 27.92 -0.61 -28.59
CA SER O 532 26.73 -1.46 -28.68
C SER O 532 25.47 -0.65 -28.42
N ASN O 533 25.50 0.22 -27.41
CA ASN O 533 24.34 1.04 -27.08
C ASN O 533 23.99 1.97 -28.23
N SER O 534 24.98 2.69 -28.76
CA SER O 534 24.69 3.59 -29.88
C SER O 534 24.09 2.81 -31.04
N TYR O 535 24.76 1.74 -31.45
CA TYR O 535 24.30 0.97 -32.61
C TYR O 535 22.90 0.44 -32.40
N LYS O 536 22.62 -0.13 -31.23
CA LYS O 536 21.33 -0.77 -31.02
C LYS O 536 20.21 0.23 -30.77
N MET O 537 20.49 1.35 -30.12
CA MET O 537 19.51 2.44 -30.07
C MET O 537 19.12 2.87 -31.48
N LYS O 538 20.11 3.13 -32.32
CA LYS O 538 19.80 3.59 -33.67
C LYS O 538 19.10 2.50 -34.47
N LEU O 539 19.51 1.24 -34.30
CA LEU O 539 18.85 0.14 -34.98
C LEU O 539 17.39 0.03 -34.56
N SER O 540 17.12 0.13 -33.27
CA SER O 540 15.75 0.06 -32.79
C SER O 540 14.92 1.20 -33.35
N ILE O 541 15.49 2.41 -33.35
CA ILE O 541 14.75 3.57 -33.86
C ILE O 541 14.42 3.36 -35.34
N LEU O 542 15.42 2.96 -36.13
CA LEU O 542 15.21 2.78 -37.57
C LEU O 542 14.20 1.68 -37.84
N MET O 543 14.33 0.54 -37.15
CA MET O 543 13.43 -0.58 -37.36
C MET O 543 12.00 -0.22 -36.97
N GLY O 544 11.83 0.45 -35.82
CA GLY O 544 10.50 0.86 -35.42
C GLY O 544 9.88 1.86 -36.38
N PHE O 545 10.68 2.81 -36.86
CA PHE O 545 10.15 3.77 -37.82
C PHE O 545 9.74 3.09 -39.11
N ILE O 546 10.55 2.14 -39.58
CA ILE O 546 10.21 1.42 -40.81
C ILE O 546 8.93 0.61 -40.62
N HIS O 547 8.79 -0.02 -39.46
CA HIS O 547 7.63 -0.86 -39.13
C HIS O 547 6.39 -0.02 -38.93
N MET O 548 6.49 1.22 -38.46
CA MET O 548 5.36 2.14 -38.36
C MET O 548 4.99 2.71 -39.72
N THR O 549 5.99 3.00 -40.55
CA THR O 549 5.70 3.48 -41.91
C THR O 549 4.99 2.41 -42.72
N TYR O 550 5.42 1.15 -42.59
CA TYR O 550 4.75 0.07 -43.28
C TYR O 550 3.30 -0.05 -42.84
N SER O 551 3.06 0.07 -41.53
CA SER O 551 1.70 0.02 -41.01
C SER O 551 0.87 1.19 -41.52
N TYR O 552 1.46 2.40 -41.57
CA TYR O 552 0.72 3.56 -42.05
C TYR O 552 0.36 3.41 -43.53
N PHE O 553 1.28 2.82 -44.31
CA PHE O 553 0.95 2.58 -45.71
C PHE O 553 -0.08 1.47 -45.86
N PHE O 554 -0.15 0.55 -44.90
CA PHE O 554 -1.27 -0.38 -44.83
C PHE O 554 -2.57 0.37 -44.60
N SER O 555 -2.54 1.39 -43.74
CA SER O 555 -3.72 2.24 -43.55
C SER O 555 -4.09 2.93 -44.86
N LEU O 556 -3.09 3.39 -45.61
CA LEU O 556 -3.36 3.98 -46.92
C LEU O 556 -4.02 2.97 -47.86
N ALA O 557 -3.53 1.72 -47.84
CA ALA O 557 -4.13 0.68 -48.67
C ALA O 557 -5.57 0.44 -48.27
N ASN O 558 -5.85 0.45 -46.97
CA ASN O 558 -7.23 0.32 -46.50
C ASN O 558 -8.10 1.45 -47.01
N HIS O 559 -7.57 2.68 -46.96
CA HIS O 559 -8.32 3.83 -47.47
C HIS O 559 -8.60 3.68 -48.95
N LEU O 560 -7.60 3.25 -49.72
CA LEU O 560 -7.78 3.07 -51.16
C LEU O 560 -8.81 1.99 -51.45
N TYR O 561 -8.75 0.88 -50.73
CA TYR O 561 -9.67 -0.23 -50.98
C TYR O 561 -11.12 0.19 -50.70
N PHE O 562 -11.33 0.92 -49.63
CA PHE O 562 -12.67 1.39 -49.26
C PHE O 562 -13.05 2.68 -49.97
N ASN O 563 -12.20 3.19 -50.86
CA ASN O 563 -12.50 4.40 -51.63
C ASN O 563 -12.79 5.58 -50.71
N SER O 564 -12.02 5.70 -49.64
CA SER O 564 -12.14 6.82 -48.69
C SER O 564 -11.06 7.84 -49.04
N MET O 565 -11.31 8.59 -50.12
CA MET O 565 -10.35 9.61 -50.53
C MET O 565 -10.18 10.68 -49.46
N ILE O 566 -11.24 10.99 -48.72
CA ILE O 566 -11.13 11.98 -47.67
C ILE O 566 -10.17 11.51 -46.59
N ASP O 567 -10.17 10.21 -46.31
CA ASP O 567 -9.21 9.67 -45.34
C ASP O 567 -7.79 9.82 -45.85
N ILE O 568 -7.58 9.62 -47.15
CA ILE O 568 -6.23 9.79 -47.72
C ILE O 568 -5.79 11.24 -47.60
N ILE O 569 -6.67 12.16 -47.97
CA ILE O 569 -6.27 13.58 -48.02
C ILE O 569 -6.12 14.16 -46.62
N GLY O 570 -7.08 13.90 -45.74
CA GLY O 570 -7.12 14.56 -44.46
C GLY O 570 -6.65 13.73 -43.29
N ASN O 571 -6.41 12.43 -43.50
CA ASN O 571 -5.95 11.55 -42.43
C ASN O 571 -4.60 10.92 -42.74
N PHE O 572 -4.39 10.39 -43.94
CA PHE O 572 -3.14 9.70 -44.22
C PHE O 572 -2.01 10.66 -44.56
N ILE O 573 -2.21 11.54 -45.54
CA ILE O 573 -1.15 12.43 -45.97
C ILE O 573 -0.66 13.32 -44.84
N PRO O 574 -1.54 13.97 -44.05
CA PRO O 574 -1.03 14.85 -42.99
C PRO O 574 -0.25 14.10 -41.92
N GLY O 575 -0.78 12.98 -41.44
CA GLY O 575 -0.05 12.21 -40.45
C GLY O 575 1.25 11.65 -41.00
N LEU O 576 1.24 11.23 -42.26
CA LEU O 576 2.47 10.74 -42.88
C LEU O 576 3.52 11.84 -42.91
N LEU O 577 3.14 13.05 -43.33
CA LEU O 577 4.10 14.14 -43.35
C LEU O 577 4.59 14.46 -41.95
N PHE O 578 3.69 14.47 -40.97
CA PHE O 578 4.07 14.78 -39.60
C PHE O 578 5.06 13.77 -39.06
N MET O 579 4.81 12.48 -39.29
CA MET O 579 5.72 11.45 -38.78
C MET O 579 7.04 11.46 -39.55
N GLN O 580 6.99 11.63 -40.87
CA GLN O 580 8.20 11.65 -41.67
C GLN O 580 9.08 12.80 -41.23
N GLY O 581 8.62 14.03 -41.46
CA GLY O 581 9.43 15.21 -41.22
C GLY O 581 10.18 15.22 -39.91
N ILE O 582 9.67 14.50 -38.91
CA ILE O 582 10.32 14.45 -37.62
C ILE O 582 11.16 13.18 -37.50
N PHE O 583 10.51 12.02 -37.47
CA PHE O 583 11.21 10.80 -37.10
C PHE O 583 11.81 10.08 -38.30
N GLY O 584 11.18 10.16 -39.48
CA GLY O 584 11.85 9.69 -40.67
C GLY O 584 13.04 10.57 -41.02
N TYR O 585 12.93 11.87 -40.75
CA TYR O 585 14.08 12.76 -40.89
C TYR O 585 15.18 12.37 -39.90
N LEU O 586 14.79 12.03 -38.67
CA LEU O 586 15.78 11.54 -37.71
C LEU O 586 16.46 10.26 -38.19
N SER O 587 15.68 9.33 -38.76
CA SER O 587 16.24 8.09 -39.28
C SER O 587 17.20 8.36 -40.43
N VAL O 588 16.81 9.24 -41.35
CA VAL O 588 17.67 9.58 -42.48
C VAL O 588 18.95 10.24 -41.98
N CYS O 589 18.83 11.10 -40.97
CA CYS O 589 20.01 11.73 -40.39
C CYS O 589 20.91 10.69 -39.74
N ILE O 590 20.33 9.71 -39.07
CA ILE O 590 21.13 8.64 -38.47
C ILE O 590 21.92 7.92 -39.55
N VAL O 591 21.24 7.51 -40.63
CA VAL O 591 21.91 6.78 -41.69
C VAL O 591 22.99 7.63 -42.34
N TYR O 592 22.69 8.90 -42.60
CA TYR O 592 23.66 9.79 -43.23
C TYR O 592 24.88 10.00 -42.35
N LYS O 593 24.65 10.23 -41.05
CA LYS O 593 25.76 10.38 -40.12
C LYS O 593 26.62 9.12 -40.08
N TRP O 594 25.98 7.95 -40.18
CA TRP O 594 26.76 6.71 -40.29
C TRP O 594 27.59 6.70 -41.57
N ALA O 595 27.01 7.19 -42.67
CA ALA O 595 27.66 7.12 -43.97
C ALA O 595 28.70 8.20 -44.19
N VAL O 596 28.88 9.13 -43.26
CA VAL O 596 29.80 10.24 -43.40
C VAL O 596 31.00 10.01 -42.50
N ASP O 597 32.21 10.15 -43.06
CA ASP O 597 33.44 10.03 -42.29
C ASP O 597 33.77 11.40 -41.71
N TRP O 598 33.36 11.61 -40.46
CA TRP O 598 33.50 12.93 -39.85
C TRP O 598 34.95 13.24 -39.51
N VAL O 599 35.68 12.26 -38.98
CA VAL O 599 37.08 12.49 -38.61
C VAL O 599 37.90 12.84 -39.84
N LYS O 600 37.74 12.06 -40.92
CA LYS O 600 38.47 12.35 -42.15
C LYS O 600 38.06 13.70 -42.73
N ASP O 601 36.76 14.01 -42.73
CA ASP O 601 36.27 15.26 -43.27
C ASP O 601 36.63 16.46 -42.41
N GLY O 602 37.11 16.23 -41.19
CA GLY O 602 37.47 17.33 -40.32
C GLY O 602 36.30 18.09 -39.75
N LYS O 603 35.11 17.49 -39.72
CA LYS O 603 33.92 18.14 -39.19
C LYS O 603 33.45 17.43 -37.92
N PRO O 604 32.97 18.17 -36.92
CA PRO O 604 32.49 17.51 -35.70
C PRO O 604 31.29 16.61 -36.00
N ALA O 605 31.21 15.52 -35.26
CA ALA O 605 30.10 14.58 -35.41
C ALA O 605 28.88 15.14 -34.70
N PRO O 606 27.87 15.62 -35.42
CA PRO O 606 26.71 16.22 -34.75
C PRO O 606 25.97 15.23 -33.87
N GLY O 607 25.45 15.74 -32.76
CA GLY O 607 24.59 14.94 -31.90
C GLY O 607 23.17 14.92 -32.39
N LEU O 608 22.71 13.77 -32.89
CA LEU O 608 21.39 13.70 -33.49
C LEU O 608 20.29 13.95 -32.46
N LEU O 609 20.49 13.51 -31.22
CA LEU O 609 19.49 13.78 -30.19
C LEU O 609 19.38 15.28 -29.92
N ASN O 610 20.51 15.97 -29.82
CA ASN O 610 20.56 17.43 -29.60
C ASN O 610 20.08 18.12 -30.86
N MET O 611 20.28 17.55 -32.04
CA MET O 611 19.73 18.09 -33.28
C MET O 611 18.21 18.05 -33.26
N LEU O 612 17.65 16.91 -32.87
CA LEU O 612 16.19 16.77 -32.81
C LEU O 612 15.60 17.70 -31.76
N ILE O 613 16.25 17.80 -30.60
CA ILE O 613 15.73 18.65 -29.53
C ILE O 613 15.70 20.11 -29.99
N ASN O 614 16.79 20.57 -30.62
CA ASN O 614 16.85 21.93 -31.11
C ASN O 614 15.94 22.15 -32.31
N MET O 615 15.59 21.09 -33.04
CA MET O 615 14.65 21.22 -34.14
C MET O 615 13.29 21.71 -33.67
N PHE O 616 12.98 21.57 -32.38
CA PHE O 616 11.73 22.02 -31.80
C PHE O 616 11.94 23.20 -30.84
N LEU O 617 12.82 23.03 -29.85
CA LEU O 617 12.96 24.05 -28.82
C LEU O 617 13.66 25.30 -29.35
N SER O 618 14.68 25.12 -30.19
CA SER O 618 15.47 26.24 -30.73
C SER O 618 15.59 26.09 -32.24
N PRO O 619 14.51 26.34 -32.98
CA PRO O 619 14.58 26.22 -34.44
C PRO O 619 15.62 27.15 -35.04
N GLY O 620 16.30 26.65 -36.07
CA GLY O 620 17.28 27.44 -36.79
C GLY O 620 18.64 27.52 -36.14
N THR O 621 18.83 26.91 -34.97
CA THR O 621 20.10 26.92 -34.25
C THR O 621 20.68 25.50 -34.29
N ILE O 622 21.69 25.30 -35.12
CA ILE O 622 22.33 24.01 -35.29
C ILE O 622 23.75 24.11 -34.73
N ASP O 623 24.03 23.33 -33.69
CA ASP O 623 25.36 23.34 -33.09
C ASP O 623 26.41 22.85 -34.09
N ASP O 624 26.12 21.74 -34.76
CA ASP O 624 27.01 21.17 -35.77
C ASP O 624 26.19 20.87 -37.01
N GLU O 625 26.68 21.31 -38.16
CA GLU O 625 25.95 21.16 -39.42
C GLU O 625 26.13 19.74 -39.94
N LEU O 626 25.07 18.93 -39.83
CA LEU O 626 25.12 17.58 -40.36
C LEU O 626 25.27 17.58 -41.88
N TYR O 627 24.49 18.43 -42.56
CA TYR O 627 24.54 18.53 -44.01
C TYR O 627 24.30 19.98 -44.38
N PRO O 628 24.67 20.38 -45.60
CA PRO O 628 24.45 21.77 -46.01
C PRO O 628 22.96 22.14 -45.95
N HIS O 629 22.70 23.39 -45.55
CA HIS O 629 21.34 23.90 -45.45
C HIS O 629 20.51 23.11 -44.43
N GLN O 630 21.17 22.60 -43.38
CA GLN O 630 20.46 21.83 -42.38
C GLN O 630 19.43 22.68 -41.64
N ALA O 631 19.80 23.92 -41.31
CA ALA O 631 18.89 24.78 -40.55
C ALA O 631 17.62 25.07 -41.33
N LYS O 632 17.76 25.41 -42.61
CA LYS O 632 16.59 25.72 -43.42
C LYS O 632 15.69 24.50 -43.57
N VAL O 633 16.28 23.33 -43.80
CA VAL O 633 15.48 22.11 -43.96
C VAL O 633 14.76 21.78 -42.66
N GLN O 634 15.45 21.92 -41.52
CA GLN O 634 14.82 21.64 -40.23
C GLN O 634 13.67 22.59 -39.97
N VAL O 635 13.86 23.88 -40.28
CA VAL O 635 12.79 24.85 -40.10
C VAL O 635 11.61 24.51 -41.00
N PHE O 636 11.88 24.13 -42.24
CA PHE O 636 10.81 23.77 -43.16
C PHE O 636 10.05 22.55 -42.66
N LEU O 637 10.76 21.55 -42.13
CA LEU O 637 10.10 20.35 -41.62
C LEU O 637 9.26 20.67 -40.38
N LEU O 638 9.77 21.52 -39.49
CA LEU O 638 8.98 21.93 -38.33
C LEU O 638 7.72 22.67 -38.77
N LEU O 639 7.85 23.55 -39.75
CA LEU O 639 6.68 24.25 -40.28
C LEU O 639 5.70 23.28 -40.91
N MET O 640 6.22 22.27 -41.62
CA MET O 640 5.35 21.28 -42.24
C MET O 640 4.55 20.52 -41.18
N ALA O 641 5.20 20.12 -40.09
CA ALA O 641 4.49 19.42 -39.02
C ALA O 641 3.47 20.34 -38.35
N LEU O 642 3.85 21.59 -38.08
CA LEU O 642 2.95 22.53 -37.42
C LEU O 642 1.79 22.92 -38.32
N VAL O 643 1.92 22.76 -39.63
CA VAL O 643 0.79 22.97 -40.53
C VAL O 643 -0.02 21.70 -40.70
N CYS O 644 0.62 20.53 -40.61
CA CYS O 644 -0.09 19.27 -40.75
C CYS O 644 -0.98 19.00 -39.55
N ILE O 645 -0.61 19.50 -38.38
CA ILE O 645 -1.45 19.30 -37.21
C ILE O 645 -2.81 19.93 -37.48
N PRO O 646 -2.90 21.21 -37.84
CA PRO O 646 -4.18 21.75 -38.28
C PRO O 646 -4.79 21.00 -39.45
N TRP O 647 -3.96 20.56 -40.41
CA TRP O 647 -4.46 19.79 -41.54
C TRP O 647 -5.21 18.55 -41.05
N LEU O 648 -4.49 17.67 -40.35
CA LEU O 648 -5.08 16.45 -39.82
C LEU O 648 -6.29 16.76 -38.94
N LEU O 649 -6.26 17.89 -38.23
CA LEU O 649 -7.32 18.20 -37.28
C LEU O 649 -8.59 18.70 -37.95
N LEU O 650 -8.47 19.43 -39.06
CA LEU O 650 -9.59 20.18 -39.61
C LEU O 650 -10.09 19.71 -40.96
N VAL O 651 -9.22 19.21 -41.84
CA VAL O 651 -9.64 19.02 -43.23
C VAL O 651 -10.80 18.05 -43.32
N LYS O 652 -10.73 16.91 -42.60
CA LYS O 652 -11.80 15.92 -42.73
C LYS O 652 -13.09 16.40 -42.06
N PRO O 653 -13.09 16.89 -40.82
CA PRO O 653 -14.35 17.41 -40.26
C PRO O 653 -14.95 18.54 -41.07
N LEU O 654 -14.12 19.44 -41.61
CA LEU O 654 -14.67 20.53 -42.42
C LEU O 654 -15.24 20.01 -43.73
N HIS O 655 -14.61 18.98 -44.31
CA HIS O 655 -15.17 18.36 -45.50
C HIS O 655 -16.52 17.73 -45.19
N PHE O 656 -16.65 17.08 -44.04
CA PHE O 656 -17.94 16.54 -43.64
C PHE O 656 -18.97 17.65 -43.47
N LYS O 657 -18.58 18.76 -42.84
CA LYS O 657 -19.50 19.87 -42.63
C LYS O 657 -19.98 20.43 -43.96
N PHE O 658 -19.06 20.62 -44.91
CA PHE O 658 -19.42 21.14 -46.23
C PHE O 658 -19.88 20.05 -47.18
N THR O 659 -19.72 18.78 -46.82
CA THR O 659 -20.15 17.68 -47.66
C THR O 659 -19.54 17.79 -49.06
N GLU O 706 -25.90 17.49 -36.56
CA GLU O 706 -25.17 17.39 -35.30
C GLU O 706 -24.05 16.36 -35.39
N ASP O 707 -24.08 15.53 -36.44
CA ASP O 707 -23.04 14.52 -36.61
C ASP O 707 -21.68 15.16 -36.79
N PHE O 708 -21.63 16.38 -37.34
CA PHE O 708 -20.35 17.06 -37.48
C PHE O 708 -19.67 17.23 -36.13
N GLY O 709 -20.44 17.38 -35.05
CA GLY O 709 -19.82 17.45 -33.73
C GLY O 709 -19.08 16.18 -33.39
N ASP O 710 -19.69 15.03 -33.66
CA ASP O 710 -19.02 13.76 -33.41
C ASP O 710 -17.79 13.61 -34.30
N ILE O 711 -17.90 14.00 -35.56
CA ILE O 711 -16.76 13.91 -36.47
C ILE O 711 -15.61 14.77 -35.96
N MET O 712 -15.91 16.00 -35.54
CA MET O 712 -14.88 16.91 -35.05
C MET O 712 -14.24 16.39 -33.78
N ILE O 713 -15.06 15.85 -32.85
CA ILE O 713 -14.51 15.32 -31.61
C ILE O 713 -13.59 14.14 -31.90
N HIS O 714 -14.04 13.23 -32.77
CA HIS O 714 -13.22 12.08 -33.12
C HIS O 714 -11.93 12.51 -33.79
N GLN O 715 -12.00 13.50 -34.69
CA GLN O 715 -10.80 13.96 -35.37
C GLN O 715 -9.83 14.61 -34.39
N VAL O 716 -10.35 15.40 -33.44
CA VAL O 716 -9.47 16.03 -32.46
C VAL O 716 -8.77 14.97 -31.63
N ILE O 717 -9.53 13.98 -31.16
CA ILE O 717 -8.94 12.90 -30.37
C ILE O 717 -7.90 12.15 -31.19
N HIS O 718 -8.22 11.84 -32.45
CA HIS O 718 -7.31 11.10 -33.30
C HIS O 718 -6.03 11.89 -33.55
N THR O 719 -6.14 13.19 -33.79
CA THR O 719 -4.96 14.01 -34.05
C THR O 719 -4.07 14.09 -32.81
N ILE O 720 -4.66 14.34 -31.65
CA ILE O 720 -3.85 14.39 -30.44
C ILE O 720 -3.19 13.04 -30.19
N GLU O 721 -3.95 11.96 -30.35
CA GLU O 721 -3.40 10.63 -30.14
C GLU O 721 -2.26 10.35 -31.11
N PHE O 722 -2.43 10.71 -32.37
CA PHE O 722 -1.41 10.44 -33.38
C PHE O 722 -0.14 11.25 -33.12
N CYS O 723 -0.30 12.53 -32.82
CA CYS O 723 0.87 13.38 -32.56
C CYS O 723 1.62 12.90 -31.32
N LEU O 724 0.92 12.56 -30.24
CA LEU O 724 1.60 12.03 -29.07
C LEU O 724 2.16 10.64 -29.34
N ASN O 725 1.48 9.84 -30.15
CA ASN O 725 1.88 8.46 -30.38
C ASN O 725 3.13 8.38 -31.24
N CYS O 726 3.35 9.33 -32.14
CA CYS O 726 4.61 9.33 -32.88
C CYS O 726 5.78 9.32 -31.91
N VAL O 727 5.79 10.28 -30.98
CA VAL O 727 6.87 10.36 -30.00
C VAL O 727 6.88 9.14 -29.10
N SER O 728 5.74 8.77 -28.54
CA SER O 728 5.63 7.66 -27.54
C SER O 728 5.89 6.32 -28.18
N HIS O 729 5.75 6.20 -29.48
CA HIS O 729 5.98 4.96 -30.23
C HIS O 729 7.43 4.91 -30.64
N THR O 730 8.08 6.00 -31.01
CA THR O 730 9.50 6.07 -31.30
C THR O 730 10.32 5.81 -30.05
N ALA O 731 9.88 6.37 -28.91
CA ALA O 731 10.58 6.11 -27.66
C ALA O 731 10.44 4.66 -27.23
N SER O 732 9.25 4.08 -27.45
CA SER O 732 8.85 2.70 -27.07
C SER O 732 9.68 1.70 -27.79
N TYR O 733 9.98 1.90 -29.06
CA TYR O 733 10.76 0.92 -29.85
C TYR O 733 12.17 0.89 -29.32
N LEU O 734 12.62 1.83 -28.49
CA LEU O 734 13.88 1.65 -27.80
C LEU O 734 13.86 0.45 -26.87
N ARG O 735 12.71 -0.11 -26.53
CA ARG O 735 12.61 -1.38 -25.78
C ARG O 735 13.32 -2.47 -26.56
N LEU O 736 13.41 -2.41 -27.87
CA LEU O 736 14.20 -3.39 -28.59
C LEU O 736 15.64 -3.36 -28.11
N TRP O 737 16.26 -2.17 -28.12
CA TRP O 737 17.61 -2.04 -27.62
C TRP O 737 17.69 -2.42 -26.16
N ALA O 738 16.72 -1.99 -25.36
CA ALA O 738 16.75 -2.25 -23.92
C ALA O 738 16.82 -3.74 -23.65
N LEU O 739 15.89 -4.50 -24.24
CA LEU O 739 15.83 -5.93 -23.99
C LEU O 739 17.00 -6.67 -24.61
N SER O 740 17.46 -6.24 -25.79
CA SER O 740 18.65 -6.88 -26.38
C SER O 740 19.87 -6.68 -25.49
N LEU O 741 20.09 -5.44 -25.05
CA LEU O 741 21.22 -5.14 -24.19
C LEU O 741 21.14 -5.94 -22.90
N ALA O 742 19.96 -5.99 -22.29
CA ALA O 742 19.81 -6.73 -21.04
C ALA O 742 20.04 -8.22 -21.25
N HIS O 743 19.50 -8.78 -22.34
CA HIS O 743 19.71 -10.19 -22.60
C HIS O 743 21.20 -10.47 -22.74
N ALA O 744 21.93 -9.63 -23.47
CA ALA O 744 23.36 -9.84 -23.63
C ALA O 744 24.08 -9.73 -22.29
N GLN O 745 23.73 -8.72 -21.49
CA GLN O 745 24.43 -8.51 -20.22
C GLN O 745 24.14 -9.64 -19.24
N LEU O 746 22.89 -10.08 -19.13
CA LEU O 746 22.57 -11.21 -18.27
C LEU O 746 23.25 -12.48 -18.75
N SER O 747 23.33 -12.69 -20.07
CA SER O 747 24.01 -13.88 -20.57
C SER O 747 25.49 -13.85 -20.19
N SER O 748 26.16 -12.72 -20.41
CA SER O 748 27.57 -12.61 -20.05
C SER O 748 27.77 -12.77 -18.55
N VAL O 749 26.87 -12.19 -17.76
CA VAL O 749 26.98 -12.28 -16.31
C VAL O 749 26.79 -13.72 -15.84
N LEU O 750 25.82 -14.42 -16.43
CA LEU O 750 25.64 -15.84 -16.12
C LEU O 750 26.87 -16.64 -16.50
N TRP O 751 27.48 -16.35 -17.65
CA TRP O 751 28.70 -17.03 -18.04
C TRP O 751 29.80 -16.80 -17.02
N THR O 752 29.98 -15.56 -16.57
CA THR O 752 31.02 -15.26 -15.59
C THR O 752 30.74 -15.95 -14.25
N MET O 753 29.49 -15.93 -13.79
CA MET O 753 29.19 -16.50 -12.49
C MET O 753 29.26 -18.02 -12.48
N THR O 754 28.79 -18.66 -13.55
CA THR O 754 28.58 -20.10 -13.53
C THR O 754 29.72 -20.88 -14.15
N ILE O 755 30.00 -20.66 -15.42
CA ILE O 755 30.93 -21.52 -16.15
C ILE O 755 32.34 -20.94 -16.26
N GLN O 756 32.50 -19.62 -16.11
CA GLN O 756 33.83 -19.03 -16.17
C GLN O 756 34.69 -19.49 -15.00
N ILE O 757 34.08 -19.68 -13.83
CA ILE O 757 34.84 -20.11 -12.65
C ILE O 757 35.42 -21.50 -12.88
N ALA O 758 34.65 -22.37 -13.55
CA ALA O 758 35.12 -23.74 -13.76
C ALA O 758 36.48 -23.78 -14.44
N PHE O 759 36.76 -22.84 -15.33
CA PHE O 759 38.05 -22.80 -16.00
C PHE O 759 39.18 -22.47 -15.03
N GLY O 760 38.85 -21.95 -13.84
CA GLY O 760 39.89 -21.59 -12.90
C GLY O 760 40.41 -22.76 -12.09
N PHE O 761 39.66 -23.86 -12.06
CA PHE O 761 40.04 -25.03 -11.28
C PHE O 761 40.40 -26.19 -12.20
N ARG O 762 41.39 -26.98 -11.78
CA ARG O 762 41.95 -28.07 -12.55
C ARG O 762 41.77 -29.38 -11.78
N GLY O 763 42.29 -30.46 -12.36
CA GLY O 763 42.27 -31.75 -11.70
C GLY O 763 40.88 -32.35 -11.64
N PHE O 764 40.72 -33.31 -10.72
CA PHE O 764 39.41 -33.89 -10.47
C PHE O 764 38.44 -32.83 -9.97
N VAL O 765 38.91 -31.95 -9.08
CA VAL O 765 38.07 -30.85 -8.61
C VAL O 765 37.66 -29.98 -9.78
N GLY O 766 38.60 -29.66 -10.66
CA GLY O 766 38.27 -28.84 -11.82
C GLY O 766 37.25 -29.50 -12.73
N VAL O 767 37.40 -30.80 -12.97
CA VAL O 767 36.46 -31.50 -13.84
C VAL O 767 35.07 -31.53 -13.23
N PHE O 768 34.99 -31.85 -11.94
CA PHE O 768 33.68 -31.88 -11.28
C PHE O 768 33.05 -30.49 -11.26
N MET O 769 33.85 -29.46 -11.00
CA MET O 769 33.32 -28.10 -11.01
C MET O 769 32.83 -27.73 -12.40
N THR O 770 33.58 -28.11 -13.44
CA THR O 770 33.13 -27.83 -14.80
C THR O 770 31.79 -28.51 -15.08
N VAL O 771 31.66 -29.77 -14.70
CA VAL O 771 30.42 -30.50 -14.98
C VAL O 771 29.25 -29.84 -14.25
N ALA O 772 29.39 -29.62 -12.94
CA ALA O 772 28.29 -29.06 -12.15
C ALA O 772 27.97 -27.64 -12.58
N LEU O 773 28.99 -26.83 -12.83
CA LEU O 773 28.77 -25.44 -13.20
C LEU O 773 28.16 -25.32 -14.59
N PHE O 774 28.52 -26.21 -15.51
CA PHE O 774 27.84 -26.19 -16.80
C PHE O 774 26.40 -26.65 -16.66
N ALA O 775 26.14 -27.64 -15.80
CA ALA O 775 24.76 -28.02 -15.56
C ALA O 775 23.95 -26.83 -15.08
N MET O 776 24.48 -26.10 -14.10
CA MET O 776 23.78 -24.93 -13.58
C MET O 776 23.65 -23.84 -14.64
N TRP O 777 24.70 -23.63 -15.43
CA TRP O 777 24.67 -22.60 -16.47
C TRP O 777 23.60 -22.92 -17.51
N PHE O 778 23.53 -24.17 -17.96
CA PHE O 778 22.53 -24.55 -18.94
C PHE O 778 21.12 -24.48 -18.35
N ALA O 779 20.96 -24.88 -17.09
CA ALA O 779 19.66 -24.79 -16.45
C ALA O 779 19.18 -23.33 -16.41
N LEU O 780 20.05 -22.43 -15.99
CA LEU O 780 19.68 -21.02 -15.92
C LEU O 780 19.53 -20.39 -17.29
N THR O 781 20.27 -20.89 -18.29
CA THR O 781 20.16 -20.36 -19.64
C THR O 781 18.83 -20.75 -20.27
N CYS O 782 18.45 -22.02 -20.16
CA CYS O 782 17.16 -22.45 -20.70
C CYS O 782 16.01 -21.86 -19.92
N ALA O 783 16.15 -21.77 -18.59
CA ALA O 783 15.07 -21.24 -17.77
C ALA O 783 14.98 -19.72 -17.84
N VAL O 784 16.09 -19.04 -17.49
CA VAL O 784 16.04 -17.59 -17.39
C VAL O 784 16.21 -16.93 -18.75
N LEU O 785 17.18 -17.37 -19.53
CA LEU O 785 17.57 -16.65 -20.74
C LEU O 785 16.88 -17.13 -22.01
N VAL O 786 16.06 -18.18 -21.94
CA VAL O 786 15.36 -18.72 -23.10
C VAL O 786 13.86 -18.70 -22.93
N LEU O 787 13.36 -19.12 -21.76
CA LEU O 787 11.92 -19.11 -21.49
C LEU O 787 11.50 -17.77 -20.89
N MET O 788 12.16 -17.37 -19.81
CA MET O 788 11.78 -16.16 -19.08
C MET O 788 12.04 -14.90 -19.90
N GLU O 789 13.30 -14.65 -20.21
CA GLU O 789 13.63 -13.53 -21.09
C GLU O 789 13.00 -13.72 -22.46
N GLY O 790 12.96 -14.97 -22.95
CA GLY O 790 12.32 -15.23 -24.22
C GLY O 790 10.84 -14.89 -24.21
N THR O 791 10.14 -15.26 -23.15
CA THR O 791 8.73 -14.90 -23.05
C THR O 791 8.55 -13.39 -22.99
N SER O 792 9.40 -12.71 -22.22
CA SER O 792 9.32 -11.25 -22.14
C SER O 792 9.47 -10.63 -23.53
N ALA O 793 10.51 -11.02 -24.26
CA ALA O 793 10.75 -10.46 -25.57
C ALA O 793 9.64 -10.85 -26.55
N MET O 794 9.00 -11.98 -26.41
CA MET O 794 7.87 -12.38 -27.28
C MET O 794 6.72 -11.45 -26.96
N LEU O 795 6.57 -10.99 -25.74
CA LEU O 795 5.39 -10.20 -25.31
C LEU O 795 5.59 -8.71 -25.52
N HIS O 796 6.83 -8.24 -25.56
CA HIS O 796 7.14 -6.84 -25.95
C HIS O 796 7.07 -6.72 -27.45
N SER O 797 7.22 -7.80 -28.21
CA SER O 797 7.01 -7.83 -29.67
C SER O 797 5.52 -7.71 -29.93
N LEU O 798 4.68 -8.32 -29.10
CA LEU O 798 3.21 -8.30 -29.21
C LEU O 798 2.71 -6.88 -29.02
N ARG O 799 3.22 -6.14 -28.05
CA ARG O 799 2.83 -4.73 -27.81
C ARG O 799 3.30 -3.88 -28.97
N LEU O 800 4.47 -4.12 -29.54
CA LEU O 800 5.01 -3.31 -30.65
C LEU O 800 4.14 -3.54 -31.87
N HIS O 801 3.39 -4.62 -31.88
CA HIS O 801 2.47 -4.99 -32.97
C HIS O 801 1.07 -4.52 -32.67
N TRP O 802 0.56 -4.76 -31.48
CA TRP O 802 -0.79 -4.35 -31.05
C TRP O 802 -0.89 -2.85 -30.86
N VAL O 803 0.15 -2.20 -30.33
CA VAL O 803 0.10 -0.77 -29.96
C VAL O 803 0.82 0.14 -30.93
N GLU O 804 1.93 -0.26 -31.53
CA GLU O 804 2.75 0.63 -32.38
C GLU O 804 2.47 0.35 -33.85
N SER O 805 2.23 -0.90 -34.24
CA SER O 805 1.96 -1.30 -35.64
C SER O 805 0.47 -1.24 -35.93
N MET O 806 -0.37 -1.81 -35.10
CA MET O 806 -1.80 -1.91 -35.40
C MET O 806 -2.48 -0.63 -34.97
N SER O 807 -1.81 0.28 -34.31
CA SER O 807 -2.40 1.60 -33.98
C SER O 807 -2.42 2.42 -35.24
N LYS O 808 -1.66 2.02 -36.24
CA LYS O 808 -1.50 2.86 -37.42
C LYS O 808 -2.56 2.58 -38.47
N PHE O 809 -3.02 1.33 -38.58
CA PHE O 809 -3.95 0.95 -39.63
C PHE O 809 -5.12 0.08 -39.17
N PHE O 810 -5.07 -0.50 -37.97
CA PHE O 810 -6.05 -1.49 -37.55
C PHE O 810 -7.25 -0.78 -36.95
N VAL O 811 -8.33 -0.69 -37.73
CA VAL O 811 -9.59 -0.16 -37.20
C VAL O 811 -10.20 -1.15 -36.22
N GLY O 812 -10.20 -2.43 -36.57
CA GLY O 812 -10.73 -3.44 -35.68
C GLY O 812 -12.24 -3.34 -35.53
N GLU O 813 -12.72 -3.85 -34.39
CA GLU O 813 -14.15 -3.84 -34.07
C GLU O 813 -14.96 -4.54 -35.15
N GLY O 814 -14.39 -5.61 -35.70
CA GLY O 814 -15.09 -6.42 -36.67
C GLY O 814 -15.94 -7.50 -36.03
N LEU O 815 -16.71 -8.18 -36.86
CA LEU O 815 -17.57 -9.27 -36.40
C LEU O 815 -16.85 -10.59 -36.65
N PRO O 816 -16.44 -11.31 -35.62
CA PRO O 816 -15.72 -12.58 -35.86
C PRO O 816 -16.59 -13.58 -36.61
N TYR O 817 -15.95 -14.35 -37.47
CA TYR O 817 -16.65 -15.36 -38.25
C TYR O 817 -16.78 -16.63 -37.42
N GLU O 818 -18.01 -16.93 -36.98
CA GLU O 818 -18.30 -18.10 -36.17
C GLU O 818 -19.44 -18.86 -36.85
N PRO O 819 -19.16 -19.57 -37.93
CA PRO O 819 -20.22 -20.24 -38.67
C PRO O 819 -20.87 -21.34 -37.85
N PHE O 820 -22.15 -21.59 -38.11
CA PHE O 820 -22.90 -22.64 -37.41
C PHE O 820 -22.29 -23.94 -37.86
N ALA O 821 -21.58 -24.62 -36.97
CA ALA O 821 -20.95 -25.90 -37.25
C ALA O 821 -21.15 -26.83 -36.07
N PHE O 822 -21.18 -28.13 -36.32
CA PHE O 822 -21.31 -29.12 -35.24
C PHE O 822 -19.90 -29.50 -34.78
N GLU O 823 -19.65 -29.51 -33.48
CA GLU O 823 -18.34 -29.89 -32.91
C GLU O 823 -18.62 -30.84 -31.77
N TYR O 824 -17.74 -31.78 -31.47
CA TYR O 824 -17.90 -32.67 -30.31
C TYR O 824 -17.94 -31.77 -29.09
N LYS O 825 -18.95 -31.90 -28.24
CA LYS O 825 -19.09 -31.11 -27.01
C LYS O 825 -18.84 -32.11 -25.88
N ASP O 826 -17.78 -31.91 -25.09
CA ASP O 826 -17.40 -32.84 -24.00
C ASP O 826 -18.25 -32.55 -22.78
N MET O 827 -18.70 -33.58 -22.08
CA MET O 827 -19.41 -33.41 -20.81
C MET O 827 -18.33 -33.28 -19.72
#